data_7RDB
#
_entry.id   7RDB
#
_cell.length_a   83.570
_cell.length_b   91.950
_cell.length_c   112.380
_cell.angle_alpha   87.552
_cell.angle_beta   86.519
_cell.angle_gamma   86.241
#
_symmetry.space_group_name_H-M   'P 1'
#
loop_
_entity.id
_entity.type
_entity.pdbx_description
1 polymer Tetraspanin-15
2 water water
#
_entity_poly.entity_id   1
_entity_poly.type   'polypeptide(L)'
_entity_poly.pdbx_seq_one_letter_code
;TFRQQTIDFLNDNIRRGIENYYDDLDFKNIMDFVQKKFKCCGGEDYRDWSKNQYHDCSAPGPLACGVPYTCCIRDTTEVV
NTMCGYKTIDKERFSVQDVIYVRGCTNAVIIWFMDNLEVLFQ
;
_entity_poly.pdbx_strand_id   B,A,C,D,E,F,G,H,I,J,K,L,M,N,O,P,Q,R,S,T,U,V,W,X
#
# COMPACT_ATOMS: atom_id res chain seq x y z
N THR A 1 38.05 -34.30 29.68
CA THR A 1 36.80 -34.70 29.03
C THR A 1 36.48 -33.73 27.90
N PHE A 2 36.71 -32.45 28.19
CA PHE A 2 36.48 -31.37 27.23
C PHE A 2 35.01 -31.28 26.86
N ARG A 3 34.45 -32.35 26.28
CA ARG A 3 33.06 -32.32 25.85
C ARG A 3 32.15 -31.93 27.01
N GLN A 4 32.24 -32.68 28.11
CA GLN A 4 31.47 -32.35 29.31
C GLN A 4 31.80 -30.94 29.81
N GLN A 5 33.10 -30.60 29.85
CA GLN A 5 33.49 -29.27 30.27
C GLN A 5 32.87 -28.20 29.37
N THR A 6 32.79 -28.47 28.06
CA THR A 6 32.14 -27.53 27.15
C THR A 6 30.64 -27.44 27.43
N ILE A 7 29.94 -28.57 27.44
CA ILE A 7 28.51 -28.57 27.80
C ILE A 7 28.27 -27.78 29.06
N ASP A 8 29.11 -28.00 30.08
CA ASP A 8 28.92 -27.29 31.33
C ASP A 8 29.15 -25.80 31.16
N PHE A 9 30.03 -25.42 30.24
CA PHE A 9 30.20 -24.00 29.96
C PHE A 9 28.90 -23.36 29.50
N LEU A 10 28.24 -23.99 28.51
CA LEU A 10 27.04 -23.38 27.95
C LEU A 10 25.89 -23.38 28.94
N ASN A 11 25.72 -24.50 29.65
CA ASN A 11 24.66 -24.58 30.62
C ASN A 11 24.86 -23.58 31.74
N ASP A 12 26.11 -23.39 32.16
CA ASP A 12 26.35 -22.44 33.23
C ASP A 12 25.96 -21.03 32.81
N ASN A 13 26.29 -20.65 31.57
CA ASN A 13 25.92 -19.31 31.11
C ASN A 13 24.42 -19.14 31.00
N ILE A 14 23.71 -20.12 30.45
CA ILE A 14 22.27 -19.90 30.32
C ILE A 14 21.52 -20.21 31.61
N ARG A 15 22.13 -20.91 32.57
CA ARG A 15 21.58 -20.84 33.93
C ARG A 15 21.66 -19.40 34.44
N ARG A 16 22.80 -18.75 34.24
CA ARG A 16 22.95 -17.34 34.57
C ARG A 16 21.98 -16.48 33.77
N GLY A 17 21.87 -16.74 32.46
CA GLY A 17 20.89 -16.02 31.65
C GLY A 17 19.47 -16.18 32.16
N ILE A 18 19.13 -17.36 32.70
CA ILE A 18 17.77 -17.59 33.17
C ILE A 18 17.51 -16.83 34.47
N GLU A 19 18.52 -16.73 35.31
CA GLU A 19 18.34 -15.97 36.54
C GLU A 19 18.26 -14.47 36.29
N ASN A 20 19.00 -13.95 35.31
CA ASN A 20 18.99 -12.54 35.03
C ASN A 20 17.94 -12.17 33.98
N TYR A 21 17.03 -13.09 33.69
CA TYR A 21 16.20 -13.02 32.49
C TYR A 21 15.37 -11.74 32.42
N TYR A 22 14.71 -11.36 33.53
CA TYR A 22 13.98 -10.09 33.58
C TYR A 22 14.85 -8.92 34.04
N ASP A 23 16.10 -9.17 34.41
CA ASP A 23 16.94 -8.15 35.02
C ASP A 23 17.78 -7.41 34.00
N ASP A 24 18.02 -8.00 32.84
CA ASP A 24 18.94 -7.44 31.86
C ASP A 24 18.39 -7.80 30.49
N LEU A 25 17.87 -6.81 29.74
CA LEU A 25 17.29 -7.13 28.43
C LEU A 25 18.29 -7.74 27.48
N ASP A 26 19.58 -7.72 27.78
CA ASP A 26 20.47 -8.38 26.86
C ASP A 26 20.44 -9.89 27.02
N PHE A 27 20.47 -10.40 28.27
CA PHE A 27 20.21 -11.82 28.49
C PHE A 27 18.83 -12.19 27.97
N LYS A 28 17.85 -11.31 28.13
CA LYS A 28 16.49 -11.66 27.72
C LYS A 28 16.40 -11.85 26.22
N ASN A 29 16.86 -10.85 25.46
CA ASN A 29 16.89 -10.93 24.00
C ASN A 29 17.61 -12.19 23.52
N ILE A 30 18.81 -12.44 24.02
CA ILE A 30 19.56 -13.60 23.53
C ILE A 30 18.78 -14.87 23.81
N MET A 31 18.24 -14.96 25.00
CA MET A 31 17.58 -16.19 25.42
C MET A 31 16.28 -16.39 24.63
N ASP A 32 15.53 -15.29 24.40
CA ASP A 32 14.33 -15.39 23.59
C ASP A 32 14.68 -15.67 22.14
N PHE A 33 15.82 -15.17 21.69
CA PHE A 33 16.27 -15.46 20.34
C PHE A 33 16.65 -16.91 20.17
N VAL A 34 17.49 -17.44 21.06
CA VAL A 34 17.94 -18.81 20.90
C VAL A 34 16.75 -19.76 20.95
N GLN A 35 15.84 -19.54 21.91
CA GLN A 35 14.71 -20.48 22.09
C GLN A 35 13.78 -20.48 20.88
N LYS A 36 13.53 -19.32 20.26
CA LYS A 36 12.64 -19.31 19.10
C LYS A 36 13.31 -19.95 17.87
N LYS A 37 14.57 -19.59 17.63
CA LYS A 37 15.28 -19.98 16.42
C LYS A 37 15.68 -21.45 16.44
N PHE A 38 16.21 -21.93 17.55
CA PHE A 38 16.65 -23.30 17.62
C PHE A 38 15.60 -24.25 18.20
N LYS A 39 14.39 -23.73 18.49
CA LYS A 39 13.25 -24.55 18.97
C LYS A 39 13.62 -25.37 20.19
N CYS A 40 13.68 -24.73 21.34
CA CYS A 40 14.33 -25.32 22.50
C CYS A 40 13.95 -24.44 23.68
N CYS A 41 14.21 -24.94 24.87
CA CYS A 41 13.76 -24.32 26.10
C CYS A 41 14.75 -24.66 27.20
N GLY A 42 15.24 -23.66 27.91
CA GLY A 42 16.20 -23.94 28.96
C GLY A 42 17.56 -24.37 28.40
N GLY A 43 18.47 -24.67 29.33
CA GLY A 43 19.81 -25.18 29.02
C GLY A 43 19.86 -26.69 28.89
N GLU A 44 19.68 -27.44 29.99
CA GLU A 44 19.56 -28.89 29.88
C GLU A 44 18.21 -29.28 29.29
N ASP A 45 17.13 -28.72 29.84
CA ASP A 45 15.79 -28.81 29.26
C ASP A 45 14.91 -27.78 29.95
N TYR A 46 13.63 -27.74 29.55
CA TYR A 46 12.74 -26.66 29.94
C TYR A 46 12.69 -26.45 31.46
N ARG A 47 12.91 -27.52 32.24
CA ARG A 47 12.80 -27.41 33.70
C ARG A 47 13.88 -26.54 34.32
N ASP A 48 14.89 -26.13 33.55
CA ASP A 48 15.87 -25.18 34.09
C ASP A 48 15.20 -23.88 34.53
N TRP A 49 14.09 -23.50 33.88
CA TRP A 49 13.38 -22.27 34.25
C TRP A 49 12.98 -22.24 35.73
N SER A 50 12.98 -23.38 36.42
CA SER A 50 12.75 -23.33 37.86
C SER A 50 13.77 -22.46 38.57
N LYS A 51 14.89 -22.11 37.92
CA LYS A 51 15.94 -21.37 38.61
C LYS A 51 15.72 -19.86 38.63
N ASN A 52 14.83 -19.32 37.80
CA ASN A 52 14.43 -17.92 37.90
C ASN A 52 13.37 -17.77 38.99
N GLN A 53 13.50 -16.72 39.83
CA GLN A 53 12.66 -16.63 41.03
C GLN A 53 11.17 -16.58 40.68
N TYR A 54 10.80 -16.00 39.54
CA TYR A 54 9.37 -15.91 39.23
C TYR A 54 8.80 -17.22 38.71
N HIS A 55 9.67 -18.11 38.26
CA HIS A 55 9.30 -19.37 37.62
C HIS A 55 9.44 -20.60 38.53
N ASP A 56 10.13 -20.48 39.66
CA ASP A 56 10.14 -21.54 40.66
C ASP A 56 8.71 -21.99 40.97
N CYS A 57 8.50 -23.31 41.10
CA CYS A 57 7.11 -23.77 41.20
C CYS A 57 6.46 -23.34 42.51
N SER A 58 7.22 -22.85 43.48
CA SER A 58 6.64 -22.34 44.71
C SER A 58 6.58 -20.81 44.77
N ALA A 59 6.82 -20.14 43.65
CA ALA A 59 6.62 -18.69 43.58
C ALA A 59 5.13 -18.35 43.64
N PRO A 60 4.78 -17.08 43.93
CA PRO A 60 3.34 -16.73 44.06
C PRO A 60 2.63 -16.41 42.74
N GLY A 61 3.32 -15.75 41.81
CA GLY A 61 2.68 -15.27 40.61
C GLY A 61 2.18 -16.32 39.64
N PRO A 62 1.76 -15.88 38.45
CA PRO A 62 1.22 -16.83 37.46
C PRO A 62 2.30 -17.51 36.65
N LEU A 63 3.52 -17.00 36.67
CA LEU A 63 4.63 -17.65 35.97
C LEU A 63 5.18 -18.82 36.75
N ALA A 64 4.87 -18.92 38.04
CA ALA A 64 5.35 -20.03 38.84
C ALA A 64 5.12 -21.34 38.10
N CYS A 65 6.16 -22.15 38.04
CA CYS A 65 6.12 -23.51 37.56
C CYS A 65 5.87 -23.56 36.05
N GLY A 66 6.13 -22.44 35.37
CA GLY A 66 5.89 -22.33 33.94
C GLY A 66 7.10 -21.78 33.22
N VAL A 67 6.95 -21.65 31.91
CA VAL A 67 8.12 -21.54 31.06
C VAL A 67 7.79 -20.37 30.12
N PRO A 68 8.73 -19.54 29.71
CA PRO A 68 8.35 -18.34 28.94
C PRO A 68 7.78 -18.68 27.57
N TYR A 69 6.97 -17.76 27.03
CA TYR A 69 6.31 -18.05 25.75
C TYR A 69 7.29 -18.22 24.57
N THR A 70 8.53 -17.77 24.69
CA THR A 70 9.41 -18.10 23.56
C THR A 70 9.79 -19.57 23.54
N CYS A 71 9.37 -20.35 24.53
CA CYS A 71 9.50 -21.80 24.45
C CYS A 71 8.33 -22.49 23.76
N CYS A 72 7.20 -21.81 23.53
CA CYS A 72 6.00 -22.48 22.99
C CYS A 72 6.12 -22.81 21.51
N ILE A 73 5.43 -23.88 21.13
CA ILE A 73 5.36 -24.29 19.72
C ILE A 73 4.48 -23.31 18.95
N ARG A 74 4.94 -22.86 17.79
CA ARG A 74 4.22 -21.91 16.97
C ARG A 74 3.75 -22.51 15.65
N ASP A 75 4.23 -23.70 15.29
CA ASP A 75 3.80 -24.40 14.07
C ASP A 75 2.53 -25.20 14.39
N THR A 76 1.43 -24.46 14.51
CA THR A 76 0.12 -25.03 14.68
C THR A 76 -0.86 -24.04 14.09
N THR A 77 -2.08 -24.53 13.81
CA THR A 77 -3.10 -23.65 13.28
C THR A 77 -3.76 -22.80 14.35
N GLU A 78 -3.44 -23.05 15.61
CA GLU A 78 -4.22 -22.49 16.71
C GLU A 78 -3.51 -21.25 17.21
N VAL A 79 -4.29 -20.25 17.61
CA VAL A 79 -3.72 -19.03 18.14
C VAL A 79 -3.02 -19.32 19.48
N VAL A 80 -1.72 -18.95 19.55
CA VAL A 80 -0.88 -19.05 20.74
C VAL A 80 -0.86 -17.69 21.41
N ASN A 81 -1.05 -17.66 22.72
CA ASN A 81 -0.98 -16.43 23.51
C ASN A 81 0.19 -16.53 24.51
N THR A 82 0.31 -15.53 25.37
CA THR A 82 1.46 -15.44 26.25
C THR A 82 1.40 -16.40 27.42
N MET A 83 0.31 -17.13 27.58
CA MET A 83 0.20 -18.01 28.73
C MET A 83 0.51 -19.45 28.37
N CYS A 84 1.01 -19.69 27.15
CA CYS A 84 1.08 -21.04 26.58
C CYS A 84 2.10 -21.94 27.27
N GLY A 85 2.97 -21.43 28.11
CA GLY A 85 3.96 -22.23 28.77
C GLY A 85 3.68 -22.30 30.24
N TYR A 86 2.49 -21.88 30.64
CA TYR A 86 2.09 -21.99 32.04
C TYR A 86 2.05 -23.46 32.47
N LYS A 87 2.44 -23.68 33.72
CA LYS A 87 2.15 -24.91 34.45
C LYS A 87 2.60 -26.14 33.66
N THR A 88 3.90 -26.14 33.30
CA THR A 88 4.54 -27.19 32.51
C THR A 88 5.77 -27.79 33.17
N ILE A 89 6.43 -27.07 34.10
CA ILE A 89 7.74 -27.49 34.61
C ILE A 89 7.69 -28.80 35.39
N ASP A 90 6.55 -29.14 35.98
CA ASP A 90 6.42 -30.38 36.75
C ASP A 90 5.71 -31.50 36.01
N LYS A 91 5.23 -31.27 34.79
CA LYS A 91 4.57 -32.34 34.06
C LYS A 91 5.61 -33.18 33.35
N GLU A 92 5.16 -34.32 32.83
CA GLU A 92 6.01 -35.21 32.06
C GLU A 92 6.14 -34.65 30.65
N ARG A 93 7.30 -34.93 30.04
CA ARG A 93 7.58 -34.40 28.71
C ARG A 93 6.42 -34.62 27.75
N PHE A 94 5.88 -35.85 27.71
CA PHE A 94 4.90 -36.19 26.70
C PHE A 94 3.61 -35.41 26.88
N SER A 95 3.33 -34.93 28.08
CA SER A 95 2.12 -34.16 28.30
C SER A 95 2.28 -32.71 27.84
N VAL A 96 3.50 -32.17 27.89
CA VAL A 96 3.73 -30.80 27.43
C VAL A 96 4.31 -30.71 26.02
N GLN A 97 4.96 -31.76 25.51
CA GLN A 97 5.61 -31.71 24.20
C GLN A 97 4.68 -31.25 23.07
N ASP A 98 3.37 -31.33 23.27
CA ASP A 98 2.48 -30.86 22.23
C ASP A 98 2.32 -29.35 22.30
N VAL A 99 2.81 -28.74 23.38
CA VAL A 99 2.60 -27.33 23.69
C VAL A 99 3.88 -26.51 23.69
N ILE A 100 5.00 -27.07 24.20
CA ILE A 100 6.24 -26.31 24.30
C ILE A 100 7.37 -27.18 23.78
N TYR A 101 8.46 -26.54 23.39
CA TYR A 101 9.69 -27.30 23.20
C TYR A 101 10.20 -27.81 24.53
N VAL A 102 10.78 -29.01 24.55
CA VAL A 102 11.26 -29.55 25.80
C VAL A 102 12.76 -29.81 25.73
N ARG A 103 13.29 -30.07 24.55
CA ARG A 103 14.74 -30.24 24.45
C ARG A 103 15.47 -28.95 24.88
N GLY A 104 16.66 -29.12 25.48
CA GLY A 104 17.42 -27.98 25.95
C GLY A 104 18.16 -27.27 24.84
N CYS A 105 18.52 -25.99 25.07
CA CYS A 105 19.13 -25.24 24.00
C CYS A 105 20.61 -25.56 23.86
N THR A 106 21.25 -25.99 24.94
CA THR A 106 22.68 -26.24 24.91
C THR A 106 23.03 -27.23 23.81
N ASN A 107 22.38 -28.38 23.84
CA ASN A 107 22.66 -29.40 22.84
C ASN A 107 22.14 -28.98 21.47
N ALA A 108 20.98 -28.32 21.43
CA ALA A 108 20.40 -27.93 20.15
C ALA A 108 21.36 -27.03 19.38
N VAL A 109 22.05 -26.14 20.10
CA VAL A 109 22.96 -25.21 19.46
C VAL A 109 24.22 -25.94 18.99
N ILE A 110 24.63 -26.98 19.70
CA ILE A 110 25.85 -27.66 19.29
C ILE A 110 25.64 -28.39 17.97
N ILE A 111 24.58 -29.20 17.86
CA ILE A 111 24.50 -29.97 16.63
C ILE A 111 24.31 -29.02 15.46
N TRP A 112 23.60 -27.90 15.69
CA TRP A 112 23.41 -26.92 14.63
C TRP A 112 24.76 -26.38 14.17
N PHE A 113 25.65 -26.07 15.13
CA PHE A 113 26.99 -25.59 14.82
C PHE A 113 27.79 -26.63 14.05
N MET A 114 27.68 -27.89 14.44
CA MET A 114 28.42 -28.94 13.76
C MET A 114 27.88 -29.23 12.36
N ASP A 115 26.59 -29.08 12.16
CA ASP A 115 26.03 -29.33 10.86
C ASP A 115 26.35 -28.19 9.90
N ASN A 116 26.54 -27.00 10.42
CA ASN A 116 26.83 -25.86 9.56
C ASN A 116 28.24 -25.37 9.68
N LEU A 117 29.10 -26.22 10.18
CA LEU A 117 30.47 -25.83 10.39
C LEU A 117 31.16 -25.41 9.13
N GLU A 118 30.99 -26.19 8.07
CA GLU A 118 31.65 -25.86 6.82
C GLU A 118 31.15 -24.54 6.29
N VAL A 119 29.85 -24.33 6.38
CA VAL A 119 29.21 -23.12 5.93
C VAL A 119 29.65 -21.88 6.69
N LEU A 120 29.95 -22.03 7.96
CA LEU A 120 30.25 -20.86 8.79
C LEU A 120 31.37 -20.05 8.27
N PHE A 121 32.43 -20.70 7.81
CA PHE A 121 33.48 -19.91 7.23
C PHE A 121 33.12 -19.94 5.75
N GLN A 122 32.88 -18.77 5.18
CA GLN A 122 32.49 -18.62 3.79
C GLN A 122 31.34 -19.52 3.43
N THR B 1 -10.94 -9.58 14.73
CA THR B 1 -10.08 -10.45 15.51
C THR B 1 -8.63 -10.26 15.04
N PHE B 2 -8.48 -9.45 13.98
CA PHE B 2 -7.18 -9.07 13.42
C PHE B 2 -6.52 -10.27 12.76
N ARG B 3 -6.13 -11.28 13.54
CA ARG B 3 -5.69 -12.55 12.95
C ARG B 3 -6.74 -13.09 12.00
N GLN B 4 -7.95 -13.30 12.50
CA GLN B 4 -9.03 -13.74 11.65
C GLN B 4 -9.21 -12.84 10.45
N GLN B 5 -9.02 -11.53 10.63
CA GLN B 5 -9.28 -10.65 9.50
C GLN B 5 -8.16 -10.78 8.47
N THR B 6 -6.97 -11.17 8.92
CA THR B 6 -5.89 -11.51 8.02
C THR B 6 -6.16 -12.83 7.31
N ILE B 7 -6.46 -13.89 8.06
CA ILE B 7 -6.61 -15.18 7.41
C ILE B 7 -7.82 -15.18 6.49
N ASP B 8 -8.88 -14.45 6.84
CA ASP B 8 -9.99 -14.26 5.90
C ASP B 8 -9.50 -13.56 4.64
N PHE B 9 -8.59 -12.60 4.79
CA PHE B 9 -8.03 -11.94 3.62
C PHE B 9 -7.30 -12.93 2.73
N LEU B 10 -6.37 -13.69 3.31
CA LEU B 10 -5.69 -14.72 2.53
C LEU B 10 -6.67 -15.74 1.95
N ASN B 11 -7.59 -16.29 2.75
CA ASN B 11 -8.44 -17.35 2.22
C ASN B 11 -9.29 -16.85 1.07
N ASP B 12 -9.74 -15.60 1.13
CA ASP B 12 -10.55 -15.05 0.05
C ASP B 12 -9.76 -14.94 -1.25
N ASN B 13 -8.54 -14.40 -1.18
CA ASN B 13 -7.77 -14.26 -2.41
C ASN B 13 -7.37 -15.60 -3.00
N ILE B 14 -7.27 -16.65 -2.19
CA ILE B 14 -6.82 -17.87 -2.85
C ILE B 14 -8.02 -18.68 -3.31
N ARG B 15 -9.20 -18.49 -2.68
CA ARG B 15 -10.43 -18.98 -3.26
C ARG B 15 -10.61 -18.42 -4.66
N ARG B 16 -10.35 -17.12 -4.85
CA ARG B 16 -10.44 -16.53 -6.18
C ARG B 16 -9.45 -17.19 -7.14
N GLY B 17 -8.20 -17.38 -6.71
CA GLY B 17 -7.24 -18.02 -7.59
C GLY B 17 -7.62 -19.44 -7.93
N ILE B 18 -8.22 -20.13 -6.97
CA ILE B 18 -8.77 -21.44 -7.26
C ILE B 18 -9.86 -21.35 -8.32
N GLU B 19 -10.67 -20.28 -8.35
CA GLU B 19 -11.78 -20.47 -9.27
C GLU B 19 -11.35 -20.11 -10.69
N ASN B 20 -10.28 -19.32 -10.83
CA ASN B 20 -9.70 -18.84 -12.08
C ASN B 20 -8.45 -19.60 -12.46
N TYR B 21 -8.11 -20.63 -11.69
CA TYR B 21 -6.87 -21.36 -11.89
C TYR B 21 -6.59 -21.65 -13.37
N TYR B 22 -7.54 -22.23 -14.11
CA TYR B 22 -7.30 -22.59 -15.51
C TYR B 22 -7.60 -21.46 -16.48
N ASP B 23 -8.19 -20.35 -16.00
CA ASP B 23 -8.51 -19.24 -16.88
C ASP B 23 -7.41 -18.21 -16.96
N ASP B 24 -6.46 -18.23 -16.01
CA ASP B 24 -5.44 -17.20 -15.93
C ASP B 24 -4.10 -17.78 -15.49
N LEU B 25 -3.10 -17.70 -16.35
CA LEU B 25 -1.79 -18.25 -15.96
C LEU B 25 -1.06 -17.43 -14.90
N ASP B 26 -1.48 -16.21 -14.58
CA ASP B 26 -0.90 -15.56 -13.42
C ASP B 26 -1.42 -16.18 -12.13
N PHE B 27 -2.74 -16.39 -12.04
CA PHE B 27 -3.26 -17.07 -10.85
C PHE B 27 -2.71 -18.49 -10.76
N LYS B 28 -2.70 -19.22 -11.88
CA LYS B 28 -2.19 -20.59 -11.87
C LYS B 28 -0.72 -20.64 -11.41
N ASN B 29 0.13 -19.78 -11.99
CA ASN B 29 1.55 -19.77 -11.62
C ASN B 29 1.76 -19.52 -10.14
N ILE B 30 0.99 -18.58 -9.54
CA ILE B 30 1.16 -18.22 -8.13
C ILE B 30 0.71 -19.38 -7.24
N MET B 31 -0.50 -19.91 -7.52
CA MET B 31 -1.03 -21.02 -6.75
C MET B 31 -0.09 -22.24 -6.79
N ASP B 32 0.41 -22.59 -7.99
CA ASP B 32 1.33 -23.72 -8.10
C ASP B 32 2.66 -23.44 -7.40
N PHE B 33 3.09 -22.17 -7.35
CA PHE B 33 4.35 -21.87 -6.71
C PHE B 33 4.23 -21.96 -5.20
N VAL B 34 3.16 -21.38 -4.66
CA VAL B 34 2.93 -21.42 -3.20
C VAL B 34 2.74 -22.84 -2.71
N GLN B 35 1.92 -23.63 -3.42
CA GLN B 35 1.64 -24.98 -2.95
C GLN B 35 2.91 -25.83 -2.94
N LYS B 36 3.72 -25.75 -3.99
CA LYS B 36 4.93 -26.56 -3.98
C LYS B 36 5.95 -26.06 -2.94
N LYS B 37 6.20 -24.73 -2.86
CA LYS B 37 7.26 -24.23 -1.99
C LYS B 37 6.91 -24.37 -0.52
N PHE B 38 5.65 -24.14 -0.14
CA PHE B 38 5.29 -24.19 1.25
C PHE B 38 4.64 -25.51 1.65
N LYS B 39 4.55 -26.47 0.74
CA LYS B 39 4.07 -27.80 1.05
C LYS B 39 2.69 -27.74 1.69
N CYS B 40 1.71 -27.34 0.88
CA CYS B 40 0.36 -27.07 1.36
C CYS B 40 -0.60 -27.10 0.18
N CYS B 41 -1.89 -26.97 0.46
CA CYS B 41 -2.91 -27.12 -0.58
C CYS B 41 -4.14 -26.35 -0.17
N GLY B 42 -4.64 -25.44 -1.01
CA GLY B 42 -5.89 -24.75 -0.73
C GLY B 42 -5.72 -23.58 0.22
N GLY B 43 -6.82 -23.19 0.87
CA GLY B 43 -6.96 -22.08 1.82
C GLY B 43 -6.92 -22.58 3.21
N GLU B 44 -8.06 -22.91 3.88
CA GLU B 44 -7.97 -23.73 5.11
C GLU B 44 -7.41 -25.11 4.86
N ASP B 45 -7.76 -25.74 3.74
CA ASP B 45 -7.16 -27.04 3.51
C ASP B 45 -7.40 -27.41 2.06
N TYR B 46 -6.90 -28.60 1.72
CA TYR B 46 -6.88 -29.02 0.33
C TYR B 46 -8.27 -29.06 -0.29
N ARG B 47 -9.31 -29.29 0.53
CA ARG B 47 -10.65 -29.44 -0.04
C ARG B 47 -11.16 -28.15 -0.65
N ASP B 48 -10.52 -27.01 -0.39
CA ASP B 48 -10.93 -25.78 -1.01
C ASP B 48 -10.94 -25.88 -2.53
N TRP B 49 -10.16 -26.83 -3.10
CA TRP B 49 -10.19 -27.01 -4.54
C TRP B 49 -11.58 -27.35 -5.09
N SER B 50 -12.55 -27.71 -4.25
CA SER B 50 -13.87 -28.06 -4.77
C SER B 50 -14.61 -26.83 -5.33
N LYS B 51 -14.16 -25.63 -4.99
CA LYS B 51 -14.70 -24.44 -5.61
C LYS B 51 -14.31 -24.25 -7.07
N ASN B 52 -13.29 -24.93 -7.59
CA ASN B 52 -13.06 -24.87 -9.03
C ASN B 52 -14.08 -25.77 -9.72
N GLN B 53 -14.63 -25.29 -10.86
CA GLN B 53 -15.76 -26.01 -11.44
C GLN B 53 -15.41 -27.41 -11.88
N TYR B 54 -14.14 -27.67 -12.19
CA TYR B 54 -13.77 -29.01 -12.63
C TYR B 54 -13.36 -29.91 -11.49
N HIS B 55 -12.92 -29.34 -10.37
CA HIS B 55 -12.58 -30.18 -9.24
C HIS B 55 -13.78 -30.45 -8.37
N ASP B 56 -14.90 -29.83 -8.72
CA ASP B 56 -16.14 -30.01 -7.98
C ASP B 56 -16.43 -31.48 -7.84
N CYS B 57 -16.65 -31.89 -6.60
CA CYS B 57 -16.72 -33.31 -6.36
C CYS B 57 -17.96 -33.91 -7.03
N SER B 58 -18.88 -33.08 -7.54
CA SER B 58 -20.04 -33.50 -8.35
C SER B 58 -19.80 -33.43 -9.87
N ALA B 59 -18.63 -33.01 -10.31
CA ALA B 59 -18.35 -32.82 -11.72
C ALA B 59 -18.11 -34.17 -12.40
N PRO B 60 -18.15 -34.21 -13.74
CA PRO B 60 -17.97 -35.51 -14.40
C PRO B 60 -16.54 -35.83 -14.82
N GLY B 61 -15.63 -34.93 -14.66
CA GLY B 61 -14.36 -35.07 -15.30
C GLY B 61 -13.42 -35.88 -14.45
N PRO B 62 -12.21 -36.09 -15.00
CA PRO B 62 -11.15 -36.76 -14.23
C PRO B 62 -10.69 -35.99 -13.02
N LEU B 63 -10.76 -34.65 -13.05
CA LEU B 63 -10.30 -33.84 -11.93
C LEU B 63 -11.34 -33.79 -10.82
N ALA B 64 -12.56 -34.19 -11.10
CA ALA B 64 -13.65 -34.11 -10.13
C ALA B 64 -13.22 -34.72 -8.80
N CYS B 65 -13.35 -33.92 -7.75
CA CYS B 65 -13.18 -34.42 -6.39
C CYS B 65 -11.70 -34.71 -6.09
N GLY B 66 -10.80 -34.08 -6.85
CA GLY B 66 -9.37 -34.28 -6.75
C GLY B 66 -8.66 -32.96 -6.66
N VAL B 67 -7.32 -33.00 -6.68
CA VAL B 67 -6.56 -31.79 -6.39
C VAL B 67 -5.36 -31.74 -7.32
N PRO B 68 -4.85 -30.55 -7.63
CA PRO B 68 -3.79 -30.42 -8.65
C PRO B 68 -2.48 -31.03 -8.18
N TYR B 69 -1.63 -31.42 -9.15
CA TYR B 69 -0.45 -32.20 -8.77
C TYR B 69 0.53 -31.38 -7.95
N THR B 70 0.47 -30.05 -8.02
CA THR B 70 1.32 -29.26 -7.13
C THR B 70 0.94 -29.44 -5.69
N CYS B 71 -0.15 -30.14 -5.38
CA CYS B 71 -0.42 -30.49 -3.99
C CYS B 71 0.29 -31.78 -3.55
N CYS B 72 0.96 -32.49 -4.43
CA CYS B 72 1.40 -33.83 -4.03
C CYS B 72 2.73 -33.83 -3.24
N ILE B 73 2.94 -34.89 -2.40
CA ILE B 73 4.22 -35.08 -1.72
C ILE B 73 5.28 -35.53 -2.71
N ARG B 74 6.48 -34.92 -2.62
CA ARG B 74 7.56 -35.15 -3.57
C ARG B 74 8.81 -35.69 -2.90
N ASP B 75 8.72 -36.04 -1.62
CA ASP B 75 9.85 -36.49 -0.82
C ASP B 75 9.88 -38.01 -0.75
N THR B 76 9.07 -38.67 -1.57
CA THR B 76 8.98 -40.11 -1.59
C THR B 76 10.01 -40.67 -2.58
N THR B 77 10.46 -41.90 -2.33
CA THR B 77 11.41 -42.51 -3.27
C THR B 77 10.74 -42.90 -4.58
N GLU B 78 9.45 -43.26 -4.54
CA GLU B 78 8.72 -43.58 -5.76
C GLU B 78 8.62 -42.35 -6.69
N VAL B 79 8.27 -42.65 -7.94
CA VAL B 79 7.88 -41.64 -8.91
C VAL B 79 6.46 -41.16 -8.63
N VAL B 80 6.22 -39.88 -8.94
CA VAL B 80 4.94 -39.20 -8.78
C VAL B 80 4.50 -38.72 -10.17
N ASN B 81 3.24 -38.96 -10.52
CA ASN B 81 2.70 -38.49 -11.79
C ASN B 81 1.69 -37.35 -11.57
N THR B 82 1.13 -36.83 -12.66
CA THR B 82 0.20 -35.70 -12.56
C THR B 82 -1.19 -36.10 -12.05
N MET B 83 -1.46 -37.37 -11.80
CA MET B 83 -2.75 -37.81 -11.28
C MET B 83 -2.71 -38.02 -9.77
N CYS B 84 -1.57 -37.73 -9.14
CA CYS B 84 -1.31 -38.10 -7.75
C CYS B 84 -2.35 -37.56 -6.78
N GLY B 85 -3.09 -36.52 -7.16
CA GLY B 85 -4.02 -35.97 -6.21
C GLY B 85 -5.46 -36.12 -6.59
N TYR B 86 -5.77 -36.92 -7.61
CA TYR B 86 -7.15 -37.21 -7.96
C TYR B 86 -7.86 -37.94 -6.82
N LYS B 87 -9.19 -37.82 -6.81
CA LYS B 87 -10.05 -38.51 -5.86
C LYS B 87 -9.54 -38.44 -4.42
N THR B 88 -9.25 -37.22 -3.97
CA THR B 88 -8.83 -37.05 -2.59
C THR B 88 -9.79 -36.26 -1.73
N ILE B 89 -10.67 -35.43 -2.31
CA ILE B 89 -11.45 -34.50 -1.47
C ILE B 89 -12.54 -35.24 -0.67
N ASP B 90 -13.20 -36.26 -1.23
CA ASP B 90 -14.22 -36.98 -0.47
C ASP B 90 -13.66 -38.11 0.39
N LYS B 91 -12.38 -38.06 0.75
CA LYS B 91 -11.83 -39.02 1.71
C LYS B 91 -11.29 -38.31 2.94
N GLU B 92 -11.04 -39.10 3.97
CA GLU B 92 -10.54 -38.56 5.23
C GLU B 92 -9.11 -38.07 5.06
N ARG B 93 -8.73 -37.15 5.94
CA ARG B 93 -7.39 -36.59 5.92
C ARG B 93 -6.34 -37.70 6.08
N PHE B 94 -6.59 -38.64 7.00
CA PHE B 94 -5.63 -39.73 7.22
C PHE B 94 -5.45 -40.57 5.96
N SER B 95 -6.52 -40.74 5.17
CA SER B 95 -6.46 -41.65 4.04
C SER B 95 -5.58 -41.14 2.90
N VAL B 96 -5.33 -39.83 2.87
CA VAL B 96 -4.64 -39.20 1.75
C VAL B 96 -3.38 -38.44 2.17
N GLN B 97 -3.14 -38.23 3.46
CA GLN B 97 -2.05 -37.36 3.88
C GLN B 97 -0.66 -37.95 3.53
N ASP B 98 -0.59 -39.23 3.21
CA ASP B 98 0.67 -39.82 2.76
C ASP B 98 0.97 -39.44 1.32
N VAL B 99 -0.04 -38.98 0.58
CA VAL B 99 0.10 -38.76 -0.85
C VAL B 99 0.08 -37.28 -1.22
N ILE B 100 -0.74 -36.48 -0.56
CA ILE B 100 -0.78 -35.05 -0.82
C ILE B 100 -0.62 -34.33 0.51
N TYR B 101 -0.23 -33.07 0.42
CA TYR B 101 -0.32 -32.18 1.56
C TYR B 101 -1.79 -31.86 1.76
N VAL B 102 -2.21 -31.81 3.02
CA VAL B 102 -3.59 -31.50 3.32
C VAL B 102 -3.74 -30.14 3.99
N ARG B 103 -2.74 -29.67 4.73
CA ARG B 103 -2.81 -28.37 5.36
C ARG B 103 -2.90 -27.27 4.33
N GLY B 104 -3.65 -26.22 4.69
CA GLY B 104 -3.88 -25.11 3.80
C GLY B 104 -2.69 -24.20 3.69
N CYS B 105 -2.64 -23.44 2.61
CA CYS B 105 -1.50 -22.58 2.40
C CYS B 105 -1.56 -21.30 3.24
N THR B 106 -2.75 -20.74 3.51
CA THR B 106 -2.85 -19.51 4.29
C THR B 106 -2.06 -19.60 5.59
N ASN B 107 -2.25 -20.67 6.37
CA ASN B 107 -1.57 -20.74 7.65
C ASN B 107 -0.12 -21.18 7.48
N ALA B 108 0.19 -21.98 6.46
CA ALA B 108 1.59 -22.30 6.18
C ALA B 108 2.41 -21.06 5.85
N VAL B 109 1.84 -20.14 5.06
CA VAL B 109 2.55 -18.92 4.71
C VAL B 109 2.77 -18.04 5.93
N ILE B 110 1.74 -17.92 6.78
CA ILE B 110 1.84 -17.09 7.98
C ILE B 110 2.91 -17.60 8.92
N ILE B 111 2.98 -18.92 9.15
CA ILE B 111 3.97 -19.34 10.14
C ILE B 111 5.36 -19.24 9.52
N TRP B 112 5.46 -19.27 8.20
CA TRP B 112 6.75 -19.04 7.55
C TRP B 112 7.18 -17.59 7.72
N PHE B 113 6.27 -16.66 7.41
CA PHE B 113 6.54 -15.25 7.57
C PHE B 113 6.99 -14.93 8.99
N MET B 114 6.33 -15.53 9.99
CA MET B 114 6.65 -15.28 11.40
C MET B 114 7.99 -15.89 11.78
N ASP B 115 8.26 -17.09 11.29
CA ASP B 115 9.51 -17.75 11.58
C ASP B 115 10.69 -16.96 11.03
N ASN B 116 10.47 -16.19 9.97
CA ASN B 116 11.54 -15.55 9.21
C ASN B 116 11.47 -14.04 9.26
N LEU B 117 10.60 -13.50 10.10
CA LEU B 117 10.39 -12.06 10.27
C LEU B 117 11.65 -11.20 10.17
N GLU B 118 12.68 -11.54 10.94
CA GLU B 118 13.82 -10.63 11.08
C GLU B 118 14.63 -10.58 9.78
N VAL B 119 14.86 -11.73 9.18
CA VAL B 119 15.59 -11.82 7.92
C VAL B 119 14.91 -11.05 6.78
N LEU B 120 13.67 -10.59 6.97
CA LEU B 120 12.95 -10.06 5.82
C LEU B 120 13.12 -8.56 5.67
N PHE B 121 13.72 -7.88 6.66
CA PHE B 121 13.99 -6.45 6.59
C PHE B 121 15.47 -6.12 6.72
N GLN B 122 16.29 -7.07 7.17
CA GLN B 122 17.75 -6.90 7.18
C GLN B 122 18.38 -8.18 6.66
N THR C 1 -4.85 13.60 1.55
CA THR C 1 -3.56 13.78 0.88
C THR C 1 -3.08 12.45 0.30
N PHE C 2 -3.93 11.42 0.43
CA PHE C 2 -3.60 10.03 0.10
C PHE C 2 -2.51 9.52 1.04
N ARG C 3 -1.63 10.41 1.48
CA ARG C 3 -0.71 10.09 2.57
C ARG C 3 -1.50 9.54 3.75
N GLN C 4 -2.54 10.29 4.14
CA GLN C 4 -3.36 9.94 5.28
C GLN C 4 -3.95 8.55 5.12
N GLN C 5 -4.30 8.19 3.87
CA GLN C 5 -4.76 6.83 3.58
C GLN C 5 -3.77 5.81 4.13
N THR C 6 -2.49 5.95 3.78
CA THR C 6 -1.46 5.06 4.31
C THR C 6 -1.20 5.28 5.81
N ILE C 7 -1.36 6.50 6.32
CA ILE C 7 -1.15 6.66 7.77
C ILE C 7 -2.33 6.10 8.54
N ASP C 8 -3.55 6.36 8.11
CA ASP C 8 -4.66 5.89 8.93
C ASP C 8 -4.87 4.38 8.79
N PHE C 9 -4.52 3.80 7.64
CA PHE C 9 -4.66 2.36 7.50
C PHE C 9 -3.82 1.63 8.54
N LEU C 10 -2.50 1.87 8.52
CA LEU C 10 -1.62 1.21 9.48
C LEU C 10 -2.10 1.42 10.91
N ASN C 11 -2.44 2.68 11.26
CA ASN C 11 -2.78 3.01 12.64
C ASN C 11 -3.93 2.18 13.18
N ASP C 12 -5.03 2.03 12.43
CA ASP C 12 -6.06 1.11 12.92
C ASP C 12 -5.60 -0.32 12.95
N ASN C 13 -4.77 -0.76 12.01
CA ASN C 13 -4.22 -2.10 12.14
C ASN C 13 -3.43 -2.21 13.44
N ILE C 14 -2.36 -1.44 13.57
CA ILE C 14 -1.53 -1.62 14.76
C ILE C 14 -2.17 -1.09 16.03
N ARG C 15 -3.28 -0.38 15.98
CA ARG C 15 -4.00 -0.19 17.22
C ARG C 15 -4.95 -1.34 17.51
N ARG C 16 -5.40 -2.05 16.47
CA ARG C 16 -6.24 -3.22 16.68
C ARG C 16 -5.44 -4.35 17.33
N GLY C 17 -4.19 -4.49 16.96
CA GLY C 17 -3.42 -5.54 17.58
C GLY C 17 -2.94 -5.19 18.98
N ILE C 18 -2.57 -3.92 19.24
CA ILE C 18 -2.16 -3.49 20.58
C ILE C 18 -3.14 -3.98 21.63
N GLU C 19 -4.41 -4.13 21.24
CA GLU C 19 -5.39 -4.78 22.11
C GLU C 19 -5.15 -6.29 22.18
N ASN C 20 -4.69 -6.91 21.09
CA ASN C 20 -4.41 -8.33 21.07
C ASN C 20 -2.95 -8.65 21.37
N TYR C 21 -2.22 -7.67 21.90
CA TYR C 21 -0.78 -7.79 22.08
C TYR C 21 -0.44 -9.05 22.84
N TYR C 22 -1.13 -9.29 23.97
CA TYR C 22 -0.86 -10.43 24.84
C TYR C 22 -1.61 -11.69 24.45
N ASP C 23 -2.57 -11.58 23.52
CA ASP C 23 -3.46 -12.67 23.14
C ASP C 23 -3.01 -13.43 21.90
N ASP C 24 -2.07 -12.89 21.13
CA ASP C 24 -1.67 -13.54 19.89
C ASP C 24 -0.19 -13.30 19.68
N LEU C 25 0.61 -14.37 19.78
CA LEU C 25 2.06 -14.19 19.65
C LEU C 25 2.47 -13.81 18.23
N ASP C 26 1.63 -14.05 17.24
CA ASP C 26 1.97 -13.57 15.91
C ASP C 26 1.95 -12.04 15.88
N PHE C 27 0.94 -11.43 16.49
CA PHE C 27 0.92 -9.97 16.50
C PHE C 27 1.98 -9.43 17.44
N LYS C 28 2.10 -10.05 18.62
CA LYS C 28 3.12 -9.61 19.57
C LYS C 28 4.50 -9.61 18.92
N ASN C 29 4.86 -10.72 18.23
CA ASN C 29 6.17 -10.80 17.59
C ASN C 29 6.39 -9.64 16.63
N ILE C 30 5.36 -9.27 15.86
CA ILE C 30 5.54 -8.21 14.88
C ILE C 30 5.72 -6.86 15.56
N MET C 31 4.83 -6.50 16.51
CA MET C 31 5.07 -5.25 17.23
C MET C 31 6.43 -5.25 17.87
N ASP C 32 6.80 -6.32 18.58
CA ASP C 32 8.07 -6.27 19.30
C ASP C 32 9.22 -6.09 18.32
N PHE C 33 9.17 -6.75 17.16
CA PHE C 33 10.24 -6.63 16.16
C PHE C 33 10.24 -5.26 15.52
N VAL C 34 9.06 -4.71 15.23
CA VAL C 34 8.99 -3.42 14.57
C VAL C 34 9.45 -2.32 15.52
N GLN C 35 9.14 -2.45 16.81
CA GLN C 35 9.46 -1.39 17.73
C GLN C 35 10.96 -1.35 17.95
N LYS C 36 11.54 -2.50 18.16
CA LYS C 36 12.97 -2.50 18.24
C LYS C 36 13.64 -2.06 16.96
N LYS C 37 13.24 -2.67 15.86
CA LYS C 37 14.05 -2.54 14.66
C LYS C 37 14.02 -1.11 14.15
N PHE C 38 12.85 -0.45 14.19
CA PHE C 38 12.65 0.89 13.66
C PHE C 38 12.65 1.99 14.73
N LYS C 39 12.97 1.64 15.97
CA LYS C 39 13.15 2.59 17.08
C LYS C 39 11.93 3.53 17.23
N CYS C 40 10.82 2.90 17.65
CA CYS C 40 9.53 3.56 17.67
C CYS C 40 8.63 2.81 18.65
N CYS C 41 7.47 3.39 18.91
CA CYS C 41 6.59 2.88 19.95
C CYS C 41 5.17 3.14 19.53
N GLY C 42 4.29 2.12 19.62
CA GLY C 42 2.90 2.31 19.24
C GLY C 42 2.74 2.66 17.77
N GLY C 43 1.55 3.13 17.44
CA GLY C 43 1.24 3.38 16.04
C GLY C 43 1.44 4.82 15.59
N GLU C 44 0.59 5.72 16.07
CA GLU C 44 0.88 7.15 15.90
C GLU C 44 1.95 7.63 16.90
N ASP C 45 1.91 7.11 18.13
CA ASP C 45 2.99 7.38 19.08
C ASP C 45 2.81 6.52 20.34
N TYR C 46 3.79 6.61 21.23
CA TYR C 46 3.87 5.70 22.36
C TYR C 46 2.61 5.70 23.22
N ARG C 47 1.84 6.77 23.19
CA ARG C 47 0.62 6.76 24.01
C ARG C 47 -0.47 5.85 23.45
N ASP C 48 -0.29 5.20 22.30
CA ASP C 48 -1.31 4.26 21.84
C ASP C 48 -1.48 3.07 22.78
N TRP C 49 -0.49 2.78 23.63
CA TRP C 49 -0.50 1.58 24.45
C TRP C 49 -1.52 1.65 25.57
N SER C 50 -2.06 2.83 25.87
CA SER C 50 -3.19 2.89 26.78
C SER C 50 -4.40 2.12 26.26
N LYS C 51 -4.40 1.73 24.98
CA LYS C 51 -5.48 0.95 24.39
C LYS C 51 -5.39 -0.54 24.70
N ASN C 52 -4.30 -1.00 25.30
CA ASN C 52 -4.29 -2.37 25.81
C ASN C 52 -4.78 -2.33 27.24
N GLN C 53 -5.59 -3.32 27.62
CA GLN C 53 -6.28 -3.23 28.91
C GLN C 53 -5.32 -3.28 30.10
N TYR C 54 -4.12 -3.84 29.92
CA TYR C 54 -3.14 -3.85 31.00
C TYR C 54 -2.32 -2.58 31.06
N HIS C 55 -2.21 -1.83 29.96
CA HIS C 55 -1.41 -0.61 29.96
C HIS C 55 -2.23 0.66 30.14
N ASP C 56 -3.57 0.56 30.10
CA ASP C 56 -4.46 1.66 30.44
C ASP C 56 -4.01 2.33 31.74
N CYS C 57 -4.07 3.67 31.80
CA CYS C 57 -3.51 4.31 33.01
C CYS C 57 -4.40 4.12 34.24
N SER C 58 -5.55 3.45 34.13
CA SER C 58 -6.36 3.10 35.30
C SER C 58 -6.46 1.60 35.49
N ALA C 59 -5.65 0.83 34.79
CA ALA C 59 -5.58 -0.58 35.05
C ALA C 59 -4.96 -0.80 36.43
N PRO C 60 -5.20 -1.95 37.05
CA PRO C 60 -4.61 -2.22 38.35
C PRO C 60 -3.12 -2.55 38.34
N GLY C 61 -2.69 -3.51 37.54
CA GLY C 61 -1.35 -4.03 37.65
C GLY C 61 -0.25 -3.02 37.40
N PRO C 62 0.99 -3.50 37.38
CA PRO C 62 2.15 -2.59 37.21
C PRO C 62 2.45 -2.18 35.78
N LEU C 63 1.85 -2.80 34.78
CA LEU C 63 2.05 -2.26 33.44
C LEU C 63 1.15 -1.07 33.18
N ALA C 64 0.34 -0.68 34.16
CA ALA C 64 -0.62 0.39 33.94
C ALA C 64 0.12 1.67 33.62
N CYS C 65 -0.29 2.31 32.54
CA CYS C 65 0.18 3.62 32.15
C CYS C 65 1.66 3.58 31.75
N GLY C 66 2.14 2.39 31.36
CA GLY C 66 3.51 2.20 30.91
C GLY C 66 3.51 1.49 29.58
N VAL C 67 4.71 1.19 29.10
CA VAL C 67 4.83 0.79 27.71
C VAL C 67 5.71 -0.47 27.66
N PRO C 68 5.58 -1.36 26.66
CA PRO C 68 6.40 -2.58 26.66
C PRO C 68 7.87 -2.28 26.49
N TYR C 69 8.69 -3.21 27.00
CA TYR C 69 10.13 -2.97 27.06
C TYR C 69 10.73 -2.89 25.67
N THR C 70 10.01 -3.35 24.62
CA THR C 70 10.56 -3.22 23.26
C THR C 70 10.54 -1.77 22.79
N CYS C 71 9.83 -0.88 23.49
CA CYS C 71 9.96 0.55 23.20
C CYS C 71 11.16 1.21 23.86
N CYS C 72 11.93 0.50 24.70
CA CYS C 72 13.02 1.13 25.46
C CYS C 72 14.30 1.31 24.64
N ILE C 73 15.01 2.41 24.92
CA ILE C 73 16.29 2.71 24.28
C ILE C 73 17.35 1.76 24.82
N ARG C 74 18.13 1.16 23.94
CA ARG C 74 19.14 0.19 24.31
C ARG C 74 20.54 0.71 24.13
N ASP C 75 20.67 1.95 23.65
CA ASP C 75 21.94 2.57 23.30
C ASP C 75 22.48 3.41 24.47
N THR C 76 22.72 2.75 25.59
CA THR C 76 23.22 3.38 26.81
C THR C 76 24.09 2.39 27.58
N THR C 77 24.92 2.96 28.45
CA THR C 77 25.89 2.16 29.18
C THR C 77 25.21 1.38 30.30
N GLU C 78 24.12 1.91 30.84
CA GLU C 78 23.52 1.25 31.99
C GLU C 78 22.65 0.09 31.50
N VAL C 79 22.41 -0.85 32.41
CA VAL C 79 21.61 -2.01 32.01
C VAL C 79 20.15 -1.58 31.92
N VAL C 80 19.40 -2.26 31.07
CA VAL C 80 17.96 -2.04 30.93
C VAL C 80 17.23 -3.33 31.32
N ASN C 81 16.18 -3.22 32.12
CA ASN C 81 15.34 -4.36 32.52
C ASN C 81 13.93 -4.18 31.96
N THR C 82 13.05 -5.15 32.24
CA THR C 82 11.70 -5.15 31.69
C THR C 82 10.79 -4.08 32.29
N MET C 83 11.20 -3.41 33.36
CA MET C 83 10.42 -2.30 33.90
C MET C 83 10.76 -0.93 33.26
N CYS C 84 11.58 -0.90 32.21
CA CYS C 84 12.09 0.37 31.68
C CYS C 84 11.01 1.25 31.07
N GLY C 85 9.89 0.68 30.64
CA GLY C 85 8.84 1.46 30.03
C GLY C 85 7.76 1.93 30.97
N TYR C 86 7.89 1.63 32.27
CA TYR C 86 6.84 1.91 33.23
C TYR C 86 6.61 3.41 33.38
N LYS C 87 5.33 3.76 33.54
CA LYS C 87 4.95 5.09 34.03
C LYS C 87 5.49 6.18 33.10
N THR C 88 5.21 6.01 31.80
CA THR C 88 5.68 6.90 30.75
C THR C 88 4.57 7.48 29.90
N ILE C 89 3.39 6.84 29.86
CA ILE C 89 2.30 7.21 28.93
C ILE C 89 1.79 8.62 29.21
N ASP C 90 1.53 8.93 30.48
CA ASP C 90 0.89 10.21 30.78
C ASP C 90 1.90 11.34 30.96
N LYS C 91 3.18 11.08 30.76
CA LYS C 91 4.19 12.12 30.90
C LYS C 91 4.50 12.75 29.56
N GLU C 92 5.21 13.87 29.62
CA GLU C 92 5.59 14.59 28.42
C GLU C 92 6.72 13.88 27.70
N ARG C 93 6.78 14.10 26.38
CA ARG C 93 7.84 13.49 25.58
C ARG C 93 9.21 13.81 26.12
N PHE C 94 9.45 15.09 26.50
CA PHE C 94 10.76 15.45 27.03
C PHE C 94 11.03 14.78 28.39
N SER C 95 9.98 14.32 29.08
CA SER C 95 10.21 13.63 30.34
C SER C 95 10.69 12.20 30.11
N VAL C 96 10.39 11.62 28.95
CA VAL C 96 10.63 10.19 28.72
C VAL C 96 11.54 9.91 27.52
N GLN C 97 11.81 10.90 26.66
CA GLN C 97 12.52 10.63 25.42
C GLN C 97 13.94 10.14 25.66
N ASP C 98 14.47 10.29 26.86
CA ASP C 98 15.77 9.68 27.07
C ASP C 98 15.69 8.22 27.50
N VAL C 99 14.49 7.68 27.74
CA VAL C 99 14.31 6.31 28.21
C VAL C 99 13.58 5.42 27.18
N ILE C 100 12.53 5.93 26.52
CA ILE C 100 11.81 5.14 25.51
C ILE C 100 11.79 5.89 24.21
N TYR C 101 11.66 5.14 23.11
CA TYR C 101 11.32 5.78 21.84
C TYR C 101 9.93 6.39 21.92
N VAL C 102 9.73 7.54 21.27
CA VAL C 102 8.42 8.18 21.46
C VAL C 102 7.65 8.27 20.14
N ARG C 103 8.34 8.57 19.04
CA ARG C 103 7.70 8.58 17.73
C ARG C 103 7.01 7.24 17.45
N GLY C 104 6.00 7.29 16.61
CA GLY C 104 5.23 6.11 16.31
C GLY C 104 5.82 5.32 15.18
N CYS C 105 5.49 4.03 15.16
CA CYS C 105 6.03 3.11 14.17
C CYS C 105 5.41 3.31 12.81
N THR C 106 4.37 4.13 12.71
CA THR C 106 3.68 4.23 11.45
C THR C 106 4.46 5.13 10.49
N ASN C 107 4.82 6.35 10.90
CA ASN C 107 5.87 7.09 10.19
C ASN C 107 7.21 6.37 10.13
N ALA C 108 7.71 5.82 11.23
CA ALA C 108 8.98 5.13 11.13
C ALA C 108 9.04 4.23 9.88
N VAL C 109 8.03 3.37 9.70
CA VAL C 109 8.05 2.38 8.62
C VAL C 109 7.85 3.03 7.27
N ILE C 110 7.01 4.06 7.18
CA ILE C 110 6.78 4.72 5.89
C ILE C 110 8.07 5.41 5.41
N ILE C 111 8.66 6.24 6.26
CA ILE C 111 9.83 6.97 5.79
C ILE C 111 11.02 6.02 5.60
N TRP C 112 11.06 4.89 6.31
CA TRP C 112 12.09 3.91 5.97
C TRP C 112 11.83 3.35 4.57
N PHE C 113 10.57 3.03 4.27
CA PHE C 113 10.23 2.49 2.97
C PHE C 113 10.57 3.48 1.84
N MET C 114 10.14 4.74 1.95
CA MET C 114 10.46 5.72 0.91
C MET C 114 11.96 5.87 0.72
N ASP C 115 12.73 5.91 1.82
CA ASP C 115 14.17 6.07 1.74
C ASP C 115 14.83 4.90 1.03
N ASN C 116 14.24 3.70 1.11
CA ASN C 116 14.84 2.52 0.52
C ASN C 116 14.09 2.05 -0.71
N LEU C 117 13.30 2.93 -1.30
CA LEU C 117 12.42 2.56 -2.41
C LEU C 117 13.19 1.85 -3.55
N GLU C 118 14.29 2.46 -4.01
CA GLU C 118 14.96 1.96 -5.22
C GLU C 118 15.59 0.59 -4.98
N VAL C 119 16.23 0.42 -3.82
CA VAL C 119 16.77 -0.89 -3.43
C VAL C 119 15.69 -1.97 -3.38
N LEU C 120 14.55 -1.67 -2.74
CA LEU C 120 13.56 -2.71 -2.45
C LEU C 120 13.10 -3.43 -3.72
N PHE C 121 12.67 -2.68 -4.74
CA PHE C 121 12.04 -3.29 -5.90
C PHE C 121 13.02 -3.60 -7.03
N GLN C 122 14.31 -3.74 -6.72
CA GLN C 122 15.34 -3.95 -7.75
C GLN C 122 15.15 -5.28 -8.49
N THR D 1 -42.00 -42.93 -1.69
CA THR D 1 -42.35 -43.61 -0.47
C THR D 1 -43.11 -42.66 0.43
N PHE D 2 -43.97 -43.17 1.28
CA PHE D 2 -44.68 -42.29 2.19
C PHE D 2 -43.69 -41.65 3.15
N ARG D 3 -42.75 -42.44 3.65
CA ARG D 3 -41.79 -41.93 4.60
C ARG D 3 -40.94 -40.83 4.02
N GLN D 4 -40.55 -40.96 2.76
CA GLN D 4 -39.78 -39.93 2.12
C GLN D 4 -40.61 -38.67 2.08
N GLN D 5 -41.87 -38.79 1.70
CA GLN D 5 -42.71 -37.64 1.64
C GLN D 5 -42.87 -37.06 3.02
N THR D 6 -43.07 -37.89 4.05
CA THR D 6 -43.25 -37.34 5.39
C THR D 6 -42.00 -36.62 5.84
N ILE D 7 -40.86 -37.21 5.56
CA ILE D 7 -39.59 -36.59 5.91
C ILE D 7 -39.45 -35.29 5.16
N ASP D 8 -39.81 -35.32 3.88
CA ASP D 8 -39.73 -34.16 3.02
C ASP D 8 -40.65 -33.07 3.53
N PHE D 9 -41.82 -33.44 4.00
CA PHE D 9 -42.68 -32.44 4.57
C PHE D 9 -42.02 -31.87 5.81
N LEU D 10 -41.46 -32.74 6.65
CA LEU D 10 -40.81 -32.34 7.89
C LEU D 10 -39.64 -31.47 7.60
N ASN D 11 -38.87 -31.85 6.62
CA ASN D 11 -37.74 -31.05 6.25
C ASN D 11 -38.20 -29.72 5.73
N ASP D 12 -39.25 -29.72 4.92
CA ASP D 12 -39.85 -28.49 4.42
C ASP D 12 -40.44 -27.68 5.56
N ASN D 13 -40.99 -28.35 6.55
CA ASN D 13 -41.46 -27.64 7.70
C ASN D 13 -40.27 -26.97 8.35
N ILE D 14 -39.17 -27.68 8.53
CA ILE D 14 -38.00 -27.09 9.15
C ILE D 14 -37.41 -25.98 8.31
N ARG D 15 -37.40 -26.18 7.02
CA ARG D 15 -36.84 -25.20 6.12
C ARG D 15 -37.58 -23.91 6.28
N ARG D 16 -38.89 -23.98 6.43
CA ARG D 16 -39.66 -22.76 6.59
C ARG D 16 -39.30 -22.07 7.90
N GLY D 17 -39.15 -22.85 8.96
CA GLY D 17 -38.82 -22.26 10.23
C GLY D 17 -37.48 -21.55 10.21
N ILE D 18 -36.49 -22.14 9.58
CA ILE D 18 -35.17 -21.55 9.51
C ILE D 18 -35.20 -20.15 8.96
N GLU D 19 -36.13 -19.85 8.08
CA GLU D 19 -36.22 -18.49 7.57
C GLU D 19 -36.69 -17.54 8.66
N ASN D 20 -37.62 -17.97 9.50
CA ASN D 20 -38.14 -17.18 10.60
C ASN D 20 -37.28 -17.29 11.86
N TYR D 21 -36.10 -17.91 11.78
CA TYR D 21 -35.21 -18.07 12.92
C TYR D 21 -35.11 -16.80 13.75
N TYR D 22 -34.67 -15.70 13.14
CA TYR D 22 -34.54 -14.47 13.91
C TYR D 22 -35.87 -13.78 14.16
N ASP D 23 -36.94 -14.17 13.47
CA ASP D 23 -38.20 -13.45 13.58
C ASP D 23 -39.10 -13.95 14.70
N ASP D 24 -38.96 -15.21 15.15
CA ASP D 24 -39.79 -15.76 16.23
C ASP D 24 -38.96 -16.63 17.17
N LEU D 25 -38.82 -16.20 18.43
CA LEU D 25 -38.05 -16.96 19.42
C LEU D 25 -38.63 -18.35 19.66
N ASP D 26 -39.91 -18.54 19.41
CA ASP D 26 -40.45 -19.85 19.63
C ASP D 26 -39.81 -20.84 18.69
N PHE D 27 -39.71 -20.50 17.42
CA PHE D 27 -39.02 -21.39 16.51
C PHE D 27 -37.54 -21.43 16.85
N LYS D 28 -36.97 -20.31 17.21
CA LYS D 28 -35.57 -20.27 17.52
C LYS D 28 -35.19 -21.11 18.71
N ASN D 29 -35.99 -21.07 19.75
CA ASN D 29 -35.67 -21.84 20.92
C ASN D 29 -35.69 -23.33 20.65
N ILE D 30 -36.69 -23.73 19.89
CA ILE D 30 -36.88 -25.10 19.51
C ILE D 30 -35.78 -25.60 18.64
N MET D 31 -35.37 -24.79 17.71
CA MET D 31 -34.35 -25.17 16.79
C MET D 31 -33.03 -25.25 17.47
N ASP D 32 -32.78 -24.36 18.38
CA ASP D 32 -31.53 -24.35 19.10
C ASP D 32 -31.45 -25.50 20.06
N PHE D 33 -32.56 -25.87 20.61
CA PHE D 33 -32.59 -26.92 21.56
C PHE D 33 -32.32 -28.22 20.89
N VAL D 34 -32.98 -28.45 19.79
CA VAL D 34 -32.81 -29.67 19.07
C VAL D 34 -31.41 -29.87 18.57
N GLN D 35 -30.85 -28.84 18.00
CA GLN D 35 -29.52 -28.95 17.45
C GLN D 35 -28.48 -29.27 18.49
N LYS D 36 -28.54 -28.63 19.62
CA LYS D 36 -27.54 -28.89 20.63
C LYS D 36 -27.76 -30.27 21.26
N LYS D 37 -29.03 -30.64 21.49
CA LYS D 37 -29.25 -31.85 22.25
C LYS D 37 -29.11 -33.09 21.40
N PHE D 38 -29.64 -33.06 20.17
CA PHE D 38 -29.46 -34.20 19.28
C PHE D 38 -28.19 -34.10 18.45
N LYS D 39 -27.38 -33.06 18.63
CA LYS D 39 -26.09 -32.94 17.95
C LYS D 39 -26.26 -33.04 16.43
N CYS D 40 -26.81 -31.96 15.87
CA CYS D 40 -27.22 -31.92 14.47
C CYS D 40 -27.37 -30.46 14.06
N CYS D 41 -27.67 -30.25 12.78
CA CYS D 41 -27.68 -28.91 12.21
C CYS D 41 -28.62 -28.93 11.00
N GLY D 42 -29.64 -28.08 11.01
CA GLY D 42 -30.57 -28.02 9.90
C GLY D 42 -31.54 -29.20 9.87
N GLY D 43 -32.23 -29.30 8.73
CA GLY D 43 -33.18 -30.36 8.49
C GLY D 43 -32.54 -31.56 7.82
N GLU D 44 -32.15 -31.40 6.55
CA GLU D 44 -31.37 -32.45 5.88
C GLU D 44 -29.93 -32.43 6.35
N ASP D 45 -29.34 -31.25 6.46
CA ASP D 45 -27.95 -31.09 6.92
C ASP D 45 -27.70 -29.60 7.15
N TYR D 46 -26.48 -29.28 7.54
CA TYR D 46 -26.15 -27.93 7.98
C TYR D 46 -26.34 -26.88 6.90
N ARG D 47 -26.37 -27.29 5.63
CA ARG D 47 -26.53 -26.33 4.55
C ARG D 47 -27.96 -25.80 4.40
N ASP D 48 -28.93 -26.33 5.17
CA ASP D 48 -30.27 -25.76 5.13
C ASP D 48 -30.28 -24.31 5.61
N TRP D 49 -29.29 -23.93 6.40
CA TRP D 49 -29.20 -22.56 6.86
C TRP D 49 -28.93 -21.59 5.71
N SER D 50 -28.56 -22.06 4.52
CA SER D 50 -28.51 -21.12 3.42
C SER D 50 -29.87 -20.46 3.17
N LYS D 51 -30.97 -21.09 3.59
CA LYS D 51 -32.30 -20.55 3.31
C LYS D 51 -32.64 -19.39 4.22
N ASN D 52 -31.92 -19.21 5.32
CA ASN D 52 -32.16 -18.00 6.11
C ASN D 52 -31.39 -16.84 5.49
N GLN D 53 -32.05 -15.69 5.39
CA GLN D 53 -31.51 -14.61 4.56
C GLN D 53 -30.16 -14.09 5.05
N TYR D 54 -29.90 -14.18 6.37
CA TYR D 54 -28.65 -13.63 6.87
C TYR D 54 -27.50 -14.62 6.73
N HIS D 55 -27.82 -15.90 6.57
CA HIS D 55 -26.83 -16.94 6.38
C HIS D 55 -26.60 -17.27 4.90
N ASP D 56 -27.51 -16.87 4.00
CA ASP D 56 -27.24 -16.93 2.58
C ASP D 56 -25.80 -16.52 2.30
N CYS D 57 -25.12 -17.28 1.43
CA CYS D 57 -23.72 -16.97 1.19
C CYS D 57 -23.55 -15.68 0.39
N SER D 58 -24.53 -15.26 -0.42
CA SER D 58 -24.37 -13.94 -1.05
C SER D 58 -24.52 -12.78 -0.05
N ALA D 59 -24.98 -13.07 1.17
CA ALA D 59 -25.49 -12.02 2.03
C ALA D 59 -24.33 -11.21 2.60
N PRO D 60 -24.57 -9.97 3.06
CA PRO D 60 -23.41 -9.13 3.41
C PRO D 60 -22.78 -9.48 4.74
N GLY D 61 -23.54 -9.90 5.74
CA GLY D 61 -23.03 -9.89 7.09
C GLY D 61 -22.00 -10.95 7.37
N PRO D 62 -21.55 -11.02 8.62
CA PRO D 62 -20.59 -12.08 9.01
C PRO D 62 -21.23 -13.42 9.16
N LEU D 63 -22.55 -13.46 9.37
CA LEU D 63 -23.24 -14.74 9.51
C LEU D 63 -23.29 -15.46 8.19
N ALA D 64 -23.17 -14.70 7.08
CA ALA D 64 -23.41 -15.26 5.76
C ALA D 64 -22.52 -16.47 5.52
N CYS D 65 -23.09 -17.52 4.92
CA CYS D 65 -22.41 -18.79 4.61
C CYS D 65 -21.94 -19.51 5.88
N GLY D 66 -22.66 -19.30 6.97
CA GLY D 66 -22.34 -19.88 8.25
C GLY D 66 -23.56 -20.37 9.00
N VAL D 67 -23.33 -21.24 9.96
CA VAL D 67 -24.42 -21.79 10.75
C VAL D 67 -24.38 -21.31 12.17
N PRO D 68 -25.53 -21.27 12.81
CA PRO D 68 -25.69 -20.83 14.19
C PRO D 68 -24.83 -21.61 15.12
N TYR D 69 -24.28 -20.94 16.10
CA TYR D 69 -23.41 -21.60 17.05
C TYR D 69 -24.09 -22.77 17.77
N THR D 70 -25.40 -22.94 17.68
CA THR D 70 -25.92 -24.12 18.37
C THR D 70 -25.62 -25.39 17.58
N CYS D 71 -25.07 -25.25 16.37
CA CYS D 71 -24.58 -26.40 15.59
C CYS D 71 -23.16 -26.81 15.97
N CYS D 72 -22.50 -26.07 16.85
CA CYS D 72 -21.07 -26.27 17.08
C CYS D 72 -20.77 -27.47 17.98
N ILE D 73 -19.63 -28.11 17.71
CA ILE D 73 -19.15 -29.20 18.56
C ILE D 73 -18.65 -28.60 19.87
N ARG D 74 -19.06 -29.21 20.98
CA ARG D 74 -18.71 -28.70 22.29
C ARG D 74 -17.86 -29.68 23.09
N ASP D 75 -17.76 -30.92 22.62
CA ASP D 75 -17.02 -32.01 23.27
C ASP D 75 -15.53 -31.90 22.98
N THR D 76 -14.94 -30.75 23.28
CA THR D 76 -13.53 -30.55 23.04
C THR D 76 -12.91 -29.85 24.23
N THR D 77 -11.58 -29.89 24.27
CA THR D 77 -10.84 -29.17 25.30
C THR D 77 -10.76 -27.67 25.02
N GLU D 78 -10.83 -27.27 23.74
CA GLU D 78 -10.68 -25.86 23.38
C GLU D 78 -11.95 -25.07 23.70
N VAL D 79 -11.79 -23.76 23.91
CA VAL D 79 -12.93 -22.89 24.13
C VAL D 79 -13.64 -22.66 22.79
N VAL D 80 -14.94 -22.42 22.86
CA VAL D 80 -15.79 -22.23 21.68
C VAL D 80 -16.50 -20.89 21.83
N ASN D 81 -16.54 -20.11 20.76
CA ASN D 81 -17.21 -18.81 20.79
C ASN D 81 -18.37 -18.79 19.81
N THR D 82 -19.11 -17.66 19.78
CA THR D 82 -20.27 -17.59 18.90
C THR D 82 -19.91 -17.49 17.50
N MET D 83 -18.66 -17.60 17.07
CA MET D 83 -18.34 -17.53 15.65
C MET D 83 -17.88 -18.87 15.14
N CYS D 84 -18.02 -19.91 15.97
CA CYS D 84 -17.48 -21.23 15.68
C CYS D 84 -18.10 -21.83 14.44
N GLY D 85 -19.26 -21.34 14.01
CA GLY D 85 -19.80 -21.91 12.79
C GLY D 85 -19.76 -21.00 11.58
N TYR D 86 -18.92 -19.97 11.58
CA TYR D 86 -18.80 -19.07 10.43
C TYR D 86 -18.17 -19.81 9.25
N LYS D 87 -18.57 -19.43 8.03
CA LYS D 87 -17.77 -19.78 6.85
C LYS D 87 -17.70 -21.30 6.68
N THR D 88 -18.84 -21.98 6.93
CA THR D 88 -18.91 -23.45 6.84
C THR D 88 -19.86 -24.01 5.80
N ILE D 89 -20.86 -23.25 5.33
CA ILE D 89 -21.90 -23.84 4.46
C ILE D 89 -21.32 -24.34 3.13
N ASP D 90 -20.47 -23.55 2.48
CA ASP D 90 -19.94 -23.93 1.17
C ASP D 90 -18.69 -24.79 1.24
N LYS D 91 -18.38 -25.36 2.39
CA LYS D 91 -17.22 -26.22 2.53
C LYS D 91 -17.66 -27.67 2.58
N GLU D 92 -16.71 -28.56 2.33
CA GLU D 92 -17.00 -29.99 2.33
C GLU D 92 -17.21 -30.48 3.75
N ARG D 93 -17.97 -31.57 3.86
CA ARG D 93 -18.32 -32.16 5.14
C ARG D 93 -17.09 -32.50 5.97
N PHE D 94 -16.10 -33.16 5.34
CA PHE D 94 -14.93 -33.62 6.08
C PHE D 94 -14.11 -32.45 6.61
N SER D 95 -14.23 -31.27 6.01
CA SER D 95 -13.43 -30.13 6.46
C SER D 95 -14.06 -29.46 7.68
N VAL D 96 -15.38 -29.54 7.82
CA VAL D 96 -16.06 -28.93 8.96
C VAL D 96 -16.45 -29.93 10.05
N GLN D 97 -16.57 -31.24 9.73
CA GLN D 97 -17.04 -32.25 10.68
C GLN D 97 -16.36 -32.18 12.05
N ASP D 98 -15.15 -31.64 12.12
CA ASP D 98 -14.49 -31.45 13.40
C ASP D 98 -14.83 -30.10 14.03
N VAL D 99 -15.69 -29.32 13.40
CA VAL D 99 -16.06 -28.00 13.88
C VAL D 99 -17.53 -27.93 14.27
N ILE D 100 -18.40 -28.39 13.38
CA ILE D 100 -19.83 -28.33 13.62
C ILE D 100 -20.38 -29.73 13.42
N TYR D 101 -21.58 -29.94 13.97
CA TYR D 101 -22.37 -31.09 13.56
C TYR D 101 -22.82 -30.87 12.14
N VAL D 102 -22.78 -31.90 11.31
CA VAL D 102 -23.18 -31.75 9.92
C VAL D 102 -24.46 -32.49 9.59
N ARG D 103 -24.74 -33.63 10.23
CA ARG D 103 -25.94 -34.39 9.94
C ARG D 103 -27.19 -33.59 10.32
N GLY D 104 -28.27 -33.79 9.57
CA GLY D 104 -29.48 -33.04 9.79
C GLY D 104 -30.24 -33.49 11.03
N CYS D 105 -31.16 -32.63 11.49
CA CYS D 105 -31.86 -32.98 12.71
C CYS D 105 -33.07 -33.85 12.45
N THR D 106 -33.57 -33.90 11.23
CA THR D 106 -34.76 -34.71 10.97
C THR D 106 -34.45 -36.20 11.15
N ASN D 107 -33.37 -36.68 10.56
CA ASN D 107 -33.02 -38.08 10.77
C ASN D 107 -32.67 -38.34 12.22
N ALA D 108 -31.81 -37.50 12.79
CA ALA D 108 -31.34 -37.73 14.16
C ALA D 108 -32.51 -37.94 15.10
N VAL D 109 -33.61 -37.23 14.88
CA VAL D 109 -34.75 -37.31 15.79
C VAL D 109 -35.55 -38.60 15.56
N ILE D 110 -35.69 -39.02 14.31
CA ILE D 110 -36.42 -40.24 14.05
C ILE D 110 -35.71 -41.44 14.64
N ILE D 111 -34.38 -41.50 14.50
CA ILE D 111 -33.73 -42.69 15.02
C ILE D 111 -33.74 -42.69 16.54
N TRP D 112 -33.71 -41.50 17.16
CA TRP D 112 -33.86 -41.46 18.60
C TRP D 112 -35.25 -41.93 19.04
N PHE D 113 -36.28 -41.51 18.29
CA PHE D 113 -37.67 -41.88 18.61
C PHE D 113 -37.91 -43.38 18.46
N MET D 114 -37.32 -43.98 17.43
CA MET D 114 -37.40 -45.42 17.26
C MET D 114 -36.69 -46.16 18.40
N ASP D 115 -35.49 -45.70 18.76
CA ASP D 115 -34.69 -46.41 19.75
C ASP D 115 -35.23 -46.20 21.16
N ASN D 116 -36.16 -45.27 21.36
CA ASN D 116 -36.82 -45.04 22.64
C ASN D 116 -38.32 -45.29 22.53
N LEU D 117 -38.73 -46.08 21.55
CA LEU D 117 -40.16 -46.27 21.31
C LEU D 117 -40.87 -46.80 22.54
N GLU D 118 -40.28 -47.78 23.23
CA GLU D 118 -41.01 -48.41 24.32
C GLU D 118 -41.08 -47.50 25.54
N VAL D 119 -39.98 -46.82 25.87
CA VAL D 119 -39.97 -46.02 27.09
C VAL D 119 -40.89 -44.82 26.92
N LEU D 120 -40.98 -44.29 25.68
CA LEU D 120 -41.74 -43.08 25.42
C LEU D 120 -43.24 -43.31 25.57
N PHE D 121 -43.77 -44.32 24.90
CA PHE D 121 -45.21 -44.53 24.84
C PHE D 121 -45.85 -44.70 26.23
N THR E 1 -47.58 -10.03 5.45
CA THR E 1 -48.61 -9.05 5.75
C THR E 1 -49.41 -8.84 4.48
N PHE E 2 -49.83 -9.97 3.89
CA PHE E 2 -50.49 -9.97 2.59
C PHE E 2 -49.68 -9.18 1.56
N ARG E 3 -50.21 -8.02 1.20
CA ARG E 3 -49.59 -7.20 0.17
C ARG E 3 -48.26 -6.61 0.63
N GLN E 4 -48.15 -6.06 1.85
CA GLN E 4 -46.82 -5.55 2.23
C GLN E 4 -45.73 -6.60 2.14
N GLN E 5 -45.96 -7.81 2.66
CA GLN E 5 -44.88 -8.78 2.73
C GLN E 5 -44.14 -8.89 1.41
N THR E 6 -44.90 -8.97 0.31
CA THR E 6 -44.30 -9.17 -0.99
C THR E 6 -43.64 -7.88 -1.48
N ILE E 7 -44.39 -6.77 -1.41
CA ILE E 7 -43.90 -5.47 -1.82
C ILE E 7 -42.58 -5.15 -1.14
N ASP E 8 -42.54 -5.30 0.19
CA ASP E 8 -41.30 -5.00 0.91
C ASP E 8 -40.16 -5.86 0.41
N PHE E 9 -40.40 -7.15 0.18
CA PHE E 9 -39.38 -8.01 -0.39
C PHE E 9 -39.02 -7.58 -1.82
N LEU E 10 -40.02 -7.29 -2.65
CA LEU E 10 -39.73 -6.86 -4.02
C LEU E 10 -38.92 -5.56 -4.02
N ASN E 11 -39.38 -4.55 -3.28
CA ASN E 11 -38.65 -3.30 -3.21
C ASN E 11 -37.23 -3.54 -2.73
N ASP E 12 -37.05 -4.50 -1.84
CA ASP E 12 -35.71 -4.83 -1.40
C ASP E 12 -34.90 -5.65 -2.44
N ASN E 13 -35.52 -6.35 -3.40
CA ASN E 13 -34.65 -6.87 -4.47
C ASN E 13 -34.17 -5.72 -5.36
N ILE E 14 -35.06 -4.78 -5.69
CA ILE E 14 -34.62 -3.72 -6.59
C ILE E 14 -33.76 -2.69 -5.87
N ARG E 15 -33.85 -2.59 -4.55
CA ARG E 15 -32.83 -1.82 -3.84
C ARG E 15 -31.46 -2.50 -3.99
N ARG E 16 -31.39 -3.83 -3.88
CA ARG E 16 -30.11 -4.51 -4.07
C ARG E 16 -29.59 -4.26 -5.47
N GLY E 17 -30.49 -4.21 -6.46
CA GLY E 17 -30.09 -3.95 -7.82
C GLY E 17 -29.62 -2.52 -8.06
N ILE E 18 -30.28 -1.52 -7.45
CA ILE E 18 -29.86 -0.13 -7.62
C ILE E 18 -28.40 0.05 -7.19
N GLU E 19 -27.97 -0.65 -6.14
CA GLU E 19 -26.55 -0.67 -5.81
C GLU E 19 -25.70 -1.22 -6.96
N ASN E 20 -26.24 -2.15 -7.73
CA ASN E 20 -25.49 -2.77 -8.82
C ASN E 20 -25.81 -2.15 -10.18
N TYR E 21 -26.55 -1.05 -10.18
CA TYR E 21 -27.01 -0.45 -11.42
C TYR E 21 -25.87 -0.30 -12.44
N TYR E 22 -24.71 0.21 -12.01
CA TYR E 22 -23.58 0.40 -12.91
C TYR E 22 -22.67 -0.83 -13.01
N ASP E 23 -22.88 -1.85 -12.18
CA ASP E 23 -22.01 -3.02 -12.19
C ASP E 23 -22.54 -4.12 -13.09
N ASP E 24 -23.78 -4.01 -13.59
CA ASP E 24 -24.38 -5.11 -14.33
C ASP E 24 -25.35 -4.58 -15.35
N LEU E 25 -24.99 -4.71 -16.62
CA LEU E 25 -25.82 -4.16 -17.68
C LEU E 25 -27.20 -4.80 -17.75
N ASP E 26 -27.32 -6.06 -17.31
CA ASP E 26 -28.63 -6.70 -17.35
C ASP E 26 -29.62 -5.97 -16.45
N PHE E 27 -29.30 -5.85 -15.17
CA PHE E 27 -30.17 -5.09 -14.30
C PHE E 27 -30.38 -3.66 -14.79
N LYS E 28 -29.30 -3.00 -15.26
CA LYS E 28 -29.45 -1.63 -15.74
C LYS E 28 -30.47 -1.53 -16.86
N ASN E 29 -30.35 -2.41 -17.86
CA ASN E 29 -31.28 -2.42 -18.97
C ASN E 29 -32.72 -2.54 -18.48
N ILE E 30 -32.94 -3.38 -17.46
CA ILE E 30 -34.30 -3.62 -16.96
C ILE E 30 -34.82 -2.42 -16.17
N MET E 31 -34.05 -1.92 -15.19
CA MET E 31 -34.44 -0.67 -14.54
C MET E 31 -34.70 0.42 -15.56
N ASP E 32 -33.78 0.60 -16.50
CA ASP E 32 -33.97 1.70 -17.43
C ASP E 32 -35.22 1.48 -18.28
N PHE E 33 -35.47 0.24 -18.69
CA PHE E 33 -36.67 -0.04 -19.49
C PHE E 33 -37.94 0.23 -18.69
N VAL E 34 -38.02 -0.33 -17.46
CA VAL E 34 -39.20 -0.15 -16.62
C VAL E 34 -39.45 1.33 -16.35
N GLN E 35 -38.43 2.05 -15.88
CA GLN E 35 -38.63 3.44 -15.51
C GLN E 35 -39.19 4.24 -16.68
N LYS E 36 -38.72 3.95 -17.89
CA LYS E 36 -39.18 4.71 -19.03
C LYS E 36 -40.60 4.32 -19.43
N LYS E 37 -40.90 3.01 -19.44
CA LYS E 37 -42.18 2.54 -19.96
C LYS E 37 -43.32 2.79 -18.98
N PHE E 38 -43.09 2.59 -17.68
CA PHE E 38 -44.16 2.75 -16.69
C PHE E 38 -44.09 4.08 -15.95
N LYS E 39 -43.24 5.00 -16.40
CA LYS E 39 -43.18 6.39 -15.91
C LYS E 39 -43.14 6.44 -14.38
N CYS E 40 -42.06 5.89 -13.85
CA CYS E 40 -41.85 5.70 -12.42
C CYS E 40 -40.35 5.81 -12.18
N CYS E 41 -39.96 5.93 -10.92
CA CYS E 41 -38.55 6.07 -10.60
C CYS E 41 -38.23 5.26 -9.35
N GLY E 42 -37.24 4.37 -9.43
CA GLY E 42 -36.90 3.61 -8.23
C GLY E 42 -37.98 2.59 -7.87
N GLY E 43 -37.94 2.16 -6.60
CA GLY E 43 -38.86 1.11 -6.13
C GLY E 43 -40.05 1.60 -5.33
N GLU E 44 -39.82 2.02 -4.08
CA GLU E 44 -40.86 2.72 -3.33
C GLU E 44 -41.19 4.08 -3.97
N ASP E 45 -40.16 4.79 -4.42
CA ASP E 45 -40.28 6.08 -5.09
C ASP E 45 -38.85 6.54 -5.43
N TYR E 46 -38.71 7.78 -5.87
CA TYR E 46 -37.46 8.17 -6.52
C TYR E 46 -36.30 8.30 -5.54
N ARG E 47 -36.57 8.39 -4.24
CA ARG E 47 -35.42 8.51 -3.37
C ARG E 47 -34.73 7.18 -3.10
N ASP E 48 -35.14 6.10 -3.78
CA ASP E 48 -34.40 4.85 -3.65
C ASP E 48 -33.00 4.92 -4.23
N TRP E 49 -32.75 5.87 -5.15
CA TRP E 49 -31.46 5.92 -5.83
C TRP E 49 -30.35 6.34 -4.89
N SER E 50 -30.68 6.94 -3.76
CA SER E 50 -29.65 7.26 -2.78
C SER E 50 -28.94 6.01 -2.27
N LYS E 51 -29.45 4.82 -2.57
CA LYS E 51 -28.76 3.58 -2.23
C LYS E 51 -27.62 3.24 -3.17
N ASN E 52 -27.39 4.02 -4.23
CA ASN E 52 -26.30 3.76 -5.14
C ASN E 52 -25.16 4.67 -4.76
N GLN E 53 -23.95 4.14 -4.67
CA GLN E 53 -22.90 4.95 -4.09
C GLN E 53 -22.66 6.25 -4.88
N TYR E 54 -22.93 6.28 -6.18
CA TYR E 54 -22.65 7.53 -6.89
C TYR E 54 -23.78 8.53 -6.75
N HIS E 55 -24.98 8.08 -6.34
CA HIS E 55 -26.16 8.93 -6.24
C HIS E 55 -26.49 9.35 -4.81
N ASP E 56 -25.95 8.65 -3.82
CA ASP E 56 -25.99 9.11 -2.43
C ASP E 56 -25.69 10.61 -2.36
N CYS E 57 -26.53 11.34 -1.61
CA CYS E 57 -26.45 12.81 -1.61
C CYS E 57 -25.17 13.36 -1.01
N SER E 58 -24.34 12.54 -0.36
CA SER E 58 -23.04 13.02 0.11
C SER E 58 -21.88 12.55 -0.75
N ALA E 59 -22.15 11.93 -1.90
CA ALA E 59 -21.05 11.49 -2.76
C ALA E 59 -20.46 12.68 -3.50
N PRO E 60 -19.21 12.54 -4.00
CA PRO E 60 -18.52 13.70 -4.62
C PRO E 60 -19.07 14.10 -5.98
N GLY E 61 -19.18 13.18 -6.93
CA GLY E 61 -19.33 13.54 -8.32
C GLY E 61 -20.70 14.13 -8.65
N PRO E 62 -20.90 14.44 -9.92
CA PRO E 62 -22.09 15.21 -10.32
C PRO E 62 -23.40 14.50 -10.16
N LEU E 63 -23.42 13.16 -10.11
CA LEU E 63 -24.68 12.43 -9.90
C LEU E 63 -25.13 12.43 -8.45
N ALA E 64 -24.38 13.09 -7.57
CA ALA E 64 -24.75 13.09 -6.17
C ALA E 64 -26.16 13.64 -6.02
N CYS E 65 -26.98 13.01 -5.19
CA CYS E 65 -28.36 13.46 -4.87
C CYS E 65 -29.24 13.57 -6.11
N GLY E 66 -29.02 12.70 -7.07
CA GLY E 66 -29.75 12.73 -8.32
C GLY E 66 -30.23 11.40 -8.82
N VAL E 67 -31.05 11.40 -9.85
CA VAL E 67 -31.55 10.17 -10.42
C VAL E 67 -31.12 10.00 -11.87
N PRO E 68 -31.19 8.78 -12.37
CA PRO E 68 -30.86 8.38 -13.72
C PRO E 68 -31.78 9.06 -14.69
N TYR E 69 -31.33 9.35 -15.88
CA TYR E 69 -32.18 10.14 -16.77
C TYR E 69 -33.40 9.37 -17.28
N THR E 70 -33.48 8.05 -17.07
CA THR E 70 -34.68 7.29 -17.43
C THR E 70 -35.88 7.66 -16.56
N CYS E 71 -35.67 8.28 -15.39
CA CYS E 71 -36.76 8.77 -14.56
C CYS E 71 -37.36 10.09 -15.05
N CYS E 72 -36.83 10.70 -16.11
CA CYS E 72 -37.22 12.05 -16.48
C CYS E 72 -38.47 12.08 -17.35
N ILE E 73 -39.22 13.17 -17.25
CA ILE E 73 -40.39 13.32 -18.08
C ILE E 73 -39.97 13.60 -19.51
N ARG E 74 -40.54 12.88 -20.46
CA ARG E 74 -40.15 12.99 -21.85
C ARG E 74 -41.24 13.61 -22.71
N ASP E 75 -42.38 13.93 -22.10
CA ASP E 75 -43.59 14.43 -22.77
C ASP E 75 -43.64 15.95 -22.75
N THR E 76 -42.58 16.62 -23.19
CA THR E 76 -42.58 18.08 -23.26
C THR E 76 -42.05 18.56 -24.60
N THR E 77 -42.20 19.87 -24.82
CA THR E 77 -41.72 20.48 -26.05
C THR E 77 -40.25 20.85 -25.96
N GLU E 78 -39.76 21.20 -24.77
CA GLU E 78 -38.33 21.42 -24.56
C GLU E 78 -37.56 20.10 -24.76
N VAL E 79 -36.25 20.22 -25.08
CA VAL E 79 -35.35 19.08 -25.15
C VAL E 79 -35.00 18.58 -23.74
N VAL E 80 -34.46 17.37 -23.67
CA VAL E 80 -34.06 16.78 -22.40
C VAL E 80 -32.67 16.18 -22.58
N ASN E 81 -31.78 16.45 -21.63
CA ASN E 81 -30.42 15.95 -21.68
C ASN E 81 -30.18 15.01 -20.50
N THR E 82 -28.94 14.51 -20.38
CA THR E 82 -28.69 13.45 -19.41
C THR E 82 -28.56 13.96 -17.99
N MET E 83 -28.74 15.28 -17.80
CA MET E 83 -28.64 15.94 -16.50
C MET E 83 -30.02 16.22 -15.92
N CYS E 84 -31.08 15.76 -16.58
CA CYS E 84 -32.42 16.19 -16.25
C CYS E 84 -32.89 15.73 -14.87
N GLY E 85 -32.24 14.73 -14.28
CA GLY E 85 -32.63 14.26 -12.97
C GLY E 85 -31.71 14.68 -11.87
N TYR E 86 -30.77 15.60 -12.16
CA TYR E 86 -29.81 16.08 -11.16
C TYR E 86 -30.52 16.84 -10.05
N LYS E 87 -29.98 16.72 -8.84
CA LYS E 87 -30.45 17.47 -7.66
C LYS E 87 -31.94 17.33 -7.42
N THR E 88 -32.43 16.08 -7.33
CA THR E 88 -33.86 15.90 -7.08
C THR E 88 -34.20 15.10 -5.82
N ILE E 89 -33.27 14.29 -5.27
CA ILE E 89 -33.63 13.36 -4.20
C ILE E 89 -34.01 14.09 -2.93
N ASP E 90 -33.20 15.02 -2.43
CA ASP E 90 -33.52 15.59 -1.12
C ASP E 90 -34.45 16.79 -1.27
N LYS E 91 -35.39 16.67 -2.18
CA LYS E 91 -36.37 17.70 -2.46
C LYS E 91 -37.77 17.14 -2.28
N GLU E 92 -38.69 18.04 -1.98
CA GLU E 92 -40.09 17.67 -1.91
C GLU E 92 -40.61 17.25 -3.29
N ARG E 93 -41.50 16.25 -3.29
CA ARG E 93 -42.14 15.79 -4.52
C ARG E 93 -42.63 16.97 -5.36
N PHE E 94 -43.47 17.81 -4.77
CA PHE E 94 -44.06 18.91 -5.50
C PHE E 94 -43.03 19.74 -6.24
N SER E 95 -41.80 19.78 -5.77
CA SER E 95 -40.79 20.61 -6.39
C SER E 95 -40.08 19.92 -7.54
N VAL E 96 -40.31 18.62 -7.73
CA VAL E 96 -39.66 17.88 -8.81
C VAL E 96 -40.65 17.11 -9.68
N GLN E 97 -41.93 17.03 -9.31
CA GLN E 97 -42.96 16.33 -10.09
C GLN E 97 -43.09 16.83 -11.52
N ASP E 98 -42.57 18.01 -11.83
CA ASP E 98 -42.60 18.54 -13.18
C ASP E 98 -41.37 18.15 -14.00
N VAL E 99 -40.36 17.53 -13.40
CA VAL E 99 -39.13 17.20 -14.10
C VAL E 99 -38.83 15.69 -14.12
N ILE E 100 -39.11 14.98 -13.03
CA ILE E 100 -38.95 13.53 -13.02
C ILE E 100 -40.27 12.89 -12.63
N TYR E 101 -40.49 11.66 -13.11
CA TYR E 101 -41.48 10.82 -12.48
C TYR E 101 -41.07 10.59 -11.03
N VAL E 102 -42.05 10.62 -10.11
CA VAL E 102 -41.74 10.49 -8.69
C VAL E 102 -42.22 9.16 -8.13
N ARG E 103 -43.40 8.68 -8.54
CA ARG E 103 -43.95 7.44 -7.99
C ARG E 103 -43.05 6.23 -8.27
N GLY E 104 -42.98 5.32 -7.31
CA GLY E 104 -42.15 4.14 -7.46
C GLY E 104 -42.65 3.19 -8.53
N CYS E 105 -41.76 2.31 -8.97
CA CYS E 105 -42.09 1.38 -10.05
C CYS E 105 -42.79 0.11 -9.58
N THR E 106 -42.49 -0.38 -8.37
CA THR E 106 -43.17 -1.57 -7.87
C THR E 106 -44.67 -1.41 -7.96
N ASN E 107 -45.18 -0.27 -7.54
CA ASN E 107 -46.62 -0.10 -7.56
C ASN E 107 -47.12 0.21 -8.96
N ALA E 108 -46.30 0.82 -9.80
CA ALA E 108 -46.79 1.18 -11.12
C ALA E 108 -46.97 -0.04 -11.97
N VAL E 109 -46.01 -0.96 -11.89
CA VAL E 109 -46.07 -2.23 -12.60
C VAL E 109 -47.23 -3.10 -12.09
N ILE E 110 -47.50 -3.09 -10.78
CA ILE E 110 -48.59 -3.90 -10.25
C ILE E 110 -49.91 -3.44 -10.83
N ILE E 111 -50.15 -2.11 -10.86
CA ILE E 111 -51.47 -1.69 -11.33
C ILE E 111 -51.58 -1.91 -12.82
N TRP E 112 -50.46 -2.07 -13.51
CA TRP E 112 -50.55 -2.31 -14.93
C TRP E 112 -51.00 -3.73 -15.13
N PHE E 113 -50.43 -4.63 -14.37
CA PHE E 113 -50.76 -6.01 -14.51
C PHE E 113 -52.21 -6.25 -14.20
N MET E 114 -52.70 -5.66 -13.14
CA MET E 114 -54.08 -5.86 -12.78
C MET E 114 -55.00 -5.35 -13.84
N ASP E 115 -54.70 -4.19 -14.38
CA ASP E 115 -55.53 -3.63 -15.42
C ASP E 115 -55.52 -4.47 -16.68
N ASN E 116 -54.38 -5.08 -17.00
CA ASN E 116 -54.27 -5.90 -18.18
C ASN E 116 -54.35 -7.36 -17.90
N LEU E 117 -54.83 -7.70 -16.72
CA LEU E 117 -54.87 -9.09 -16.33
C LEU E 117 -55.71 -9.94 -17.26
N GLU E 118 -56.85 -9.42 -17.68
CA GLU E 118 -57.73 -10.21 -18.50
C GLU E 118 -57.10 -10.63 -19.79
N VAL E 119 -56.39 -9.73 -20.43
CA VAL E 119 -55.71 -10.08 -21.66
C VAL E 119 -54.33 -10.67 -21.39
N LEU E 120 -53.89 -10.61 -20.15
CA LEU E 120 -52.56 -11.09 -19.85
C LEU E 120 -52.37 -12.55 -20.16
N PHE E 121 -53.36 -13.40 -19.93
CA PHE E 121 -53.15 -14.81 -20.26
C PHE E 121 -52.98 -14.80 -21.76
N GLN E 122 -51.86 -15.37 -22.20
CA GLN E 122 -51.48 -15.36 -23.61
C GLN E 122 -52.57 -15.71 -24.61
N THR F 1 -8.82 -16.51 34.89
CA THR F 1 -9.47 -15.66 33.93
C THR F 1 -10.50 -16.49 33.26
N PHE F 2 -11.76 -16.30 33.65
CA PHE F 2 -12.90 -17.03 33.11
C PHE F 2 -12.76 -18.51 33.34
N ARG F 3 -12.71 -19.25 32.25
CA ARG F 3 -12.61 -20.69 32.30
C ARG F 3 -11.38 -21.17 33.06
N GLN F 4 -10.25 -20.52 32.87
CA GLN F 4 -9.02 -20.97 33.48
C GLN F 4 -9.04 -21.08 34.99
N GLN F 5 -9.72 -20.18 35.65
CA GLN F 5 -9.78 -20.24 37.08
C GLN F 5 -10.48 -21.52 37.50
N THR F 6 -11.52 -21.92 36.80
CA THR F 6 -12.20 -23.15 37.16
C THR F 6 -11.40 -24.39 36.79
N ILE F 7 -10.81 -24.42 35.59
CA ILE F 7 -9.93 -25.52 35.22
C ILE F 7 -8.87 -25.74 36.29
N ASP F 8 -8.19 -24.67 36.70
CA ASP F 8 -7.09 -24.81 37.66
C ASP F 8 -7.60 -25.21 39.04
N PHE F 9 -8.83 -24.80 39.39
CA PHE F 9 -9.42 -25.22 40.66
C PHE F 9 -9.61 -26.74 40.69
N LEU F 10 -10.16 -27.31 39.62
CA LEU F 10 -10.36 -28.76 39.60
C LEU F 10 -9.04 -29.52 39.58
N ASN F 11 -8.09 -29.07 38.75
CA ASN F 11 -6.78 -29.73 38.66
C ASN F 11 -6.01 -29.67 39.97
N ASP F 12 -6.03 -28.53 40.65
CA ASP F 12 -5.43 -28.43 41.97
C ASP F 12 -6.03 -29.48 42.89
N ASN F 13 -7.35 -29.53 42.96
CA ASN F 13 -8.02 -30.38 43.93
C ASN F 13 -7.82 -31.85 43.61
N ILE F 14 -7.82 -32.24 42.34
CA ILE F 14 -7.62 -33.67 42.22
C ILE F 14 -6.13 -33.97 42.32
N ARG F 15 -5.26 -33.04 41.95
CA ARG F 15 -3.85 -33.26 42.24
C ARG F 15 -3.68 -33.62 43.70
N ARG F 16 -4.35 -32.87 44.59
CA ARG F 16 -4.31 -33.18 46.01
C ARG F 16 -5.04 -34.50 46.33
N GLY F 17 -6.10 -34.81 45.59
CA GLY F 17 -6.75 -36.09 45.77
C GLY F 17 -5.88 -37.25 45.33
N ILE F 18 -5.23 -37.11 44.17
CA ILE F 18 -4.28 -38.14 43.72
C ILE F 18 -3.21 -38.39 44.77
N GLU F 19 -2.60 -37.34 45.30
CA GLU F 19 -1.53 -37.54 46.28
C GLU F 19 -2.02 -38.32 47.48
N ASN F 20 -3.31 -38.21 47.82
CA ASN F 20 -3.87 -38.85 49.02
C ASN F 20 -4.76 -40.04 48.69
N TYR F 21 -4.57 -40.62 47.50
CA TYR F 21 -5.44 -41.69 47.03
C TYR F 21 -5.48 -42.85 48.01
N TYR F 22 -4.33 -43.43 48.33
CA TYR F 22 -4.27 -44.54 49.26
C TYR F 22 -4.45 -44.16 50.73
N ASP F 23 -4.38 -42.88 51.05
CA ASP F 23 -4.39 -42.41 52.44
C ASP F 23 -5.78 -42.13 52.97
N ASP F 24 -6.77 -42.01 52.09
CA ASP F 24 -8.08 -41.52 52.50
C ASP F 24 -9.14 -42.05 51.54
N LEU F 25 -9.91 -43.05 52.00
CA LEU F 25 -10.89 -43.72 51.16
C LEU F 25 -11.98 -42.77 50.64
N ASP F 26 -12.13 -41.59 51.25
CA ASP F 26 -13.07 -40.60 50.71
C ASP F 26 -12.61 -40.06 49.36
N PHE F 27 -11.37 -39.56 49.27
CA PHE F 27 -10.84 -39.17 47.98
C PHE F 27 -10.87 -40.35 47.04
N LYS F 28 -10.37 -41.50 47.53
CA LYS F 28 -10.22 -42.67 46.69
C LYS F 28 -11.53 -43.01 46.02
N ASN F 29 -12.62 -43.04 46.79
CA ASN F 29 -13.93 -43.32 46.21
C ASN F 29 -14.32 -42.28 45.18
N ILE F 30 -14.12 -41.00 45.51
CA ILE F 30 -14.50 -39.96 44.57
C ILE F 30 -13.74 -40.13 43.27
N MET F 31 -12.39 -40.28 43.35
CA MET F 31 -11.60 -40.37 42.13
C MET F 31 -12.01 -41.58 41.33
N ASP F 32 -12.15 -42.72 41.99
CA ASP F 32 -12.49 -43.94 41.28
C ASP F 32 -13.86 -43.85 40.62
N PHE F 33 -14.81 -43.16 41.28
CA PHE F 33 -16.14 -42.98 40.68
C PHE F 33 -16.07 -42.13 39.40
N VAL F 34 -15.52 -40.91 39.51
CA VAL F 34 -15.41 -39.99 38.38
C VAL F 34 -14.73 -40.65 37.21
N GLN F 35 -13.55 -41.23 37.44
CA GLN F 35 -12.81 -41.83 36.34
C GLN F 35 -13.67 -42.88 35.66
N LYS F 36 -14.40 -43.66 36.44
CA LYS F 36 -15.21 -44.72 35.86
C LYS F 36 -16.37 -44.15 35.08
N LYS F 37 -17.18 -43.29 35.70
CA LYS F 37 -18.40 -42.91 35.01
C LYS F 37 -18.10 -41.97 33.84
N PHE F 38 -17.09 -41.10 33.94
CA PHE F 38 -16.81 -40.11 32.90
C PHE F 38 -15.69 -40.53 31.94
N LYS F 39 -15.19 -41.77 32.05
CA LYS F 39 -14.29 -42.33 31.05
C LYS F 39 -13.08 -41.42 30.85
N CYS F 40 -12.38 -41.16 31.94
CA CYS F 40 -11.28 -40.23 31.94
C CYS F 40 -10.29 -40.70 33.00
N CYS F 41 -9.17 -40.00 33.06
CA CYS F 41 -8.11 -40.37 33.99
C CYS F 41 -7.37 -39.10 34.41
N GLY F 42 -7.09 -38.96 35.70
CA GLY F 42 -6.35 -37.78 36.10
C GLY F 42 -7.09 -36.46 35.90
N GLY F 43 -6.32 -35.38 35.99
CA GLY F 43 -6.88 -34.02 35.89
C GLY F 43 -6.72 -33.35 34.56
N GLU F 44 -5.50 -32.94 34.25
CA GLU F 44 -5.20 -32.59 32.88
C GLU F 44 -5.23 -33.85 32.01
N ASP F 45 -4.32 -34.79 32.25
CA ASP F 45 -4.37 -36.05 31.53
C ASP F 45 -3.95 -37.19 32.46
N TYR F 46 -4.12 -38.41 31.95
CA TYR F 46 -3.80 -39.61 32.71
C TYR F 46 -2.42 -39.54 33.38
N ARG F 47 -1.46 -38.78 32.82
CA ARG F 47 -0.12 -38.72 33.42
C ARG F 47 -0.09 -37.95 34.73
N ASP F 48 -1.18 -37.28 35.10
CA ASP F 48 -1.22 -36.68 36.44
C ASP F 48 -0.87 -37.69 37.55
N TRP F 49 -1.19 -39.01 37.35
CA TRP F 49 -1.01 -40.03 38.39
C TRP F 49 0.42 -40.09 38.90
N SER F 50 1.37 -39.60 38.09
CA SER F 50 2.78 -39.51 38.50
C SER F 50 2.94 -38.80 39.82
N LYS F 51 1.95 -38.00 40.23
CA LYS F 51 2.07 -37.24 41.46
C LYS F 51 1.93 -38.08 42.71
N ASN F 52 1.41 -39.30 42.59
CA ASN F 52 1.29 -40.17 43.74
C ASN F 52 2.63 -40.85 43.99
N GLN F 53 3.01 -41.00 45.27
CA GLN F 53 4.33 -41.57 45.54
C GLN F 53 4.46 -42.98 44.96
N TYR F 54 3.38 -43.78 44.96
CA TYR F 54 3.52 -45.15 44.45
C TYR F 54 3.52 -45.21 42.93
N HIS F 55 2.93 -44.21 42.24
CA HIS F 55 2.86 -44.20 40.78
C HIS F 55 4.01 -43.42 40.11
N ASP F 56 4.88 -42.79 40.89
CA ASP F 56 6.04 -42.14 40.33
C ASP F 56 6.84 -43.12 39.46
N CYS F 57 7.16 -42.70 38.24
CA CYS F 57 7.93 -43.59 37.37
C CYS F 57 9.26 -44.02 37.99
N SER F 58 9.71 -43.36 39.05
CA SER F 58 10.90 -43.77 39.77
C SER F 58 10.62 -44.66 40.98
N ALA F 59 9.35 -44.95 41.28
CA ALA F 59 9.03 -45.71 42.47
C ALA F 59 9.36 -47.20 42.30
N PRO F 60 9.59 -47.91 43.39
CA PRO F 60 9.98 -49.32 43.26
C PRO F 60 8.81 -50.22 42.90
N GLY F 61 7.63 -49.93 43.40
CA GLY F 61 6.50 -50.83 43.22
C GLY F 61 6.08 -51.12 41.79
N PRO F 62 5.17 -52.10 41.63
CA PRO F 62 4.67 -52.44 40.28
C PRO F 62 3.75 -51.39 39.70
N LEU F 63 3.23 -50.49 40.54
CA LEU F 63 2.44 -49.36 40.09
C LEU F 63 3.32 -48.23 39.56
N ALA F 64 4.62 -48.33 39.69
CA ALA F 64 5.48 -47.26 39.20
C ALA F 64 5.18 -47.01 37.75
N CYS F 65 4.93 -45.76 37.43
CA CYS F 65 4.81 -45.26 36.07
C CYS F 65 3.54 -45.80 35.40
N GLY F 66 2.57 -46.24 36.20
CA GLY F 66 1.29 -46.69 35.70
C GLY F 66 0.13 -46.02 36.41
N VAL F 67 -1.09 -46.49 36.14
CA VAL F 67 -2.29 -45.71 36.41
C VAL F 67 -3.31 -46.64 37.08
N PRO F 68 -4.23 -46.20 37.94
CA PRO F 68 -5.15 -47.15 38.58
C PRO F 68 -6.16 -47.79 37.61
N TYR F 69 -6.64 -49.00 37.97
CA TYR F 69 -7.50 -49.76 37.06
C TYR F 69 -8.84 -49.08 36.81
N THR F 70 -9.24 -48.17 37.68
CA THR F 70 -10.39 -47.37 37.28
C THR F 70 -10.12 -46.47 36.06
N CYS F 71 -8.87 -46.36 35.56
CA CYS F 71 -8.68 -45.64 34.29
C CYS F 71 -8.87 -46.54 33.06
N CYS F 72 -9.01 -47.84 33.22
CA CYS F 72 -8.94 -48.75 32.09
C CYS F 72 -10.23 -48.78 31.30
N ILE F 73 -10.09 -48.86 29.96
CA ILE F 73 -11.23 -49.18 29.11
C ILE F 73 -11.80 -50.55 29.47
N ARG F 74 -13.11 -50.58 29.72
CA ARG F 74 -13.85 -51.78 30.11
C ARG F 74 -14.77 -52.30 29.00
N ASP F 75 -14.99 -51.50 27.96
CA ASP F 75 -15.83 -51.84 26.81
C ASP F 75 -15.05 -52.67 25.80
N THR F 76 -14.84 -53.94 26.13
CA THR F 76 -14.17 -54.87 25.22
C THR F 76 -14.69 -56.27 25.49
N THR F 77 -14.40 -57.18 24.58
CA THR F 77 -14.70 -58.58 24.86
C THR F 77 -13.74 -59.11 25.91
N GLU F 78 -12.53 -58.54 25.95
CA GLU F 78 -11.44 -59.09 26.73
C GLU F 78 -11.66 -58.89 28.22
N VAL F 79 -11.31 -59.92 28.99
CA VAL F 79 -11.27 -59.78 30.44
C VAL F 79 -10.17 -58.79 30.81
N VAL F 80 -10.49 -57.91 31.75
CA VAL F 80 -9.58 -56.85 32.22
C VAL F 80 -9.26 -57.13 33.68
N ASN F 81 -7.98 -57.02 34.06
CA ASN F 81 -7.54 -57.25 35.43
C ASN F 81 -6.97 -55.96 36.05
N THR F 82 -6.58 -56.02 37.33
CA THR F 82 -6.17 -54.81 38.03
C THR F 82 -4.79 -54.32 37.62
N MET F 83 -4.20 -54.88 36.56
CA MET F 83 -2.89 -54.45 36.09
C MET F 83 -2.98 -53.81 34.71
N CYS F 84 -4.20 -53.45 34.26
CA CYS F 84 -4.44 -53.01 32.89
C CYS F 84 -3.83 -51.63 32.60
N GLY F 85 -3.81 -50.75 33.59
CA GLY F 85 -3.10 -49.50 33.45
C GLY F 85 -1.63 -49.48 33.87
N TYR F 86 -0.96 -50.63 34.02
CA TYR F 86 0.47 -50.64 34.36
C TYR F 86 1.34 -50.10 33.22
N LYS F 87 2.48 -49.49 33.58
CA LYS F 87 3.51 -49.06 32.61
C LYS F 87 2.95 -48.23 31.45
N THR F 88 2.13 -47.23 31.76
CA THR F 88 1.56 -46.42 30.70
C THR F 88 1.98 -44.96 30.72
N ILE F 89 2.43 -44.41 31.86
CA ILE F 89 2.70 -42.96 31.90
C ILE F 89 3.86 -42.55 30.98
N ASP F 90 4.85 -43.38 30.80
CA ASP F 90 5.95 -42.97 29.96
C ASP F 90 5.89 -43.55 28.58
N LYS F 91 4.73 -43.91 28.08
CA LYS F 91 4.73 -44.53 26.76
C LYS F 91 4.02 -43.89 25.59
N GLU F 92 3.55 -42.66 25.75
CA GLU F 92 2.86 -41.83 24.73
C GLU F 92 1.40 -42.18 24.56
N ARG F 93 0.61 -41.21 24.14
CA ARG F 93 -0.81 -41.41 24.05
C ARG F 93 -1.34 -42.47 23.10
N PHE F 94 -0.78 -42.61 21.92
CA PHE F 94 -1.31 -43.56 20.95
C PHE F 94 -1.11 -45.03 21.27
N SER F 95 -0.01 -45.34 21.93
CA SER F 95 0.34 -46.68 22.33
C SER F 95 -0.59 -47.25 23.34
N VAL F 96 -1.05 -46.41 24.25
CA VAL F 96 -1.92 -46.84 25.31
C VAL F 96 -3.38 -46.46 25.26
N GLN F 97 -3.84 -45.82 24.21
CA GLN F 97 -5.24 -45.39 24.17
C GLN F 97 -6.30 -46.46 23.98
N ASP F 98 -5.90 -47.64 23.61
CA ASP F 98 -6.84 -48.71 23.47
C ASP F 98 -6.90 -49.45 24.78
N VAL F 99 -6.06 -49.08 25.75
CA VAL F 99 -6.00 -49.85 27.00
C VAL F 99 -6.61 -48.97 28.10
N ILE F 100 -6.41 -47.65 28.01
CA ILE F 100 -6.87 -46.73 29.04
C ILE F 100 -7.43 -45.46 28.40
N TYR F 101 -8.38 -44.87 29.11
CA TYR F 101 -8.75 -43.48 28.88
C TYR F 101 -7.55 -42.59 29.20
N VAL F 102 -7.21 -41.70 28.27
CA VAL F 102 -6.07 -40.82 28.48
C VAL F 102 -6.50 -39.39 28.76
N ARG F 103 -7.73 -39.01 28.41
CA ARG F 103 -8.17 -37.64 28.63
C ARG F 103 -8.40 -37.35 30.12
N GLY F 104 -8.01 -36.14 30.53
CA GLY F 104 -8.23 -35.73 31.90
C GLY F 104 -9.71 -35.68 32.24
N CYS F 105 -9.97 -35.82 33.54
CA CYS F 105 -11.34 -35.74 34.02
C CYS F 105 -11.86 -34.32 34.15
N THR F 106 -10.99 -33.37 34.40
CA THR F 106 -11.40 -32.00 34.61
C THR F 106 -12.26 -31.50 33.49
N ASN F 107 -11.76 -31.60 32.29
CA ASN F 107 -12.50 -31.18 31.15
C ASN F 107 -13.73 -32.01 30.94
N ALA F 108 -13.60 -33.30 31.14
CA ALA F 108 -14.71 -34.21 30.92
C ALA F 108 -15.89 -33.92 31.81
N VAL F 109 -15.65 -33.58 33.05
CA VAL F 109 -16.75 -33.26 33.90
C VAL F 109 -17.48 -32.03 33.44
N ILE F 110 -16.73 -31.05 33.02
CA ILE F 110 -17.32 -29.82 32.56
C ILE F 110 -18.19 -29.96 31.34
N ILE F 111 -17.77 -30.72 30.35
CA ILE F 111 -18.61 -30.81 29.18
C ILE F 111 -19.86 -31.55 29.55
N TRP F 112 -19.75 -32.44 30.50
CA TRP F 112 -20.94 -33.15 30.94
C TRP F 112 -21.88 -32.22 31.68
N PHE F 113 -21.33 -31.37 32.55
CA PHE F 113 -22.16 -30.38 33.23
C PHE F 113 -22.87 -29.46 32.23
N MET F 114 -22.16 -29.03 31.17
CA MET F 114 -22.74 -28.10 30.20
C MET F 114 -23.80 -28.76 29.32
N ASP F 115 -23.62 -30.03 28.95
CA ASP F 115 -24.59 -30.69 28.10
C ASP F 115 -25.87 -31.06 28.85
N ASN F 116 -25.85 -30.92 30.17
CA ASN F 116 -26.85 -31.48 31.06
C ASN F 116 -27.41 -30.38 31.92
N LEU F 117 -26.99 -29.15 31.68
CA LEU F 117 -27.30 -28.00 32.52
C LEU F 117 -28.79 -27.87 32.80
N GLU F 118 -29.62 -28.13 31.78
CA GLU F 118 -31.05 -27.92 31.91
C GLU F 118 -31.70 -28.97 32.82
N VAL F 119 -31.31 -30.23 32.66
CA VAL F 119 -31.77 -31.31 33.54
C VAL F 119 -31.38 -31.04 35.00
N LEU F 120 -30.16 -30.55 35.23
CA LEU F 120 -29.68 -30.53 36.60
C LEU F 120 -30.50 -29.60 37.49
N PHE F 121 -31.23 -28.64 36.94
CA PHE F 121 -31.96 -27.76 37.84
C PHE F 121 -33.47 -27.85 37.68
N GLN F 122 -33.97 -28.76 36.84
CA GLN F 122 -35.41 -29.01 36.76
C GLN F 122 -35.66 -30.47 36.37
N THR G 1 -14.50 -11.50 -12.44
CA THR G 1 -13.31 -11.25 -13.25
C THR G 1 -12.02 -11.46 -12.46
N PHE G 2 -11.99 -10.89 -11.25
CA PHE G 2 -10.82 -10.91 -10.36
C PHE G 2 -9.65 -10.16 -10.96
N ARG G 3 -9.11 -10.65 -12.08
CA ARG G 3 -7.98 -9.97 -12.71
C ARG G 3 -8.31 -8.51 -12.99
N GLN G 4 -9.52 -8.26 -13.51
CA GLN G 4 -9.94 -6.92 -13.89
C GLN G 4 -10.27 -6.06 -12.69
N GLN G 5 -10.56 -6.65 -11.53
CA GLN G 5 -10.83 -5.84 -10.36
C GLN G 5 -9.54 -5.35 -9.72
N THR G 6 -8.51 -6.20 -9.68
CA THR G 6 -7.25 -5.73 -9.12
C THR G 6 -6.56 -4.76 -10.09
N ILE G 7 -6.59 -5.06 -11.40
CA ILE G 7 -6.09 -4.09 -12.38
C ILE G 7 -6.75 -2.75 -12.19
N ASP G 8 -8.09 -2.72 -12.10
CA ASP G 8 -8.74 -1.47 -11.71
C ASP G 8 -8.10 -0.93 -10.44
N PHE G 9 -8.23 -1.64 -9.31
CA PHE G 9 -7.63 -1.26 -8.03
C PHE G 9 -6.29 -0.54 -8.15
N LEU G 10 -5.34 -1.17 -8.85
CA LEU G 10 -4.07 -0.52 -9.19
C LEU G 10 -4.26 0.74 -10.03
N ASN G 11 -5.17 0.70 -11.00
CA ASN G 11 -5.38 1.89 -11.80
C ASN G 11 -6.08 2.97 -11.00
N ASP G 12 -6.81 2.62 -9.95
CA ASP G 12 -7.56 3.70 -9.33
C ASP G 12 -6.66 4.40 -8.31
N ASN G 13 -5.66 3.68 -7.79
CA ASN G 13 -4.71 4.29 -6.88
C ASN G 13 -3.81 5.26 -7.62
N ILE G 14 -3.30 4.90 -8.80
CA ILE G 14 -2.28 5.78 -9.30
C ILE G 14 -2.92 6.97 -10.01
N ARG G 15 -4.14 6.86 -10.51
CA ARG G 15 -4.78 8.08 -10.98
C ARG G 15 -5.13 9.00 -9.83
N ARG G 16 -5.53 8.45 -8.68
CA ARG G 16 -5.76 9.28 -7.51
C ARG G 16 -4.54 10.15 -7.25
N GLY G 17 -3.34 9.61 -7.46
CA GLY G 17 -2.14 10.31 -7.10
C GLY G 17 -1.60 11.20 -8.22
N ILE G 18 -1.75 10.76 -9.46
CA ILE G 18 -1.45 11.59 -10.62
C ILE G 18 -2.07 12.96 -10.37
N GLU G 19 -3.22 12.96 -9.70
CA GLU G 19 -3.82 14.20 -9.27
C GLU G 19 -3.04 14.87 -8.14
N ASN G 20 -2.50 14.09 -7.19
CA ASN G 20 -1.66 14.57 -6.09
C ASN G 20 -0.18 14.55 -6.41
N TYR G 21 0.18 14.54 -7.70
CA TYR G 21 1.56 14.28 -8.08
C TYR G 21 2.50 15.38 -7.55
N TYR G 22 2.17 16.64 -7.76
CA TYR G 22 3.00 17.70 -7.21
C TYR G 22 2.75 17.95 -5.73
N ASP G 23 1.59 17.56 -5.21
CA ASP G 23 1.23 17.90 -3.84
C ASP G 23 1.90 17.00 -2.80
N ASP G 24 2.15 15.75 -3.15
CA ASP G 24 2.75 14.84 -2.21
C ASP G 24 3.98 14.23 -2.75
N LEU G 25 5.09 14.43 -2.09
CA LEU G 25 6.32 13.88 -2.56
C LEU G 25 6.33 12.39 -2.59
N ASP G 26 5.71 11.75 -1.61
CA ASP G 26 5.72 10.31 -1.61
C ASP G 26 5.07 9.76 -2.86
N PHE G 27 3.94 10.28 -3.27
CA PHE G 27 3.33 9.79 -4.48
C PHE G 27 4.22 10.12 -5.64
N LYS G 28 4.73 11.32 -5.67
CA LYS G 28 5.58 11.75 -6.76
C LYS G 28 6.82 10.95 -6.85
N ASN G 29 7.42 10.63 -5.72
CA ASN G 29 8.63 9.85 -5.75
C ASN G 29 8.37 8.49 -6.36
N ILE G 30 7.29 7.87 -5.94
CA ILE G 30 6.94 6.56 -6.43
C ILE G 30 6.60 6.51 -7.90
N MET G 31 5.84 7.47 -8.38
CA MET G 31 5.47 7.43 -9.77
C MET G 31 6.67 7.63 -10.64
N ASP G 32 7.56 8.50 -10.24
CA ASP G 32 8.74 8.77 -11.04
C ASP G 32 9.67 7.56 -11.06
N PHE G 33 9.82 6.88 -9.94
CA PHE G 33 10.59 5.64 -9.93
C PHE G 33 9.94 4.55 -10.78
N VAL G 34 8.63 4.35 -10.65
CA VAL G 34 8.02 3.25 -11.39
C VAL G 34 8.13 3.46 -12.90
N GLN G 35 7.86 4.69 -13.39
CA GLN G 35 7.84 4.93 -14.83
C GLN G 35 9.24 4.80 -15.45
N LYS G 36 10.28 5.17 -14.70
CA LYS G 36 11.65 5.00 -15.21
C LYS G 36 12.13 3.55 -15.15
N LYS G 37 12.00 2.88 -13.99
CA LYS G 37 12.43 1.46 -13.92
C LYS G 37 11.69 0.58 -14.91
N PHE G 38 10.35 0.67 -14.95
CA PHE G 38 9.52 -0.30 -15.68
C PHE G 38 9.18 0.14 -17.11
N LYS G 39 9.78 1.25 -17.57
CA LYS G 39 9.66 1.79 -18.94
C LYS G 39 8.20 1.83 -19.39
N CYS G 40 7.45 2.70 -18.71
CA CYS G 40 5.99 2.75 -18.74
C CYS G 40 5.55 4.15 -18.33
N CYS G 41 4.27 4.45 -18.54
CA CYS G 41 3.76 5.79 -18.27
C CYS G 41 2.27 5.74 -17.95
N GLY G 42 1.90 6.29 -16.82
CA GLY G 42 0.50 6.27 -16.41
C GLY G 42 0.13 4.97 -15.70
N GLY G 43 -1.18 4.77 -15.57
CA GLY G 43 -1.74 3.53 -15.04
C GLY G 43 -2.24 2.64 -16.14
N GLU G 44 -3.32 3.02 -16.81
CA GLU G 44 -3.74 2.28 -17.99
C GLU G 44 -2.82 2.55 -19.18
N ASP G 45 -2.43 3.82 -19.41
CA ASP G 45 -1.55 4.23 -20.49
C ASP G 45 -1.20 5.72 -20.29
N TYR G 46 -0.24 6.20 -21.09
CA TYR G 46 0.34 7.50 -20.83
C TYR G 46 -0.67 8.63 -20.85
N ARG G 47 -1.80 8.47 -21.53
CA ARG G 47 -2.80 9.52 -21.52
C ARG G 47 -3.51 9.65 -20.19
N ASP G 48 -3.25 8.79 -19.20
CA ASP G 48 -3.81 9.00 -17.87
C ASP G 48 -3.38 10.32 -17.29
N TRP G 49 -2.32 10.92 -17.83
CA TRP G 49 -1.77 12.10 -17.19
C TRP G 49 -2.63 13.33 -17.38
N SER G 50 -3.64 13.27 -18.25
CA SER G 50 -4.49 14.40 -18.46
C SER G 50 -5.45 14.60 -17.30
N LYS G 51 -5.36 13.76 -16.27
CA LYS G 51 -6.17 13.84 -15.08
C LYS G 51 -5.59 14.79 -14.06
N ASN G 52 -4.29 15.02 -14.11
CA ASN G 52 -3.65 16.03 -13.27
C ASN G 52 -4.01 17.40 -13.81
N GLN G 53 -4.21 18.36 -12.90
CA GLN G 53 -4.83 19.62 -13.33
C GLN G 53 -3.94 20.38 -14.30
N TYR G 54 -2.61 20.31 -14.12
CA TYR G 54 -1.69 21.04 -14.98
C TYR G 54 -1.38 20.28 -16.26
N HIS G 55 -1.77 19.01 -16.36
CA HIS G 55 -1.43 18.23 -17.54
C HIS G 55 -2.61 18.04 -18.48
N ASP G 56 -3.83 18.37 -18.04
CA ASP G 56 -5.01 18.47 -18.91
C ASP G 56 -4.64 19.21 -20.20
N CYS G 57 -5.19 18.77 -21.34
CA CYS G 57 -4.87 19.43 -22.60
C CYS G 57 -5.48 20.83 -22.72
N SER G 58 -6.43 21.20 -21.87
CA SER G 58 -7.04 22.50 -21.95
C SER G 58 -6.52 23.45 -20.86
N ALA G 59 -5.50 23.05 -20.11
CA ALA G 59 -4.90 23.87 -19.09
C ALA G 59 -3.96 24.89 -19.74
N PRO G 60 -3.61 25.99 -19.02
CA PRO G 60 -2.85 27.08 -19.67
C PRO G 60 -1.33 26.93 -19.68
N GLY G 61 -0.73 26.16 -18.76
CA GLY G 61 0.71 26.11 -18.65
C GLY G 61 1.37 25.36 -19.80
N PRO G 62 2.69 25.18 -19.71
CA PRO G 62 3.39 24.39 -20.75
C PRO G 62 3.28 22.90 -20.56
N LEU G 63 3.02 22.43 -19.34
CA LEU G 63 2.85 21.00 -19.11
C LEU G 63 1.56 20.49 -19.75
N ALA G 64 0.60 21.38 -19.99
CA ALA G 64 -0.66 21.03 -20.62
C ALA G 64 -0.44 20.05 -21.76
N CYS G 65 -1.19 18.93 -21.69
CA CYS G 65 -1.35 18.02 -22.81
C CYS G 65 -0.07 17.22 -23.02
N GLY G 66 0.62 16.95 -21.92
CA GLY G 66 1.96 16.38 -21.98
C GLY G 66 2.23 15.59 -20.71
N VAL G 67 3.42 14.99 -20.66
CA VAL G 67 3.61 13.90 -19.73
C VAL G 67 4.92 14.14 -19.00
N PRO G 68 5.08 13.75 -17.74
CA PRO G 68 6.30 14.11 -17.00
C PRO G 68 7.53 13.44 -17.61
N TYR G 69 8.70 14.00 -17.31
CA TYR G 69 9.92 13.57 -17.99
C TYR G 69 10.38 12.16 -17.60
N THR G 70 9.97 11.65 -16.43
CA THR G 70 10.20 10.24 -16.10
C THR G 70 9.46 9.27 -17.01
N CYS G 71 8.55 9.74 -17.87
CA CYS G 71 8.04 8.89 -18.94
C CYS G 71 8.92 8.86 -20.19
N CYS G 72 9.97 9.66 -20.27
CA CYS G 72 10.64 9.74 -21.56
C CYS G 72 11.66 8.61 -21.74
N ILE G 73 11.96 8.33 -23.01
CA ILE G 73 12.90 7.27 -23.36
C ILE G 73 14.33 7.75 -23.10
N ARG G 74 15.12 6.95 -22.39
CA ARG G 74 16.49 7.32 -22.04
C ARG G 74 17.54 6.47 -22.74
N ASP G 75 17.11 5.58 -23.62
CA ASP G 75 18.02 4.74 -24.41
C ASP G 75 18.20 5.38 -25.79
N THR G 76 18.96 6.48 -25.81
CA THR G 76 19.31 7.17 -27.05
C THR G 76 20.68 7.81 -26.88
N THR G 77 21.30 8.14 -28.01
CA THR G 77 22.46 9.03 -27.97
C THR G 77 22.03 10.45 -27.58
N GLU G 78 20.84 10.86 -28.01
CA GLU G 78 20.39 12.23 -27.83
C GLU G 78 20.24 12.59 -26.35
N VAL G 79 20.70 13.79 -26.00
CA VAL G 79 20.39 14.40 -24.71
C VAL G 79 18.89 14.46 -24.57
N VAL G 80 18.41 14.36 -23.33
CA VAL G 80 17.00 14.46 -23.01
C VAL G 80 16.87 15.49 -21.90
N ASN G 81 15.97 16.45 -22.08
CA ASN G 81 15.72 17.48 -21.08
C ASN G 81 14.36 17.24 -20.45
N THR G 82 14.02 18.09 -19.46
CA THR G 82 12.74 18.02 -18.69
C THR G 82 11.47 18.38 -19.52
N MET G 83 11.61 18.58 -20.83
CA MET G 83 10.50 18.93 -21.71
C MET G 83 10.29 17.85 -22.77
N CYS G 84 10.95 16.70 -22.60
CA CYS G 84 10.96 15.67 -23.64
C CYS G 84 9.57 15.11 -23.89
N GLY G 85 8.70 15.14 -22.87
CA GLY G 85 7.34 14.64 -22.91
C GLY G 85 6.24 15.65 -23.19
N TYR G 86 6.57 16.90 -23.57
CA TYR G 86 5.57 17.91 -23.86
C TYR G 86 4.81 17.58 -25.15
N LYS G 87 3.56 18.06 -25.21
CA LYS G 87 2.72 17.94 -26.42
C LYS G 87 2.66 16.50 -26.94
N THR G 88 2.31 15.56 -26.06
CA THR G 88 2.32 14.14 -26.45
C THR G 88 0.94 13.50 -26.42
N ILE G 89 0.01 14.00 -25.59
CA ILE G 89 -1.22 13.28 -25.25
C ILE G 89 -2.24 13.23 -26.39
N ASP G 90 -2.21 14.20 -27.29
CA ASP G 90 -3.22 14.21 -28.35
C ASP G 90 -2.69 13.66 -29.67
N LYS G 91 -1.60 12.89 -29.65
CA LYS G 91 -0.97 12.58 -30.93
C LYS G 91 -0.70 11.09 -31.15
N GLU G 92 -1.77 10.31 -31.26
CA GLU G 92 -1.67 8.90 -31.62
C GLU G 92 -0.79 8.24 -30.57
N ARG G 93 -0.15 7.17 -30.95
CA ARG G 93 0.85 6.49 -30.14
C ARG G 93 2.13 6.27 -30.92
N PHE G 94 2.03 5.79 -32.16
CA PHE G 94 3.24 5.64 -32.95
C PHE G 94 3.93 6.97 -33.16
N SER G 95 3.18 8.08 -33.17
CA SER G 95 3.78 9.38 -33.43
C SER G 95 4.63 9.85 -32.26
N VAL G 96 4.31 9.38 -31.06
CA VAL G 96 5.06 9.76 -29.87
C VAL G 96 5.91 8.64 -29.31
N GLN G 97 5.80 7.44 -29.83
CA GLN G 97 6.47 6.30 -29.20
C GLN G 97 7.99 6.44 -29.20
N ASP G 98 8.51 7.22 -30.16
CA ASP G 98 9.94 7.42 -30.30
C ASP G 98 10.48 8.23 -29.14
N VAL G 99 9.62 8.88 -28.36
CA VAL G 99 10.11 9.86 -27.40
C VAL G 99 9.61 9.60 -25.98
N ILE G 100 8.48 8.89 -25.77
CA ILE G 100 8.05 8.49 -24.44
C ILE G 100 7.56 7.04 -24.47
N TYR G 101 7.61 6.41 -23.29
CA TYR G 101 6.92 5.15 -23.12
C TYR G 101 5.42 5.39 -23.11
N VAL G 102 4.68 4.67 -23.94
CA VAL G 102 3.25 4.91 -24.01
C VAL G 102 2.43 3.91 -23.21
N ARG G 103 2.98 2.74 -22.87
CA ARG G 103 2.22 1.70 -22.20
C ARG G 103 2.06 1.99 -20.71
N GLY G 104 0.95 1.50 -20.13
CA GLY G 104 0.63 1.81 -18.76
C GLY G 104 1.48 1.04 -17.77
N CYS G 105 1.68 1.62 -16.59
CA CYS G 105 2.53 0.98 -15.60
C CYS G 105 1.85 -0.20 -14.90
N THR G 106 0.52 -0.17 -14.79
CA THR G 106 -0.15 -1.19 -13.99
C THR G 106 0.15 -2.57 -14.53
N ASN G 107 0.31 -2.65 -15.82
CA ASN G 107 0.24 -3.95 -16.42
C ASN G 107 1.66 -4.42 -16.73
N ALA G 108 2.60 -3.46 -16.77
CA ALA G 108 4.03 -3.73 -16.81
C ALA G 108 4.58 -4.20 -15.46
N VAL G 109 4.04 -3.70 -14.37
CA VAL G 109 4.42 -4.24 -13.06
C VAL G 109 3.85 -5.64 -12.88
N ILE G 110 2.64 -5.89 -13.38
CA ILE G 110 2.09 -7.25 -13.32
C ILE G 110 3.04 -8.24 -13.99
N ILE G 111 3.38 -8.02 -15.27
CA ILE G 111 4.10 -9.08 -15.94
C ILE G 111 5.49 -9.19 -15.33
N TRP G 112 6.02 -8.09 -14.83
CA TRP G 112 7.32 -8.14 -14.17
C TRP G 112 7.28 -9.06 -12.95
N PHE G 113 6.36 -8.79 -12.02
CA PHE G 113 6.23 -9.58 -10.80
C PHE G 113 6.07 -11.08 -11.11
N MET G 114 5.31 -11.39 -12.17
CA MET G 114 5.16 -12.78 -12.59
C MET G 114 6.46 -13.39 -13.11
N ASP G 115 7.27 -12.59 -13.81
CA ASP G 115 8.49 -13.12 -14.41
C ASP G 115 9.56 -13.44 -13.38
N ASN G 116 9.53 -12.72 -12.26
CA ASN G 116 10.50 -12.69 -11.17
C ASN G 116 9.89 -13.26 -9.91
N LEU G 117 9.09 -14.30 -10.08
CA LEU G 117 8.20 -14.75 -9.03
C LEU G 117 8.89 -15.70 -8.08
N GLU G 118 9.73 -16.59 -8.60
CA GLU G 118 10.39 -17.56 -7.75
C GLU G 118 11.35 -16.88 -6.77
N VAL G 119 12.01 -15.80 -7.22
CA VAL G 119 12.88 -15.00 -6.36
C VAL G 119 12.07 -14.01 -5.53
N LEU G 120 11.48 -14.46 -4.44
CA LEU G 120 10.78 -13.55 -3.55
C LEU G 120 10.98 -13.95 -2.09
N PHE G 121 11.26 -15.24 -1.84
CA PHE G 121 11.39 -15.69 -0.46
C PHE G 121 12.83 -16.08 -0.19
N GLN G 122 13.70 -15.97 -1.20
CA GLN G 122 15.09 -16.38 -1.17
C GLN G 122 15.91 -15.48 -2.11
N THR H 1 -17.72 24.03 8.56
CA THR H 1 -18.86 24.53 9.32
C THR H 1 -19.64 25.50 8.41
N PHE H 2 -19.28 25.51 7.12
CA PHE H 2 -19.98 26.22 6.05
C PHE H 2 -19.91 27.73 6.23
N ARG H 3 -19.47 28.17 7.40
CA ARG H 3 -19.04 29.55 7.64
C ARG H 3 -17.54 29.63 7.84
N GLN H 4 -17.00 28.74 8.66
CA GLN H 4 -15.56 28.75 8.88
C GLN H 4 -14.87 28.23 7.62
N GLN H 5 -15.41 27.16 7.04
CA GLN H 5 -14.84 26.56 5.83
C GLN H 5 -14.64 27.62 4.74
N THR H 6 -15.66 28.42 4.45
CA THR H 6 -15.45 29.44 3.43
C THR H 6 -14.41 30.46 3.89
N ILE H 7 -14.43 30.84 5.18
CA ILE H 7 -13.43 31.76 5.72
C ILE H 7 -12.02 31.21 5.53
N ASP H 8 -11.82 29.91 5.80
CA ASP H 8 -10.48 29.36 5.61
C ASP H 8 -10.02 29.45 4.16
N PHE H 9 -10.92 29.19 3.21
CA PHE H 9 -10.54 29.28 1.80
C PHE H 9 -10.15 30.72 1.45
N LEU H 10 -10.99 31.69 1.86
CA LEU H 10 -10.71 33.11 1.64
C LEU H 10 -9.37 33.51 2.25
N ASN H 11 -9.15 33.13 3.51
CA ASN H 11 -7.88 33.42 4.17
C ASN H 11 -6.71 32.72 3.47
N ASP H 12 -6.95 31.55 2.88
CA ASP H 12 -5.85 30.94 2.15
C ASP H 12 -5.57 31.71 0.86
N ASN H 13 -6.60 32.34 0.27
CA ASN H 13 -6.41 33.09 -0.96
C ASN H 13 -5.61 34.37 -0.71
N ILE H 14 -5.92 35.10 0.36
CA ILE H 14 -5.14 36.30 0.56
C ILE H 14 -3.78 35.95 1.15
N ARG H 15 -3.61 34.77 1.73
CA ARG H 15 -2.26 34.37 2.12
C ARG H 15 -1.41 34.07 0.91
N ARG H 16 -2.01 33.53 -0.16
CA ARG H 16 -1.26 33.36 -1.40
C ARG H 16 -0.94 34.70 -2.04
N GLY H 17 -1.90 35.62 -2.02
CA GLY H 17 -1.63 36.98 -2.44
C GLY H 17 -0.45 37.60 -1.72
N ILE H 18 -0.49 37.62 -0.38
CA ILE H 18 0.60 38.12 0.46
C ILE H 18 1.95 37.63 -0.02
N GLU H 19 2.03 36.38 -0.47
CA GLU H 19 3.28 35.89 -1.03
C GLU H 19 3.66 36.67 -2.28
N ASN H 20 2.69 37.31 -2.93
CA ASN H 20 2.93 38.05 -4.16
C ASN H 20 2.82 39.55 -3.94
N TYR H 21 2.95 40.00 -2.68
CA TYR H 21 2.65 41.37 -2.29
C TYR H 21 3.50 42.39 -3.07
N TYR H 22 4.80 42.13 -3.19
CA TYR H 22 5.77 42.99 -3.85
C TYR H 22 5.92 42.70 -5.33
N ASP H 23 5.30 41.62 -5.81
CA ASP H 23 5.42 41.11 -7.18
C ASP H 23 4.29 41.59 -8.08
N ASP H 24 3.16 42.03 -7.52
CA ASP H 24 2.01 42.40 -8.33
C ASP H 24 1.35 43.60 -7.69
N LEU H 25 1.36 44.73 -8.40
CA LEU H 25 0.82 45.96 -7.85
C LEU H 25 -0.69 45.92 -7.73
N ASP H 26 -1.34 45.03 -8.48
CA ASP H 26 -2.78 44.91 -8.34
C ASP H 26 -3.12 44.31 -6.97
N PHE H 27 -2.44 43.26 -6.57
CA PHE H 27 -2.75 42.75 -5.24
C PHE H 27 -2.31 43.77 -4.19
N LYS H 28 -1.06 44.22 -4.28
CA LYS H 28 -0.53 45.23 -3.36
C LYS H 28 -1.54 46.35 -3.14
N ASN H 29 -2.15 46.83 -4.23
CA ASN H 29 -3.10 47.93 -4.08
C ASN H 29 -4.30 47.48 -3.27
N ILE H 30 -4.83 46.29 -3.56
CA ILE H 30 -6.04 45.84 -2.87
C ILE H 30 -5.76 45.64 -1.39
N MET H 31 -4.78 44.79 -1.05
CA MET H 31 -4.39 44.61 0.36
C MET H 31 -4.20 45.95 1.06
N ASP H 32 -3.49 46.88 0.43
CA ASP H 32 -3.17 48.12 1.14
C ASP H 32 -4.41 48.94 1.36
N PHE H 33 -5.25 49.01 0.33
CA PHE H 33 -6.54 49.68 0.47
C PHE H 33 -7.38 49.03 1.57
N VAL H 34 -7.48 47.69 1.56
CA VAL H 34 -8.34 47.02 2.53
C VAL H 34 -7.84 47.28 3.95
N GLN H 35 -6.55 47.02 4.21
CA GLN H 35 -6.04 47.10 5.57
C GLN H 35 -6.20 48.50 6.13
N LYS H 36 -6.02 49.52 5.30
CA LYS H 36 -6.20 50.91 5.75
C LYS H 36 -7.68 51.26 5.91
N LYS H 37 -8.52 50.92 4.92
CA LYS H 37 -9.93 51.29 5.04
C LYS H 37 -10.62 50.50 6.16
N PHE H 38 -10.36 49.20 6.28
CA PHE H 38 -11.14 48.43 7.23
C PHE H 38 -10.38 48.20 8.53
N LYS H 39 -9.23 48.85 8.70
CA LYS H 39 -8.52 48.89 9.96
C LYS H 39 -8.24 47.48 10.48
N CYS H 40 -7.52 46.76 9.65
CA CYS H 40 -7.26 45.34 9.86
C CYS H 40 -5.90 45.05 9.27
N CYS H 41 -5.48 43.79 9.37
CA CYS H 41 -4.14 43.42 8.93
C CYS H 41 -4.11 41.91 8.66
N GLY H 42 -3.91 41.53 7.39
CA GLY H 42 -3.85 40.16 6.97
C GLY H 42 -5.22 39.52 6.83
N GLY H 43 -5.21 38.19 6.71
CA GLY H 43 -6.45 37.43 6.67
C GLY H 43 -7.01 37.06 8.02
N GLU H 44 -6.40 36.07 8.66
CA GLU H 44 -6.82 35.70 10.00
C GLU H 44 -6.43 36.78 10.99
N ASP H 45 -5.19 37.26 10.90
CA ASP H 45 -4.67 38.32 11.76
C ASP H 45 -3.29 38.71 11.24
N TYR H 46 -2.70 39.72 11.90
CA TYR H 46 -1.46 40.31 11.42
C TYR H 46 -0.35 39.29 11.22
N ARG H 47 -0.36 38.16 11.94
CA ARG H 47 0.75 37.23 11.79
C ARG H 47 0.73 36.52 10.44
N ASP H 48 -0.29 36.74 9.63
CA ASP H 48 -0.27 36.21 8.27
C ASP H 48 0.92 36.72 7.46
N TRP H 49 1.40 37.95 7.75
CA TRP H 49 2.43 38.54 6.90
C TRP H 49 3.71 37.71 6.86
N SER H 50 3.91 36.78 7.81
CA SER H 50 5.08 35.92 7.72
C SER H 50 5.06 35.00 6.50
N LYS H 51 3.93 34.88 5.78
CA LYS H 51 3.93 34.12 4.53
C LYS H 51 4.73 34.79 3.43
N ASN H 52 4.93 36.11 3.52
CA ASN H 52 5.72 36.79 2.50
C ASN H 52 7.19 36.52 2.79
N GLN H 53 7.99 36.35 1.73
CA GLN H 53 9.37 35.93 1.94
C GLN H 53 10.21 36.98 2.67
N TYR H 54 9.85 38.28 2.54
CA TYR H 54 10.61 39.35 3.18
C TYR H 54 10.11 39.65 4.57
N HIS H 55 8.90 39.25 4.91
CA HIS H 55 8.42 39.51 6.26
C HIS H 55 8.63 38.34 7.19
N ASP H 56 8.98 37.15 6.67
CA ASP H 56 9.31 35.96 7.46
C ASP H 56 10.25 36.34 8.60
N CYS H 57 10.05 35.80 9.79
CA CYS H 57 10.92 36.22 10.87
C CYS H 57 12.39 35.86 10.76
N SER H 58 12.74 34.93 9.91
CA SER H 58 14.13 34.57 9.81
C SER H 58 14.81 35.15 8.62
N ALA H 59 14.13 36.07 7.95
CA ALA H 59 14.67 36.73 6.79
C ALA H 59 15.69 37.77 7.20
N PRO H 60 16.59 38.08 6.30
CA PRO H 60 17.73 39.00 6.33
C PRO H 60 17.48 40.48 6.50
N GLY H 61 16.48 41.02 5.83
CA GLY H 61 16.23 42.43 5.85
C GLY H 61 15.61 43.04 7.07
N PRO H 62 15.38 44.34 7.02
CA PRO H 62 14.78 45.26 7.98
C PRO H 62 13.34 44.89 8.24
N LEU H 63 12.68 44.43 7.19
CA LEU H 63 11.29 44.03 7.23
C LEU H 63 10.98 42.74 7.96
N ALA H 64 11.98 41.94 8.26
CA ALA H 64 11.75 40.67 8.89
C ALA H 64 11.04 40.79 10.19
N CYS H 65 10.05 39.93 10.34
CA CYS H 65 9.18 39.82 11.49
C CYS H 65 8.39 41.10 11.76
N GLY H 66 7.99 41.78 10.70
CA GLY H 66 7.26 43.02 10.78
C GLY H 66 6.11 43.04 9.80
N VAL H 67 5.23 44.01 9.92
CA VAL H 67 4.05 44.04 9.07
C VAL H 67 4.09 45.29 8.17
N PRO H 68 3.49 45.28 6.99
CA PRO H 68 3.56 46.46 6.13
C PRO H 68 2.91 47.67 6.80
N TYR H 69 3.39 48.89 6.44
CA TYR H 69 2.98 50.07 7.20
C TYR H 69 1.49 50.38 7.04
N THR H 70 0.82 49.84 6.03
CA THR H 70 -0.61 50.03 5.88
C THR H 70 -1.41 49.32 6.99
N CYS H 71 -0.72 48.54 7.85
CA CYS H 71 -1.39 47.99 9.03
C CYS H 71 -1.37 48.95 10.22
N CYS H 72 -0.52 49.97 10.17
CA CYS H 72 -0.30 50.83 11.33
C CYS H 72 -1.54 51.66 11.65
N ILE H 73 -1.71 51.93 12.94
CA ILE H 73 -2.81 52.77 13.39
C ILE H 73 -2.51 54.22 13.05
N ARG H 74 -3.51 54.92 12.53
CA ARG H 74 -3.34 56.27 11.98
C ARG H 74 -4.08 57.32 12.78
N ASP H 75 -4.68 56.93 13.90
CA ASP H 75 -5.47 57.83 14.73
C ASP H 75 -4.68 58.19 15.98
N THR H 76 -3.61 58.95 15.79
CA THR H 76 -2.81 59.43 16.90
C THR H 76 -2.29 60.81 16.57
N THR H 77 -1.88 61.55 17.62
CA THR H 77 -1.25 62.84 17.38
C THR H 77 0.15 62.65 16.82
N GLU H 78 0.79 61.55 17.21
CA GLU H 78 2.16 61.27 16.81
C GLU H 78 2.24 60.98 15.31
N VAL H 79 3.40 61.29 14.74
CA VAL H 79 3.64 61.03 13.33
C VAL H 79 4.03 59.59 13.19
N VAL H 80 3.55 58.96 12.14
CA VAL H 80 3.82 57.56 11.88
C VAL H 80 4.72 57.49 10.63
N ASN H 81 5.90 56.90 10.76
CA ASN H 81 6.72 56.63 9.59
C ASN H 81 6.46 55.20 9.10
N THR H 82 7.22 54.77 8.05
CA THR H 82 6.97 53.48 7.41
C THR H 82 7.66 52.32 8.12
N MET H 83 8.28 52.55 9.25
CA MET H 83 8.85 51.45 10.00
C MET H 83 7.94 51.05 11.11
N CYS H 84 6.71 51.61 11.13
CA CYS H 84 5.87 51.50 12.31
C CYS H 84 5.47 50.07 12.58
N GLY H 85 5.41 49.26 11.54
CA GLY H 85 5.09 47.86 11.70
C GLY H 85 6.23 46.92 12.01
N TYR H 86 7.47 47.39 12.20
CA TYR H 86 8.58 46.45 12.28
C TYR H 86 8.47 45.57 13.54
N LYS H 87 8.95 44.34 13.43
CA LYS H 87 9.18 43.52 14.62
C LYS H 87 7.94 43.37 15.55
N THR H 88 6.78 43.13 14.96
CA THR H 88 5.55 43.01 15.73
C THR H 88 4.92 41.61 15.62
N ILE H 89 5.41 40.78 14.70
CA ILE H 89 4.82 39.47 14.45
C ILE H 89 5.06 38.50 15.60
N ASP H 90 6.23 38.50 16.20
CA ASP H 90 6.47 37.58 17.27
C ASP H 90 6.18 38.19 18.61
N LYS H 91 5.59 39.36 18.64
CA LYS H 91 5.39 40.00 19.93
C LYS H 91 4.15 39.86 20.75
N GLU H 92 3.07 39.26 20.22
CA GLU H 92 1.77 39.01 20.90
C GLU H 92 0.86 40.22 20.90
N ARG H 93 -0.43 40.03 20.99
CA ARG H 93 -1.33 41.17 20.85
C ARG H 93 -1.26 42.34 21.82
N PHE H 94 -1.10 42.11 23.10
CA PHE H 94 -1.08 43.24 24.01
C PHE H 94 0.08 44.17 23.75
N SER H 95 1.24 43.64 23.42
CA SER H 95 2.35 44.52 23.17
C SER H 95 2.14 45.43 21.97
N VAL H 96 1.57 44.89 20.91
CA VAL H 96 1.40 45.63 19.68
C VAL H 96 0.03 46.16 19.36
N GLN H 97 -0.92 46.04 20.26
CA GLN H 97 -2.25 46.54 19.98
C GLN H 97 -2.34 48.04 19.78
N ASP H 98 -1.49 48.80 20.46
CA ASP H 98 -1.48 50.24 20.36
C ASP H 98 -0.75 50.76 19.13
N VAL H 99 0.16 49.97 18.62
CA VAL H 99 0.87 50.30 17.38
C VAL H 99 0.23 49.95 16.02
N ILE H 100 -0.40 48.80 15.87
CA ILE H 100 -0.99 48.39 14.60
C ILE H 100 -2.28 47.67 14.81
N TYR H 101 -3.10 47.57 13.78
CA TYR H 101 -4.33 46.83 13.88
C TYR H 101 -3.92 45.38 13.91
N VAL H 102 -4.57 44.59 14.76
CA VAL H 102 -4.24 43.19 14.93
C VAL H 102 -5.29 42.26 14.36
N ARG H 103 -6.56 42.65 14.35
CA ARG H 103 -7.61 41.82 13.77
C ARG H 103 -7.45 41.66 12.26
N GLY H 104 -7.83 40.48 11.76
CA GLY H 104 -7.71 40.19 10.34
C GLY H 104 -8.77 40.89 9.49
N CYS H 105 -8.46 41.04 8.20
CA CYS H 105 -9.38 41.75 7.32
C CYS H 105 -10.61 40.94 6.95
N THR H 106 -10.48 39.60 6.80
CA THR H 106 -11.62 38.76 6.43
C THR H 106 -12.81 39.01 7.35
N ASN H 107 -12.60 38.89 8.67
CA ASN H 107 -13.68 39.17 9.61
C ASN H 107 -14.14 40.62 9.48
N ALA H 108 -13.23 41.59 9.55
CA ALA H 108 -13.63 43.00 9.51
C ALA H 108 -14.45 43.33 8.27
N VAL H 109 -14.03 42.81 7.11
CA VAL H 109 -14.77 43.06 5.88
C VAL H 109 -16.15 42.40 5.94
N ILE H 110 -16.23 41.22 6.52
CA ILE H 110 -17.54 40.61 6.71
C ILE H 110 -18.43 41.52 7.56
N ILE H 111 -17.93 41.98 8.71
CA ILE H 111 -18.88 42.57 9.64
C ILE H 111 -19.28 43.95 9.13
N TRP H 112 -18.39 44.64 8.44
CA TRP H 112 -18.79 45.88 7.78
C TRP H 112 -19.87 45.58 6.74
N PHE H 113 -19.64 44.54 5.93
CA PHE H 113 -20.58 44.19 4.87
C PHE H 113 -21.98 43.93 5.42
N MET H 114 -22.07 43.20 6.55
CA MET H 114 -23.36 42.95 7.17
C MET H 114 -24.05 44.25 7.57
N ASP H 115 -23.32 45.14 8.22
CA ASP H 115 -23.92 46.40 8.66
C ASP H 115 -24.43 47.21 7.47
N ASN H 116 -23.69 47.22 6.36
CA ASN H 116 -24.06 48.02 5.20
C ASN H 116 -24.80 47.21 4.13
N LEU H 117 -25.47 46.12 4.53
CA LEU H 117 -26.14 45.25 3.57
C LEU H 117 -27.32 45.96 2.91
N GLU H 118 -28.20 46.54 3.72
CA GLU H 118 -29.38 47.24 3.22
C GLU H 118 -29.01 48.27 2.18
N VAL H 119 -27.99 49.08 2.49
CA VAL H 119 -27.68 50.25 1.69
C VAL H 119 -26.90 49.85 0.44
N LEU H 120 -26.08 48.80 0.54
CA LEU H 120 -25.26 48.36 -0.59
C LEU H 120 -26.13 47.91 -1.77
N PHE H 121 -27.24 47.22 -1.50
CA PHE H 121 -28.07 46.70 -2.58
C PHE H 121 -28.73 47.81 -3.39
N GLN H 122 -29.26 48.83 -2.73
CA GLN H 122 -29.82 49.99 -3.42
C GLN H 122 -29.30 51.29 -2.85
N THR I 1 29.09 -33.44 -35.58
CA THR I 1 30.16 -32.51 -35.86
C THR I 1 30.54 -31.79 -34.61
N PHE I 2 31.27 -32.47 -33.72
CA PHE I 2 31.73 -31.88 -32.48
C PHE I 2 30.58 -31.29 -31.71
N ARG I 3 30.44 -29.98 -31.79
CA ARG I 3 29.38 -29.29 -31.08
C ARG I 3 28.02 -29.81 -31.46
N GLN I 4 27.78 -30.01 -32.74
CA GLN I 4 26.48 -30.48 -33.14
C GLN I 4 26.19 -31.86 -32.60
N GLN I 5 27.17 -32.73 -32.55
CA GLN I 5 26.93 -34.07 -32.06
C GLN I 5 26.49 -34.08 -30.63
N THR I 6 27.04 -33.24 -29.79
CA THR I 6 26.56 -33.22 -28.43
C THR I 6 25.13 -32.69 -28.39
N ILE I 7 24.86 -31.66 -29.19
CA ILE I 7 23.55 -31.06 -29.21
C ILE I 7 22.43 -32.04 -29.49
N ASP I 8 22.53 -32.86 -30.52
CA ASP I 8 21.45 -33.82 -30.71
C ASP I 8 21.37 -34.88 -29.62
N PHE I 9 22.49 -35.17 -28.99
CA PHE I 9 22.45 -36.08 -27.88
C PHE I 9 21.64 -35.42 -26.78
N LEU I 10 21.89 -34.14 -26.51
CA LEU I 10 21.11 -33.45 -25.52
C LEU I 10 19.68 -33.40 -25.96
N ASN I 11 19.43 -33.06 -27.21
CA ASN I 11 18.07 -32.95 -27.68
C ASN I 11 17.32 -34.24 -27.59
N ASP I 12 17.98 -35.33 -27.92
CA ASP I 12 17.31 -36.59 -27.80
C ASP I 12 16.98 -36.82 -26.34
N ASN I 13 17.78 -36.32 -25.41
CA ASN I 13 17.46 -36.62 -24.03
C ASN I 13 16.40 -35.70 -23.46
N ILE I 14 16.02 -34.63 -24.16
CA ILE I 14 14.80 -33.98 -23.69
C ILE I 14 13.60 -34.41 -24.55
N ARG I 15 13.81 -34.94 -25.77
CA ARG I 15 12.72 -35.66 -26.42
C ARG I 15 12.42 -36.99 -25.79
N ARG I 16 13.39 -37.63 -25.17
CA ARG I 16 13.02 -38.82 -24.44
C ARG I 16 12.20 -38.41 -23.24
N GLY I 17 12.48 -37.20 -22.71
CA GLY I 17 11.77 -36.75 -21.53
C GLY I 17 10.34 -36.29 -21.83
N ILE I 18 10.14 -35.60 -22.95
CA ILE I 18 8.79 -35.17 -23.37
C ILE I 18 7.81 -36.34 -23.35
N GLU I 19 8.29 -37.55 -23.64
CA GLU I 19 7.36 -38.66 -23.70
C GLU I 19 6.86 -39.07 -22.32
N ASN I 20 7.66 -38.81 -21.28
CA ASN I 20 7.33 -39.03 -19.89
C ASN I 20 6.76 -37.77 -19.22
N TYR I 21 6.36 -36.77 -20.02
CA TYR I 21 6.03 -35.46 -19.48
C TYR I 21 4.99 -35.55 -18.35
N TYR I 22 3.89 -36.27 -18.57
CA TYR I 22 2.87 -36.37 -17.53
C TYR I 22 3.08 -37.56 -16.60
N ASP I 23 4.18 -38.30 -16.74
CA ASP I 23 4.43 -39.49 -15.93
C ASP I 23 5.37 -39.24 -14.75
N ASP I 24 6.18 -38.17 -14.79
CA ASP I 24 7.19 -37.93 -13.76
C ASP I 24 7.23 -36.43 -13.49
N LEU I 25 6.69 -36.00 -12.35
CA LEU I 25 6.74 -34.57 -12.02
C LEU I 25 8.15 -34.02 -11.90
N ASP I 26 9.18 -34.86 -11.73
CA ASP I 26 10.54 -34.32 -11.73
C ASP I 26 10.88 -33.77 -13.11
N PHE I 27 10.72 -34.58 -14.16
CA PHE I 27 10.99 -34.06 -15.49
C PHE I 27 10.01 -32.96 -15.86
N LYS I 28 8.75 -33.09 -15.45
CA LYS I 28 7.77 -32.10 -15.85
C LYS I 28 8.09 -30.73 -15.24
N ASN I 29 8.63 -30.68 -14.00
CA ASN I 29 8.94 -29.38 -13.39
C ASN I 29 10.12 -28.72 -14.09
N ILE I 30 11.07 -29.52 -14.58
CA ILE I 30 12.25 -28.95 -15.23
C ILE I 30 11.88 -28.36 -16.59
N MET I 31 11.24 -29.17 -17.43
CA MET I 31 10.74 -28.72 -18.71
C MET I 31 9.97 -27.42 -18.55
N ASP I 32 9.03 -27.40 -17.60
CA ASP I 32 8.20 -26.22 -17.42
C ASP I 32 9.03 -25.04 -16.91
N PHE I 33 9.91 -25.26 -15.94
CA PHE I 33 10.78 -24.19 -15.48
C PHE I 33 11.58 -23.58 -16.62
N VAL I 34 12.29 -24.43 -17.37
CA VAL I 34 13.18 -23.98 -18.43
C VAL I 34 12.38 -23.25 -19.51
N GLN I 35 11.24 -23.82 -19.92
CA GLN I 35 10.46 -23.19 -20.98
C GLN I 35 9.97 -21.81 -20.57
N LYS I 36 9.54 -21.66 -19.31
CA LYS I 36 9.07 -20.34 -18.92
C LYS I 36 10.24 -19.37 -18.76
N LYS I 37 11.36 -19.83 -18.19
CA LYS I 37 12.44 -18.91 -17.82
C LYS I 37 13.31 -18.51 -19.00
N PHE I 38 13.65 -19.45 -19.89
CA PHE I 38 14.50 -19.13 -21.04
C PHE I 38 13.68 -18.84 -22.30
N LYS I 39 12.36 -18.69 -22.15
CA LYS I 39 11.44 -18.34 -23.23
C LYS I 39 11.71 -19.18 -24.47
N CYS I 40 11.40 -20.47 -24.34
CA CYS I 40 11.75 -21.42 -25.38
C CYS I 40 10.71 -22.54 -25.33
N CYS I 41 10.79 -23.45 -26.29
CA CYS I 41 9.81 -24.51 -26.36
C CYS I 41 10.47 -25.70 -27.03
N GLY I 42 10.36 -26.86 -26.41
CA GLY I 42 10.95 -28.04 -27.01
C GLY I 42 12.44 -28.11 -26.75
N GLY I 43 13.08 -29.01 -27.49
CA GLY I 43 14.53 -29.11 -27.58
C GLY I 43 15.07 -28.37 -28.78
N GLU I 44 14.90 -28.97 -29.97
CA GLU I 44 15.24 -28.25 -31.19
C GLU I 44 14.30 -27.09 -31.39
N ASP I 45 13.00 -27.36 -31.38
CA ASP I 45 11.99 -26.30 -31.40
C ASP I 45 10.69 -26.88 -30.89
N TYR I 46 9.61 -26.10 -31.01
CA TYR I 46 8.31 -26.42 -30.44
C TYR I 46 7.67 -27.67 -31.04
N ARG I 47 8.09 -28.09 -32.22
CA ARG I 47 7.46 -29.27 -32.80
C ARG I 47 7.90 -30.54 -32.11
N ASP I 48 8.91 -30.46 -31.24
CA ASP I 48 9.32 -31.63 -30.47
C ASP I 48 8.14 -32.24 -29.68
N TRP I 49 7.18 -31.41 -29.23
CA TRP I 49 6.10 -31.92 -28.37
C TRP I 49 5.24 -32.98 -29.05
N SER I 50 5.27 -33.08 -30.37
CA SER I 50 4.52 -34.15 -31.02
C SER I 50 5.00 -35.53 -30.58
N LYS I 51 6.13 -35.58 -29.90
CA LYS I 51 6.67 -36.81 -29.35
C LYS I 51 5.86 -37.31 -28.17
N ASN I 52 5.21 -36.41 -27.47
CA ASN I 52 4.38 -36.81 -26.36
C ASN I 52 3.07 -37.34 -26.89
N GLN I 53 2.54 -38.35 -26.19
CA GLN I 53 1.64 -39.27 -26.86
C GLN I 53 0.31 -38.57 -27.03
N TYR I 54 -0.02 -37.67 -26.10
CA TYR I 54 -1.24 -36.86 -26.16
C TYR I 54 -1.10 -35.60 -27.00
N HIS I 55 0.12 -35.23 -27.42
CA HIS I 55 0.32 -33.99 -28.17
C HIS I 55 0.44 -34.19 -29.68
N ASP I 56 0.67 -35.44 -30.10
CA ASP I 56 0.73 -35.95 -31.46
C ASP I 56 -0.52 -35.42 -32.18
N CYS I 57 -0.50 -35.23 -33.50
CA CYS I 57 -1.60 -34.50 -34.13
C CYS I 57 -2.77 -35.44 -34.53
N SER I 58 -2.63 -36.74 -34.32
CA SER I 58 -3.77 -37.62 -34.45
C SER I 58 -4.39 -37.94 -33.11
N ALA I 59 -3.71 -37.58 -32.02
CA ALA I 59 -4.14 -37.97 -30.69
C ALA I 59 -5.56 -37.44 -30.56
N PRO I 60 -6.47 -38.18 -29.93
CA PRO I 60 -7.88 -37.72 -29.91
C PRO I 60 -8.10 -36.44 -29.11
N GLY I 61 -7.32 -36.17 -28.07
CA GLY I 61 -7.71 -35.19 -27.09
C GLY I 61 -7.58 -33.74 -27.51
N PRO I 62 -7.70 -32.84 -26.55
CA PRO I 62 -7.65 -31.41 -26.87
C PRO I 62 -6.23 -30.87 -26.98
N LEU I 63 -5.29 -31.60 -26.40
CA LEU I 63 -3.86 -31.34 -26.49
C LEU I 63 -3.26 -31.75 -27.83
N ALA I 64 -4.07 -32.30 -28.73
CA ALA I 64 -3.52 -32.80 -29.98
C ALA I 64 -2.93 -31.64 -30.78
N CYS I 65 -1.69 -31.84 -31.20
CA CYS I 65 -1.06 -31.03 -32.24
C CYS I 65 -0.80 -29.62 -31.71
N GLY I 66 -0.51 -29.54 -30.41
CA GLY I 66 -0.41 -28.31 -29.66
C GLY I 66 0.58 -28.51 -28.54
N VAL I 67 0.72 -27.48 -27.71
CA VAL I 67 1.93 -27.35 -26.92
C VAL I 67 1.56 -26.89 -25.53
N PRO I 68 2.30 -27.31 -24.50
CA PRO I 68 1.92 -26.95 -23.13
C PRO I 68 2.00 -25.45 -22.90
N TYR I 69 1.23 -24.98 -21.92
CA TYR I 69 1.06 -23.55 -21.73
C TYR I 69 2.33 -22.87 -21.25
N THR I 70 3.32 -23.61 -20.75
CA THR I 70 4.58 -22.99 -20.37
C THR I 70 5.44 -22.58 -21.58
N CYS I 71 4.94 -22.78 -22.80
CA CYS I 71 5.58 -22.29 -24.01
C CYS I 71 4.95 -20.99 -24.48
N CYS I 72 3.87 -20.55 -23.81
CA CYS I 72 3.10 -19.39 -24.24
C CYS I 72 3.77 -18.11 -23.79
N ILE I 73 3.70 -17.09 -24.66
CA ILE I 73 4.26 -15.77 -24.38
C ILE I 73 3.47 -15.09 -23.29
N ARG I 74 4.14 -14.53 -22.29
CA ARG I 74 3.44 -13.93 -21.16
C ARG I 74 3.59 -12.41 -21.12
N ASP I 75 4.23 -11.84 -22.11
CA ASP I 75 4.46 -10.40 -22.15
C ASP I 75 3.39 -9.75 -23.01
N THR I 76 2.18 -9.70 -22.50
CA THR I 76 1.05 -9.11 -23.20
C THR I 76 0.09 -8.55 -22.17
N THR I 77 -0.79 -7.69 -22.65
CA THR I 77 -1.83 -7.12 -21.80
C THR I 77 -3.05 -8.04 -21.67
N GLU I 78 -3.21 -8.96 -22.62
CA GLU I 78 -4.32 -9.89 -22.60
C GLU I 78 -4.05 -11.04 -21.63
N VAL I 79 -5.13 -11.63 -21.12
CA VAL I 79 -5.02 -12.79 -20.25
C VAL I 79 -4.63 -14.02 -21.07
N VAL I 80 -3.97 -14.97 -20.41
CA VAL I 80 -3.50 -16.20 -21.04
C VAL I 80 -4.00 -17.38 -20.24
N ASN I 81 -4.71 -18.29 -20.89
CA ASN I 81 -5.28 -19.46 -20.23
C ASN I 81 -4.49 -20.70 -20.62
N THR I 82 -4.88 -21.85 -20.03
CA THR I 82 -4.12 -23.07 -20.29
C THR I 82 -4.25 -23.60 -21.73
N MET I 83 -5.10 -23.02 -22.60
CA MET I 83 -5.26 -23.52 -23.96
C MET I 83 -4.52 -22.65 -24.98
N CYS I 84 -3.64 -21.78 -24.50
CA CYS I 84 -2.92 -20.83 -25.36
C CYS I 84 -2.03 -21.54 -26.37
N GLY I 85 -1.55 -22.73 -26.04
CA GLY I 85 -0.68 -23.49 -26.90
C GLY I 85 -1.36 -24.46 -27.82
N TYR I 86 -2.70 -24.47 -27.85
CA TYR I 86 -3.42 -25.49 -28.63
C TYR I 86 -3.21 -25.31 -30.12
N LYS I 87 -3.04 -26.45 -30.81
CA LYS I 87 -3.10 -26.54 -32.26
C LYS I 87 -2.13 -25.57 -32.91
N THR I 88 -0.86 -25.68 -32.52
CA THR I 88 0.20 -24.86 -33.07
C THR I 88 1.40 -25.63 -33.63
N ILE I 89 1.45 -26.97 -33.52
CA ILE I 89 2.62 -27.67 -34.02
C ILE I 89 2.61 -27.78 -35.54
N ASP I 90 1.42 -27.87 -36.16
CA ASP I 90 1.27 -28.03 -37.61
C ASP I 90 0.94 -26.73 -38.34
N LYS I 91 1.31 -25.57 -37.77
CA LYS I 91 0.87 -24.28 -38.33
C LYS I 91 2.04 -23.31 -38.44
N GLU I 92 2.87 -23.54 -39.46
CA GLU I 92 3.92 -22.61 -39.89
C GLU I 92 4.79 -22.28 -38.68
N ARG I 93 5.42 -21.11 -38.70
CA ARG I 93 6.19 -20.63 -37.56
C ARG I 93 5.88 -19.14 -37.37
N PHE I 94 5.94 -18.35 -38.45
CA PHE I 94 5.59 -16.94 -38.37
C PHE I 94 4.17 -16.74 -37.89
N SER I 95 3.28 -17.70 -38.19
CA SER I 95 1.90 -17.60 -37.73
C SER I 95 1.77 -17.82 -36.23
N VAL I 96 2.59 -18.71 -35.64
CA VAL I 96 2.43 -19.00 -34.22
C VAL I 96 3.34 -18.15 -33.35
N GLN I 97 4.13 -17.25 -33.95
CA GLN I 97 5.11 -16.48 -33.18
C GLN I 97 4.48 -15.52 -32.20
N ASP I 98 3.25 -15.08 -32.46
CA ASP I 98 2.63 -14.16 -31.50
C ASP I 98 2.08 -14.90 -30.30
N VAL I 99 1.80 -16.19 -30.45
CA VAL I 99 1.17 -16.99 -29.40
C VAL I 99 2.18 -17.77 -28.55
N ILE I 100 3.18 -18.41 -29.16
CA ILE I 100 4.11 -19.23 -28.39
C ILE I 100 5.54 -18.84 -28.67
N TYR I 101 6.43 -19.20 -27.73
CA TYR I 101 7.85 -19.26 -28.02
C TYR I 101 8.09 -20.41 -28.96
N VAL I 102 8.84 -20.17 -30.03
CA VAL I 102 9.07 -21.18 -31.04
C VAL I 102 10.49 -21.73 -31.01
N ARG I 103 11.43 -20.97 -30.47
CA ARG I 103 12.81 -21.43 -30.45
C ARG I 103 12.98 -22.53 -29.42
N GLY I 104 13.90 -23.46 -29.73
CA GLY I 104 14.14 -24.58 -28.85
C GLY I 104 14.93 -24.17 -27.62
N CYS I 105 14.80 -25.00 -26.58
CA CYS I 105 15.36 -24.63 -25.29
C CYS I 105 16.84 -24.95 -25.20
N THR I 106 17.31 -25.95 -25.95
CA THR I 106 18.73 -26.28 -25.89
C THR I 106 19.60 -25.09 -26.28
N ASN I 107 19.38 -24.54 -27.48
CA ASN I 107 20.16 -23.39 -27.86
C ASN I 107 19.96 -22.24 -26.89
N ALA I 108 18.73 -21.99 -26.44
CA ALA I 108 18.51 -20.83 -25.59
C ALA I 108 19.28 -20.94 -24.28
N VAL I 109 19.33 -22.14 -23.70
CA VAL I 109 20.09 -22.38 -22.48
C VAL I 109 21.60 -22.26 -22.75
N ILE I 110 22.05 -22.75 -23.90
CA ILE I 110 23.48 -22.65 -24.19
C ILE I 110 23.88 -21.18 -24.23
N ILE I 111 23.16 -20.38 -25.01
CA ILE I 111 23.55 -18.99 -25.20
C ILE I 111 23.34 -18.18 -23.94
N TRP I 112 22.44 -18.59 -23.04
CA TRP I 112 22.38 -17.98 -21.72
C TRP I 112 23.59 -18.36 -20.88
N PHE I 113 23.93 -19.65 -20.86
CA PHE I 113 25.19 -20.05 -20.22
C PHE I 113 26.36 -19.19 -20.67
N MET I 114 26.55 -18.99 -21.98
CA MET I 114 27.75 -18.32 -22.43
C MET I 114 27.76 -16.84 -22.00
N ASP I 115 26.61 -16.17 -22.12
CA ASP I 115 26.55 -14.77 -21.73
C ASP I 115 26.83 -14.55 -20.24
N ASN I 116 26.68 -15.60 -19.42
CA ASN I 116 26.89 -15.45 -17.98
C ASN I 116 28.10 -16.24 -17.46
N LEU I 117 29.03 -16.62 -18.34
CA LEU I 117 30.18 -17.46 -17.96
C LEU I 117 30.91 -16.94 -16.70
N GLU I 118 31.41 -15.69 -16.75
CA GLU I 118 32.20 -15.13 -15.65
C GLU I 118 31.41 -15.14 -14.34
N VAL I 119 30.15 -14.72 -14.41
CA VAL I 119 29.29 -14.68 -13.22
C VAL I 119 29.14 -16.07 -12.58
N LEU I 120 28.86 -17.11 -13.40
CA LEU I 120 28.47 -18.38 -12.79
C LEU I 120 29.62 -19.05 -12.06
N PHE I 121 30.86 -18.73 -12.41
CA PHE I 121 31.95 -19.31 -11.65
C PHE I 121 32.52 -18.32 -10.65
N GLN I 122 32.72 -17.08 -11.09
CA GLN I 122 33.19 -15.99 -10.24
C GLN I 122 32.01 -15.07 -9.91
N PHE J 2 -25.17 6.54 -55.94
CA PHE J 2 -26.45 5.84 -55.81
C PHE J 2 -26.65 5.42 -54.37
N ARG J 3 -26.32 4.16 -54.11
CA ARG J 3 -26.28 3.67 -52.74
C ARG J 3 -25.38 4.54 -51.89
N GLN J 4 -24.19 4.88 -52.41
CA GLN J 4 -23.21 5.64 -51.63
C GLN J 4 -23.74 7.02 -51.22
N GLN J 5 -24.45 7.71 -52.12
CA GLN J 5 -24.96 9.04 -51.79
C GLN J 5 -25.89 9.01 -50.59
N THR J 6 -26.76 7.99 -50.50
CA THR J 6 -27.68 7.92 -49.37
C THR J 6 -26.94 7.46 -48.12
N ILE J 7 -26.17 6.37 -48.23
CA ILE J 7 -25.34 5.89 -47.11
C ILE J 7 -24.52 7.02 -46.53
N ASP J 8 -23.75 7.71 -47.37
CA ASP J 8 -22.94 8.81 -46.90
C ASP J 8 -23.79 9.82 -46.13
N PHE J 9 -24.87 10.30 -46.77
CA PHE J 9 -25.79 11.19 -46.09
C PHE J 9 -26.26 10.61 -44.76
N LEU J 10 -26.75 9.36 -44.74
CA LEU J 10 -27.06 8.71 -43.47
C LEU J 10 -25.90 8.93 -42.50
N ASN J 11 -24.71 8.52 -42.92
CA ASN J 11 -23.59 8.48 -42.01
C ASN J 11 -23.37 9.84 -41.37
N ASP J 12 -23.61 10.90 -42.12
CA ASP J 12 -23.53 12.22 -41.51
C ASP J 12 -24.65 12.46 -40.52
N ASN J 13 -25.76 11.74 -40.69
CA ASN J 13 -26.91 11.94 -39.82
C ASN J 13 -26.62 11.42 -38.41
N ILE J 14 -25.73 10.43 -38.29
CA ILE J 14 -25.42 9.89 -36.97
C ILE J 14 -24.03 10.31 -36.51
N ARG J 15 -23.24 10.95 -37.37
CA ARG J 15 -22.09 11.71 -36.89
C ARG J 15 -22.56 12.88 -36.04
N ARG J 16 -23.75 13.42 -36.35
CA ARG J 16 -24.41 14.42 -35.52
C ARG J 16 -24.99 13.80 -34.25
N GLY J 17 -25.62 12.63 -34.36
CA GLY J 17 -26.11 11.98 -33.15
C GLY J 17 -25.04 11.71 -32.11
N ILE J 18 -23.77 11.65 -32.53
CA ILE J 18 -22.68 11.38 -31.61
C ILE J 18 -22.15 12.65 -30.94
N GLU J 19 -22.11 13.77 -31.65
CA GLU J 19 -21.67 14.99 -30.96
C GLU J 19 -22.69 15.39 -29.91
N ASN J 20 -23.98 15.22 -30.21
CA ASN J 20 -25.07 15.56 -29.31
C ASN J 20 -25.62 14.34 -28.54
N TYR J 21 -24.81 13.30 -28.35
CA TYR J 21 -25.26 12.09 -27.67
C TYR J 21 -25.72 12.36 -26.22
N TYR J 22 -25.00 13.20 -25.47
CA TYR J 22 -25.41 13.47 -24.09
C TYR J 22 -26.33 14.68 -23.98
N ASP J 23 -26.54 15.39 -25.10
CA ASP J 23 -27.29 16.64 -25.10
C ASP J 23 -28.78 16.45 -25.38
N ASP J 24 -29.15 15.41 -26.10
CA ASP J 24 -30.52 15.22 -26.56
C ASP J 24 -30.89 13.76 -26.29
N LEU J 25 -31.85 13.51 -25.40
CA LEU J 25 -32.15 12.12 -25.11
C LEU J 25 -32.84 11.43 -26.28
N ASP J 26 -33.42 12.20 -27.21
CA ASP J 26 -33.98 11.57 -28.41
C ASP J 26 -32.88 10.90 -29.23
N PHE J 27 -31.79 11.62 -29.53
CA PHE J 27 -30.67 10.99 -30.21
C PHE J 27 -30.09 9.88 -29.35
N LYS J 28 -29.94 10.14 -28.05
CA LYS J 28 -29.32 9.14 -27.19
C LYS J 28 -30.11 7.84 -27.25
N ASN J 29 -31.45 7.93 -27.13
CA ASN J 29 -32.29 6.74 -27.14
C ASN J 29 -32.19 5.99 -28.45
N ILE J 30 -32.07 6.70 -29.57
CA ILE J 30 -32.02 6.00 -30.85
C ILE J 30 -30.64 5.35 -31.05
N MET J 31 -29.56 6.09 -30.79
CA MET J 31 -28.23 5.49 -30.86
C MET J 31 -28.14 4.22 -30.02
N ASP J 32 -28.64 4.28 -28.78
CA ASP J 32 -28.49 3.14 -27.87
C ASP J 32 -29.35 1.94 -28.30
N PHE J 33 -30.56 2.20 -28.80
CA PHE J 33 -31.39 1.14 -29.33
C PHE J 33 -30.75 0.51 -30.56
N VAL J 34 -30.20 1.32 -31.47
CA VAL J 34 -29.67 0.72 -32.69
C VAL J 34 -28.44 -0.12 -32.39
N GLN J 35 -27.47 0.45 -31.65
CA GLN J 35 -26.21 -0.26 -31.45
C GLN J 35 -26.45 -1.61 -30.80
N LYS J 36 -27.40 -1.68 -29.87
CA LYS J 36 -27.61 -2.89 -29.12
C LYS J 36 -28.44 -3.90 -29.91
N LYS J 37 -29.51 -3.45 -30.57
CA LYS J 37 -30.35 -4.39 -31.31
C LYS J 37 -29.67 -4.87 -32.58
N PHE J 38 -29.00 -3.98 -33.31
CA PHE J 38 -28.35 -4.36 -34.55
C PHE J 38 -26.87 -4.72 -34.39
N LYS J 39 -26.42 -4.96 -33.16
CA LYS J 39 -25.05 -5.37 -32.83
C LYS J 39 -23.98 -4.63 -33.63
N CYS J 40 -23.89 -3.33 -33.38
CA CYS J 40 -23.01 -2.47 -34.14
C CYS J 40 -22.64 -1.28 -33.24
N CYS J 41 -21.77 -0.41 -33.74
CA CYS J 41 -21.24 0.70 -32.93
C CYS J 41 -20.82 1.82 -33.87
N GLY J 42 -21.30 3.02 -33.62
CA GLY J 42 -20.98 4.13 -34.51
C GLY J 42 -21.61 4.01 -35.90
N GLY J 43 -21.02 4.75 -36.84
CA GLY J 43 -21.50 4.91 -38.20
C GLY J 43 -20.75 4.02 -39.12
N GLU J 44 -19.62 4.47 -39.70
CA GLU J 44 -18.77 3.58 -40.45
C GLU J 44 -18.27 2.46 -39.55
N ASP J 45 -17.80 2.81 -38.34
CA ASP J 45 -17.23 1.84 -37.39
C ASP J 45 -17.14 2.47 -35.99
N TYR J 46 -16.62 1.68 -35.04
CA TYR J 46 -16.69 2.09 -33.64
C TYR J 46 -15.91 3.34 -33.34
N ARG J 47 -15.00 3.73 -34.22
CA ARG J 47 -14.14 4.85 -33.87
C ARG J 47 -14.76 6.20 -34.17
N ASP J 48 -15.90 6.25 -34.87
CA ASP J 48 -16.73 7.45 -34.90
C ASP J 48 -16.89 8.13 -33.54
N TRP J 49 -16.92 7.34 -32.47
CA TRP J 49 -17.21 7.86 -31.15
C TRP J 49 -16.16 8.83 -30.65
N SER J 50 -15.00 8.88 -31.30
CA SER J 50 -14.00 9.87 -30.92
C SER J 50 -14.50 11.29 -31.18
N LYS J 51 -15.49 11.46 -32.06
CA LYS J 51 -16.01 12.77 -32.42
C LYS J 51 -16.84 13.43 -31.32
N ASN J 52 -17.13 12.75 -30.22
CA ASN J 52 -17.87 13.34 -29.09
C ASN J 52 -16.86 13.76 -28.03
N GLN J 53 -17.09 14.92 -27.38
CA GLN J 53 -16.02 15.55 -26.61
C GLN J 53 -15.52 14.66 -25.47
N TYR J 54 -16.42 13.96 -24.78
CA TYR J 54 -16.02 13.18 -23.62
C TYR J 54 -15.34 11.86 -23.99
N HIS J 55 -15.49 11.41 -25.24
CA HIS J 55 -14.85 10.18 -25.68
C HIS J 55 -13.53 10.41 -26.38
N ASP J 56 -13.29 11.64 -26.86
CA ASP J 56 -12.04 11.96 -27.51
C ASP J 56 -10.89 11.44 -26.67
N CYS J 57 -9.95 10.73 -27.31
CA CYS J 57 -8.93 10.00 -26.55
C CYS J 57 -8.08 10.94 -25.70
N SER J 58 -8.06 12.23 -26.04
CA SER J 58 -7.27 13.18 -25.29
C SER J 58 -8.08 13.92 -24.24
N ALA J 59 -9.36 13.56 -24.09
CA ALA J 59 -10.23 14.04 -23.02
C ALA J 59 -9.73 13.55 -21.68
N PRO J 60 -10.21 14.13 -20.57
CA PRO J 60 -9.70 13.71 -19.25
C PRO J 60 -10.52 12.62 -18.55
N GLY J 61 -11.77 12.44 -18.95
CA GLY J 61 -12.65 11.62 -18.16
C GLY J 61 -12.52 10.13 -18.43
N PRO J 62 -13.30 9.36 -17.68
CA PRO J 62 -13.26 7.89 -17.84
C PRO J 62 -13.62 7.38 -19.22
N LEU J 63 -14.51 8.08 -19.95
CA LEU J 63 -14.86 7.74 -21.33
C LEU J 63 -13.79 8.15 -22.33
N ALA J 64 -12.76 8.89 -21.92
CA ALA J 64 -11.75 9.26 -22.89
C ALA J 64 -11.29 8.02 -23.62
N CYS J 65 -11.46 8.04 -24.94
CA CYS J 65 -10.92 7.03 -25.83
C CYS J 65 -11.69 5.71 -25.68
N GLY J 66 -12.93 5.83 -25.18
CA GLY J 66 -13.80 4.71 -24.95
C GLY J 66 -15.09 4.84 -25.73
N VAL J 67 -15.96 3.86 -25.51
CA VAL J 67 -17.17 3.75 -26.32
C VAL J 67 -18.32 3.37 -25.38
N PRO J 68 -19.56 3.79 -25.72
CA PRO J 68 -20.68 3.59 -24.79
C PRO J 68 -20.98 2.11 -24.57
N TYR J 69 -21.55 1.83 -23.40
CA TYR J 69 -21.74 0.44 -23.05
C TYR J 69 -22.76 -0.24 -23.96
N THR J 70 -23.60 0.52 -24.66
CA THR J 70 -24.46 -0.10 -25.65
C THR J 70 -23.72 -0.64 -26.88
N CYS J 71 -22.38 -0.50 -26.95
CA CYS J 71 -21.60 -1.16 -28.00
C CYS J 71 -21.04 -2.49 -27.55
N CYS J 72 -21.12 -2.83 -26.27
CA CYS J 72 -20.52 -4.06 -25.77
C CYS J 72 -21.30 -5.31 -26.22
N ILE J 73 -20.53 -6.38 -26.45
CA ILE J 73 -21.11 -7.68 -26.73
C ILE J 73 -21.82 -8.19 -25.48
N ARG J 74 -23.05 -8.69 -25.65
CA ARG J 74 -23.82 -9.17 -24.52
C ARG J 74 -23.98 -10.68 -24.43
N ASP J 75 -23.65 -11.42 -25.49
CA ASP J 75 -23.76 -12.88 -25.46
C ASP J 75 -22.52 -13.45 -24.77
N THR J 76 -22.61 -13.49 -23.44
CA THR J 76 -21.51 -14.02 -22.65
C THR J 76 -22.05 -14.54 -21.33
N THR J 77 -21.34 -15.50 -20.77
CA THR J 77 -21.62 -15.86 -19.40
C THR J 77 -21.12 -14.81 -18.43
N GLU J 78 -20.01 -14.14 -18.72
CA GLU J 78 -19.45 -13.17 -17.78
C GLU J 78 -20.38 -11.96 -17.64
N VAL J 79 -20.39 -11.37 -16.43
CA VAL J 79 -21.11 -10.12 -16.23
C VAL J 79 -20.40 -9.00 -17.00
N VAL J 80 -21.18 -7.98 -17.35
CA VAL J 80 -20.72 -6.85 -18.13
C VAL J 80 -21.16 -5.57 -17.44
N ASN J 81 -20.24 -4.63 -17.25
CA ASN J 81 -20.56 -3.36 -16.62
C ASN J 81 -20.35 -2.21 -17.60
N THR J 82 -20.63 -1.00 -17.10
CA THR J 82 -20.65 0.22 -17.90
C THR J 82 -19.26 0.60 -18.42
N MET J 83 -18.22 0.02 -17.87
CA MET J 83 -16.85 0.30 -18.28
C MET J 83 -16.41 -0.58 -19.46
N CYS J 84 -17.30 -1.45 -19.95
CA CYS J 84 -16.92 -2.55 -20.85
C CYS J 84 -16.28 -2.06 -22.15
N GLY J 85 -16.67 -0.86 -22.60
CA GLY J 85 -16.16 -0.24 -23.81
C GLY J 85 -15.08 0.79 -23.61
N TYR J 86 -14.47 0.86 -22.42
CA TYR J 86 -13.46 1.88 -22.15
C TYR J 86 -12.16 1.60 -22.90
N LYS J 87 -11.48 2.65 -23.34
CA LYS J 87 -10.14 2.53 -23.91
C LYS J 87 -10.08 1.55 -25.08
N THR J 88 -11.06 1.65 -25.99
CA THR J 88 -11.14 0.76 -27.15
C THR J 88 -10.86 1.44 -28.49
N ILE J 89 -10.86 2.79 -28.54
CA ILE J 89 -10.85 3.47 -29.85
C ILE J 89 -9.49 3.33 -30.55
N ASP J 90 -8.39 3.49 -29.84
CA ASP J 90 -7.10 3.45 -30.51
C ASP J 90 -6.49 2.05 -30.56
N LYS J 91 -7.31 0.98 -30.53
CA LYS J 91 -6.73 -0.34 -30.28
C LYS J 91 -7.01 -1.39 -31.34
N GLU J 92 -6.75 -1.08 -32.61
CA GLU J 92 -6.90 -2.06 -33.70
C GLU J 92 -8.33 -2.58 -33.67
N ARG J 93 -8.56 -3.79 -34.15
CA ARG J 93 -9.88 -4.39 -34.08
C ARG J 93 -9.79 -5.79 -33.50
N PHE J 94 -8.74 -6.53 -33.86
CA PHE J 94 -8.58 -7.87 -33.29
C PHE J 94 -8.64 -7.83 -31.78
N SER J 95 -7.98 -6.86 -31.16
CA SER J 95 -7.85 -6.79 -29.71
C SER J 95 -9.09 -6.26 -29.02
N VAL J 96 -10.12 -5.81 -29.75
CA VAL J 96 -11.35 -5.32 -29.14
C VAL J 96 -12.60 -6.06 -29.59
N GLN J 97 -12.56 -6.76 -30.73
CA GLN J 97 -13.66 -7.60 -31.21
C GLN J 97 -14.22 -8.55 -30.17
N ASP J 98 -13.45 -8.87 -29.12
CA ASP J 98 -13.95 -9.76 -28.08
C ASP J 98 -14.83 -9.04 -27.07
N VAL J 99 -14.75 -7.70 -26.98
CA VAL J 99 -15.49 -6.96 -25.97
C VAL J 99 -16.56 -6.04 -26.57
N ILE J 100 -16.38 -5.57 -27.80
CA ILE J 100 -17.41 -4.72 -28.37
C ILE J 100 -17.72 -5.12 -29.81
N TYR J 101 -18.90 -4.73 -30.25
CA TYR J 101 -19.15 -4.69 -31.67
C TYR J 101 -18.21 -3.66 -32.30
N VAL J 102 -17.64 -4.00 -33.45
CA VAL J 102 -16.74 -3.08 -34.13
C VAL J 102 -17.36 -2.53 -35.42
N ARG J 103 -18.21 -3.32 -36.11
CA ARG J 103 -18.81 -2.87 -37.35
C ARG J 103 -19.69 -1.65 -37.13
N GLY J 104 -20.00 -0.99 -38.24
CA GLY J 104 -20.81 0.20 -38.20
C GLY J 104 -22.29 -0.08 -38.33
N CYS J 105 -23.07 0.72 -37.60
CA CYS J 105 -24.52 0.57 -37.59
C CYS J 105 -25.15 0.90 -38.94
N THR J 106 -24.57 1.85 -39.66
CA THR J 106 -25.07 2.23 -40.98
C THR J 106 -25.25 1.02 -41.90
N ASN J 107 -24.20 0.21 -42.06
CA ASN J 107 -24.28 -0.94 -42.96
C ASN J 107 -25.18 -2.05 -42.41
N ALA J 108 -25.18 -2.24 -41.08
CA ALA J 108 -25.98 -3.31 -40.49
C ALA J 108 -27.46 -3.01 -40.57
N VAL J 109 -27.83 -1.74 -40.38
CA VAL J 109 -29.22 -1.32 -40.58
C VAL J 109 -29.70 -1.68 -41.98
N ILE J 110 -28.91 -1.30 -43.00
CA ILE J 110 -29.38 -1.46 -44.37
C ILE J 110 -29.71 -2.91 -44.67
N ILE J 111 -28.81 -3.84 -44.33
CA ILE J 111 -29.06 -5.19 -44.81
C ILE J 111 -30.21 -5.82 -44.05
N TRP J 112 -30.44 -5.38 -42.80
CA TRP J 112 -31.60 -5.88 -42.06
C TRP J 112 -32.91 -5.41 -42.69
N PHE J 113 -33.00 -4.11 -43.01
CA PHE J 113 -34.10 -3.65 -43.83
C PHE J 113 -34.26 -4.44 -45.14
N MET J 114 -33.25 -4.40 -46.01
CA MET J 114 -33.39 -5.08 -47.29
C MET J 114 -33.84 -6.53 -47.11
N ASP J 115 -33.28 -7.22 -46.10
CA ASP J 115 -33.59 -8.64 -45.95
C ASP J 115 -35.03 -8.87 -45.54
N ASN J 116 -35.62 -7.95 -44.77
CA ASN J 116 -36.97 -8.17 -44.26
C ASN J 116 -38.03 -7.36 -45.02
N LEU J 117 -37.80 -7.04 -46.29
CA LEU J 117 -38.67 -6.08 -46.98
C LEU J 117 -40.10 -6.60 -47.16
N GLU J 118 -40.25 -7.83 -47.64
CA GLU J 118 -41.59 -8.30 -48.03
C GLU J 118 -42.59 -8.14 -46.91
N VAL J 119 -42.12 -8.22 -45.65
CA VAL J 119 -43.04 -8.19 -44.52
C VAL J 119 -43.44 -6.75 -44.19
N LEU J 120 -42.55 -5.78 -44.45
CA LEU J 120 -42.72 -4.44 -43.88
C LEU J 120 -43.96 -3.72 -44.41
N PHE J 121 -44.20 -3.75 -45.71
CA PHE J 121 -45.42 -3.15 -46.25
C PHE J 121 -46.62 -4.09 -46.20
N GLN J 122 -46.39 -5.39 -45.99
CA GLN J 122 -47.48 -6.36 -45.94
C GLN J 122 -47.66 -6.90 -44.53
N THR K 1 1.80 -6.45 59.59
CA THR K 1 2.37 -5.67 60.68
C THR K 1 1.49 -4.50 61.02
N PHE K 2 0.64 -4.13 60.06
CA PHE K 2 -0.31 -3.02 60.13
C PHE K 2 0.32 -1.62 60.08
N ARG K 3 1.20 -1.29 61.01
CA ARG K 3 1.81 0.00 61.00
C ARG K 3 2.60 0.14 59.73
N GLN K 4 3.40 -0.86 59.43
CA GLN K 4 4.22 -0.80 58.23
C GLN K 4 3.36 -0.83 57.01
N GLN K 5 2.33 -1.65 57.03
CA GLN K 5 1.47 -1.69 55.90
C GLN K 5 0.81 -0.33 55.74
N THR K 6 0.31 0.24 56.83
CA THR K 6 -0.36 1.54 56.75
C THR K 6 0.53 2.68 56.34
N ILE K 7 1.76 2.70 56.87
CA ILE K 7 2.70 3.74 56.53
C ILE K 7 2.97 3.67 55.05
N ASP K 8 3.19 2.46 54.53
CA ASP K 8 3.35 2.25 53.13
C ASP K 8 2.08 2.62 52.40
N PHE K 9 0.92 2.33 52.96
CA PHE K 9 -0.31 2.71 52.32
C PHE K 9 -0.38 4.22 52.18
N LEU K 10 0.01 4.98 53.21
CA LEU K 10 -0.05 6.41 53.06
C LEU K 10 0.92 6.90 52.01
N ASN K 11 2.12 6.36 52.04
CA ASN K 11 3.16 6.76 51.12
C ASN K 11 2.73 6.59 49.71
N ASP K 12 2.11 5.48 49.42
CA ASP K 12 1.65 5.30 48.04
C ASP K 12 0.65 6.39 47.66
N ASN K 13 -0.15 6.83 48.63
CA ASN K 13 -1.07 7.93 48.36
C ASN K 13 -0.33 9.19 47.96
N ILE K 14 0.50 9.74 48.84
CA ILE K 14 0.98 11.07 48.52
C ILE K 14 2.00 11.01 47.41
N ARG K 15 2.62 9.85 47.18
CA ARG K 15 3.37 9.62 45.95
C ARG K 15 2.50 9.91 44.73
N ARG K 16 1.27 9.38 44.72
CA ARG K 16 0.34 9.72 43.64
C ARG K 16 0.05 11.21 43.63
N GLY K 17 -0.04 11.83 44.81
CA GLY K 17 -0.14 13.27 44.87
C GLY K 17 1.09 13.97 44.33
N ILE K 18 2.27 13.37 44.49
CA ILE K 18 3.45 14.05 43.98
C ILE K 18 3.50 14.03 42.44
N GLU K 19 3.21 12.89 41.81
CA GLU K 19 3.10 12.85 40.34
C GLU K 19 2.18 13.96 39.82
N ASN K 20 0.98 14.11 40.40
CA ASN K 20 -0.04 15.03 39.93
C ASN K 20 0.12 16.44 40.50
N TYR K 21 1.24 16.72 41.17
CA TYR K 21 1.43 17.96 41.93
C TYR K 21 1.08 19.22 41.14
N TYR K 22 1.43 19.27 39.85
CA TYR K 22 1.15 20.46 39.04
C TYR K 22 -0.16 20.36 38.30
N ASP K 23 -0.73 19.16 38.20
CA ASP K 23 -1.95 18.90 37.46
C ASP K 23 -3.23 19.24 38.23
N ASP K 24 -3.14 19.49 39.53
CA ASP K 24 -4.37 19.53 40.32
C ASP K 24 -4.13 20.38 41.55
N LEU K 25 -4.79 21.52 41.61
CA LEU K 25 -4.47 22.44 42.70
C LEU K 25 -4.93 21.91 44.06
N ASP K 26 -5.81 20.92 44.10
CA ASP K 26 -6.22 20.37 45.40
C ASP K 26 -5.08 19.57 46.04
N PHE K 27 -4.43 18.68 45.27
CA PHE K 27 -3.25 17.99 45.76
C PHE K 27 -2.15 18.98 46.07
N LYS K 28 -1.88 19.88 45.13
CA LYS K 28 -0.78 20.82 45.31
C LYS K 28 -0.95 21.60 46.60
N ASN K 29 -2.17 22.10 46.83
CA ASN K 29 -2.45 22.91 48.02
C ASN K 29 -2.18 22.13 49.29
N ILE K 30 -2.56 20.85 49.31
CA ILE K 30 -2.43 20.01 50.51
C ILE K 30 -0.97 19.67 50.76
N MET K 31 -0.27 19.16 49.74
CA MET K 31 1.17 18.96 49.91
C MET K 31 1.84 20.21 50.41
N ASP K 32 1.52 21.37 49.81
CA ASP K 32 2.18 22.59 50.24
C ASP K 32 1.83 22.95 51.68
N PHE K 33 0.56 22.77 52.08
CA PHE K 33 0.19 23.10 53.45
C PHE K 33 0.96 22.22 54.43
N VAL K 34 0.97 20.90 54.18
CA VAL K 34 1.54 19.94 55.11
C VAL K 34 3.05 20.11 55.23
N GLN K 35 3.75 20.22 54.10
CA GLN K 35 5.20 20.31 54.18
C GLN K 35 5.64 21.53 54.96
N LYS K 36 4.89 22.63 54.86
CA LYS K 36 5.31 23.86 55.53
C LYS K 36 4.97 23.80 57.01
N LYS K 37 3.72 23.46 57.34
CA LYS K 37 3.28 23.48 58.72
C LYS K 37 3.96 22.38 59.54
N PHE K 38 4.08 21.18 58.97
CA PHE K 38 4.65 20.05 59.68
C PHE K 38 6.16 19.92 59.50
N LYS K 39 6.80 20.83 58.76
CA LYS K 39 8.26 20.87 58.59
C LYS K 39 8.79 19.53 58.07
N CYS K 40 8.31 19.19 56.87
CA CYS K 40 8.61 17.91 56.26
C CYS K 40 8.57 18.06 54.75
N CYS K 41 8.87 16.97 54.06
CA CYS K 41 9.06 17.00 52.62
C CYS K 41 8.84 15.59 52.11
N GLY K 42 7.90 15.41 51.17
CA GLY K 42 7.62 14.10 50.62
C GLY K 42 6.91 13.19 51.61
N GLY K 43 6.75 11.94 51.19
CA GLY K 43 6.09 10.98 52.05
C GLY K 43 7.07 10.20 52.87
N GLU K 44 7.87 9.37 52.20
CA GLU K 44 8.81 8.61 52.98
C GLU K 44 9.95 9.53 53.43
N ASP K 45 10.34 10.44 52.54
CA ASP K 45 11.41 11.40 52.76
C ASP K 45 11.39 12.35 51.56
N TYR K 46 12.32 13.31 51.57
CA TYR K 46 12.36 14.38 50.57
C TYR K 46 12.70 13.89 49.16
N ARG K 47 13.22 12.67 49.03
CA ARG K 47 13.51 12.11 47.72
C ARG K 47 12.30 11.53 47.03
N ASP K 48 11.12 11.63 47.63
CA ASP K 48 9.93 11.18 46.91
C ASP K 48 9.64 12.07 45.71
N TRP K 49 10.30 13.22 45.62
CA TRP K 49 9.96 14.21 44.60
C TRP K 49 10.45 13.80 43.23
N SER K 50 11.49 12.99 43.16
CA SER K 50 11.88 12.45 41.87
C SER K 50 10.74 11.73 41.13
N LYS K 51 9.59 11.48 41.75
CA LYS K 51 8.59 10.80 40.95
C LYS K 51 7.87 11.75 40.05
N ASN K 52 7.81 13.01 40.42
CA ASN K 52 7.21 13.97 39.55
C ASN K 52 8.10 14.12 38.32
N GLN K 53 7.46 14.23 37.14
CA GLN K 53 8.27 14.24 35.92
C GLN K 53 9.19 15.46 35.84
N TYR K 54 8.76 16.61 36.36
CA TYR K 54 9.64 17.78 36.34
C TYR K 54 10.73 17.73 37.39
N HIS K 55 10.56 16.94 38.44
CA HIS K 55 11.55 16.86 39.52
C HIS K 55 12.48 15.65 39.40
N ASP K 56 12.24 14.75 38.47
CA ASP K 56 13.20 13.69 38.20
C ASP K 56 14.58 14.27 37.94
N CYS K 57 15.63 13.58 38.42
CA CYS K 57 16.95 14.19 38.33
C CYS K 57 17.48 14.20 36.91
N SER K 58 16.82 13.49 36.00
CA SER K 58 17.20 13.43 34.60
C SER K 58 16.34 14.31 33.70
N ALA K 59 15.43 15.08 34.28
CA ALA K 59 14.57 15.96 33.50
C ALA K 59 15.31 17.22 33.05
N PRO K 60 14.85 17.87 31.96
CA PRO K 60 15.58 19.05 31.44
C PRO K 60 15.57 20.27 32.34
N GLY K 61 14.38 20.71 32.78
CA GLY K 61 14.23 22.01 33.40
C GLY K 61 15.07 22.32 34.63
N PRO K 62 14.74 23.44 35.28
CA PRO K 62 15.44 23.82 36.50
C PRO K 62 14.99 23.07 37.74
N LEU K 63 13.79 22.50 37.72
CA LEU K 63 13.35 21.73 38.88
C LEU K 63 13.97 20.34 38.94
N ALA K 64 14.65 19.92 37.88
CA ALA K 64 15.27 18.61 37.86
C ALA K 64 16.12 18.40 39.10
N CYS K 65 15.79 17.33 39.82
CA CYS K 65 16.58 16.81 40.94
C CYS K 65 16.47 17.73 42.14
N GLY K 66 15.34 18.45 42.21
CA GLY K 66 15.15 19.48 43.20
C GLY K 66 13.82 19.30 43.90
N VAL K 67 13.58 20.16 44.88
CA VAL K 67 12.46 19.88 45.78
C VAL K 67 11.68 21.19 45.89
N PRO K 68 10.37 21.18 46.10
CA PRO K 68 9.62 22.44 46.03
C PRO K 68 9.94 23.33 47.22
N TYR K 69 9.74 24.65 47.04
CA TYR K 69 10.14 25.61 48.06
C TYR K 69 9.38 25.44 49.38
N THR K 70 8.19 24.81 49.37
CA THR K 70 7.48 24.54 50.63
C THR K 70 8.20 23.51 51.50
N CYS K 71 9.20 22.85 50.97
CA CYS K 71 10.07 22.01 51.79
C CYS K 71 11.16 22.79 52.50
N CYS K 72 11.31 24.08 52.21
CA CYS K 72 12.53 24.77 52.67
C CYS K 72 12.42 25.23 54.12
N ILE K 73 13.58 25.26 54.77
CA ILE K 73 13.71 25.84 56.10
C ILE K 73 13.55 27.35 56.01
N ARG K 74 12.58 27.88 56.76
CA ARG K 74 12.24 29.28 56.80
C ARG K 74 12.77 30.01 58.04
N ASP K 75 13.19 29.28 59.08
CA ASP K 75 13.72 29.87 60.32
C ASP K 75 15.20 30.22 60.15
N THR K 76 15.45 31.23 59.31
CA THR K 76 16.81 31.74 59.21
C THR K 76 16.70 33.26 59.12
N THR K 77 17.81 33.93 59.42
CA THR K 77 17.86 35.36 59.15
C THR K 77 17.76 35.60 57.65
N GLU K 78 18.43 34.75 56.87
CA GLU K 78 18.63 34.99 55.44
C GLU K 78 17.30 34.91 54.71
N VAL K 79 17.18 35.69 53.63
CA VAL K 79 16.01 35.63 52.76
C VAL K 79 16.03 34.34 51.96
N VAL K 80 14.85 33.81 51.68
CA VAL K 80 14.66 32.55 50.96
C VAL K 80 13.76 32.79 49.75
N ASN K 81 14.16 32.27 48.59
CA ASN K 81 13.36 32.39 47.37
C ASN K 81 12.94 31.01 46.88
N THR K 82 12.14 30.99 45.79
CA THR K 82 11.59 29.74 45.26
C THR K 82 12.67 28.78 44.80
N MET K 83 13.91 29.21 44.64
CA MET K 83 14.96 28.32 44.17
C MET K 83 15.64 27.53 45.28
N CYS K 84 15.20 27.70 46.54
CA CYS K 84 15.93 27.16 47.69
C CYS K 84 15.98 25.63 47.71
N GLY K 85 15.05 24.95 47.06
CA GLY K 85 15.04 23.50 47.00
C GLY K 85 15.83 22.87 45.87
N TYR K 86 16.44 23.66 44.99
CA TYR K 86 17.10 23.11 43.83
C TYR K 86 18.29 22.23 44.23
N LYS K 87 18.46 21.16 43.47
CA LYS K 87 19.55 20.21 43.61
C LYS K 87 19.77 19.62 44.97
N THR K 88 18.82 18.88 45.50
CA THR K 88 19.03 18.33 46.81
C THR K 88 18.66 16.86 46.89
N ILE K 89 18.00 16.36 45.88
CA ILE K 89 17.59 14.98 45.91
C ILE K 89 18.72 13.98 45.94
N ASP K 90 19.77 14.27 45.18
CA ASP K 90 20.91 13.38 45.12
C ASP K 90 21.94 13.58 46.21
N LYS K 91 21.90 14.71 46.88
CA LYS K 91 22.89 14.98 47.89
C LYS K 91 22.66 14.24 49.20
N GLU K 92 23.68 14.26 50.04
CA GLU K 92 23.61 13.63 51.35
C GLU K 92 22.72 14.43 52.24
N ARG K 93 22.14 13.82 53.26
CA ARG K 93 21.26 14.57 54.15
C ARG K 93 22.00 15.68 54.84
N PHE K 94 23.23 15.44 55.27
CA PHE K 94 23.99 16.47 55.92
C PHE K 94 24.23 17.66 55.01
N SER K 95 24.51 17.41 53.74
CA SER K 95 24.76 18.52 52.85
C SER K 95 23.56 19.44 52.74
N VAL K 96 22.36 18.88 52.72
CA VAL K 96 21.17 19.70 52.57
C VAL K 96 20.37 20.01 53.82
N GLN K 97 20.70 19.37 54.94
CA GLN K 97 19.96 19.55 56.17
C GLN K 97 19.84 21.00 56.61
N ASP K 98 20.85 21.79 56.37
CA ASP K 98 20.77 23.22 56.72
C ASP K 98 19.70 23.95 55.93
N VAL K 99 19.36 23.47 54.72
CA VAL K 99 18.51 24.26 53.81
C VAL K 99 17.07 23.73 53.67
N ILE K 100 16.87 22.41 53.70
CA ILE K 100 15.53 21.88 53.47
C ILE K 100 15.14 20.92 54.59
N TYR K 101 13.84 20.79 54.82
CA TYR K 101 13.36 19.66 55.61
C TYR K 101 13.59 18.38 54.81
N VAL K 102 13.97 17.32 55.50
CA VAL K 102 14.34 16.10 54.82
C VAL K 102 13.45 14.96 55.33
N ARG K 103 12.99 15.07 56.59
CA ARG K 103 12.20 14.00 57.15
C ARG K 103 10.82 13.96 56.51
N GLY K 104 10.31 12.76 56.25
CA GLY K 104 9.09 12.62 55.49
C GLY K 104 7.85 13.12 56.21
N CYS K 105 6.81 13.41 55.42
CA CYS K 105 5.59 13.94 56.01
C CYS K 105 4.69 12.87 56.60
N THR K 106 4.64 11.70 55.97
CA THR K 106 3.86 10.59 56.49
C THR K 106 4.02 10.44 57.99
N ASN K 107 5.27 10.40 58.43
CA ASN K 107 5.62 10.08 59.80
C ASN K 107 5.47 11.29 60.70
N ALA K 108 5.79 12.49 60.20
CA ALA K 108 5.64 13.70 61.00
C ALA K 108 4.18 13.95 61.34
N VAL K 109 3.29 13.68 60.40
CA VAL K 109 1.86 13.85 60.68
C VAL K 109 1.42 12.91 61.79
N ILE K 110 1.96 11.69 61.83
CA ILE K 110 1.52 10.75 62.84
C ILE K 110 2.00 11.18 64.23
N ILE K 111 3.28 11.54 64.37
CA ILE K 111 3.75 11.92 65.70
C ILE K 111 2.96 13.11 66.20
N TRP K 112 2.51 13.97 65.28
CA TRP K 112 1.66 15.11 65.65
C TRP K 112 0.33 14.62 66.19
N PHE K 113 -0.35 13.78 65.39
CA PHE K 113 -1.63 13.24 65.83
C PHE K 113 -1.49 12.49 67.15
N MET K 114 -0.41 11.72 67.30
CA MET K 114 -0.21 10.95 68.53
C MET K 114 0.05 11.82 69.73
N ASP K 115 0.62 12.99 69.53
CA ASP K 115 0.97 13.76 70.69
C ASP K 115 -0.21 14.62 71.13
N ASN K 116 -1.10 14.95 70.19
CA ASN K 116 -2.29 15.74 70.46
C ASN K 116 -3.55 14.87 70.52
N LEU K 117 -3.38 13.58 70.76
CA LEU K 117 -4.49 12.63 70.61
C LEU K 117 -5.69 13.03 71.46
N GLU K 118 -5.46 13.32 72.75
CA GLU K 118 -6.56 13.64 73.67
C GLU K 118 -7.23 14.96 73.30
N VAL K 119 -6.48 15.90 72.71
CA VAL K 119 -7.02 17.21 72.40
C VAL K 119 -8.00 17.18 71.24
N LEU K 120 -7.89 16.19 70.35
CA LEU K 120 -8.66 16.14 69.12
C LEU K 120 -10.08 15.60 69.30
N PHE K 121 -10.42 15.07 70.48
CA PHE K 121 -11.78 14.62 70.76
C PHE K 121 -12.40 15.31 71.96
N GLN K 122 -11.68 16.23 72.57
CA GLN K 122 -12.19 17.00 73.70
C GLN K 122 -11.57 18.41 73.63
N THR L 1 48.60 20.96 -1.20
CA THR L 1 47.35 20.74 -0.50
C THR L 1 46.78 19.36 -0.84
N PHE L 2 46.60 19.13 -2.15
CA PHE L 2 46.16 17.84 -2.71
C PHE L 2 44.72 17.49 -2.30
N ARG L 3 44.38 17.62 -1.02
CA ARG L 3 42.98 17.40 -0.62
C ARG L 3 42.10 18.57 -1.03
N GLN L 4 42.69 19.73 -1.32
CA GLN L 4 42.02 20.77 -2.08
C GLN L 4 42.06 20.51 -3.58
N GLN L 5 42.82 19.50 -4.02
CA GLN L 5 42.86 19.06 -5.39
C GLN L 5 41.90 17.90 -5.65
N THR L 6 40.93 17.74 -4.81
CA THR L 6 39.80 16.84 -5.00
C THR L 6 38.48 17.51 -4.67
N ILE L 7 38.46 18.38 -3.67
CA ILE L 7 37.24 19.10 -3.34
C ILE L 7 36.89 20.06 -4.47
N ASP L 8 37.88 20.76 -5.01
CA ASP L 8 37.59 21.71 -6.08
C ASP L 8 37.29 20.98 -7.36
N PHE L 9 37.82 19.77 -7.54
CA PHE L 9 37.38 18.91 -8.66
C PHE L 9 35.91 18.59 -8.53
N LEU L 10 35.51 17.95 -7.43
CA LEU L 10 34.10 17.71 -7.18
C LEU L 10 33.27 18.98 -7.30
N ASN L 11 33.70 20.04 -6.61
CA ASN L 11 32.90 21.26 -6.58
C ASN L 11 32.80 21.91 -7.95
N ASP L 12 33.84 21.79 -8.78
CA ASP L 12 33.77 22.42 -10.09
C ASP L 12 32.80 21.68 -10.99
N ASN L 13 32.75 20.36 -10.88
CA ASN L 13 31.94 19.58 -11.81
C ASN L 13 30.47 19.58 -11.43
N ILE L 14 30.14 19.66 -10.13
CA ILE L 14 28.73 19.64 -9.77
C ILE L 14 28.17 21.05 -9.69
N ARG L 15 29.04 22.08 -9.69
CA ARG L 15 28.60 23.42 -10.07
C ARG L 15 28.22 23.45 -11.55
N ARG L 16 28.92 22.69 -12.39
CA ARG L 16 28.52 22.55 -13.78
C ARG L 16 27.26 21.70 -13.90
N GLY L 17 27.15 20.67 -13.06
CA GLY L 17 25.94 19.88 -13.01
C GLY L 17 24.73 20.69 -12.58
N ILE L 18 24.94 21.74 -11.78
CA ILE L 18 23.81 22.55 -11.31
C ILE L 18 23.30 23.51 -12.40
N GLU L 19 24.18 24.02 -13.26
CA GLU L 19 23.68 24.89 -14.32
C GLU L 19 22.84 24.09 -15.33
N ASN L 20 23.26 22.85 -15.63
CA ASN L 20 22.55 22.00 -16.59
C ASN L 20 21.49 21.13 -15.93
N TYR L 21 21.05 21.46 -14.72
CA TYR L 21 20.16 20.59 -13.96
C TYR L 21 18.91 20.23 -14.75
N TYR L 22 18.26 21.22 -15.36
CA TYR L 22 17.06 20.99 -16.15
C TYR L 22 17.34 20.70 -17.61
N ASP L 23 18.60 20.78 -18.04
CA ASP L 23 18.89 20.58 -19.46
C ASP L 23 19.39 19.19 -19.78
N ASP L 24 19.84 18.44 -18.78
CA ASP L 24 20.41 17.11 -19.00
C ASP L 24 19.87 16.17 -17.93
N LEU L 25 18.95 15.28 -18.32
CA LEU L 25 18.36 14.38 -17.33
C LEU L 25 19.38 13.45 -16.71
N ASP L 26 20.55 13.27 -17.33
CA ASP L 26 21.56 12.47 -16.65
C ASP L 26 22.18 13.25 -15.48
N PHE L 27 22.53 14.52 -15.68
CA PHE L 27 23.00 15.32 -14.56
C PHE L 27 21.91 15.43 -13.50
N LYS L 28 20.68 15.71 -13.94
CA LYS L 28 19.56 15.80 -13.02
C LYS L 28 19.41 14.53 -12.20
N ASN L 29 19.51 13.37 -12.86
CA ASN L 29 19.36 12.09 -12.16
C ASN L 29 20.47 11.88 -11.13
N ILE L 30 21.69 12.32 -11.45
CA ILE L 30 22.81 12.14 -10.52
C ILE L 30 22.70 13.09 -9.34
N MET L 31 22.50 14.38 -9.62
CA MET L 31 22.29 15.33 -8.53
C MET L 31 21.20 14.84 -7.59
N ASP L 32 20.05 14.46 -8.15
CA ASP L 32 18.91 14.10 -7.34
C ASP L 32 19.17 12.85 -6.50
N PHE L 33 19.89 11.88 -7.06
CA PHE L 33 20.23 10.67 -6.32
C PHE L 33 21.19 10.95 -5.16
N VAL L 34 22.29 11.68 -5.45
CA VAL L 34 23.32 11.96 -4.43
C VAL L 34 22.75 12.81 -3.31
N GLN L 35 21.96 13.83 -3.65
CA GLN L 35 21.36 14.66 -2.61
C GLN L 35 20.46 13.82 -1.72
N LYS L 36 19.70 12.91 -2.31
CA LYS L 36 18.80 12.10 -1.49
C LYS L 36 19.58 11.04 -0.69
N LYS L 37 20.48 10.30 -1.35
CA LYS L 37 21.20 9.23 -0.66
C LYS L 37 22.05 9.77 0.47
N PHE L 38 22.95 10.69 0.17
CA PHE L 38 23.93 11.21 1.11
C PHE L 38 23.39 12.32 2.00
N LYS L 39 22.10 12.67 1.86
CA LYS L 39 21.45 13.62 2.75
C LYS L 39 22.20 14.95 2.80
N CYS L 40 22.31 15.57 1.62
CA CYS L 40 23.14 16.74 1.42
C CYS L 40 22.52 17.56 0.32
N CYS L 41 23.03 18.80 0.14
CA CYS L 41 22.53 19.71 -0.89
C CYS L 41 23.66 20.50 -1.53
N GLY L 42 23.68 20.57 -2.86
CA GLY L 42 24.70 21.32 -3.58
C GLY L 42 26.09 20.70 -3.42
N GLY L 43 27.10 21.51 -3.75
CA GLY L 43 28.49 21.08 -3.73
C GLY L 43 29.27 21.48 -2.50
N GLU L 44 29.55 22.77 -2.36
CA GLU L 44 30.13 23.22 -1.11
C GLU L 44 29.03 23.32 -0.04
N ASP L 45 27.87 23.83 -0.40
CA ASP L 45 26.70 23.78 0.47
C ASP L 45 25.45 24.08 -0.37
N TYR L 46 24.31 24.15 0.32
CA TYR L 46 23.00 24.16 -0.31
C TYR L 46 22.80 25.40 -1.18
N ARG L 47 23.61 26.42 -0.96
CA ARG L 47 23.47 27.68 -1.66
C ARG L 47 24.07 27.67 -3.06
N ASP L 48 24.95 26.70 -3.38
CA ASP L 48 25.41 26.55 -4.76
C ASP L 48 24.28 26.60 -5.76
N TRP L 49 23.07 26.23 -5.34
CA TRP L 49 21.95 26.23 -6.27
C TRP L 49 21.67 27.61 -6.86
N SER L 50 22.16 28.69 -6.23
CA SER L 50 21.84 29.97 -6.84
C SER L 50 22.57 30.18 -8.16
N LYS L 51 23.49 29.29 -8.54
CA LYS L 51 24.12 29.39 -9.86
C LYS L 51 23.15 29.01 -10.98
N ASN L 52 22.18 28.13 -10.70
CA ASN L 52 21.19 27.80 -11.73
C ASN L 52 20.33 29.00 -12.05
N GLN L 53 20.05 29.22 -13.35
CA GLN L 53 19.42 30.47 -13.74
C GLN L 53 18.03 30.63 -13.14
N TYR L 54 17.32 29.54 -12.92
CA TYR L 54 16.00 29.67 -12.32
C TYR L 54 16.08 29.78 -10.80
N HIS L 55 17.22 29.45 -10.20
CA HIS L 55 17.31 29.42 -8.75
C HIS L 55 17.98 30.67 -8.16
N ASP L 56 18.85 31.34 -8.93
CA ASP L 56 19.38 32.65 -8.55
C ASP L 56 18.30 33.49 -7.89
N CYS L 57 18.63 34.13 -6.76
CA CYS L 57 17.61 34.77 -5.92
C CYS L 57 16.93 35.97 -6.58
N SER L 58 17.41 36.44 -7.73
CA SER L 58 16.76 37.52 -8.47
C SER L 58 16.09 37.03 -9.75
N ALA L 59 16.08 35.73 -10.01
CA ALA L 59 15.29 35.19 -11.09
C ALA L 59 13.81 35.40 -10.82
N PRO L 60 12.99 35.38 -11.87
CA PRO L 60 11.55 35.65 -11.67
C PRO L 60 10.79 34.51 -11.02
N GLY L 61 11.04 33.26 -11.40
CA GLY L 61 10.15 32.17 -11.06
C GLY L 61 9.95 31.92 -9.57
N PRO L 62 9.19 30.87 -9.26
CA PRO L 62 9.04 30.48 -7.85
C PRO L 62 10.27 29.80 -7.26
N LEU L 63 11.14 29.24 -8.10
CA LEU L 63 12.34 28.58 -7.60
C LEU L 63 13.39 29.58 -7.14
N ALA L 64 13.25 30.84 -7.56
CA ALA L 64 14.22 31.88 -7.21
C ALA L 64 14.54 31.86 -5.73
N CYS L 65 15.82 31.64 -5.45
CA CYS L 65 16.39 31.68 -4.13
C CYS L 65 15.92 30.47 -3.31
N GLY L 66 15.66 29.37 -4.01
CA GLY L 66 15.18 28.16 -3.37
C GLY L 66 15.98 26.94 -3.79
N VAL L 67 15.54 25.75 -3.39
CA VAL L 67 16.38 24.57 -3.58
C VAL L 67 15.52 23.41 -4.04
N PRO L 68 16.06 22.53 -4.88
CA PRO L 68 15.24 21.43 -5.39
C PRO L 68 14.73 20.56 -4.25
N TYR L 69 13.58 19.89 -4.46
CA TYR L 69 13.00 19.16 -3.34
C TYR L 69 13.81 17.93 -2.95
N THR L 70 14.72 17.47 -3.81
CA THR L 70 15.56 16.39 -3.31
C THR L 70 16.55 16.86 -2.29
N CYS L 71 16.52 18.12 -1.88
CA CYS L 71 17.33 18.57 -0.75
C CYS L 71 16.56 18.55 0.57
N CYS L 72 15.25 18.37 0.52
CA CYS L 72 14.42 18.47 1.71
C CYS L 72 14.53 17.27 2.63
N ILE L 73 14.42 17.53 3.93
CA ILE L 73 14.39 16.46 4.92
C ILE L 73 13.08 15.69 4.78
N ARG L 74 13.17 14.37 4.63
CA ARG L 74 11.99 13.51 4.53
C ARG L 74 11.68 12.78 5.82
N ASP L 75 12.56 12.92 6.83
CA ASP L 75 12.47 12.25 8.12
C ASP L 75 11.62 13.09 9.07
N THR L 76 10.41 13.36 8.63
CA THR L 76 9.41 14.03 9.43
C THR L 76 8.11 13.28 9.35
N THR L 77 7.25 13.55 10.33
CA THR L 77 5.88 13.07 10.26
C THR L 77 5.07 13.90 9.27
N GLU L 78 5.47 15.15 9.04
CA GLU L 78 4.70 16.06 8.19
C GLU L 78 4.82 15.65 6.73
N VAL L 79 3.74 15.89 5.97
CA VAL L 79 3.82 15.79 4.53
C VAL L 79 4.67 16.92 3.96
N VAL L 80 5.38 16.59 2.89
CA VAL L 80 6.38 17.44 2.26
C VAL L 80 5.97 17.54 0.80
N ASN L 81 5.91 18.74 0.25
CA ASN L 81 5.56 18.91 -1.15
C ASN L 81 6.78 19.45 -1.91
N THR L 82 6.61 19.64 -3.23
CA THR L 82 7.66 20.08 -4.15
C THR L 82 8.10 21.53 -3.92
N MET L 83 7.48 22.21 -2.95
CA MET L 83 7.81 23.58 -2.58
C MET L 83 8.69 23.65 -1.34
N CYS L 84 9.19 22.49 -0.87
CA CYS L 84 9.81 22.44 0.45
C CYS L 84 11.17 23.12 0.47
N GLY L 85 11.85 23.20 -0.65
CA GLY L 85 13.05 23.99 -0.60
C GLY L 85 12.92 25.46 -0.98
N TYR L 86 11.71 26.00 -1.12
CA TYR L 86 11.56 27.39 -1.52
C TYR L 86 12.03 28.34 -0.43
N LYS L 87 12.69 29.42 -0.87
CA LYS L 87 13.03 30.56 -0.01
C LYS L 87 13.94 30.15 1.14
N THR L 88 15.07 29.52 0.79
CA THR L 88 16.00 29.03 1.79
C THR L 88 17.43 29.47 1.53
N ILE L 89 17.76 29.94 0.33
CA ILE L 89 19.13 30.35 0.09
C ILE L 89 19.47 31.62 0.84
N ASP L 90 18.52 32.54 0.98
CA ASP L 90 18.77 33.78 1.70
C ASP L 90 18.43 33.73 3.17
N LYS L 91 17.70 32.71 3.62
CA LYS L 91 17.09 32.68 4.96
C LYS L 91 17.96 31.88 5.92
N GLU L 92 19.12 32.44 6.24
CA GLU L 92 19.94 31.98 7.37
C GLU L 92 20.38 30.54 7.16
N ARG L 93 20.54 29.80 8.26
CA ARG L 93 21.06 28.47 8.05
C ARG L 93 20.37 27.59 9.07
N PHE L 94 20.37 28.01 10.35
CA PHE L 94 19.63 27.29 11.38
C PHE L 94 18.13 27.33 11.13
N SER L 95 17.65 28.36 10.44
CA SER L 95 16.22 28.49 10.16
C SER L 95 15.75 27.47 9.16
N VAL L 96 16.65 27.01 8.28
CA VAL L 96 16.27 26.11 7.21
C VAL L 96 16.66 24.67 7.48
N GLN L 97 17.48 24.41 8.49
CA GLN L 97 17.90 23.03 8.72
C GLN L 97 16.77 22.17 9.30
N ASP L 98 15.66 22.78 9.72
CA ASP L 98 14.47 21.99 10.00
C ASP L 98 13.87 21.39 8.73
N VAL L 99 14.21 21.92 7.55
CA VAL L 99 13.43 21.55 6.37
C VAL L 99 14.31 21.01 5.24
N ILE L 100 15.57 21.41 5.14
CA ILE L 100 16.43 20.83 4.10
C ILE L 100 17.76 20.43 4.69
N TYR L 101 18.47 19.60 3.95
CA TYR L 101 19.87 19.36 4.22
C TYR L 101 20.67 20.57 3.77
N VAL L 102 21.45 21.15 4.69
CA VAL L 102 22.22 22.36 4.39
C VAL L 102 23.64 22.04 3.93
N ARG L 103 24.24 21.01 4.53
CA ARG L 103 25.63 20.64 4.24
C ARG L 103 25.81 20.21 2.80
N GLY L 104 27.03 20.44 2.28
CA GLY L 104 27.32 20.13 0.89
C GLY L 104 27.57 18.67 0.65
N CYS L 105 27.35 18.27 -0.61
CA CYS L 105 27.42 16.85 -0.96
C CYS L 105 28.85 16.37 -1.15
N THR L 106 29.74 17.28 -1.57
CA THR L 106 31.14 16.95 -1.78
C THR L 106 31.72 16.26 -0.56
N ASN L 107 31.65 16.93 0.59
CA ASN L 107 32.19 16.41 1.84
C ASN L 107 31.45 15.15 2.31
N ALA L 108 30.12 15.11 2.15
CA ALA L 108 29.38 13.95 2.64
C ALA L 108 29.81 12.69 1.91
N VAL L 109 29.97 12.76 0.59
CA VAL L 109 30.49 11.63 -0.20
C VAL L 109 31.88 11.22 0.26
N ILE L 110 32.81 12.18 0.36
CA ILE L 110 34.16 11.86 0.81
C ILE L 110 34.14 11.08 2.12
N ILE L 111 33.48 11.61 3.15
CA ILE L 111 33.61 10.93 4.45
C ILE L 111 32.90 9.58 4.43
N TRP L 112 31.83 9.46 3.63
CA TRP L 112 31.25 8.14 3.40
C TRP L 112 32.29 7.20 2.78
N PHE L 113 32.83 7.58 1.61
CA PHE L 113 33.82 6.76 0.92
C PHE L 113 34.96 6.36 1.85
N MET L 114 35.56 7.34 2.54
CA MET L 114 36.66 7.04 3.46
C MET L 114 36.25 6.07 4.56
N ASP L 115 34.98 6.10 4.97
CA ASP L 115 34.63 5.35 6.17
C ASP L 115 34.30 3.91 5.79
N ASN L 116 33.89 3.69 4.54
CA ASN L 116 33.66 2.35 3.99
C ASN L 116 34.82 1.87 3.13
N LEU L 117 36.02 2.42 3.35
CA LEU L 117 37.14 2.18 2.44
C LEU L 117 37.50 0.70 2.38
N GLU L 118 37.63 0.05 3.55
CA GLU L 118 38.06 -1.35 3.56
C GLU L 118 37.02 -2.22 2.86
N VAL L 119 35.73 -1.89 3.07
CA VAL L 119 34.62 -2.70 2.60
C VAL L 119 34.54 -2.70 1.08
N LEU L 120 34.82 -1.55 0.46
CA LEU L 120 34.66 -1.43 -0.99
C LEU L 120 35.45 -2.49 -1.74
N PHE L 121 36.71 -2.70 -1.36
CA PHE L 121 37.57 -3.59 -2.14
C PHE L 121 37.32 -5.07 -1.83
N GLN L 122 37.09 -5.40 -0.55
CA GLN L 122 36.82 -6.78 -0.16
C GLN L 122 35.34 -7.13 -0.32
N THR M 1 30.42 20.35 -24.26
CA THR M 1 29.52 21.02 -23.35
C THR M 1 29.32 20.17 -22.09
N PHE M 2 30.44 19.83 -21.45
CA PHE M 2 30.52 18.96 -20.28
C PHE M 2 29.96 17.59 -20.61
N ARG M 3 28.75 17.50 -21.16
CA ARG M 3 28.30 16.16 -21.53
C ARG M 3 28.99 15.64 -22.80
N GLN M 4 29.26 16.51 -23.78
CA GLN M 4 30.10 16.02 -24.85
C GLN M 4 31.47 15.65 -24.29
N GLN M 5 32.04 16.54 -23.46
CA GLN M 5 33.33 16.29 -22.88
C GLN M 5 33.36 14.92 -22.23
N THR M 6 32.25 14.49 -21.63
CA THR M 6 32.17 13.15 -21.07
C THR M 6 32.26 12.08 -22.16
N ILE M 7 31.36 12.15 -23.16
CA ILE M 7 31.41 11.23 -24.28
C ILE M 7 32.75 11.33 -25.00
N ASP M 8 33.31 12.54 -25.08
CA ASP M 8 34.59 12.74 -25.77
C ASP M 8 35.73 12.08 -25.01
N PHE M 9 35.70 12.13 -23.67
CA PHE M 9 36.74 11.48 -22.88
C PHE M 9 36.78 9.99 -23.15
N LEU M 10 35.70 9.28 -22.77
CA LEU M 10 35.65 7.85 -22.99
C LEU M 10 36.04 7.50 -24.42
N ASN M 11 35.46 8.18 -25.41
CA ASN M 11 35.68 7.81 -26.80
C ASN M 11 37.16 7.76 -27.14
N ASP M 12 37.94 8.70 -26.62
CA ASP M 12 39.33 8.64 -27.01
C ASP M 12 40.17 7.81 -26.06
N ASN M 13 39.70 7.56 -24.84
CA ASN M 13 40.33 6.54 -24.01
C ASN M 13 40.32 5.19 -24.73
N ILE M 14 39.13 4.74 -25.09
CA ILE M 14 39.02 3.57 -25.93
C ILE M 14 39.41 3.83 -27.38
N ARG M 15 39.65 5.07 -27.79
CA ARG M 15 40.40 5.20 -29.04
C ARG M 15 41.85 4.80 -28.86
N ARG M 16 42.43 5.07 -27.68
CA ARG M 16 43.76 4.56 -27.34
C ARG M 16 43.75 3.04 -27.31
N GLY M 17 42.90 2.46 -26.46
CA GLY M 17 42.75 1.02 -26.37
C GLY M 17 42.78 0.29 -27.70
N ILE M 18 41.95 0.75 -28.64
CA ILE M 18 41.88 0.14 -29.95
C ILE M 18 43.23 0.09 -30.66
N GLU M 19 44.08 1.10 -30.47
CA GLU M 19 45.37 1.07 -31.15
C GLU M 19 46.29 0.04 -30.53
N ASN M 20 46.36 0.00 -29.20
CA ASN M 20 47.16 -0.94 -28.44
C ASN M 20 46.43 -2.27 -28.19
N TYR M 21 45.30 -2.49 -28.88
CA TYR M 21 44.45 -3.64 -28.62
C TYR M 21 45.23 -4.96 -28.63
N TYR M 22 46.28 -5.08 -29.49
CA TYR M 22 47.09 -6.29 -29.54
C TYR M 22 48.39 -6.17 -28.75
N ASP M 23 48.77 -4.96 -28.33
CA ASP M 23 50.05 -4.72 -27.65
C ASP M 23 49.98 -4.98 -26.15
N ASP M 24 48.81 -4.76 -25.52
CA ASP M 24 48.67 -4.85 -24.07
C ASP M 24 47.43 -5.67 -23.76
N LEU M 25 47.64 -6.82 -23.12
CA LEU M 25 46.53 -7.73 -22.79
C LEU M 25 45.56 -7.12 -21.79
N ASP M 26 46.00 -6.19 -20.96
CA ASP M 26 45.03 -5.49 -20.15
C ASP M 26 44.05 -4.72 -21.04
N PHE M 27 44.53 -4.09 -22.12
CA PHE M 27 43.56 -3.27 -22.82
C PHE M 27 42.65 -4.22 -23.59
N LYS M 28 43.28 -5.15 -24.30
CA LYS M 28 42.53 -6.18 -25.00
C LYS M 28 41.48 -6.82 -24.12
N ASN M 29 41.83 -7.12 -22.85
CA ASN M 29 40.87 -7.79 -21.98
C ASN M 29 39.67 -6.91 -21.70
N ILE M 30 39.94 -5.64 -21.34
CA ILE M 30 38.88 -4.65 -21.13
C ILE M 30 38.00 -4.55 -22.36
N MET M 31 38.61 -4.32 -23.53
CA MET M 31 37.80 -4.12 -24.73
C MET M 31 36.92 -5.33 -25.02
N ASP M 32 37.47 -6.54 -24.94
CA ASP M 32 36.66 -7.71 -25.24
C ASP M 32 35.53 -7.86 -24.24
N PHE M 33 35.76 -7.48 -22.98
CA PHE M 33 34.71 -7.61 -21.97
C PHE M 33 33.57 -6.65 -22.24
N VAL M 34 33.90 -5.35 -22.36
CA VAL M 34 32.89 -4.32 -22.53
C VAL M 34 32.05 -4.59 -23.77
N GLN M 35 32.70 -4.98 -24.86
CA GLN M 35 31.96 -5.25 -26.07
C GLN M 35 31.04 -6.45 -25.90
N LYS M 36 31.52 -7.52 -25.24
CA LYS M 36 30.64 -8.67 -25.04
C LYS M 36 29.50 -8.33 -24.08
N LYS M 37 29.80 -7.60 -23.00
CA LYS M 37 28.78 -7.38 -21.98
C LYS M 37 27.71 -6.41 -22.43
N PHE M 38 28.10 -5.22 -22.89
CA PHE M 38 27.12 -4.19 -23.22
C PHE M 38 26.65 -4.28 -24.65
N LYS M 39 27.12 -5.28 -25.39
CA LYS M 39 26.69 -5.58 -26.74
C LYS M 39 26.91 -4.35 -27.62
N CYS M 40 28.18 -4.09 -27.91
CA CYS M 40 28.61 -2.81 -28.46
C CYS M 40 30.01 -3.01 -29.01
N CYS M 41 30.47 -2.03 -29.79
CA CYS M 41 31.65 -2.21 -30.61
C CYS M 41 32.28 -0.85 -30.85
N GLY M 42 33.58 -0.78 -30.62
CA GLY M 42 34.15 0.53 -30.78
C GLY M 42 33.66 1.48 -29.71
N GLY M 43 34.07 2.73 -29.87
CA GLY M 43 33.79 3.79 -28.93
C GLY M 43 32.57 4.59 -29.30
N GLU M 44 32.67 5.45 -30.32
CA GLU M 44 31.49 6.14 -30.82
C GLU M 44 30.58 5.16 -31.55
N ASP M 45 31.18 4.34 -32.42
CA ASP M 45 30.47 3.26 -33.08
C ASP M 45 31.52 2.31 -33.63
N TYR M 46 31.05 1.14 -34.09
CA TYR M 46 31.89 0.01 -34.49
C TYR M 46 32.93 0.36 -35.54
N ARG M 47 32.75 1.43 -36.29
CA ARG M 47 33.78 1.70 -37.29
C ARG M 47 35.03 2.40 -36.73
N ASP M 48 35.07 2.71 -35.43
CA ASP M 48 36.30 3.10 -34.76
C ASP M 48 37.43 2.09 -34.92
N TRP M 49 37.13 0.85 -35.30
CA TRP M 49 38.18 -0.18 -35.33
C TRP M 49 39.17 0.02 -36.46
N SER M 50 38.85 0.87 -37.44
CA SER M 50 39.82 1.18 -38.50
C SER M 50 41.10 1.79 -37.95
N LYS M 51 41.04 2.39 -36.75
CA LYS M 51 42.18 3.08 -36.17
C LYS M 51 43.32 2.14 -35.80
N ASN M 52 43.08 0.84 -35.79
CA ASN M 52 44.08 -0.13 -35.40
C ASN M 52 44.81 -0.58 -36.65
N GLN M 53 46.13 -0.57 -36.58
CA GLN M 53 47.08 -1.03 -37.57
C GLN M 53 46.54 -2.18 -38.44
N TYR M 54 46.02 -3.24 -37.78
CA TYR M 54 45.59 -4.44 -38.49
C TYR M 54 44.18 -4.35 -39.04
N HIS M 55 43.36 -3.40 -38.54
CA HIS M 55 41.96 -3.30 -38.93
C HIS M 55 41.68 -2.18 -39.92
N ASP M 56 42.68 -1.38 -40.27
CA ASP M 56 42.50 -0.36 -41.30
C ASP M 56 42.14 -1.00 -42.64
N CYS M 57 41.10 -0.48 -43.30
CA CYS M 57 40.57 -1.07 -44.54
C CYS M 57 41.60 -1.13 -45.66
N SER M 58 42.75 -0.48 -45.52
CA SER M 58 43.80 -0.62 -46.50
C SER M 58 44.92 -1.56 -46.07
N ALA M 59 44.97 -1.95 -44.82
CA ALA M 59 45.99 -2.88 -44.37
C ALA M 59 45.95 -4.16 -45.22
N PRO M 60 47.03 -4.92 -45.23
CA PRO M 60 47.00 -6.21 -45.94
C PRO M 60 46.08 -7.24 -45.29
N GLY M 61 46.25 -7.48 -43.99
CA GLY M 61 45.76 -8.69 -43.36
C GLY M 61 44.28 -9.02 -43.49
N PRO M 62 43.90 -10.25 -43.12
CA PRO M 62 42.47 -10.61 -43.15
C PRO M 62 41.62 -9.86 -42.13
N LEU M 63 42.22 -9.26 -41.10
CA LEU M 63 41.48 -8.34 -40.23
C LEU M 63 41.26 -6.98 -40.88
N ALA M 64 41.74 -6.77 -42.12
CA ALA M 64 41.55 -5.49 -42.79
C ALA M 64 40.08 -5.20 -42.99
N CYS M 65 39.68 -4.03 -42.51
CA CYS M 65 38.35 -3.47 -42.69
C CYS M 65 37.29 -4.37 -42.05
N GLY M 66 37.68 -4.96 -40.91
CA GLY M 66 36.78 -5.80 -40.13
C GLY M 66 36.90 -5.45 -38.66
N VAL M 67 36.20 -6.20 -37.83
CA VAL M 67 36.06 -5.80 -36.43
C VAL M 67 36.30 -7.04 -35.57
N PRO M 68 36.74 -6.90 -34.31
CA PRO M 68 37.06 -8.10 -33.49
C PRO M 68 35.86 -9.02 -33.27
N TYR M 69 36.15 -10.32 -33.09
CA TYR M 69 35.04 -11.26 -32.91
C TYR M 69 34.17 -10.94 -31.69
N THR M 70 34.67 -10.19 -30.71
CA THR M 70 33.84 -9.82 -29.56
C THR M 70 32.81 -8.72 -29.88
N CYS M 71 32.75 -8.23 -31.10
CA CYS M 71 31.66 -7.36 -31.50
C CYS M 71 30.53 -8.15 -32.15
N CYS M 72 30.71 -9.46 -32.32
CA CYS M 72 29.73 -10.29 -33.02
C CYS M 72 28.55 -10.70 -32.14
N ILE M 73 27.37 -10.74 -32.76
CA ILE M 73 26.16 -11.23 -32.11
C ILE M 73 26.30 -12.72 -31.82
N ARG M 74 25.92 -13.11 -30.62
CA ARG M 74 25.98 -14.52 -30.24
C ARG M 74 24.60 -15.12 -30.04
N ASP M 75 23.56 -14.29 -30.11
CA ASP M 75 22.18 -14.68 -29.81
C ASP M 75 21.53 -15.16 -31.10
N THR M 76 21.85 -16.39 -31.47
CA THR M 76 21.40 -16.92 -32.74
C THR M 76 21.63 -18.43 -32.73
N THR M 77 20.88 -19.15 -33.56
CA THR M 77 21.10 -20.58 -33.59
C THR M 77 22.35 -20.92 -34.37
N GLU M 78 22.74 -20.05 -35.30
CA GLU M 78 23.93 -20.31 -36.09
C GLU M 78 25.17 -20.37 -35.21
N VAL M 79 26.14 -21.15 -35.64
CA VAL M 79 27.49 -21.11 -35.07
C VAL M 79 28.20 -19.86 -35.57
N VAL M 80 29.09 -19.34 -34.73
CA VAL M 80 29.81 -18.09 -34.96
C VAL M 80 31.30 -18.38 -34.80
N ASN M 81 32.11 -18.01 -35.79
CA ASN M 81 33.54 -18.27 -35.75
C ASN M 81 34.28 -16.94 -35.63
N THR M 82 35.60 -17.02 -35.50
CA THR M 82 36.36 -15.81 -35.23
C THR M 82 36.41 -14.85 -36.42
N MET M 83 35.85 -15.23 -37.57
CA MET M 83 35.87 -14.35 -38.72
C MET M 83 34.58 -13.61 -38.86
N CYS M 84 33.72 -13.66 -37.85
CA CYS M 84 32.37 -13.15 -37.97
C CYS M 84 32.33 -11.65 -38.24
N GLY M 85 33.35 -10.92 -37.78
CA GLY M 85 33.46 -9.50 -37.95
C GLY M 85 34.20 -9.00 -39.19
N TYR M 86 34.63 -9.89 -40.09
CA TYR M 86 35.41 -9.49 -41.27
C TYR M 86 34.58 -8.68 -42.26
N LYS M 87 35.24 -7.76 -42.97
CA LYS M 87 34.65 -6.94 -44.05
C LYS M 87 33.31 -6.36 -43.62
N THR M 88 33.31 -5.67 -42.49
CA THR M 88 32.09 -5.06 -41.99
C THR M 88 32.14 -3.56 -41.86
N ILE M 89 33.33 -2.94 -41.95
CA ILE M 89 33.43 -1.55 -41.51
C ILE M 89 32.86 -0.60 -42.56
N ASP M 90 32.99 -0.97 -43.84
CA ASP M 90 32.48 -0.12 -44.91
C ASP M 90 30.97 -0.23 -45.05
N LYS M 91 30.43 -1.43 -44.77
CA LYS M 91 29.15 -1.87 -45.33
C LYS M 91 27.92 -1.33 -44.61
N GLU M 92 27.83 0.01 -44.57
CA GLU M 92 26.65 0.75 -44.13
C GLU M 92 26.41 0.37 -42.67
N ARG M 93 25.16 0.20 -42.28
CA ARG M 93 24.86 -0.37 -40.99
C ARG M 93 23.88 -1.50 -41.22
N PHE M 94 22.87 -1.20 -42.02
CA PHE M 94 21.77 -2.13 -42.24
C PHE M 94 22.27 -3.51 -42.60
N SER M 95 23.26 -3.57 -43.49
CA SER M 95 23.72 -4.86 -44.01
C SER M 95 24.52 -5.65 -42.98
N VAL M 96 25.06 -5.00 -41.94
CA VAL M 96 25.90 -5.66 -40.96
C VAL M 96 25.20 -5.85 -39.62
N GLN M 97 24.01 -5.24 -39.47
CA GLN M 97 23.24 -5.25 -38.22
C GLN M 97 23.02 -6.65 -37.67
N ASP M 98 22.80 -7.64 -38.53
CA ASP M 98 22.44 -9.00 -38.11
C ASP M 98 23.66 -9.84 -37.75
N VAL M 99 24.87 -9.29 -37.90
CA VAL M 99 26.09 -10.03 -37.69
C VAL M 99 26.96 -9.42 -36.59
N ILE M 100 26.98 -8.10 -36.48
CA ILE M 100 27.73 -7.45 -35.41
C ILE M 100 26.89 -6.38 -34.75
N TYR M 101 27.26 -6.09 -33.51
CA TYR M 101 26.80 -4.91 -32.81
C TYR M 101 27.38 -3.68 -33.48
N VAL M 102 26.55 -2.70 -33.80
CA VAL M 102 27.05 -1.49 -34.47
C VAL M 102 27.14 -0.32 -33.51
N ARG M 103 26.19 -0.17 -32.60
CA ARG M 103 26.22 0.95 -31.67
C ARG M 103 27.49 0.91 -30.82
N GLY M 104 28.01 2.10 -30.52
CA GLY M 104 29.27 2.22 -29.83
C GLY M 104 29.17 1.94 -28.34
N CYS M 105 30.29 1.55 -27.76
CA CYS M 105 30.30 1.14 -26.37
C CYS M 105 30.15 2.31 -25.43
N THR M 106 30.33 3.53 -25.93
CA THR M 106 30.48 4.67 -25.04
C THR M 106 29.14 5.08 -24.44
N ASN M 107 28.15 5.31 -25.31
CA ASN M 107 26.78 5.54 -24.85
C ASN M 107 26.20 4.32 -24.17
N ALA M 108 26.55 3.12 -24.64
CA ALA M 108 25.99 1.92 -24.06
C ALA M 108 26.36 1.80 -22.58
N VAL M 109 27.60 2.13 -22.25
CA VAL M 109 27.97 2.19 -20.82
C VAL M 109 27.15 3.26 -20.12
N ILE M 110 27.08 4.46 -20.72
CA ILE M 110 26.48 5.57 -20.00
C ILE M 110 25.04 5.24 -19.62
N ILE M 111 24.24 4.76 -20.59
CA ILE M 111 22.85 4.51 -20.24
C ILE M 111 22.74 3.35 -19.26
N TRP M 112 23.63 2.36 -19.34
CA TRP M 112 23.62 1.30 -18.34
C TRP M 112 23.81 1.87 -16.94
N PHE M 113 24.88 2.65 -16.74
CA PHE M 113 25.13 3.29 -15.45
C PHE M 113 23.91 4.07 -14.99
N MET M 114 23.27 4.76 -15.92
CA MET M 114 22.09 5.55 -15.62
C MET M 114 20.94 4.70 -15.08
N ASP M 115 20.67 3.54 -15.68
CA ASP M 115 19.62 2.67 -15.13
C ASP M 115 19.99 2.16 -13.74
N ASN M 116 21.27 1.87 -13.51
CA ASN M 116 21.70 1.12 -12.34
C ASN M 116 22.19 2.00 -11.22
N LEU M 117 22.07 3.32 -11.40
CA LEU M 117 22.64 4.33 -10.53
C LEU M 117 22.46 3.97 -9.06
N GLU M 118 21.19 3.81 -8.68
CA GLU M 118 20.81 3.54 -7.30
C GLU M 118 21.49 2.28 -6.77
N VAL M 119 21.52 1.22 -7.58
CA VAL M 119 22.06 -0.08 -7.20
C VAL M 119 23.56 -0.07 -6.89
N LEU M 120 24.34 0.84 -7.46
CA LEU M 120 25.79 0.73 -7.34
C LEU M 120 26.36 1.46 -6.12
N PHE M 121 25.50 1.96 -5.23
CA PHE M 121 25.94 2.56 -3.99
C PHE M 121 25.19 2.04 -2.77
N GLN M 122 24.17 1.21 -2.95
CA GLN M 122 23.44 0.60 -1.85
C GLN M 122 23.18 -0.88 -2.16
N THR N 1 -24.03 -9.80 -5.02
CA THR N 1 -24.16 -10.78 -6.10
C THR N 1 -25.37 -10.43 -6.97
N PHE N 2 -26.58 -10.67 -6.43
CA PHE N 2 -27.85 -10.24 -7.04
C PHE N 2 -28.16 -11.00 -8.33
N ARG N 3 -27.47 -10.67 -9.42
CA ARG N 3 -27.60 -11.46 -10.65
C ARG N 3 -27.17 -12.90 -10.42
N GLN N 4 -26.21 -13.14 -9.54
CA GLN N 4 -25.91 -14.52 -9.19
C GLN N 4 -27.16 -15.22 -8.68
N GLN N 5 -27.90 -14.59 -7.73
CA GLN N 5 -29.11 -15.24 -7.22
C GLN N 5 -29.99 -15.74 -8.34
N THR N 6 -30.26 -14.89 -9.33
CA THR N 6 -31.14 -15.33 -10.41
C THR N 6 -30.48 -16.45 -11.22
N ILE N 7 -29.15 -16.48 -11.29
CA ILE N 7 -28.49 -17.64 -11.86
C ILE N 7 -28.64 -18.84 -10.94
N ASP N 8 -28.46 -18.63 -9.62
CA ASP N 8 -28.49 -19.75 -8.68
C ASP N 8 -29.88 -20.37 -8.59
N PHE N 9 -30.93 -19.55 -8.60
CA PHE N 9 -32.28 -20.09 -8.69
C PHE N 9 -32.40 -20.99 -9.92
N LEU N 10 -32.19 -20.41 -11.10
CA LEU N 10 -32.34 -21.17 -12.35
C LEU N 10 -31.53 -22.48 -12.32
N ASN N 11 -30.27 -22.41 -11.91
CA ASN N 11 -29.45 -23.62 -11.88
C ASN N 11 -30.00 -24.66 -10.92
N ASP N 12 -30.52 -24.20 -9.77
CA ASP N 12 -31.04 -25.12 -8.76
C ASP N 12 -32.39 -25.69 -9.17
N ASN N 13 -33.20 -24.90 -9.87
CA ASN N 13 -34.44 -25.43 -10.42
C ASN N 13 -34.17 -26.53 -11.42
N ILE N 14 -33.28 -26.29 -12.38
CA ILE N 14 -33.18 -27.35 -13.37
C ILE N 14 -32.30 -28.48 -12.85
N ARG N 15 -31.32 -28.21 -12.00
CA ARG N 15 -30.63 -29.31 -11.32
C ARG N 15 -31.64 -30.32 -10.75
N ARG N 16 -32.66 -29.81 -10.05
CA ARG N 16 -33.75 -30.69 -9.62
C ARG N 16 -34.48 -31.29 -10.82
N GLY N 17 -34.64 -30.50 -11.88
CA GLY N 17 -35.25 -31.02 -13.10
C GLY N 17 -34.46 -32.14 -13.75
N ILE N 18 -33.12 -32.04 -13.75
CA ILE N 18 -32.32 -33.12 -14.33
C ILE N 18 -32.43 -34.38 -13.48
N GLU N 19 -32.45 -34.21 -12.15
CA GLU N 19 -32.55 -35.38 -11.30
C GLU N 19 -33.86 -36.14 -11.56
N ASN N 20 -34.95 -35.41 -11.82
CA ASN N 20 -36.29 -35.99 -11.93
C ASN N 20 -36.76 -36.14 -13.37
N TYR N 21 -35.82 -36.18 -14.33
CA TYR N 21 -36.15 -36.25 -15.76
C TYR N 21 -37.14 -37.40 -16.10
N TYR N 22 -36.86 -38.64 -15.66
CA TYR N 22 -37.67 -39.81 -16.03
C TYR N 22 -38.75 -40.12 -15.02
N ASP N 23 -38.71 -39.41 -13.90
CA ASP N 23 -39.58 -39.54 -12.74
C ASP N 23 -40.85 -38.74 -12.90
N ASP N 24 -40.85 -37.63 -13.68
CA ASP N 24 -42.03 -36.75 -13.78
C ASP N 24 -42.06 -36.14 -15.18
N LEU N 25 -43.06 -36.55 -15.97
CA LEU N 25 -43.26 -36.02 -17.32
C LEU N 25 -43.33 -34.49 -17.40
N ASP N 26 -43.66 -33.81 -16.29
CA ASP N 26 -43.76 -32.37 -16.31
C ASP N 26 -42.36 -31.75 -16.36
N PHE N 27 -41.48 -32.17 -15.46
CA PHE N 27 -40.09 -31.77 -15.55
C PHE N 27 -39.49 -32.18 -16.90
N LYS N 28 -39.64 -33.46 -17.27
CA LYS N 28 -39.10 -33.95 -18.54
C LYS N 28 -39.58 -33.09 -19.70
N ASN N 29 -40.85 -32.68 -19.67
CA ASN N 29 -41.38 -31.90 -20.78
C ASN N 29 -40.75 -30.50 -20.80
N ILE N 30 -40.59 -29.92 -19.62
CA ILE N 30 -39.99 -28.60 -19.55
C ILE N 30 -38.53 -28.67 -19.98
N MET N 31 -37.78 -29.67 -19.50
CA MET N 31 -36.40 -29.78 -19.96
C MET N 31 -36.33 -29.96 -21.46
N ASP N 32 -37.19 -30.80 -22.02
CA ASP N 32 -37.09 -31.07 -23.45
C ASP N 32 -37.54 -29.88 -24.27
N PHE N 33 -38.52 -29.12 -23.79
CA PHE N 33 -38.89 -27.90 -24.51
C PHE N 33 -37.73 -26.89 -24.52
N VAL N 34 -37.15 -26.64 -23.35
CA VAL N 34 -36.16 -25.56 -23.22
C VAL N 34 -34.90 -25.88 -24.02
N GLN N 35 -34.34 -27.08 -23.83
CA GLN N 35 -33.12 -27.43 -24.56
C GLN N 35 -33.35 -27.34 -26.06
N LYS N 36 -34.48 -27.84 -26.57
CA LYS N 36 -34.72 -27.75 -28.00
C LYS N 36 -34.93 -26.29 -28.43
N LYS N 37 -35.72 -25.52 -27.68
CA LYS N 37 -36.05 -24.17 -28.13
C LYS N 37 -34.87 -23.22 -27.98
N PHE N 38 -34.21 -23.18 -26.82
CA PHE N 38 -33.15 -22.21 -26.69
C PHE N 38 -31.81 -22.84 -27.00
N LYS N 39 -31.83 -23.97 -27.70
CA LYS N 39 -30.64 -24.64 -28.18
C LYS N 39 -29.56 -24.71 -27.11
N CYS N 40 -29.87 -25.40 -26.02
CA CYS N 40 -28.95 -25.50 -24.91
C CYS N 40 -29.10 -26.86 -24.27
N CYS N 41 -28.48 -27.03 -23.11
CA CYS N 41 -28.25 -28.32 -22.49
C CYS N 41 -27.68 -28.15 -21.08
N GLY N 42 -28.41 -28.61 -20.07
CA GLY N 42 -27.93 -28.47 -18.71
C GLY N 42 -28.31 -27.13 -18.09
N GLY N 43 -27.75 -26.89 -16.90
CA GLY N 43 -27.88 -25.62 -16.21
C GLY N 43 -26.68 -24.75 -16.46
N GLU N 44 -25.56 -25.08 -15.81
CA GLU N 44 -24.29 -24.48 -16.18
C GLU N 44 -23.97 -24.79 -17.64
N ASP N 45 -23.95 -26.08 -18.00
CA ASP N 45 -23.55 -26.54 -19.33
C ASP N 45 -23.89 -28.02 -19.41
N TYR N 46 -23.71 -28.61 -20.61
CA TYR N 46 -24.20 -29.96 -20.89
C TYR N 46 -23.73 -30.99 -19.87
N ARG N 47 -22.70 -30.68 -19.08
CA ARG N 47 -22.25 -31.66 -18.11
C ARG N 47 -23.09 -31.68 -16.84
N ASP N 48 -24.13 -30.85 -16.74
CA ASP N 48 -25.00 -30.98 -15.57
C ASP N 48 -25.76 -32.29 -15.58
N TRP N 49 -25.83 -33.00 -16.72
CA TRP N 49 -26.59 -34.23 -16.84
C TRP N 49 -25.95 -35.41 -16.12
N SER N 50 -24.67 -35.31 -15.74
CA SER N 50 -24.13 -36.43 -14.98
C SER N 50 -24.85 -36.63 -13.65
N LYS N 51 -25.71 -35.69 -13.23
CA LYS N 51 -26.38 -35.83 -11.94
C LYS N 51 -27.51 -36.83 -12.00
N ASN N 52 -28.09 -37.04 -13.19
CA ASN N 52 -29.11 -38.07 -13.34
C ASN N 52 -28.50 -39.47 -13.26
N GLN N 53 -29.15 -40.34 -12.48
CA GLN N 53 -28.63 -41.69 -12.27
C GLN N 53 -28.42 -42.50 -13.54
N TYR N 54 -29.16 -42.23 -14.60
CA TYR N 54 -28.94 -43.02 -15.80
C TYR N 54 -27.88 -42.42 -16.69
N HIS N 55 -27.38 -41.22 -16.34
CA HIS N 55 -26.39 -40.50 -17.11
C HIS N 55 -25.05 -40.34 -16.40
N ASP N 56 -24.96 -40.66 -15.11
CA ASP N 56 -23.66 -40.81 -14.47
C ASP N 56 -22.73 -41.64 -15.35
N CYS N 57 -21.51 -41.13 -15.58
CA CYS N 57 -20.59 -41.81 -16.51
C CYS N 57 -20.20 -43.20 -16.03
N SER N 58 -20.55 -43.59 -14.81
CA SER N 58 -20.32 -44.95 -14.31
C SER N 58 -21.61 -45.75 -14.21
N ALA N 59 -22.72 -45.22 -14.72
CA ALA N 59 -23.96 -45.96 -14.78
C ALA N 59 -23.84 -47.09 -15.80
N PRO N 60 -24.68 -48.15 -15.67
CA PRO N 60 -24.51 -49.32 -16.55
C PRO N 60 -25.08 -49.13 -17.96
N GLY N 61 -26.27 -48.55 -18.08
CA GLY N 61 -26.98 -48.47 -19.35
C GLY N 61 -26.26 -47.69 -20.45
N PRO N 62 -26.93 -47.51 -21.60
CA PRO N 62 -26.30 -46.80 -22.71
C PRO N 62 -26.38 -45.28 -22.59
N LEU N 63 -27.18 -44.76 -21.66
CA LEU N 63 -27.24 -43.32 -21.42
C LEU N 63 -26.11 -42.84 -20.53
N ALA N 64 -25.37 -43.77 -19.90
CA ALA N 64 -24.24 -43.41 -19.09
C ALA N 64 -23.31 -42.48 -19.86
N CYS N 65 -23.01 -41.35 -19.25
CA CYS N 65 -21.98 -40.44 -19.69
C CYS N 65 -22.39 -39.79 -21.01
N GLY N 66 -23.69 -39.52 -21.15
CA GLY N 66 -24.30 -39.01 -22.36
C GLY N 66 -25.45 -38.06 -22.04
N VAL N 67 -26.09 -37.58 -23.09
CA VAL N 67 -27.01 -36.46 -22.89
C VAL N 67 -28.31 -36.69 -23.69
N PRO N 68 -29.49 -36.40 -23.13
CA PRO N 68 -30.74 -36.64 -23.87
C PRO N 68 -30.69 -36.07 -25.27
N TYR N 69 -31.48 -36.65 -26.19
CA TYR N 69 -31.42 -36.20 -27.58
C TYR N 69 -31.95 -34.78 -27.79
N THR N 70 -32.75 -34.24 -26.88
CA THR N 70 -33.16 -32.86 -27.04
C THR N 70 -31.98 -31.87 -26.94
N CYS N 71 -30.80 -32.34 -26.55
CA CYS N 71 -29.59 -31.53 -26.55
C CYS N 71 -28.87 -31.56 -27.90
N CYS N 72 -29.39 -32.30 -28.87
CA CYS N 72 -28.72 -32.50 -30.14
C CYS N 72 -29.04 -31.39 -31.12
N ILE N 73 -28.05 -31.03 -31.95
CA ILE N 73 -28.30 -30.14 -33.08
C ILE N 73 -29.08 -30.88 -34.17
N ARG N 74 -30.08 -30.20 -34.71
CA ARG N 74 -30.91 -30.73 -35.77
C ARG N 74 -30.62 -30.05 -37.09
N ASP N 75 -29.90 -28.94 -37.04
CA ASP N 75 -29.66 -28.05 -38.17
C ASP N 75 -28.53 -28.61 -39.02
N THR N 76 -28.80 -29.74 -39.66
CA THR N 76 -27.76 -30.37 -40.47
C THR N 76 -28.42 -30.87 -41.75
N THR N 77 -27.66 -31.70 -42.49
CA THR N 77 -28.16 -32.57 -43.52
C THR N 77 -28.27 -34.03 -43.09
N GLU N 78 -27.47 -34.44 -42.11
CA GLU N 78 -27.47 -35.82 -41.65
C GLU N 78 -28.71 -36.13 -40.80
N VAL N 79 -29.18 -37.37 -40.90
CA VAL N 79 -30.23 -37.84 -39.99
C VAL N 79 -29.70 -37.86 -38.56
N VAL N 80 -30.57 -37.49 -37.61
CA VAL N 80 -30.27 -37.58 -36.18
C VAL N 80 -31.19 -38.65 -35.58
N ASN N 81 -30.68 -39.36 -34.58
CA ASN N 81 -31.42 -40.44 -33.92
C ASN N 81 -31.34 -40.25 -32.41
N THR N 82 -31.88 -41.19 -31.65
CA THR N 82 -31.90 -41.07 -30.20
C THR N 82 -30.51 -41.24 -29.57
N MET N 83 -29.50 -41.68 -30.33
CA MET N 83 -28.16 -41.98 -29.82
C MET N 83 -27.21 -40.80 -29.91
N CYS N 84 -27.68 -39.65 -30.42
CA CYS N 84 -26.79 -38.54 -30.70
C CYS N 84 -26.18 -37.95 -29.43
N GLY N 85 -26.88 -38.03 -28.30
CA GLY N 85 -26.29 -37.52 -27.07
C GLY N 85 -25.33 -38.48 -26.36
N TYR N 86 -25.13 -39.68 -26.90
CA TYR N 86 -24.31 -40.67 -26.21
C TYR N 86 -22.84 -40.25 -26.16
N LYS N 87 -22.19 -40.60 -25.06
CA LYS N 87 -20.74 -40.49 -24.91
C LYS N 87 -20.24 -39.09 -25.28
N THR N 88 -20.81 -38.09 -24.59
CA THR N 88 -20.46 -36.70 -24.86
C THR N 88 -19.92 -35.95 -23.64
N ILE N 89 -20.18 -36.44 -22.43
CA ILE N 89 -19.85 -35.69 -21.21
C ILE N 89 -18.33 -35.55 -21.04
N ASP N 90 -17.59 -36.62 -21.28
CA ASP N 90 -16.15 -36.61 -21.02
C ASP N 90 -15.31 -36.10 -22.19
N LYS N 91 -15.92 -35.79 -23.33
CA LYS N 91 -15.16 -35.42 -24.53
C LYS N 91 -14.91 -33.91 -24.65
N GLU N 92 -14.53 -33.25 -23.56
CA GLU N 92 -14.14 -31.83 -23.52
C GLU N 92 -15.35 -31.00 -23.96
N ARG N 93 -15.19 -29.94 -24.78
CA ARG N 93 -16.23 -29.27 -25.57
C ARG N 93 -16.10 -29.36 -27.09
N PHE N 94 -14.88 -29.42 -27.60
CA PHE N 94 -14.70 -29.11 -29.01
C PHE N 94 -15.00 -30.29 -29.92
N SER N 95 -14.92 -31.52 -29.42
CA SER N 95 -15.39 -32.66 -30.18
C SER N 95 -16.91 -32.69 -30.21
N VAL N 96 -17.55 -32.41 -29.08
CA VAL N 96 -19.00 -32.53 -28.98
C VAL N 96 -19.74 -31.33 -29.57
N GLN N 97 -19.10 -30.16 -29.64
CA GLN N 97 -19.81 -28.95 -30.06
C GLN N 97 -20.35 -29.04 -31.48
N ASP N 98 -19.96 -30.05 -32.25
CA ASP N 98 -20.58 -30.31 -33.55
C ASP N 98 -21.76 -31.28 -33.47
N VAL N 99 -22.05 -31.84 -32.29
CA VAL N 99 -23.09 -32.85 -32.11
C VAL N 99 -24.19 -32.40 -31.16
N ILE N 100 -23.82 -31.84 -30.02
CA ILE N 100 -24.83 -31.40 -29.05
C ILE N 100 -24.59 -29.93 -28.72
N TYR N 101 -25.67 -29.23 -28.39
CA TYR N 101 -25.52 -27.94 -27.74
C TYR N 101 -24.74 -28.12 -26.44
N VAL N 102 -23.69 -27.32 -26.26
CA VAL N 102 -22.85 -27.44 -25.08
C VAL N 102 -23.19 -26.39 -24.03
N ARG N 103 -23.58 -25.20 -24.49
CA ARG N 103 -23.95 -24.10 -23.60
C ARG N 103 -25.16 -24.47 -22.73
N GLY N 104 -25.14 -23.98 -21.47
CA GLY N 104 -26.22 -24.26 -20.53
C GLY N 104 -27.47 -23.43 -20.76
N CYS N 105 -28.58 -23.92 -20.24
CA CYS N 105 -29.86 -23.27 -20.50
C CYS N 105 -30.13 -22.11 -19.56
N THR N 106 -29.43 -22.05 -18.42
CA THR N 106 -29.66 -20.92 -17.53
C THR N 106 -29.19 -19.62 -18.19
N ASN N 107 -27.96 -19.60 -18.70
CA ASN N 107 -27.49 -18.38 -19.34
C ASN N 107 -28.27 -18.09 -20.64
N ALA N 108 -28.66 -19.12 -21.38
CA ALA N 108 -29.29 -18.92 -22.68
C ALA N 108 -30.68 -18.29 -22.53
N VAL N 109 -31.41 -18.70 -21.49
CA VAL N 109 -32.74 -18.14 -21.25
C VAL N 109 -32.64 -16.69 -20.79
N ILE N 110 -31.59 -16.33 -20.04
CA ILE N 110 -31.41 -14.94 -19.64
C ILE N 110 -31.11 -14.06 -20.86
N ILE N 111 -30.16 -14.46 -21.71
CA ILE N 111 -29.86 -13.54 -22.80
C ILE N 111 -31.06 -13.45 -23.72
N TRP N 112 -31.87 -14.51 -23.81
CA TRP N 112 -33.09 -14.45 -24.60
C TRP N 112 -34.05 -13.44 -24.01
N PHE N 113 -34.31 -13.56 -22.71
CA PHE N 113 -35.15 -12.59 -22.02
C PHE N 113 -34.64 -11.16 -22.18
N MET N 114 -33.31 -10.97 -22.17
CA MET N 114 -32.79 -9.60 -22.26
C MET N 114 -33.01 -9.00 -23.64
N ASP N 115 -32.80 -9.78 -24.69
CA ASP N 115 -33.01 -9.23 -26.02
C ASP N 115 -34.48 -8.95 -26.30
N ASN N 116 -35.38 -9.72 -25.70
CA ASN N 116 -36.78 -9.58 -26.06
C ASN N 116 -37.53 -8.80 -25.00
N LEU N 117 -36.78 -8.20 -24.08
CA LEU N 117 -37.30 -7.56 -22.88
C LEU N 117 -38.49 -6.65 -23.17
N GLU N 118 -38.39 -5.84 -24.22
CA GLU N 118 -39.40 -4.82 -24.50
C GLU N 118 -40.72 -5.44 -24.94
N VAL N 119 -40.67 -6.38 -25.88
CA VAL N 119 -41.89 -6.95 -26.44
C VAL N 119 -42.72 -7.70 -25.40
N LEU N 120 -42.11 -8.08 -24.26
CA LEU N 120 -42.80 -9.01 -23.38
C LEU N 120 -43.85 -8.32 -22.52
N PHE N 121 -43.96 -7.00 -22.61
CA PHE N 121 -44.95 -6.23 -21.85
C PHE N 121 -45.79 -5.34 -22.76
N GLN N 122 -45.58 -5.38 -24.06
CA GLN N 122 -46.41 -4.63 -25.01
C GLN N 122 -46.51 -5.35 -26.36
N PHE O 2 24.83 66.99 3.75
CA PHE O 2 26.03 66.70 2.98
C PHE O 2 26.60 65.33 3.30
N ARG O 3 25.88 64.52 4.09
CA ARG O 3 26.41 63.20 4.39
C ARG O 3 26.55 62.34 3.15
N GLN O 4 25.58 62.41 2.22
CA GLN O 4 25.74 61.66 0.98
C GLN O 4 26.96 62.14 0.19
N GLN O 5 27.25 63.45 0.25
CA GLN O 5 28.44 63.98 -0.41
C GLN O 5 29.71 63.63 0.36
N THR O 6 29.67 63.66 1.70
CA THR O 6 30.88 63.34 2.45
C THR O 6 31.25 61.87 2.31
N ILE O 7 30.25 60.97 2.24
CA ILE O 7 30.52 59.57 1.92
C ILE O 7 31.23 59.47 0.58
N ASP O 8 30.87 60.34 -0.37
CA ASP O 8 31.26 60.12 -1.77
C ASP O 8 32.78 60.10 -1.94
N PHE O 9 33.50 60.90 -1.15
CA PHE O 9 34.96 60.93 -1.25
C PHE O 9 35.56 59.56 -0.94
N LEU O 10 35.08 58.92 0.11
CA LEU O 10 35.62 57.62 0.53
C LEU O 10 35.36 56.56 -0.52
N ASN O 11 34.14 56.54 -1.06
CA ASN O 11 33.75 55.50 -2.01
C ASN O 11 34.62 55.54 -3.26
N ASP O 12 34.86 56.74 -3.80
CA ASP O 12 35.56 56.80 -5.08
C ASP O 12 37.05 56.59 -4.86
N ASN O 13 37.52 57.00 -3.67
CA ASN O 13 38.87 56.67 -3.20
C ASN O 13 39.06 55.16 -3.08
N ILE O 14 38.25 54.50 -2.25
CA ILE O 14 38.52 53.07 -2.10
C ILE O 14 38.03 52.27 -3.29
N ARG O 15 37.23 52.85 -4.18
CA ARG O 15 37.14 52.31 -5.52
C ARG O 15 38.51 52.35 -6.19
N ARG O 16 39.17 53.52 -6.15
CA ARG O 16 40.51 53.64 -6.72
C ARG O 16 41.48 52.69 -6.05
N GLY O 17 41.63 52.83 -4.73
CA GLY O 17 42.50 51.94 -3.95
C GLY O 17 42.12 50.48 -4.02
N ILE O 18 40.97 50.11 -4.60
CA ILE O 18 40.74 48.69 -4.84
C ILE O 18 41.38 48.22 -6.12
N GLU O 19 41.08 48.85 -7.23
CA GLU O 19 41.73 48.38 -8.45
C GLU O 19 43.21 48.65 -8.50
N ASN O 20 43.69 49.70 -7.85
CA ASN O 20 45.14 49.86 -7.72
C ASN O 20 45.71 49.07 -6.56
N TYR O 21 44.96 48.11 -6.01
CA TYR O 21 45.40 47.42 -4.79
C TYR O 21 46.78 46.79 -4.94
N TYR O 22 47.00 46.06 -6.04
CA TYR O 22 48.29 45.38 -6.23
C TYR O 22 49.35 46.26 -6.87
N ASP O 23 48.98 47.40 -7.43
CA ASP O 23 49.95 48.19 -8.17
C ASP O 23 50.70 49.18 -7.30
N ASP O 24 50.19 49.51 -6.12
CA ASP O 24 50.79 50.55 -5.29
C ASP O 24 50.70 50.09 -3.84
N LEU O 25 51.83 49.70 -3.25
CA LEU O 25 51.85 49.28 -1.86
C LEU O 25 51.30 50.35 -0.90
N ASP O 26 51.26 51.62 -1.31
CA ASP O 26 50.68 52.64 -0.42
C ASP O 26 49.16 52.46 -0.30
N PHE O 27 48.45 52.26 -1.42
CA PHE O 27 47.04 51.89 -1.36
C PHE O 27 46.85 50.57 -0.62
N LYS O 28 47.63 49.56 -1.00
CA LYS O 28 47.47 48.24 -0.42
C LYS O 28 47.59 48.30 1.11
N ASN O 29 48.53 49.10 1.63
CA ASN O 29 48.70 49.22 3.07
C ASN O 29 47.49 49.86 3.70
N ILE O 30 46.99 50.93 3.09
CA ILE O 30 45.85 51.64 3.65
C ILE O 30 44.62 50.76 3.60
N MET O 31 44.36 50.12 2.44
CA MET O 31 43.22 49.22 2.35
C MET O 31 43.33 48.09 3.37
N ASP O 32 44.52 47.48 3.51
CA ASP O 32 44.64 46.41 4.47
C ASP O 32 44.47 46.92 5.89
N PHE O 33 45.08 48.07 6.21
CA PHE O 33 44.95 48.64 7.54
C PHE O 33 43.48 48.85 7.91
N VAL O 34 42.71 49.47 7.01
CA VAL O 34 41.34 49.86 7.33
C VAL O 34 40.47 48.62 7.51
N GLN O 35 40.61 47.68 6.60
CA GLN O 35 39.77 46.49 6.66
C GLN O 35 40.03 45.71 7.93
N LYS O 36 41.28 45.58 8.36
CA LYS O 36 41.48 44.81 9.58
C LYS O 36 41.05 45.64 10.81
N LYS O 37 41.52 46.87 10.95
CA LYS O 37 41.18 47.56 12.21
C LYS O 37 39.70 47.89 12.32
N PHE O 38 39.06 48.31 11.25
CA PHE O 38 37.65 48.69 11.34
C PHE O 38 36.69 47.51 11.12
N LYS O 39 37.21 46.32 10.80
CA LYS O 39 36.41 45.12 10.67
C LYS O 39 35.35 45.27 9.57
N CYS O 40 35.83 45.58 8.38
CA CYS O 40 34.97 45.84 7.23
C CYS O 40 35.69 45.39 5.97
N CYS O 41 35.03 45.61 4.82
CA CYS O 41 35.55 45.04 3.58
C CYS O 41 34.97 45.80 2.39
N GLY O 42 35.84 46.20 1.46
CA GLY O 42 35.40 47.00 0.34
C GLY O 42 34.90 48.36 0.81
N GLY O 43 34.11 48.98 -0.07
CA GLY O 43 33.57 50.30 0.20
C GLY O 43 32.11 50.28 0.61
N GLU O 44 31.23 50.14 -0.38
CA GLU O 44 29.82 49.94 -0.06
C GLU O 44 29.63 48.64 0.73
N ASP O 45 30.17 47.54 0.22
CA ASP O 45 30.27 46.30 0.98
C ASP O 45 31.35 45.44 0.31
N TYR O 46 31.46 44.18 0.74
CA TYR O 46 32.58 43.34 0.36
C TYR O 46 32.63 43.03 -1.13
N ARG O 47 31.54 43.20 -1.88
CA ARG O 47 31.62 42.79 -3.28
C ARG O 47 32.23 43.84 -4.18
N ASP O 48 32.46 45.06 -3.68
CA ASP O 48 33.20 46.05 -4.46
C ASP O 48 34.47 45.45 -5.04
N TRP O 49 35.01 44.41 -4.39
CA TRP O 49 36.30 43.85 -4.76
C TRP O 49 36.32 43.25 -6.16
N SER O 50 35.16 42.86 -6.71
CA SER O 50 35.10 42.43 -8.09
C SER O 50 35.69 43.47 -9.03
N LYS O 51 35.72 44.74 -8.61
CA LYS O 51 36.34 45.81 -9.38
C LYS O 51 37.83 45.55 -9.66
N ASN O 52 38.51 44.75 -8.84
CA ASN O 52 39.91 44.49 -9.12
C ASN O 52 40.09 43.49 -10.25
N GLN O 53 41.02 43.79 -11.16
CA GLN O 53 41.37 42.91 -12.28
C GLN O 53 41.47 41.44 -11.89
N TYR O 54 42.20 41.15 -10.83
CA TYR O 54 42.46 39.78 -10.43
C TYR O 54 41.34 39.19 -9.57
N HIS O 55 40.33 39.97 -9.19
CA HIS O 55 39.24 39.44 -8.37
C HIS O 55 37.92 39.32 -9.12
N ASP O 56 37.85 39.78 -10.38
CA ASP O 56 36.64 39.60 -11.18
C ASP O 56 36.32 38.10 -11.21
N CYS O 57 35.06 37.78 -10.90
CA CYS O 57 34.57 36.39 -11.01
C CYS O 57 34.97 35.68 -12.29
N SER O 58 35.01 36.39 -13.40
CA SER O 58 35.40 35.77 -14.65
C SER O 58 36.90 35.51 -14.70
N ALA O 59 37.71 36.29 -13.98
CA ALA O 59 39.16 36.19 -14.12
C ALA O 59 39.63 34.77 -13.79
N PRO O 60 40.79 34.36 -14.30
CA PRO O 60 41.17 32.94 -14.14
C PRO O 60 41.71 32.59 -12.74
N GLY O 61 42.54 33.42 -12.13
CA GLY O 61 43.26 33.03 -10.94
C GLY O 61 42.38 32.67 -9.75
N PRO O 62 43.01 32.10 -8.70
CA PRO O 62 42.25 31.70 -7.50
C PRO O 62 41.57 32.85 -6.77
N LEU O 63 42.11 34.06 -6.86
CA LEU O 63 41.48 35.23 -6.31
C LEU O 63 40.17 35.55 -7.02
N ALA O 64 40.05 35.11 -8.27
CA ALA O 64 38.84 35.28 -9.02
C ALA O 64 37.64 34.95 -8.14
N CYS O 65 36.76 35.98 -7.97
CA CYS O 65 35.58 35.75 -7.33
C CYS O 65 35.90 35.32 -5.85
N GLY O 66 36.68 36.18 -5.17
CA GLY O 66 37.24 36.10 -3.84
C GLY O 66 37.49 37.49 -3.23
N VAL O 67 38.13 37.53 -2.07
CA VAL O 67 38.27 38.79 -1.35
C VAL O 67 39.54 38.75 -0.52
N PRO O 68 40.31 39.86 -0.42
CA PRO O 68 41.61 39.80 0.29
C PRO O 68 41.46 39.31 1.72
N TYR O 69 42.50 38.61 2.21
CA TYR O 69 42.40 37.99 3.53
C TYR O 69 42.22 39.02 4.65
N THR O 70 42.54 40.29 4.41
CA THR O 70 42.32 41.32 5.42
C THR O 70 40.83 41.60 5.63
N CYS O 71 39.94 40.96 4.87
CA CYS O 71 38.51 40.99 5.18
C CYS O 71 38.07 39.88 6.13
N CYS O 72 38.87 38.82 6.29
CA CYS O 72 38.45 37.65 7.05
C CYS O 72 38.32 37.94 8.54
N ILE O 73 37.43 37.23 9.19
CA ILE O 73 37.25 37.40 10.61
C ILE O 73 38.38 36.63 11.23
N ARG O 74 39.01 37.21 12.24
CA ARG O 74 40.15 36.57 12.89
C ARG O 74 39.81 36.22 14.30
N ASP O 75 38.71 36.75 14.81
CA ASP O 75 38.33 36.50 16.18
C ASP O 75 37.58 35.19 16.35
N THR O 76 38.32 34.08 16.20
CA THR O 76 37.78 32.74 16.36
C THR O 76 38.92 31.85 16.80
N THR O 77 38.56 30.71 17.34
CA THR O 77 39.51 29.73 17.80
C THR O 77 40.36 29.18 16.69
N GLU O 78 39.74 28.98 15.56
CA GLU O 78 40.41 28.38 14.42
C GLU O 78 41.49 29.22 13.80
N VAL O 79 42.42 28.54 13.17
CA VAL O 79 43.50 29.16 12.44
C VAL O 79 42.91 29.67 11.14
N VAL O 80 43.48 30.73 10.58
CA VAL O 80 42.99 31.28 9.33
C VAL O 80 44.14 31.28 8.35
N ASN O 81 43.84 31.15 7.06
CA ASN O 81 44.88 31.14 6.05
C ASN O 81 44.63 32.19 5.01
N THR O 82 45.57 32.37 4.10
CA THR O 82 45.37 33.39 3.08
C THR O 82 44.15 33.10 2.22
N MET O 83 43.70 31.84 2.20
CA MET O 83 42.61 31.39 1.35
C MET O 83 41.25 31.78 1.92
N CYS O 84 41.21 32.31 3.14
CA CYS O 84 39.96 32.51 3.87
C CYS O 84 38.97 33.40 3.14
N GLY O 85 39.42 34.25 2.22
CA GLY O 85 38.48 35.09 1.49
C GLY O 85 37.99 34.51 0.19
N TYR O 86 38.51 33.36 -0.22
CA TYR O 86 38.17 32.78 -1.52
C TYR O 86 36.68 32.39 -1.60
N LYS O 87 36.11 32.62 -2.79
CA LYS O 87 34.78 32.15 -3.24
C LYS O 87 33.69 32.66 -2.31
N THR O 88 33.80 33.94 -1.96
CA THR O 88 32.85 34.64 -1.12
C THR O 88 32.04 35.74 -1.79
N ILE O 89 32.43 36.34 -2.96
CA ILE O 89 31.67 37.50 -3.45
C ILE O 89 30.40 37.08 -4.11
N ASP O 90 30.29 35.83 -4.61
CA ASP O 90 29.01 35.40 -5.19
C ASP O 90 28.05 34.85 -4.16
N LYS O 91 28.53 34.60 -2.94
CA LYS O 91 27.82 33.63 -2.13
C LYS O 91 26.77 34.21 -1.18
N GLU O 92 26.44 35.53 -1.18
CA GLU O 92 25.31 36.03 -0.38
C GLU O 92 25.79 36.20 1.06
N ARG O 93 25.30 37.23 1.75
CA ARG O 93 25.93 37.70 2.98
C ARG O 93 25.77 36.70 4.13
N PHE O 94 24.56 36.17 4.34
CA PHE O 94 24.32 35.27 5.47
C PHE O 94 25.26 34.07 5.42
N SER O 95 25.56 33.63 4.20
CA SER O 95 26.45 32.52 3.92
C SER O 95 27.90 32.81 4.26
N VAL O 96 28.35 34.02 3.99
CA VAL O 96 29.79 34.30 4.06
C VAL O 96 30.16 34.97 5.39
N GLN O 97 29.18 35.56 6.10
CA GLN O 97 29.48 36.34 7.29
C GLN O 97 30.28 35.51 8.26
N ASP O 98 30.11 34.19 8.20
CA ASP O 98 30.83 33.27 9.07
C ASP O 98 32.34 33.39 8.89
N VAL O 99 32.80 33.85 7.72
CA VAL O 99 34.18 33.65 7.33
C VAL O 99 34.86 35.01 7.24
N ILE O 100 34.11 36.04 6.79
CA ILE O 100 34.65 37.37 6.52
C ILE O 100 33.71 38.43 7.05
N TYR O 101 34.21 39.67 7.10
CA TYR O 101 33.35 40.83 7.33
C TYR O 101 32.66 41.23 6.02
N VAL O 102 31.37 41.53 6.09
CA VAL O 102 30.62 41.89 4.91
C VAL O 102 30.44 43.40 4.79
N ARG O 103 30.29 44.11 5.91
CA ARG O 103 29.98 45.52 5.91
C ARG O 103 31.09 46.34 5.24
N GLY O 104 30.69 47.37 4.49
CA GLY O 104 31.66 48.20 3.80
C GLY O 104 32.42 49.10 4.75
N CYS O 105 33.61 49.50 4.34
CA CYS O 105 34.40 50.29 5.25
C CYS O 105 33.96 51.71 5.38
N THR O 106 33.30 52.23 4.36
CA THR O 106 32.92 53.62 4.38
C THR O 106 32.02 53.93 5.55
N ASN O 107 31.04 53.09 5.78
CA ASN O 107 30.20 53.32 6.91
C ASN O 107 30.97 53.18 8.19
N ALA O 108 31.80 52.17 8.26
CA ALA O 108 32.48 51.84 9.51
C ALA O 108 33.34 52.95 10.01
N VAL O 109 34.08 53.57 9.12
CA VAL O 109 34.91 54.68 9.53
C VAL O 109 34.06 55.84 9.97
N ILE O 110 32.98 56.07 9.25
CA ILE O 110 32.12 57.17 9.56
C ILE O 110 31.54 57.06 10.93
N ILE O 111 31.07 55.88 11.30
CA ILE O 111 30.51 55.74 12.62
C ILE O 111 31.56 55.95 13.70
N TRP O 112 32.77 55.45 13.47
CA TRP O 112 33.88 55.59 14.38
C TRP O 112 34.31 57.02 14.52
N PHE O 113 34.26 57.74 13.43
CA PHE O 113 34.69 59.10 13.43
C PHE O 113 33.90 59.95 14.42
N MET O 114 32.60 59.77 14.45
CA MET O 114 31.78 60.54 15.34
C MET O 114 32.01 60.36 16.84
N ASP O 115 32.12 59.13 17.30
CA ASP O 115 32.27 58.87 18.72
C ASP O 115 33.49 59.44 19.38
N ASN O 116 34.60 59.39 18.67
CA ASN O 116 35.85 59.85 19.22
C ASN O 116 36.12 61.31 18.99
N LEU O 117 35.18 62.02 18.38
CA LEU O 117 35.40 63.39 17.98
C LEU O 117 35.81 64.34 19.10
N GLU O 118 35.21 64.23 20.27
CA GLU O 118 35.57 65.15 21.33
C GLU O 118 37.03 65.04 21.74
N VAL O 119 37.56 63.84 21.78
CA VAL O 119 38.96 63.73 22.16
C VAL O 119 39.90 63.89 20.99
N LEU O 120 39.40 63.97 19.76
CA LEU O 120 40.33 64.07 18.65
C LEU O 120 41.19 65.30 18.69
N PHE O 121 40.57 66.44 18.86
CA PHE O 121 41.30 67.69 18.94
C PHE O 121 42.03 67.76 20.26
N GLN O 122 41.32 67.27 21.26
CA GLN O 122 41.79 67.22 22.62
C GLN O 122 40.83 66.31 23.35
N THR P 1 0.75 32.52 -10.69
CA THR P 1 0.89 32.91 -9.30
C THR P 1 0.00 34.08 -8.99
N PHE P 2 -1.16 33.82 -8.40
CA PHE P 2 -2.15 34.82 -7.94
C PHE P 2 -2.81 35.64 -9.02
N ARG P 3 -2.05 36.46 -9.72
CA ARG P 3 -2.57 37.21 -10.84
C ARG P 3 -2.91 36.21 -11.92
N GLN P 4 -2.04 35.24 -12.14
CA GLN P 4 -2.27 34.24 -13.14
C GLN P 4 -3.48 33.42 -12.80
N GLN P 5 -3.62 33.07 -11.55
CA GLN P 5 -4.73 32.25 -11.18
C GLN P 5 -6.02 32.97 -11.45
N THR P 6 -6.11 34.22 -11.05
CA THR P 6 -7.35 34.92 -11.30
C THR P 6 -7.60 35.12 -12.79
N ILE P 7 -6.55 35.42 -13.52
CA ILE P 7 -6.68 35.66 -14.93
C ILE P 7 -7.16 34.43 -15.67
N ASP P 8 -6.66 33.28 -15.30
CA ASP P 8 -7.07 32.08 -15.97
C ASP P 8 -8.47 31.72 -15.56
N PHE P 9 -8.86 32.14 -14.38
CA PHE P 9 -10.21 31.88 -13.99
C PHE P 9 -11.20 32.67 -14.82
N LEU P 10 -10.97 33.95 -15.01
CA LEU P 10 -11.90 34.71 -15.83
C LEU P 10 -11.91 34.25 -17.26
N ASN P 11 -10.74 33.99 -17.79
CA ASN P 11 -10.63 33.56 -19.17
C ASN P 11 -11.42 32.33 -19.40
N ASP P 12 -11.39 31.42 -18.45
CA ASP P 12 -12.15 30.21 -18.66
C ASP P 12 -13.64 30.51 -18.68
N ASN P 13 -14.09 31.36 -17.78
CA ASN P 13 -15.50 31.68 -17.77
C ASN P 13 -15.93 32.37 -19.04
N ILE P 14 -15.17 33.35 -19.51
CA ILE P 14 -15.59 34.00 -20.73
C ILE P 14 -15.39 33.13 -21.94
N ARG P 15 -14.46 32.18 -21.87
CA ARG P 15 -14.32 31.23 -22.98
C ARG P 15 -15.46 30.23 -22.99
N ARG P 16 -16.03 29.96 -21.83
CA ARG P 16 -17.18 29.09 -21.78
C ARG P 16 -18.37 29.92 -22.20
N GLY P 17 -18.35 31.19 -21.87
CA GLY P 17 -19.44 32.02 -22.30
C GLY P 17 -19.50 32.17 -23.80
N ILE P 18 -18.34 32.32 -24.41
CA ILE P 18 -18.28 32.51 -25.84
C ILE P 18 -18.94 31.44 -26.67
N GLU P 19 -18.82 30.19 -26.26
CA GLU P 19 -19.46 29.11 -26.98
C GLU P 19 -20.97 29.04 -26.71
N ASN P 20 -21.45 29.68 -25.66
CA ASN P 20 -22.87 29.73 -25.39
C ASN P 20 -23.41 31.10 -25.78
N TYR P 21 -22.71 31.81 -26.66
CA TYR P 21 -23.04 33.19 -27.00
C TYR P 21 -24.48 33.31 -27.49
N TYR P 22 -24.79 32.64 -28.58
CA TYR P 22 -26.12 32.76 -29.15
C TYR P 22 -27.15 31.89 -28.43
N ASP P 23 -26.72 31.02 -27.50
CA ASP P 23 -27.66 30.12 -26.82
C ASP P 23 -28.35 30.77 -25.63
N ASP P 24 -27.66 31.71 -24.99
CA ASP P 24 -28.13 32.32 -23.78
C ASP P 24 -27.97 33.82 -23.81
N LEU P 25 -29.09 34.50 -23.81
CA LEU P 25 -29.11 35.95 -23.87
C LEU P 25 -28.45 36.60 -22.69
N ASP P 26 -28.59 36.03 -21.51
CA ASP P 26 -27.98 36.64 -20.36
C ASP P 26 -26.50 36.71 -20.54
N PHE P 27 -25.86 35.65 -20.98
CA PHE P 27 -24.45 35.77 -21.21
C PHE P 27 -24.14 36.68 -22.37
N LYS P 28 -24.97 36.64 -23.41
CA LYS P 28 -24.76 37.46 -24.58
C LYS P 28 -24.81 38.92 -24.23
N ASN P 29 -25.73 39.32 -23.37
CA ASN P 29 -25.79 40.70 -22.96
C ASN P 29 -24.53 41.12 -22.24
N ILE P 30 -24.02 40.25 -21.38
CA ILE P 30 -22.82 40.54 -20.64
C ILE P 30 -21.61 40.70 -21.51
N MET P 31 -21.45 39.81 -22.47
CA MET P 31 -20.32 39.88 -23.35
C MET P 31 -20.44 41.12 -24.18
N ASP P 32 -21.61 41.35 -24.72
CA ASP P 32 -21.84 42.53 -25.54
C ASP P 32 -21.66 43.82 -24.73
N PHE P 33 -22.04 43.83 -23.45
CA PHE P 33 -21.87 45.03 -22.65
C PHE P 33 -20.41 45.27 -22.34
N VAL P 34 -19.70 44.22 -21.93
CA VAL P 34 -18.30 44.38 -21.58
C VAL P 34 -17.49 44.82 -22.78
N GLN P 35 -17.73 44.18 -23.93
CA GLN P 35 -16.87 44.47 -25.06
C GLN P 35 -17.03 45.91 -25.53
N LYS P 36 -18.25 46.44 -25.48
CA LYS P 36 -18.44 47.82 -25.93
C LYS P 36 -17.95 48.83 -24.88
N LYS P 37 -18.18 48.55 -23.60
CA LYS P 37 -17.88 49.55 -22.60
C LYS P 37 -16.39 49.60 -22.24
N PHE P 38 -15.73 48.45 -22.19
CA PHE P 38 -14.32 48.39 -21.84
C PHE P 38 -13.43 48.33 -23.07
N LYS P 39 -13.98 48.58 -24.26
CA LYS P 39 -13.24 48.57 -25.53
C LYS P 39 -12.28 47.39 -25.63
N CYS P 40 -12.83 46.19 -25.76
CA CYS P 40 -12.02 44.98 -25.78
C CYS P 40 -12.76 43.91 -26.54
N CYS P 41 -12.07 42.84 -26.88
CA CYS P 41 -12.73 41.77 -27.59
C CYS P 41 -12.24 40.44 -27.06
N GLY P 42 -13.17 39.54 -26.75
CA GLY P 42 -12.77 38.22 -26.33
C GLY P 42 -12.25 38.21 -24.91
N GLY P 43 -11.46 37.16 -24.62
CA GLY P 43 -10.91 36.94 -23.30
C GLY P 43 -9.45 37.28 -23.22
N GLU P 44 -8.58 36.37 -23.67
CA GLU P 44 -7.18 36.73 -23.81
C GLU P 44 -7.04 37.84 -24.85
N ASP P 45 -7.51 37.59 -26.06
CA ASP P 45 -7.72 38.67 -27.03
C ASP P 45 -8.87 38.28 -27.96
N TYR P 46 -8.95 38.96 -29.11
CA TYR P 46 -10.13 38.88 -29.95
C TYR P 46 -10.30 37.49 -30.60
N ARG P 47 -9.20 36.83 -30.94
CA ARG P 47 -9.32 35.53 -31.58
C ARG P 47 -10.00 34.47 -30.71
N ASP P 48 -10.28 34.76 -29.44
CA ASP P 48 -11.03 33.82 -28.61
C ASP P 48 -12.41 33.50 -29.17
N TRP P 49 -12.84 34.18 -30.23
CA TRP P 49 -14.18 33.95 -30.75
C TRP P 49 -14.28 32.70 -31.60
N SER P 50 -13.17 32.05 -31.95
CA SER P 50 -13.30 30.82 -32.71
C SER P 50 -13.92 29.70 -31.87
N LYS P 51 -13.98 29.85 -30.54
CA LYS P 51 -14.58 28.80 -29.70
C LYS P 51 -16.07 28.66 -30.00
N ASN P 52 -16.73 29.76 -30.37
CA ASN P 52 -18.12 29.68 -30.81
C ASN P 52 -18.18 28.99 -32.16
N GLN P 53 -19.11 28.04 -32.30
CA GLN P 53 -19.19 27.24 -33.52
C GLN P 53 -19.33 28.11 -34.77
N TYR P 54 -20.09 29.21 -34.68
CA TYR P 54 -20.34 30.00 -35.87
C TYR P 54 -19.16 30.87 -36.27
N HIS P 55 -18.25 31.17 -35.34
CA HIS P 55 -17.16 32.08 -35.65
C HIS P 55 -15.85 31.36 -35.98
N ASP P 56 -15.81 30.04 -35.79
CA ASP P 56 -14.71 29.20 -36.25
C ASP P 56 -14.34 29.54 -37.69
N CYS P 57 -13.04 29.72 -37.97
CA CYS P 57 -12.67 30.14 -39.32
C CYS P 57 -12.98 29.09 -40.37
N SER P 58 -13.12 27.82 -39.99
CA SER P 58 -13.51 26.81 -40.98
C SER P 58 -15.03 26.67 -41.09
N ALA P 59 -15.79 27.53 -40.42
CA ALA P 59 -17.24 27.37 -40.40
C ALA P 59 -17.85 27.84 -41.72
N PRO P 60 -19.06 27.37 -42.02
CA PRO P 60 -19.64 27.67 -43.35
C PRO P 60 -20.16 29.09 -43.51
N GLY P 61 -20.73 29.69 -42.46
CA GLY P 61 -21.54 30.88 -42.64
C GLY P 61 -20.73 32.17 -42.68
N PRO P 62 -21.45 33.28 -42.89
CA PRO P 62 -20.79 34.59 -42.98
C PRO P 62 -20.09 35.00 -41.70
N LEU P 63 -20.61 34.57 -40.54
CA LEU P 63 -19.99 34.91 -39.28
C LEU P 63 -18.64 34.24 -39.11
N ALA P 64 -18.40 33.16 -39.85
CA ALA P 64 -17.19 32.36 -39.70
C ALA P 64 -15.95 33.24 -39.81
N CYS P 65 -15.04 33.08 -38.85
CA CYS P 65 -13.75 33.78 -38.83
C CYS P 65 -13.95 35.27 -38.74
N GLY P 66 -15.05 35.67 -38.13
CA GLY P 66 -15.30 37.06 -37.83
C GLY P 66 -15.67 37.19 -36.37
N VAL P 67 -15.81 38.43 -35.94
CA VAL P 67 -15.92 38.71 -34.52
C VAL P 67 -17.23 39.49 -34.34
N PRO P 68 -17.88 39.43 -33.17
CA PRO P 68 -19.15 40.18 -33.02
C PRO P 68 -18.97 41.69 -33.14
N TYR P 69 -20.02 42.36 -33.65
CA TYR P 69 -19.96 43.79 -33.94
C TYR P 69 -19.76 44.66 -32.69
N THR P 70 -20.07 44.17 -31.49
CA THR P 70 -19.72 44.84 -30.24
C THR P 70 -18.22 44.92 -29.99
N CYS P 71 -17.42 44.30 -30.86
CA CYS P 71 -15.97 44.43 -30.83
C CYS P 71 -15.45 45.56 -31.71
N CYS P 72 -16.31 46.20 -32.50
CA CYS P 72 -15.88 47.16 -33.49
C CYS P 72 -15.68 48.54 -32.88
N ILE P 73 -14.69 49.29 -33.41
CA ILE P 73 -14.40 50.61 -32.89
C ILE P 73 -15.52 51.55 -33.28
N ARG P 74 -15.96 52.37 -32.33
CA ARG P 74 -17.13 53.22 -32.53
C ARG P 74 -16.76 54.69 -32.52
N ASP P 75 -15.49 54.99 -32.45
CA ASP P 75 -15.03 56.37 -32.41
C ASP P 75 -14.47 56.75 -33.77
N THR P 76 -15.33 56.78 -34.77
CA THR P 76 -14.94 57.28 -36.08
C THR P 76 -16.05 58.19 -36.58
N THR P 77 -15.79 58.83 -37.72
CA THR P 77 -16.87 59.54 -38.38
C THR P 77 -17.65 58.63 -39.29
N GLU P 78 -17.03 57.56 -39.78
CA GLU P 78 -17.70 56.65 -40.70
C GLU P 78 -18.80 55.90 -39.98
N VAL P 79 -19.92 55.69 -40.68
CA VAL P 79 -20.93 54.75 -40.20
C VAL P 79 -20.27 53.39 -40.02
N VAL P 80 -20.71 52.66 -38.99
CA VAL P 80 -20.29 51.30 -38.69
C VAL P 80 -21.53 50.43 -38.73
N ASN P 81 -21.44 49.28 -39.40
CA ASN P 81 -22.59 48.40 -39.61
C ASN P 81 -22.32 47.03 -38.95
N THR P 82 -23.35 46.14 -38.98
CA THR P 82 -23.21 44.84 -38.29
C THR P 82 -22.19 43.91 -38.94
N MET P 83 -21.44 44.41 -39.93
CA MET P 83 -20.53 43.55 -40.65
C MET P 83 -19.08 43.90 -40.35
N CYS P 84 -18.85 44.82 -39.41
CA CYS P 84 -17.55 45.43 -39.23
C CYS P 84 -16.52 44.45 -38.69
N GLY P 85 -16.95 43.48 -37.88
CA GLY P 85 -16.09 42.48 -37.32
C GLY P 85 -15.78 41.29 -38.20
N TYR P 86 -16.23 41.32 -39.46
CA TYR P 86 -16.11 40.17 -40.35
C TYR P 86 -14.66 39.94 -40.80
N LYS P 87 -14.33 38.66 -40.99
CA LYS P 87 -13.06 38.23 -41.57
C LYS P 87 -11.86 38.91 -40.89
N THR P 88 -11.84 38.84 -39.56
CA THR P 88 -10.79 39.47 -38.80
C THR P 88 -9.96 38.51 -37.95
N ILE P 89 -10.45 37.32 -37.61
CA ILE P 89 -9.77 36.53 -36.58
C ILE P 89 -8.36 36.13 -37.03
N ASP P 90 -8.14 35.99 -38.33
CA ASP P 90 -6.91 35.38 -38.79
C ASP P 90 -6.00 36.39 -39.53
N LYS P 91 -6.16 37.69 -39.24
CA LYS P 91 -5.45 38.77 -39.92
C LYS P 91 -4.64 39.57 -38.90
N GLU P 92 -3.57 38.94 -38.40
CA GLU P 92 -2.54 39.61 -37.60
C GLU P 92 -3.09 40.44 -36.44
N ARG P 93 -2.73 41.73 -36.42
CA ARG P 93 -3.13 42.68 -35.38
C ARG P 93 -3.17 44.08 -35.97
N PHE P 94 -2.00 44.55 -36.46
CA PHE P 94 -1.93 45.85 -37.11
C PHE P 94 -2.87 45.93 -38.30
N SER P 95 -3.15 44.80 -38.95
CA SER P 95 -4.09 44.81 -40.07
C SER P 95 -5.52 45.08 -39.61
N VAL P 96 -5.93 44.53 -38.46
CA VAL P 96 -7.30 44.71 -38.00
C VAL P 96 -7.44 45.71 -36.87
N GLN P 97 -6.34 46.22 -36.32
CA GLN P 97 -6.46 47.08 -35.14
C GLN P 97 -7.17 48.39 -35.41
N ASP P 98 -7.39 48.77 -36.66
CA ASP P 98 -8.12 49.99 -36.96
C ASP P 98 -9.64 49.77 -37.03
N VAL P 99 -10.11 48.53 -37.00
CA VAL P 99 -11.52 48.26 -37.22
C VAL P 99 -12.18 47.60 -36.00
N ILE P 100 -11.44 46.82 -35.20
CA ILE P 100 -11.94 46.20 -33.98
C ILE P 100 -10.93 46.40 -32.85
N TYR P 101 -11.45 46.59 -31.63
CA TYR P 101 -10.58 46.48 -30.46
C TYR P 101 -9.93 45.11 -30.45
N VAL P 102 -8.62 45.07 -30.24
CA VAL P 102 -7.93 43.78 -30.30
C VAL P 102 -7.61 43.25 -28.90
N ARG P 103 -7.36 44.14 -27.93
CA ARG P 103 -7.05 43.68 -26.58
C ARG P 103 -8.25 42.97 -25.96
N GLY P 104 -7.94 42.01 -25.08
CA GLY P 104 -8.97 41.15 -24.54
C GLY P 104 -9.64 41.74 -23.31
N CYS P 105 -10.81 41.21 -22.99
CA CYS P 105 -11.61 41.85 -21.97
C CYS P 105 -11.21 41.45 -20.55
N THR P 106 -10.55 40.31 -20.37
CA THR P 106 -10.19 39.93 -19.00
C THR P 106 -9.29 40.97 -18.38
N ASN P 107 -8.45 41.55 -19.19
CA ASN P 107 -7.39 42.30 -18.56
C ASN P 107 -7.71 43.80 -18.61
N ALA P 108 -8.58 44.19 -19.54
CA ALA P 108 -9.21 45.51 -19.51
C ALA P 108 -10.10 45.71 -18.28
N VAL P 109 -10.78 44.65 -17.83
CA VAL P 109 -11.63 44.72 -16.64
C VAL P 109 -10.81 44.87 -15.36
N ILE P 110 -9.74 44.11 -15.24
CA ILE P 110 -8.86 44.26 -14.09
C ILE P 110 -8.29 45.66 -14.03
N ILE P 111 -7.77 46.16 -15.14
CA ILE P 111 -7.04 47.43 -14.98
C ILE P 111 -8.03 48.56 -14.78
N TRP P 112 -9.26 48.43 -15.27
CA TRP P 112 -10.29 49.40 -14.90
C TRP P 112 -10.63 49.30 -13.42
N PHE P 113 -10.93 48.08 -12.95
CA PHE P 113 -11.22 47.85 -11.53
C PHE P 113 -10.14 48.44 -10.62
N MET P 114 -8.86 48.30 -10.97
CA MET P 114 -7.80 48.79 -10.10
C MET P 114 -7.71 50.31 -10.14
N ASP P 115 -8.02 50.89 -11.28
CA ASP P 115 -7.94 52.32 -11.46
C ASP P 115 -9.09 53.03 -10.77
N ASN P 116 -10.05 52.25 -10.26
CA ASN P 116 -11.27 52.74 -9.62
C ASN P 116 -11.49 52.14 -8.26
N LEU P 117 -10.49 51.45 -7.71
CA LEU P 117 -10.62 50.68 -6.48
C LEU P 117 -11.22 51.50 -5.34
N GLU P 118 -10.64 52.67 -5.07
CA GLU P 118 -11.06 53.45 -3.91
C GLU P 118 -12.49 53.94 -4.05
N VAL P 119 -12.89 54.27 -5.28
CA VAL P 119 -14.27 54.70 -5.53
C VAL P 119 -15.28 53.56 -5.34
N LEU P 120 -14.85 52.29 -5.42
CA LEU P 120 -15.77 51.16 -5.44
C LEU P 120 -16.23 50.72 -4.05
N PHE P 121 -15.85 51.44 -2.99
CA PHE P 121 -16.31 51.12 -1.65
C PHE P 121 -16.57 52.37 -0.84
N GLN P 122 -16.36 53.54 -1.42
CA GLN P 122 -16.68 54.80 -0.78
C GLN P 122 -17.19 55.77 -1.86
N THR Q 1 13.66 -45.57 -17.98
CA THR Q 1 12.43 -44.79 -18.00
C THR Q 1 12.67 -43.41 -17.42
N PHE Q 2 13.36 -42.56 -18.19
CA PHE Q 2 13.63 -41.18 -17.80
C PHE Q 2 14.33 -41.10 -16.45
N ARG Q 3 13.56 -40.83 -15.38
CA ARG Q 3 14.14 -40.78 -14.04
C ARG Q 3 14.92 -42.04 -13.71
N GLN Q 4 14.44 -43.18 -14.19
CA GLN Q 4 15.16 -44.43 -13.97
C GLN Q 4 16.44 -44.51 -14.78
N GLN Q 5 16.72 -43.51 -15.61
CA GLN Q 5 18.05 -43.37 -16.21
C GLN Q 5 19.00 -42.64 -15.29
N THR Q 6 18.53 -41.64 -14.56
CA THR Q 6 19.40 -40.90 -13.66
C THR Q 6 19.62 -41.63 -12.33
N ILE Q 7 18.73 -42.57 -11.97
CA ILE Q 7 19.01 -43.46 -10.85
C ILE Q 7 20.18 -44.38 -11.19
N ASP Q 8 20.16 -44.96 -12.38
CA ASP Q 8 21.24 -45.86 -12.77
C ASP Q 8 22.55 -45.10 -12.87
N PHE Q 9 22.51 -43.92 -13.49
CA PHE Q 9 23.70 -43.09 -13.56
C PHE Q 9 24.22 -42.75 -12.17
N LEU Q 10 23.31 -42.38 -11.27
CA LEU Q 10 23.74 -41.94 -9.95
C LEU Q 10 24.29 -43.09 -9.12
N ASN Q 11 23.62 -44.25 -9.15
CA ASN Q 11 24.07 -45.42 -8.37
C ASN Q 11 25.36 -46.01 -8.92
N ASP Q 12 25.50 -46.07 -10.23
CA ASP Q 12 26.73 -46.63 -10.76
C ASP Q 12 27.94 -45.76 -10.43
N ASN Q 13 27.80 -44.43 -10.42
CA ASN Q 13 28.97 -43.65 -10.06
C ASN Q 13 29.37 -43.87 -8.61
N ILE Q 14 28.39 -43.94 -7.72
CA ILE Q 14 28.82 -44.05 -6.33
C ILE Q 14 29.16 -45.50 -5.98
N ARG Q 15 28.65 -46.49 -6.71
CA ARG Q 15 29.22 -47.84 -6.56
C ARG Q 15 30.72 -47.84 -6.87
N ARG Q 16 31.14 -47.04 -7.86
CA ARG Q 16 32.56 -46.96 -8.19
C ARG Q 16 33.34 -46.20 -7.12
N GLY Q 17 32.77 -45.13 -6.57
CA GLY Q 17 33.48 -44.41 -5.53
C GLY Q 17 33.52 -45.13 -4.20
N ILE Q 18 32.66 -46.14 -4.01
CA ILE Q 18 32.74 -46.98 -2.82
C ILE Q 18 33.92 -47.95 -2.91
N GLU Q 19 34.14 -48.57 -4.07
CA GLU Q 19 35.36 -49.37 -4.26
C GLU Q 19 36.60 -48.51 -4.06
N ASN Q 20 36.63 -47.33 -4.68
CA ASN Q 20 37.78 -46.47 -4.65
C ASN Q 20 37.79 -45.54 -3.43
N TYR Q 21 37.04 -45.89 -2.39
CA TYR Q 21 36.82 -44.96 -1.28
C TYR Q 21 38.11 -44.59 -0.59
N TYR Q 22 38.94 -45.59 -0.26
CA TYR Q 22 40.22 -45.35 0.40
C TYR Q 22 41.37 -45.05 -0.57
N ASP Q 23 41.22 -45.42 -1.84
CA ASP Q 23 42.30 -45.22 -2.81
C ASP Q 23 42.49 -43.74 -3.14
N ASP Q 24 41.43 -42.94 -3.05
CA ASP Q 24 41.43 -41.60 -3.66
C ASP Q 24 40.62 -40.65 -2.80
N LEU Q 25 41.33 -39.70 -2.19
CA LEU Q 25 40.74 -38.70 -1.33
C LEU Q 25 39.70 -37.83 -2.02
N ASP Q 26 39.66 -37.83 -3.36
CA ASP Q 26 38.59 -37.12 -4.05
C ASP Q 26 37.25 -37.85 -3.88
N PHE Q 27 37.19 -39.13 -4.27
CA PHE Q 27 35.96 -39.89 -4.05
C PHE Q 27 35.60 -39.90 -2.56
N LYS Q 28 36.60 -40.13 -1.70
CA LYS Q 28 36.34 -40.17 -0.27
C LYS Q 28 35.76 -38.86 0.24
N ASN Q 29 36.32 -37.72 -0.21
CA ASN Q 29 35.82 -36.43 0.23
C ASN Q 29 34.38 -36.22 -0.20
N ILE Q 30 34.01 -36.71 -1.40
CA ILE Q 30 32.66 -36.52 -1.92
C ILE Q 30 31.67 -37.41 -1.19
N MET Q 31 32.00 -38.69 -1.06
CA MET Q 31 31.11 -39.60 -0.34
C MET Q 31 30.87 -39.10 1.07
N ASP Q 32 31.94 -38.70 1.77
CA ASP Q 32 31.79 -38.27 3.15
C ASP Q 32 30.96 -37.00 3.26
N PHE Q 33 31.01 -36.15 2.25
CA PHE Q 33 30.20 -34.94 2.28
C PHE Q 33 28.75 -35.27 2.06
N VAL Q 34 28.45 -35.95 0.94
CA VAL Q 34 27.09 -36.37 0.65
C VAL Q 34 26.44 -37.08 1.84
N GLN Q 35 27.10 -38.12 2.37
CA GLN Q 35 26.43 -38.93 3.40
C GLN Q 35 26.09 -38.09 4.63
N LYS Q 36 27.04 -37.27 5.10
CA LYS Q 36 26.82 -36.41 6.25
C LYS Q 36 25.75 -35.34 5.96
N LYS Q 37 25.78 -34.77 4.76
CA LYS Q 37 24.90 -33.66 4.40
C LYS Q 37 23.46 -34.10 4.15
N PHE Q 38 23.25 -34.97 3.17
CA PHE Q 38 21.88 -35.35 2.83
C PHE Q 38 21.33 -36.42 3.77
N LYS Q 39 22.07 -36.75 4.82
CA LYS Q 39 21.65 -37.71 5.85
C LYS Q 39 21.18 -39.00 5.19
N CYS Q 40 22.14 -39.64 4.53
CA CYS Q 40 21.94 -40.84 3.75
C CYS Q 40 23.21 -41.66 3.85
N CYS Q 41 23.15 -42.90 3.40
CA CYS Q 41 24.32 -43.76 3.45
C CYS Q 41 24.34 -44.71 2.26
N GLY Q 42 25.46 -44.80 1.58
CA GLY Q 42 25.51 -45.66 0.42
C GLY Q 42 24.84 -45.01 -0.78
N GLY Q 43 24.54 -45.83 -1.77
CA GLY Q 43 23.99 -45.29 -3.00
C GLY Q 43 22.51 -45.52 -3.17
N GLU Q 44 22.16 -46.74 -3.58
CA GLU Q 44 20.77 -47.16 -3.46
C GLU Q 44 20.35 -47.11 -2.00
N ASP Q 45 21.20 -47.60 -1.11
CA ASP Q 45 20.94 -47.69 0.33
C ASP Q 45 22.26 -48.08 0.98
N TYR Q 46 22.23 -48.28 2.30
CA TYR Q 46 23.45 -48.34 3.09
C TYR Q 46 24.21 -49.65 2.96
N ARG Q 47 23.57 -50.72 2.49
CA ARG Q 47 24.31 -51.98 2.38
C ARG Q 47 25.25 -52.00 1.17
N ASP Q 48 25.19 -50.99 0.31
CA ASP Q 48 26.12 -50.86 -0.81
C ASP Q 48 27.57 -50.82 -0.37
N TRP Q 49 27.86 -50.61 0.92
CA TRP Q 49 29.23 -50.50 1.40
C TRP Q 49 29.96 -51.84 1.41
N SER Q 50 29.22 -52.96 1.36
CA SER Q 50 29.88 -54.26 1.23
C SER Q 50 30.75 -54.32 -0.03
N LYS Q 51 30.41 -53.54 -1.05
CA LYS Q 51 31.19 -53.50 -2.28
C LYS Q 51 32.66 -53.13 -2.02
N ASN Q 52 32.97 -52.48 -0.92
CA ASN Q 52 34.34 -52.06 -0.64
C ASN Q 52 35.08 -53.15 0.11
N GLN Q 53 36.32 -53.43 -0.32
CA GLN Q 53 36.91 -54.74 -0.05
C GLN Q 53 37.13 -54.93 1.45
N TYR Q 54 37.33 -53.83 2.18
CA TYR Q 54 37.50 -53.85 3.63
C TYR Q 54 36.17 -53.91 4.38
N HIS Q 55 35.05 -53.55 3.73
CA HIS Q 55 33.73 -53.58 4.35
C HIS Q 55 32.91 -54.80 3.94
N ASP Q 56 33.42 -55.61 3.02
CA ASP Q 56 32.90 -56.96 2.80
C ASP Q 56 32.65 -57.66 4.13
N CYS Q 57 31.47 -58.32 4.26
CA CYS Q 57 31.12 -59.00 5.51
C CYS Q 57 31.91 -60.30 5.71
N SER Q 58 32.76 -60.68 4.75
CA SER Q 58 33.70 -61.78 4.96
C SER Q 58 35.14 -61.28 5.07
N ALA Q 59 35.36 -59.98 5.19
CA ALA Q 59 36.71 -59.47 5.31
C ALA Q 59 37.25 -59.69 6.72
N PRO Q 60 38.56 -59.89 6.87
CA PRO Q 60 39.15 -59.99 8.21
C PRO Q 60 39.13 -58.72 9.06
N GLY Q 61 39.12 -57.52 8.47
CA GLY Q 61 39.34 -56.32 9.25
C GLY Q 61 38.17 -55.81 10.08
N PRO Q 62 38.39 -54.81 10.96
CA PRO Q 62 37.28 -54.27 11.78
C PRO Q 62 36.18 -53.64 10.97
N LEU Q 63 36.53 -53.12 9.79
CA LEU Q 63 35.54 -52.42 8.98
C LEU Q 63 34.55 -53.39 8.39
N ALA Q 64 34.97 -54.66 8.32
CA ALA Q 64 34.19 -55.69 7.66
C ALA Q 64 32.76 -55.70 8.17
N CYS Q 65 31.84 -55.64 7.22
CA CYS Q 65 30.41 -55.75 7.45
C CYS Q 65 29.95 -54.53 8.26
N GLY Q 66 30.62 -53.40 8.00
CA GLY Q 66 30.34 -52.16 8.69
C GLY Q 66 30.25 -51.03 7.67
N VAL Q 67 30.23 -49.82 8.20
CA VAL Q 67 29.85 -48.66 7.42
C VAL Q 67 30.70 -47.48 7.90
N PRO Q 68 31.10 -46.56 7.01
CA PRO Q 68 31.94 -45.45 7.45
C PRO Q 68 31.19 -44.52 8.42
N TYR Q 69 31.94 -43.99 9.38
CA TYR Q 69 31.35 -43.15 10.42
C TYR Q 69 30.61 -41.93 9.87
N THR Q 70 30.84 -41.52 8.63
CA THR Q 70 30.00 -40.47 8.05
C THR Q 70 28.58 -40.93 7.74
N CYS Q 71 28.25 -42.18 8.04
CA CYS Q 71 26.87 -42.62 7.91
C CYS Q 71 26.11 -42.53 9.23
N CYS Q 72 26.81 -42.22 10.32
CA CYS Q 72 26.23 -42.27 11.66
C CYS Q 72 25.38 -41.04 11.95
N ILE Q 73 24.30 -41.26 12.73
CA ILE Q 73 23.51 -40.12 13.22
C ILE Q 73 24.32 -39.32 14.23
N ARG Q 74 24.23 -38.00 14.09
CA ARG Q 74 24.99 -37.05 14.87
C ARG Q 74 24.05 -36.12 15.62
N ASP Q 75 22.76 -36.36 15.55
CA ASP Q 75 21.75 -35.57 16.24
C ASP Q 75 21.35 -36.31 17.53
N THR Q 76 22.30 -36.47 18.44
CA THR Q 76 21.97 -37.08 19.71
C THR Q 76 22.60 -36.24 20.81
N THR Q 77 22.38 -36.67 22.04
CA THR Q 77 23.18 -36.13 23.13
C THR Q 77 24.47 -36.95 23.32
N GLU Q 78 24.42 -38.24 23.02
CA GLU Q 78 25.57 -39.10 23.23
C GLU Q 78 26.74 -38.72 22.33
N VAL Q 79 27.96 -38.98 22.80
CA VAL Q 79 29.13 -38.87 21.95
C VAL Q 79 29.12 -40.02 20.95
N VAL Q 80 29.67 -39.75 19.77
CA VAL Q 80 29.77 -40.72 18.69
C VAL Q 80 31.25 -40.84 18.36
N ASN Q 81 31.75 -42.06 18.28
CA ASN Q 81 33.13 -42.27 17.88
C ASN Q 81 33.18 -42.86 16.47
N THR Q 82 34.38 -43.20 16.01
CA THR Q 82 34.60 -43.67 14.64
C THR Q 82 34.28 -45.14 14.50
N MET Q 83 33.75 -45.76 15.54
CA MET Q 83 33.31 -47.15 15.46
C MET Q 83 31.80 -47.25 15.36
N CYS Q 84 31.10 -46.13 15.22
CA CYS Q 84 29.65 -46.10 15.34
C CYS Q 84 28.95 -46.91 14.26
N GLY Q 85 29.49 -46.94 13.04
CA GLY Q 85 28.88 -47.78 12.02
C GLY Q 85 29.42 -49.19 11.91
N TYR Q 86 30.20 -49.64 12.90
CA TYR Q 86 30.68 -51.02 12.92
C TYR Q 86 29.51 -52.00 13.06
N LYS Q 87 29.55 -53.08 12.26
CA LYS Q 87 28.61 -54.20 12.40
C LYS Q 87 27.17 -53.77 12.21
N THR Q 88 26.92 -53.09 11.11
CA THR Q 88 25.60 -52.57 10.81
C THR Q 88 24.95 -53.19 9.59
N ILE Q 89 25.72 -53.92 8.80
CA ILE Q 89 25.20 -54.50 7.56
C ILE Q 89 24.26 -55.71 7.70
N ASP Q 90 24.75 -56.78 8.28
CA ASP Q 90 23.93 -57.97 8.45
C ASP Q 90 22.78 -57.85 9.46
N LYS Q 91 22.90 -56.96 10.44
CA LYS Q 91 21.85 -56.82 11.45
C LYS Q 91 20.55 -56.19 10.94
N GLU Q 92 19.50 -56.32 11.73
CA GLU Q 92 18.20 -55.81 11.33
C GLU Q 92 18.16 -54.31 11.12
N ARG Q 93 17.47 -53.87 10.08
CA ARG Q 93 17.36 -52.46 9.75
C ARG Q 93 16.68 -51.67 10.85
N PHE Q 94 15.67 -52.26 11.48
CA PHE Q 94 14.99 -51.66 12.60
C PHE Q 94 15.93 -51.48 13.77
N SER Q 95 16.81 -52.47 13.98
CA SER Q 95 17.78 -52.45 15.05
C SER Q 95 18.96 -51.51 14.87
N VAL Q 96 19.11 -50.89 13.69
CA VAL Q 96 20.20 -49.96 13.46
C VAL Q 96 19.73 -48.62 12.95
N GLN Q 97 18.44 -48.44 12.74
CA GLN Q 97 17.93 -47.15 12.28
C GLN Q 97 18.24 -46.04 13.25
N ASP Q 98 18.53 -46.36 14.52
CA ASP Q 98 18.87 -45.36 15.51
C ASP Q 98 20.35 -45.03 15.54
N VAL Q 99 21.19 -45.74 14.81
CA VAL Q 99 22.64 -45.51 14.84
C VAL Q 99 23.14 -44.88 13.55
N ILE Q 100 22.74 -45.43 12.40
CA ILE Q 100 23.21 -44.94 11.11
C ILE Q 100 22.00 -44.55 10.28
N TYR Q 101 22.23 -43.68 9.29
CA TYR Q 101 21.26 -43.45 8.22
C TYR Q 101 21.19 -44.69 7.34
N VAL Q 102 20.01 -44.96 6.77
CA VAL Q 102 19.87 -46.16 5.97
C VAL Q 102 19.46 -45.79 4.55
N ARG Q 103 18.76 -44.66 4.39
CA ARG Q 103 18.32 -44.26 3.06
C ARG Q 103 19.52 -43.96 2.16
N GLY Q 104 19.37 -44.32 0.88
CA GLY Q 104 20.46 -44.17 -0.06
C GLY Q 104 20.63 -42.74 -0.50
N CYS Q 105 21.89 -42.36 -0.70
CA CYS Q 105 22.16 -40.99 -1.10
C CYS Q 105 21.57 -40.66 -2.47
N THR Q 106 21.35 -41.66 -3.32
CA THR Q 106 20.84 -41.37 -4.66
C THR Q 106 19.52 -40.61 -4.63
N ASN Q 107 18.47 -41.23 -4.10
CA ASN Q 107 17.18 -40.56 -4.05
C ASN Q 107 17.26 -39.25 -3.30
N ALA Q 108 18.00 -39.24 -2.18
CA ALA Q 108 18.13 -38.04 -1.38
C ALA Q 108 18.67 -36.88 -2.19
N VAL Q 109 19.63 -37.13 -3.09
CA VAL Q 109 20.23 -36.02 -3.83
C VAL Q 109 19.27 -35.53 -4.90
N ILE Q 110 18.57 -36.47 -5.53
CA ILE Q 110 17.53 -36.12 -6.50
C ILE Q 110 16.38 -35.38 -5.83
N ILE Q 111 15.91 -35.83 -4.66
CA ILE Q 111 14.83 -35.11 -4.02
C ILE Q 111 15.28 -33.70 -3.63
N TRP Q 112 16.50 -33.55 -3.12
CA TRP Q 112 16.94 -32.21 -2.74
C TRP Q 112 17.08 -31.31 -3.96
N PHE Q 113 17.62 -31.82 -5.05
CA PHE Q 113 17.81 -30.97 -6.21
C PHE Q 113 16.49 -30.42 -6.74
N MET Q 114 15.44 -31.25 -6.75
CA MET Q 114 14.16 -30.81 -7.28
C MET Q 114 13.51 -29.78 -6.38
N ASP Q 115 13.67 -29.93 -5.07
CA ASP Q 115 13.16 -28.93 -4.14
C ASP Q 115 13.75 -27.56 -4.44
N ASN Q 116 14.97 -27.50 -4.98
CA ASN Q 116 15.76 -26.27 -4.97
C ASN Q 116 16.06 -25.72 -6.36
N LEU Q 117 15.35 -26.17 -7.40
CA LEU Q 117 15.75 -25.86 -8.76
C LEU Q 117 15.49 -24.39 -9.12
N GLU Q 118 14.32 -23.87 -8.73
CA GLU Q 118 13.99 -22.48 -9.03
C GLU Q 118 15.03 -21.52 -8.48
N VAL Q 119 15.75 -21.93 -7.43
CA VAL Q 119 16.73 -21.06 -6.79
C VAL Q 119 18.12 -21.19 -7.43
N LEU Q 120 18.40 -22.29 -8.14
CA LEU Q 120 19.80 -22.66 -8.41
C LEU Q 120 20.39 -22.06 -9.69
N PHE Q 121 19.59 -21.90 -10.77
CA PHE Q 121 20.16 -21.37 -12.01
C PHE Q 121 20.52 -19.89 -11.87
N GLN Q 122 19.55 -19.06 -11.55
CA GLN Q 122 19.79 -17.64 -11.28
C GLN Q 122 18.62 -17.03 -10.52
N THR R 1 -21.71 24.84 -17.90
CA THR R 1 -22.95 25.10 -18.61
C THR R 1 -23.33 26.56 -18.45
N PHE R 2 -22.32 27.39 -18.19
CA PHE R 2 -22.52 28.83 -18.05
C PHE R 2 -23.54 29.08 -16.98
N ARG R 3 -24.75 29.36 -17.43
CA ARG R 3 -25.85 29.68 -16.54
C ARG R 3 -26.10 28.59 -15.51
N GLN R 4 -26.02 27.32 -15.89
CA GLN R 4 -26.22 26.29 -14.91
C GLN R 4 -25.16 26.38 -13.82
N GLN R 5 -23.91 26.61 -14.18
CA GLN R 5 -22.88 26.67 -13.18
C GLN R 5 -23.13 27.81 -12.22
N THR R 6 -23.51 28.97 -12.71
CA THR R 6 -23.77 30.05 -11.77
C THR R 6 -24.98 29.71 -10.93
N ILE R 7 -26.00 29.17 -11.56
CA ILE R 7 -27.21 28.84 -10.82
C ILE R 7 -26.96 27.82 -9.75
N ASP R 8 -26.14 26.83 -10.04
CA ASP R 8 -25.80 25.86 -9.04
C ASP R 8 -25.03 26.48 -7.91
N PHE R 9 -24.14 27.41 -8.21
CA PHE R 9 -23.36 28.00 -7.15
C PHE R 9 -24.21 28.71 -6.14
N LEU R 10 -25.19 29.45 -6.61
CA LEU R 10 -26.08 30.15 -5.71
C LEU R 10 -26.92 29.21 -4.91
N ASN R 11 -27.41 28.18 -5.57
CA ASN R 11 -28.26 27.24 -4.91
C ASN R 11 -27.57 26.56 -3.76
N ASP R 12 -26.28 26.33 -3.90
CA ASP R 12 -25.49 25.68 -2.84
C ASP R 12 -25.28 26.62 -1.66
N ASN R 13 -24.97 27.88 -1.93
CA ASN R 13 -24.75 28.83 -0.83
C ASN R 13 -26.04 29.11 -0.07
N ILE R 14 -27.14 29.30 -0.78
CA ILE R 14 -28.43 29.49 -0.11
C ILE R 14 -28.78 28.28 0.75
N ARG R 15 -28.66 27.05 0.20
CA ARG R 15 -28.87 25.81 0.97
C ARG R 15 -28.11 25.86 2.29
N ARG R 16 -26.79 26.06 2.23
CA ARG R 16 -26.01 26.16 3.46
C ARG R 16 -26.50 27.29 4.34
N GLY R 17 -26.88 28.42 3.76
CA GLY R 17 -27.40 29.50 4.58
C GLY R 17 -28.70 29.11 5.27
N ILE R 18 -29.51 28.29 4.61
CA ILE R 18 -30.78 27.89 5.19
C ILE R 18 -30.54 27.03 6.43
N GLU R 19 -29.57 26.12 6.37
CA GLU R 19 -29.28 25.27 7.52
C GLU R 19 -28.87 26.09 8.73
N ASN R 20 -27.83 26.89 8.58
CA ASN R 20 -27.30 27.71 9.66
C ASN R 20 -28.17 28.95 9.91
N TYR R 21 -29.43 28.91 9.47
CA TYR R 21 -30.30 30.09 9.56
C TYR R 21 -30.38 30.63 10.98
N TYR R 22 -30.70 29.77 11.95
CA TYR R 22 -30.83 30.19 13.34
C TYR R 22 -29.52 30.10 14.12
N ASP R 23 -28.44 29.66 13.48
CA ASP R 23 -27.16 29.53 14.14
C ASP R 23 -26.24 30.74 13.98
N ASP R 24 -26.37 31.50 12.89
CA ASP R 24 -25.44 32.58 12.59
C ASP R 24 -26.26 33.75 12.05
N LEU R 25 -26.35 34.83 12.84
CA LEU R 25 -27.19 35.95 12.45
C LEU R 25 -26.76 36.54 11.11
N ASP R 26 -25.50 36.32 10.71
CA ASP R 26 -25.04 36.79 9.42
C ASP R 26 -25.75 36.08 8.26
N PHE R 27 -25.70 34.74 8.24
CA PHE R 27 -26.53 34.02 7.27
C PHE R 27 -27.97 34.44 7.43
N LYS R 28 -28.45 34.56 8.67
CA LYS R 28 -29.87 34.84 8.83
C LYS R 28 -30.25 36.20 8.27
N ASN R 29 -29.47 37.25 8.60
CA ASN R 29 -29.79 38.57 8.07
C ASN R 29 -29.77 38.56 6.55
N ILE R 30 -28.82 37.84 5.96
CA ILE R 30 -28.74 37.77 4.49
C ILE R 30 -29.97 37.10 3.92
N MET R 31 -30.40 35.92 4.45
CA MET R 31 -31.64 35.33 3.92
C MET R 31 -32.78 36.34 3.99
N ASP R 32 -32.99 36.92 5.17
CA ASP R 32 -34.12 37.81 5.34
C ASP R 32 -34.05 38.99 4.37
N PHE R 33 -32.85 39.55 4.18
CA PHE R 33 -32.77 40.72 3.31
C PHE R 33 -33.06 40.34 1.86
N VAL R 34 -32.59 39.17 1.43
CA VAL R 34 -32.76 38.80 0.03
C VAL R 34 -34.22 38.50 -0.27
N GLN R 35 -34.90 37.81 0.64
CA GLN R 35 -36.26 37.37 0.34
C GLN R 35 -37.28 38.49 0.51
N LYS R 36 -37.04 39.44 1.42
CA LYS R 36 -37.99 40.56 1.50
C LYS R 36 -37.72 41.59 0.40
N LYS R 37 -36.51 41.66 -0.12
CA LYS R 37 -36.26 42.64 -1.17
C LYS R 37 -36.55 42.05 -2.55
N PHE R 38 -36.01 40.88 -2.88
CA PHE R 38 -36.22 40.33 -4.21
C PHE R 38 -37.54 39.58 -4.32
N LYS R 39 -38.31 39.49 -3.24
CA LYS R 39 -39.65 38.93 -3.26
C LYS R 39 -39.63 37.47 -3.72
N CYS R 40 -39.13 36.61 -2.85
CA CYS R 40 -38.84 35.22 -3.21
C CYS R 40 -38.55 34.45 -1.94
N CYS R 41 -38.56 33.13 -2.06
CA CYS R 41 -38.34 32.27 -0.91
C CYS R 41 -37.44 31.09 -1.27
N GLY R 42 -36.38 30.90 -0.50
CA GLY R 42 -35.46 29.83 -0.77
C GLY R 42 -34.56 30.09 -1.98
N GLY R 43 -33.90 29.02 -2.41
CA GLY R 43 -33.01 29.05 -3.56
C GLY R 43 -33.69 28.72 -4.86
N GLU R 44 -34.08 27.47 -5.04
CA GLU R 44 -34.83 27.10 -6.23
C GLU R 44 -36.32 27.41 -6.06
N ASP R 45 -36.92 27.00 -4.94
CA ASP R 45 -38.25 27.46 -4.58
C ASP R 45 -38.39 27.48 -3.07
N TYR R 46 -39.57 27.92 -2.60
CA TYR R 46 -39.79 28.14 -1.17
C TYR R 46 -39.65 26.86 -0.36
N ARG R 47 -39.97 25.71 -0.97
CA ARG R 47 -39.86 24.41 -0.31
C ARG R 47 -38.42 24.06 0.08
N ASP R 48 -37.42 24.82 -0.40
CA ASP R 48 -36.04 24.62 0.04
C ASP R 48 -35.90 24.62 1.55
N TRP R 49 -36.83 25.27 2.26
CA TRP R 49 -36.71 25.44 3.70
C TRP R 49 -36.83 24.14 4.48
N SER R 50 -37.29 23.05 3.87
CA SER R 50 -37.27 21.79 4.60
C SER R 50 -35.85 21.29 4.89
N LYS R 51 -34.82 21.85 4.24
CA LYS R 51 -33.43 21.50 4.55
C LYS R 51 -33.01 21.96 5.95
N ASN R 52 -33.67 22.97 6.51
CA ASN R 52 -33.40 23.42 7.88
C ASN R 52 -34.20 22.58 8.89
N GLN R 53 -33.53 22.18 9.97
CA GLN R 53 -34.02 21.10 10.80
C GLN R 53 -35.33 21.45 11.50
N TYR R 54 -35.58 22.74 11.73
CA TYR R 54 -36.85 23.13 12.33
C TYR R 54 -37.96 23.24 11.30
N HIS R 55 -37.63 23.36 10.03
CA HIS R 55 -38.61 23.56 8.98
C HIS R 55 -38.95 22.28 8.22
N ASP R 56 -38.17 21.22 8.42
CA ASP R 56 -38.52 19.89 7.91
C ASP R 56 -39.91 19.49 8.41
N CYS R 57 -40.67 18.80 7.55
CA CYS R 57 -42.05 18.46 7.91
C CYS R 57 -42.16 17.33 8.93
N SER R 58 -41.05 16.62 9.23
CA SER R 58 -41.01 15.65 10.31
C SER R 58 -40.82 16.28 11.69
N ALA R 59 -40.50 17.58 11.77
CA ALA R 59 -40.10 18.21 13.02
C ALA R 59 -41.30 18.44 13.94
N PRO R 60 -41.06 18.50 15.26
CA PRO R 60 -42.20 18.63 16.19
C PRO R 60 -42.82 20.02 16.24
N GLY R 61 -42.02 21.07 16.04
CA GLY R 61 -42.39 22.42 16.44
C GLY R 61 -43.37 23.14 15.53
N PRO R 62 -43.62 24.42 15.85
CA PRO R 62 -44.58 25.20 15.05
C PRO R 62 -44.06 25.58 13.68
N LEU R 63 -42.73 25.62 13.49
CA LEU R 63 -42.13 25.94 12.20
C LEU R 63 -42.03 24.74 11.28
N ALA R 64 -42.30 23.55 11.79
CA ALA R 64 -42.35 22.35 10.96
C ALA R 64 -43.09 22.61 9.66
N CYS R 65 -42.47 22.22 8.56
CA CYS R 65 -43.08 22.25 7.23
C CYS R 65 -43.55 23.66 6.87
N GLY R 66 -42.84 24.68 7.39
CA GLY R 66 -43.23 26.05 7.18
C GLY R 66 -42.09 26.88 6.62
N VAL R 67 -42.45 28.12 6.31
CA VAL R 67 -41.59 29.13 5.71
C VAL R 67 -41.41 30.31 6.68
N PRO R 68 -40.24 30.93 6.71
CA PRO R 68 -40.05 32.15 7.52
C PRO R 68 -40.87 33.34 7.00
N TYR R 69 -41.16 34.28 7.91
CA TYR R 69 -42.03 35.42 7.60
C TYR R 69 -41.41 36.44 6.64
N THR R 70 -40.13 36.30 6.27
CA THR R 70 -39.57 37.13 5.20
C THR R 70 -39.93 36.64 3.80
N CYS R 71 -40.59 35.49 3.66
CA CYS R 71 -41.16 35.08 2.38
C CYS R 71 -42.61 35.52 2.21
N CYS R 72 -43.18 36.25 3.15
CA CYS R 72 -44.61 36.55 3.12
C CYS R 72 -44.88 37.77 2.23
N ILE R 73 -45.85 37.65 1.31
CA ILE R 73 -46.30 38.87 0.63
C ILE R 73 -46.70 39.90 1.66
N ARG R 74 -46.10 41.06 1.50
CA ARG R 74 -46.19 42.17 2.41
C ARG R 74 -47.17 43.20 1.92
N ASP R 75 -47.65 43.07 0.68
CA ASP R 75 -48.52 44.04 0.04
C ASP R 75 -49.96 43.57 0.12
N THR R 76 -50.54 43.66 1.31
CA THR R 76 -51.99 43.59 1.41
C THR R 76 -52.49 44.67 2.37
N THR R 77 -53.80 44.88 2.31
CA THR R 77 -54.47 45.73 3.29
C THR R 77 -54.41 45.11 4.68
N GLU R 78 -54.54 43.79 4.75
CA GLU R 78 -54.59 43.10 6.04
C GLU R 78 -53.22 43.12 6.72
N VAL R 79 -53.25 43.07 8.05
CA VAL R 79 -52.02 42.91 8.81
C VAL R 79 -51.43 41.54 8.48
N VAL R 80 -50.11 41.46 8.45
CA VAL R 80 -49.38 40.21 8.31
C VAL R 80 -48.64 39.96 9.63
N ASN R 81 -48.80 38.77 10.23
CA ASN R 81 -47.98 38.46 11.41
C ASN R 81 -46.89 37.47 11.04
N THR R 82 -46.18 36.99 12.06
CA THR R 82 -45.09 36.04 11.88
C THR R 82 -45.55 34.61 11.58
N MET R 83 -46.85 34.30 11.54
CA MET R 83 -47.26 32.92 11.32
C MET R 83 -47.63 32.65 9.86
N CYS R 84 -47.54 33.67 9.00
CA CYS R 84 -47.92 33.54 7.60
C CYS R 84 -47.16 32.46 6.83
N GLY R 85 -45.92 32.15 7.21
CA GLY R 85 -45.26 31.09 6.47
C GLY R 85 -45.56 29.66 6.95
N TYR R 86 -46.37 29.49 8.01
CA TYR R 86 -46.61 28.15 8.58
C TYR R 86 -47.42 27.23 7.67
N LYS R 87 -46.99 25.96 7.65
CA LYS R 87 -47.59 24.88 6.86
C LYS R 87 -47.91 25.28 5.44
N THR R 88 -46.87 25.68 4.70
CA THR R 88 -47.00 25.95 3.27
C THR R 88 -46.28 24.95 2.39
N ILE R 89 -45.27 24.23 2.92
CA ILE R 89 -44.34 23.53 2.05
C ILE R 89 -45.02 22.36 1.32
N ASP R 90 -45.96 21.67 1.98
CA ASP R 90 -46.59 20.53 1.33
C ASP R 90 -47.90 20.88 0.61
N LYS R 91 -48.13 22.15 0.33
CA LYS R 91 -49.43 22.47 -0.20
C LYS R 91 -49.61 23.01 -1.58
N GLU R 92 -48.59 23.00 -2.42
CA GLU R 92 -48.65 23.44 -3.84
C GLU R 92 -48.64 24.94 -4.07
N ARG R 93 -48.24 25.37 -5.24
CA ARG R 93 -48.18 26.79 -5.48
C ARG R 93 -49.53 27.46 -5.40
N PHE R 94 -50.55 26.82 -5.92
CA PHE R 94 -51.86 27.45 -5.92
C PHE R 94 -52.45 27.73 -4.55
N SER R 95 -52.36 26.79 -3.63
CA SER R 95 -52.91 27.01 -2.30
C SER R 95 -52.22 28.10 -1.48
N VAL R 96 -50.90 28.19 -1.61
CA VAL R 96 -50.15 29.16 -0.85
C VAL R 96 -49.72 30.43 -1.55
N GLN R 97 -50.02 30.61 -2.82
CA GLN R 97 -49.56 31.85 -3.46
C GLN R 97 -50.18 33.14 -2.98
N ASP R 98 -51.38 33.06 -2.39
CA ASP R 98 -52.06 34.20 -1.84
C ASP R 98 -51.27 34.81 -0.69
N VAL R 99 -50.65 33.97 0.13
CA VAL R 99 -49.88 34.45 1.26
C VAL R 99 -48.35 34.64 1.15
N ILE R 100 -47.65 33.87 0.33
CA ILE R 100 -46.19 34.00 0.24
C ILE R 100 -45.56 33.93 -1.13
N TYR R 101 -44.29 34.30 -1.18
CA TYR R 101 -43.50 34.26 -2.41
C TYR R 101 -43.06 32.85 -2.69
N VAL R 102 -43.47 32.28 -3.81
CA VAL R 102 -43.20 30.86 -4.06
C VAL R 102 -41.96 30.70 -4.93
N ARG R 103 -41.67 31.71 -5.75
CA ARG R 103 -40.50 31.67 -6.60
C ARG R 103 -39.23 31.76 -5.78
N GLY R 104 -38.20 31.08 -6.28
CA GLY R 104 -36.92 31.06 -5.60
C GLY R 104 -36.11 32.32 -5.81
N CYS R 105 -35.18 32.52 -4.89
CA CYS R 105 -34.39 33.73 -4.94
C CYS R 105 -33.26 33.65 -5.97
N THR R 106 -32.58 32.49 -6.07
CA THR R 106 -31.48 32.34 -7.02
C THR R 106 -31.83 32.93 -8.39
N ASN R 107 -33.02 32.64 -8.87
CA ASN R 107 -33.42 33.06 -10.19
C ASN R 107 -33.92 34.51 -10.19
N ALA R 108 -34.46 34.98 -9.07
CA ALA R 108 -34.86 36.37 -8.98
C ALA R 108 -33.65 37.29 -8.98
N VAL R 109 -32.57 36.87 -8.33
CA VAL R 109 -31.36 37.67 -8.22
C VAL R 109 -30.65 37.77 -9.57
N ILE R 110 -30.76 36.74 -10.41
CA ILE R 110 -30.10 36.78 -11.71
C ILE R 110 -30.84 37.71 -12.65
N ILE R 111 -32.14 37.53 -12.75
CA ILE R 111 -32.97 38.35 -13.61
C ILE R 111 -32.79 39.78 -13.22
N TRP R 112 -32.66 39.99 -11.93
CA TRP R 112 -32.42 41.31 -11.43
C TRP R 112 -31.07 41.84 -11.84
N PHE R 113 -30.07 40.99 -11.76
CA PHE R 113 -28.73 41.43 -12.09
C PHE R 113 -28.60 41.82 -13.56
N MET R 114 -29.23 41.05 -14.42
CA MET R 114 -29.19 41.31 -15.84
C MET R 114 -29.85 42.61 -16.18
N ASP R 115 -30.95 42.88 -15.51
CA ASP R 115 -31.70 44.08 -15.71
C ASP R 115 -30.89 45.31 -15.36
N ASN R 116 -30.13 45.23 -14.29
CA ASN R 116 -29.35 46.35 -13.84
C ASN R 116 -27.90 46.26 -14.22
N LEU R 117 -27.59 45.42 -15.19
CA LEU R 117 -26.20 45.21 -15.56
C LEU R 117 -25.46 46.49 -15.97
N GLU R 118 -26.05 47.32 -16.82
CA GLU R 118 -25.37 48.54 -17.22
C GLU R 118 -25.18 49.44 -16.02
N VAL R 119 -26.22 49.54 -15.22
CA VAL R 119 -26.21 50.34 -14.03
C VAL R 119 -25.23 49.87 -12.97
N LEU R 120 -24.99 48.57 -12.89
CA LEU R 120 -24.14 48.08 -11.85
C LEU R 120 -22.73 48.64 -11.88
N PHE R 121 -22.12 48.77 -13.05
CA PHE R 121 -20.79 49.37 -13.11
C PHE R 121 -20.86 50.88 -13.36
N GLN R 122 -21.99 51.35 -13.83
CA GLN R 122 -22.13 52.77 -14.11
C GLN R 122 -22.80 53.47 -12.94
N THR S 1 47.24 29.98 -61.50
CA THR S 1 47.92 29.02 -62.34
C THR S 1 46.86 28.36 -63.18
N PHE S 2 46.79 28.73 -64.45
CA PHE S 2 45.84 28.15 -65.37
C PHE S 2 44.49 28.36 -64.77
N ARG S 3 43.88 27.26 -64.35
CA ARG S 3 42.56 27.24 -63.75
C ARG S 3 42.49 28.05 -62.48
N GLN S 4 43.53 28.05 -61.68
CA GLN S 4 43.48 28.81 -60.47
C GLN S 4 43.30 30.30 -60.76
N GLN S 5 44.01 30.82 -61.75
CA GLN S 5 43.87 32.21 -62.08
C GLN S 5 42.47 32.54 -62.62
N THR S 6 41.93 31.71 -63.50
CA THR S 6 40.60 32.01 -63.98
C THR S 6 39.57 31.91 -62.87
N ILE S 7 39.71 30.91 -62.01
CA ILE S 7 38.78 30.75 -60.91
C ILE S 7 38.86 31.94 -60.00
N ASP S 8 40.08 32.39 -59.72
CA ASP S 8 40.30 33.57 -58.90
C ASP S 8 39.68 34.75 -59.60
N PHE S 9 39.87 34.85 -60.91
CA PHE S 9 39.29 35.93 -61.66
C PHE S 9 37.80 35.85 -61.59
N LEU S 10 37.26 34.65 -61.77
CA LEU S 10 35.84 34.49 -61.75
C LEU S 10 35.26 34.86 -60.42
N ASN S 11 35.91 34.46 -59.35
CA ASN S 11 35.42 34.80 -58.05
C ASN S 11 35.42 36.27 -57.77
N ASP S 12 36.42 36.98 -58.26
CA ASP S 12 36.53 38.39 -57.98
C ASP S 12 35.33 39.15 -58.48
N ASN S 13 34.86 38.84 -59.67
CA ASN S 13 33.68 39.53 -60.18
C ASN S 13 32.51 39.26 -59.28
N ILE S 14 32.31 38.02 -58.85
CA ILE S 14 31.20 37.74 -57.95
C ILE S 14 31.36 38.45 -56.61
N ARG S 15 32.58 38.59 -56.13
CA ARG S 15 32.81 39.34 -54.91
C ARG S 15 32.41 40.78 -55.15
N ARG S 16 32.75 41.33 -56.30
CA ARG S 16 32.37 42.70 -56.60
C ARG S 16 30.88 42.81 -56.65
N GLY S 17 30.21 41.85 -57.25
CA GLY S 17 28.75 41.88 -57.30
C GLY S 17 28.17 41.93 -55.91
N ILE S 18 28.52 40.97 -55.08
CA ILE S 18 28.06 40.84 -53.70
C ILE S 18 28.11 42.17 -52.97
N GLU S 19 29.01 43.06 -53.39
CA GLU S 19 29.07 44.40 -52.82
C GLU S 19 27.90 45.26 -53.29
N ASN S 20 27.53 45.15 -54.56
CA ASN S 20 26.39 45.85 -55.12
C ASN S 20 25.12 45.00 -55.11
N TYR S 21 25.05 43.99 -54.25
CA TYR S 21 23.91 43.08 -54.26
C TYR S 21 22.58 43.84 -54.14
N TYR S 22 22.52 44.82 -53.23
CA TYR S 22 21.30 45.61 -53.07
C TYR S 22 21.30 46.89 -53.90
N ASP S 23 22.30 47.11 -54.74
CA ASP S 23 22.34 48.29 -55.59
C ASP S 23 21.96 48.00 -57.05
N ASP S 24 21.89 46.72 -57.44
CA ASP S 24 21.69 46.36 -58.84
C ASP S 24 20.79 45.13 -58.86
N LEU S 25 19.51 45.30 -59.24
CA LEU S 25 18.62 44.13 -59.26
C LEU S 25 19.06 43.10 -60.27
N ASP S 26 19.69 43.54 -61.37
CA ASP S 26 20.26 42.59 -62.32
C ASP S 26 21.13 41.56 -61.60
N PHE S 27 22.17 42.02 -60.91
CA PHE S 27 23.06 41.10 -60.23
C PHE S 27 22.34 40.40 -59.07
N LYS S 28 21.47 41.11 -58.36
CA LYS S 28 20.71 40.47 -57.30
C LYS S 28 19.87 39.33 -57.86
N ASN S 29 19.31 39.51 -59.06
CA ASN S 29 18.53 38.43 -59.65
C ASN S 29 19.40 37.24 -60.07
N ILE S 30 20.63 37.51 -60.50
CA ILE S 30 21.50 36.44 -60.97
C ILE S 30 21.99 35.59 -59.80
N MET S 31 22.53 36.23 -58.77
CA MET S 31 22.96 35.49 -57.58
C MET S 31 21.82 34.66 -56.99
N ASP S 32 20.64 35.28 -56.82
CA ASP S 32 19.53 34.55 -56.18
C ASP S 32 19.08 33.37 -57.04
N PHE S 33 19.03 33.55 -58.35
CA PHE S 33 18.74 32.41 -59.21
C PHE S 33 19.79 31.32 -59.05
N VAL S 34 21.08 31.70 -59.05
CA VAL S 34 22.16 30.72 -59.11
C VAL S 34 22.35 30.02 -57.77
N GLN S 35 22.32 30.77 -56.66
CA GLN S 35 22.40 30.12 -55.36
C GLN S 35 21.26 29.13 -55.18
N LYS S 36 20.02 29.49 -55.54
CA LYS S 36 18.94 28.50 -55.37
C LYS S 36 19.18 27.32 -56.29
N LYS S 37 19.23 27.55 -57.60
CA LYS S 37 19.31 26.46 -58.57
C LYS S 37 20.48 25.51 -58.30
N PHE S 38 21.71 26.04 -58.27
CA PHE S 38 22.91 25.23 -58.12
C PHE S 38 23.25 24.96 -56.66
N LYS S 39 22.34 25.33 -55.76
CA LYS S 39 22.45 25.03 -54.35
C LYS S 39 23.83 25.36 -53.84
N CYS S 40 24.19 26.63 -53.91
CA CYS S 40 25.51 27.08 -53.51
C CYS S 40 25.34 28.44 -52.85
N CYS S 41 26.45 29.02 -52.41
CA CYS S 41 26.41 30.25 -51.64
C CYS S 41 27.73 30.97 -51.81
N GLY S 42 27.71 32.15 -52.38
CA GLY S 42 28.93 32.88 -52.58
C GLY S 42 29.70 32.45 -53.79
N GLY S 43 30.96 32.84 -53.88
CA GLY S 43 31.79 32.45 -54.99
C GLY S 43 32.69 31.31 -54.56
N GLU S 44 33.70 31.61 -53.76
CA GLU S 44 34.55 30.54 -53.25
C GLU S 44 33.80 29.68 -52.25
N ASP S 45 33.13 30.35 -51.33
CA ASP S 45 32.35 29.73 -50.28
C ASP S 45 31.40 30.75 -49.70
N TYR S 46 30.56 30.33 -48.76
CA TYR S 46 29.52 31.19 -48.18
C TYR S 46 29.97 32.42 -47.42
N ARG S 47 31.20 32.41 -46.92
CA ARG S 47 31.72 33.52 -46.16
C ARG S 47 31.89 34.82 -46.93
N ASP S 48 32.06 34.75 -48.23
CA ASP S 48 32.22 35.93 -49.06
C ASP S 48 31.22 37.02 -48.80
N TRP S 49 30.04 36.67 -48.31
CA TRP S 49 28.99 37.66 -48.09
C TRP S 49 29.40 38.70 -47.07
N SER S 50 30.48 38.47 -46.32
CA SER S 50 31.05 39.50 -45.45
C SER S 50 31.38 40.77 -46.21
N LYS S 51 31.73 40.68 -47.50
CA LYS S 51 32.19 41.84 -48.25
C LYS S 51 31.10 42.90 -48.39
N ASN S 52 29.83 42.49 -48.45
CA ASN S 52 28.71 43.42 -48.42
C ASN S 52 28.60 44.09 -47.04
N GLN S 53 28.48 45.43 -47.01
CA GLN S 53 28.32 46.12 -45.73
C GLN S 53 27.20 45.62 -44.83
N TYR S 54 26.02 45.31 -45.39
CA TYR S 54 24.93 44.88 -44.52
C TYR S 54 25.16 43.49 -43.92
N HIS S 55 26.02 42.68 -44.52
CA HIS S 55 26.25 41.31 -44.06
C HIS S 55 27.57 41.16 -43.29
N ASP S 56 28.39 42.20 -43.20
CA ASP S 56 29.60 42.12 -42.38
C ASP S 56 29.22 41.86 -40.93
N CYS S 57 30.00 41.00 -40.25
CA CYS S 57 29.73 40.66 -38.86
C CYS S 57 29.80 41.86 -37.93
N SER S 58 30.57 42.88 -38.30
CA SER S 58 30.64 44.10 -37.50
C SER S 58 29.41 44.98 -37.66
N ALA S 59 28.62 44.79 -38.72
CA ALA S 59 27.53 45.68 -39.06
C ALA S 59 26.44 45.67 -37.98
N PRO S 60 25.74 46.79 -37.79
CA PRO S 60 24.65 46.81 -36.80
C PRO S 60 23.43 45.99 -37.21
N GLY S 61 23.01 46.08 -38.48
CA GLY S 61 21.79 45.47 -38.95
C GLY S 61 21.65 43.99 -38.61
N PRO S 62 20.43 43.46 -38.73
CA PRO S 62 20.23 42.05 -38.35
C PRO S 62 20.87 41.10 -39.33
N LEU S 63 20.99 41.48 -40.60
CA LEU S 63 21.62 40.65 -41.60
C LEU S 63 23.10 40.44 -41.34
N ALA S 64 23.68 41.23 -40.43
CA ALA S 64 25.10 41.13 -40.13
C ALA S 64 25.48 39.72 -39.73
N CYS S 65 26.63 39.28 -40.26
CA CYS S 65 27.24 38.00 -39.95
C CYS S 65 26.35 36.86 -40.44
N GLY S 66 25.59 37.12 -41.51
CA GLY S 66 24.63 36.16 -42.02
C GLY S 66 24.60 36.15 -43.53
N VAL S 67 23.69 35.36 -44.09
CA VAL S 67 23.73 35.02 -45.51
C VAL S 67 22.31 35.02 -46.05
N PRO S 68 22.13 35.41 -47.32
CA PRO S 68 20.77 35.67 -47.82
C PRO S 68 19.94 34.40 -47.88
N TYR S 69 18.63 34.58 -47.99
CA TYR S 69 17.75 33.42 -47.82
C TYR S 69 17.80 32.47 -49.02
N THR S 70 18.23 32.96 -50.20
CA THR S 70 18.43 32.08 -51.33
C THR S 70 19.57 31.08 -51.10
N CYS S 71 20.42 31.29 -50.07
CA CYS S 71 21.44 30.30 -49.72
C CYS S 71 20.91 29.17 -48.86
N CYS S 72 19.66 29.25 -48.39
CA CYS S 72 19.16 28.27 -47.43
C CYS S 72 18.68 27.01 -48.11
N ILE S 73 18.85 25.89 -47.40
CA ILE S 73 18.35 24.64 -47.93
C ILE S 73 16.84 24.74 -47.88
N ARG S 74 16.25 23.91 -48.69
CA ARG S 74 14.91 24.06 -49.17
C ARG S 74 14.19 22.71 -49.35
N ASP S 75 14.98 21.66 -49.37
CA ASP S 75 14.54 20.29 -49.40
C ASP S 75 14.33 19.81 -47.96
N THR S 76 13.36 20.40 -47.27
CA THR S 76 13.10 19.97 -45.89
C THR S 76 11.59 19.93 -45.72
N THR S 77 11.11 19.05 -44.85
CA THR S 77 9.71 19.14 -44.41
C THR S 77 9.45 20.44 -43.66
N GLU S 78 10.36 20.87 -42.79
CA GLU S 78 10.11 22.08 -42.01
C GLU S 78 10.07 23.29 -42.95
N VAL S 79 9.30 24.31 -42.55
CA VAL S 79 9.12 25.49 -43.37
C VAL S 79 10.32 26.42 -43.17
N VAL S 80 10.64 27.23 -44.18
CA VAL S 80 11.85 28.05 -44.10
C VAL S 80 11.45 29.52 -44.14
N ASN S 81 12.03 30.30 -43.23
CA ASN S 81 11.74 31.73 -43.05
C ASN S 81 12.89 32.57 -43.59
N THR S 82 12.62 33.84 -43.88
CA THR S 82 13.66 34.66 -44.50
C THR S 82 14.86 34.90 -43.59
N MET S 83 14.75 34.50 -42.32
CA MET S 83 15.84 34.65 -41.34
C MET S 83 16.71 33.39 -41.26
N CYS S 84 16.51 32.44 -42.17
CA CYS S 84 17.20 31.16 -42.09
C CYS S 84 18.72 31.31 -42.18
N GLY S 85 19.21 32.28 -42.96
CA GLY S 85 20.63 32.50 -43.09
C GLY S 85 21.29 33.38 -42.05
N TYR S 86 20.56 33.92 -41.08
CA TYR S 86 21.14 34.89 -40.15
C TYR S 86 22.20 34.26 -39.27
N LYS S 87 23.25 35.05 -38.99
CA LYS S 87 24.26 34.71 -37.97
C LYS S 87 24.99 33.39 -38.25
N THR S 88 25.40 33.14 -39.50
CA THR S 88 26.03 31.86 -39.83
C THR S 88 27.50 31.96 -40.21
N ILE S 89 28.02 33.15 -40.51
CA ILE S 89 29.37 33.24 -41.06
C ILE S 89 30.40 32.80 -40.04
N ASP S 90 30.14 33.06 -38.75
CA ASP S 90 31.07 32.72 -37.68
C ASP S 90 30.95 31.28 -37.18
N LYS S 91 29.79 30.67 -37.31
CA LYS S 91 29.66 29.34 -36.76
C LYS S 91 30.49 28.29 -37.45
N GLU S 92 30.77 28.51 -38.72
CA GLU S 92 31.57 27.64 -39.59
C GLU S 92 30.89 26.36 -40.07
N ARG S 93 31.58 25.63 -40.92
CA ARG S 93 31.03 24.46 -41.56
C ARG S 93 30.65 23.31 -40.64
N PHE S 94 29.61 22.61 -41.06
CA PHE S 94 29.02 21.39 -40.47
C PHE S 94 28.10 21.60 -39.29
N SER S 95 28.05 22.82 -38.79
CA SER S 95 27.14 23.15 -37.73
C SER S 95 25.98 23.76 -38.45
N VAL S 96 26.31 24.69 -39.34
CA VAL S 96 25.37 25.43 -40.17
C VAL S 96 25.10 24.73 -41.47
N GLN S 97 25.76 23.61 -41.68
CA GLN S 97 25.62 22.81 -42.88
C GLN S 97 24.21 22.27 -43.06
N ASP S 98 23.54 21.96 -41.97
CA ASP S 98 22.18 21.49 -42.00
C ASP S 98 21.26 22.51 -42.62
N VAL S 99 21.46 23.79 -42.31
CA VAL S 99 20.60 24.83 -42.83
C VAL S 99 20.89 25.43 -44.19
N ILE S 100 22.03 26.08 -44.32
CA ILE S 100 22.37 26.81 -45.53
C ILE S 100 23.37 26.00 -46.37
N TYR S 101 23.26 26.10 -47.69
CA TYR S 101 24.31 25.51 -48.53
C TYR S 101 25.63 26.17 -48.17
N VAL S 102 26.71 25.39 -48.18
CA VAL S 102 28.01 25.91 -47.78
C VAL S 102 28.98 26.02 -48.94
N ARG S 103 28.84 25.21 -49.98
CA ARG S 103 29.78 25.26 -51.10
C ARG S 103 29.57 26.50 -51.97
N GLY S 104 30.65 26.94 -52.60
CA GLY S 104 30.58 28.14 -53.41
C GLY S 104 29.97 27.90 -54.76
N CYS S 105 29.43 28.98 -55.34
CA CYS S 105 28.75 28.86 -56.62
C CYS S 105 29.72 28.71 -57.78
N THR S 106 30.91 29.30 -57.70
CA THR S 106 31.89 29.19 -58.78
C THR S 106 32.15 27.73 -59.15
N ASN S 107 32.53 26.91 -58.17
CA ASN S 107 32.77 25.50 -58.43
C ASN S 107 31.51 24.79 -58.88
N ALA S 108 30.41 24.99 -58.14
CA ALA S 108 29.17 24.28 -58.45
C ALA S 108 28.69 24.52 -59.87
N VAL S 109 28.87 25.75 -60.36
CA VAL S 109 28.46 26.04 -61.73
C VAL S 109 29.40 25.41 -62.74
N ILE S 110 30.69 25.34 -62.42
CA ILE S 110 31.62 24.74 -63.38
C ILE S 110 31.34 23.25 -63.51
N ILE S 111 31.23 22.56 -62.38
CA ILE S 111 30.96 21.13 -62.41
C ILE S 111 29.65 20.84 -63.13
N TRP S 112 28.65 21.72 -62.98
CA TRP S 112 27.44 21.55 -63.80
C TRP S 112 27.79 21.62 -65.29
N PHE S 113 28.48 22.68 -65.69
CA PHE S 113 28.80 22.92 -67.10
C PHE S 113 29.64 21.80 -67.69
N MET S 114 30.54 21.20 -66.91
CA MET S 114 31.35 20.12 -67.46
C MET S 114 30.54 18.84 -67.64
N ASP S 115 29.47 18.68 -66.87
CA ASP S 115 28.65 17.49 -66.91
C ASP S 115 27.54 17.56 -67.94
N ASN S 116 27.25 18.76 -68.47
CA ASN S 116 26.28 18.90 -69.54
C ASN S 116 26.94 19.38 -70.82
N LEU S 117 28.27 19.30 -70.91
CA LEU S 117 29.04 19.86 -72.02
C LEU S 117 28.46 19.51 -73.39
N GLU S 118 28.21 18.22 -73.64
CA GLU S 118 27.76 17.76 -74.95
C GLU S 118 26.36 18.26 -75.26
N VAL S 119 25.48 18.28 -74.26
CA VAL S 119 24.13 18.82 -74.45
C VAL S 119 24.17 20.30 -74.80
N LEU S 120 25.14 21.05 -74.27
CA LEU S 120 25.11 22.49 -74.44
C LEU S 120 25.30 22.94 -75.88
N PHE S 121 25.89 22.11 -76.76
CA PHE S 121 25.96 22.55 -78.15
C PHE S 121 25.21 21.65 -79.12
N GLN S 122 24.50 20.63 -78.64
CA GLN S 122 23.69 19.78 -79.52
C GLN S 122 22.32 19.45 -78.91
N THR T 1 -21.40 -10.88 55.38
CA THR T 1 -22.01 -11.89 56.25
C THR T 1 -22.12 -13.23 55.54
N PHE T 2 -23.07 -14.05 55.95
CA PHE T 2 -23.36 -15.25 55.20
C PHE T 2 -24.26 -14.93 54.01
N ARG T 3 -24.57 -13.66 53.78
CA ARG T 3 -25.38 -13.34 52.61
C ARG T 3 -24.71 -12.41 51.59
N GLN T 4 -23.88 -11.43 51.96
CA GLN T 4 -23.13 -10.82 50.87
C GLN T 4 -22.12 -11.83 50.30
N GLN T 5 -21.48 -12.59 51.20
CA GLN T 5 -20.44 -13.54 50.87
C GLN T 5 -20.88 -14.26 49.61
N THR T 6 -22.12 -14.74 49.59
CA THR T 6 -22.68 -15.33 48.39
C THR T 6 -22.94 -14.27 47.30
N ILE T 7 -23.55 -13.14 47.67
CA ILE T 7 -23.92 -12.15 46.64
C ILE T 7 -22.67 -11.58 45.98
N ASP T 8 -21.67 -11.24 46.79
CA ASP T 8 -20.40 -10.79 46.23
C ASP T 8 -19.84 -11.82 45.27
N PHE T 9 -19.80 -13.08 45.72
CA PHE T 9 -19.36 -14.18 44.87
C PHE T 9 -20.25 -14.33 43.64
N LEU T 10 -21.56 -14.19 43.81
CA LEU T 10 -22.50 -14.49 42.73
C LEU T 10 -22.59 -13.36 41.70
N ASN T 11 -22.68 -12.11 42.15
CA ASN T 11 -22.68 -10.99 41.20
C ASN T 11 -21.33 -10.83 40.52
N ASP T 12 -20.25 -11.10 41.24
CA ASP T 12 -18.94 -11.00 40.61
C ASP T 12 -18.84 -11.94 39.42
N ASN T 13 -19.29 -13.17 39.59
CA ASN T 13 -19.15 -14.16 38.53
C ASN T 13 -19.90 -13.74 37.29
N ILE T 14 -21.16 -13.32 37.44
CA ILE T 14 -21.90 -13.10 36.21
C ILE T 14 -21.58 -11.72 35.63
N ARG T 15 -20.98 -10.82 36.41
CA ARG T 15 -20.35 -9.65 35.80
C ARG T 15 -19.29 -10.09 34.80
N ARG T 16 -18.49 -11.09 35.16
CA ARG T 16 -17.52 -11.64 34.22
C ARG T 16 -18.23 -12.28 33.03
N GLY T 17 -19.12 -13.24 33.29
CA GLY T 17 -19.85 -13.93 32.26
C GLY T 17 -20.80 -13.12 31.39
N ILE T 18 -20.92 -11.80 31.60
CA ILE T 18 -21.49 -10.91 30.59
C ILE T 18 -20.43 -10.36 29.65
N GLU T 19 -19.30 -9.91 30.15
CA GLU T 19 -18.28 -9.45 29.23
C GLU T 19 -17.42 -10.56 28.62
N ASN T 20 -17.73 -11.84 28.84
CA ASN T 20 -17.31 -12.85 27.89
C ASN T 20 -18.50 -13.50 27.23
N TYR T 21 -19.66 -12.82 27.24
CA TYR T 21 -20.91 -13.44 26.81
C TYR T 21 -20.78 -14.07 25.42
N TYR T 22 -19.98 -13.46 24.56
CA TYR T 22 -19.86 -13.91 23.18
C TYR T 22 -18.55 -14.65 22.91
N ASP T 23 -17.65 -14.64 23.88
CA ASP T 23 -16.34 -15.24 23.77
C ASP T 23 -16.29 -16.67 24.29
N ASP T 24 -17.34 -17.15 24.96
CA ASP T 24 -17.28 -18.49 25.56
C ASP T 24 -18.69 -19.04 25.61
N LEU T 25 -18.95 -20.09 24.86
CA LEU T 25 -20.26 -20.66 24.82
C LEU T 25 -20.65 -21.21 26.15
N ASP T 26 -19.66 -21.65 26.91
CA ASP T 26 -19.99 -22.19 28.20
C ASP T 26 -20.63 -21.12 29.05
N PHE T 27 -20.03 -19.94 29.07
CA PHE T 27 -20.60 -18.86 29.84
C PHE T 27 -21.91 -18.40 29.25
N LYS T 28 -21.99 -18.32 27.94
CA LYS T 28 -23.21 -17.88 27.30
C LYS T 28 -24.36 -18.80 27.54
N ASN T 29 -24.11 -20.09 27.53
CA ASN T 29 -25.17 -21.03 27.74
C ASN T 29 -25.80 -20.95 29.10
N ILE T 30 -24.99 -20.67 30.11
CA ILE T 30 -25.46 -20.58 31.49
C ILE T 30 -26.34 -19.34 31.68
N MET T 31 -25.78 -18.16 31.39
CA MET T 31 -26.56 -16.92 31.49
C MET T 31 -27.88 -17.06 30.76
N ASP T 32 -27.84 -17.54 29.52
CA ASP T 32 -29.09 -17.70 28.77
C ASP T 32 -30.03 -18.66 29.46
N PHE T 33 -29.50 -19.67 30.15
CA PHE T 33 -30.40 -20.59 30.83
C PHE T 33 -31.00 -19.95 32.08
N VAL T 34 -30.21 -19.13 32.78
CA VAL T 34 -30.67 -18.56 34.04
C VAL T 34 -31.67 -17.43 33.78
N GLN T 35 -31.29 -16.48 32.92
CA GLN T 35 -32.22 -15.42 32.56
C GLN T 35 -33.53 -15.99 32.05
N LYS T 36 -33.49 -17.12 31.36
CA LYS T 36 -34.72 -17.67 30.81
C LYS T 36 -35.55 -18.40 31.87
N LYS T 37 -34.93 -19.22 32.76
CA LYS T 37 -35.76 -19.88 33.77
C LYS T 37 -36.14 -18.95 34.92
N PHE T 38 -35.17 -18.23 35.48
CA PHE T 38 -35.44 -17.39 36.62
C PHE T 38 -35.99 -16.01 36.23
N LYS T 39 -36.43 -15.86 34.98
CA LYS T 39 -37.24 -14.72 34.54
C LYS T 39 -36.61 -13.41 34.98
N CYS T 40 -35.35 -13.24 34.62
CA CYS T 40 -34.53 -12.15 35.14
C CYS T 40 -33.61 -11.68 34.04
N CYS T 41 -32.70 -10.77 34.41
CA CYS T 41 -31.81 -10.15 33.44
C CYS T 41 -30.60 -9.61 34.18
N GLY T 42 -29.41 -9.93 33.69
CA GLY T 42 -28.19 -9.46 34.31
C GLY T 42 -28.02 -9.89 35.76
N GLY T 43 -27.02 -9.27 36.38
CA GLY T 43 -26.69 -9.51 37.77
C GLY T 43 -27.51 -8.73 38.76
N GLU T 44 -27.16 -7.47 39.03
CA GLU T 44 -28.03 -6.76 39.96
C GLU T 44 -29.34 -6.40 39.26
N ASP T 45 -29.27 -5.99 38.00
CA ASP T 45 -30.50 -5.73 37.24
C ASP T 45 -30.22 -5.83 35.74
N TYR T 46 -31.24 -5.44 34.97
CA TYR T 46 -31.17 -5.57 33.53
C TYR T 46 -30.14 -4.65 32.90
N ARG T 47 -29.54 -3.75 33.66
CA ARG T 47 -28.59 -2.82 33.07
C ARG T 47 -27.14 -3.26 33.21
N ASP T 48 -26.86 -4.36 33.93
CA ASP T 48 -25.49 -4.89 33.92
C ASP T 48 -24.97 -5.15 32.51
N TRP T 49 -25.86 -5.23 31.51
CA TRP T 49 -25.46 -5.65 30.18
C TRP T 49 -24.70 -4.57 29.42
N SER T 50 -24.78 -3.31 29.87
CA SER T 50 -23.95 -2.24 29.32
C SER T 50 -22.46 -2.49 29.52
N LYS T 51 -22.12 -3.37 30.47
CA LYS T 51 -20.76 -3.86 30.61
C LYS T 51 -20.27 -4.71 29.44
N ASN T 52 -21.13 -5.42 28.75
CA ASN T 52 -20.63 -6.10 27.57
C ASN T 52 -20.40 -5.10 26.45
N GLN T 53 -19.28 -5.28 25.74
CA GLN T 53 -18.80 -4.33 24.72
C GLN T 53 -19.90 -3.91 23.76
N TYR T 54 -20.56 -4.89 23.11
CA TYR T 54 -21.56 -4.65 22.07
C TYR T 54 -22.91 -4.14 22.61
N HIS T 55 -23.08 -4.07 23.92
CA HIS T 55 -24.31 -3.55 24.49
C HIS T 55 -24.13 -2.18 25.12
N ASP T 56 -22.89 -1.71 25.27
CA ASP T 56 -22.63 -0.37 25.75
C ASP T 56 -23.46 0.62 24.93
N CYS T 57 -24.10 1.58 25.61
CA CYS T 57 -25.06 2.45 24.93
C CYS T 57 -24.39 3.36 23.93
N SER T 58 -23.09 3.63 24.09
CA SER T 58 -22.33 4.44 23.15
C SER T 58 -21.63 3.59 22.09
N ALA T 59 -21.88 2.28 22.08
CA ALA T 59 -21.27 1.38 21.12
C ALA T 59 -21.83 1.61 19.72
N PRO T 60 -21.06 1.31 18.67
CA PRO T 60 -21.57 1.54 17.31
C PRO T 60 -22.70 0.62 16.91
N GLY T 61 -22.71 -0.60 17.41
CA GLY T 61 -23.52 -1.64 16.84
C GLY T 61 -25.01 -1.54 17.15
N PRO T 62 -25.79 -2.46 16.56
CA PRO T 62 -27.23 -2.44 16.75
C PRO T 62 -27.66 -2.96 18.10
N LEU T 63 -26.79 -3.67 18.81
CA LEU T 63 -27.09 -4.15 20.14
C LEU T 63 -26.78 -3.11 21.19
N ALA T 64 -26.26 -1.95 20.77
CA ALA T 64 -25.92 -0.92 21.73
C ALA T 64 -27.15 -0.53 22.52
N CYS T 65 -26.95 -0.45 23.83
CA CYS T 65 -27.93 0.07 24.78
C CYS T 65 -29.18 -0.81 24.76
N GLY T 66 -28.97 -2.12 24.55
CA GLY T 66 -30.00 -3.15 24.54
C GLY T 66 -29.65 -4.38 25.37
N VAL T 67 -30.45 -5.45 25.26
CA VAL T 67 -30.28 -6.58 26.18
C VAL T 67 -30.53 -7.89 25.43
N PRO T 68 -29.84 -8.96 25.82
CA PRO T 68 -30.02 -10.23 25.08
C PRO T 68 -31.46 -10.71 25.09
N TYR T 69 -31.86 -11.32 23.97
CA TYR T 69 -33.26 -11.68 23.78
C TYR T 69 -33.75 -12.68 24.82
N THR T 70 -32.86 -13.33 25.55
CA THR T 70 -33.29 -14.24 26.60
C THR T 70 -33.84 -13.54 27.83
N CYS T 71 -33.73 -12.21 27.90
CA CYS T 71 -34.38 -11.40 28.93
C CYS T 71 -35.80 -10.98 28.57
N CYS T 72 -36.25 -11.31 27.37
CA CYS T 72 -37.54 -10.85 26.87
C CYS T 72 -38.68 -11.68 27.41
N ILE T 73 -39.74 -10.98 27.82
CA ILE T 73 -40.95 -11.63 28.29
C ILE T 73 -41.52 -12.46 27.16
N ARG T 74 -41.67 -13.76 27.39
CA ARG T 74 -42.27 -14.65 26.41
C ARG T 74 -43.75 -14.87 26.68
N ASP T 75 -44.27 -14.23 27.70
CA ASP T 75 -45.65 -14.42 28.17
C ASP T 75 -46.52 -13.37 27.50
N THR T 76 -46.99 -13.65 26.29
CA THR T 76 -47.81 -12.69 25.54
C THR T 76 -48.36 -13.35 24.29
N THR T 77 -49.45 -12.75 23.78
CA THR T 77 -50.04 -13.20 22.52
C THR T 77 -49.19 -12.82 21.32
N GLU T 78 -48.30 -11.82 21.46
CA GLU T 78 -47.59 -11.26 20.32
C GLU T 78 -46.30 -12.03 20.04
N VAL T 79 -46.01 -12.22 18.74
CA VAL T 79 -44.76 -12.82 18.29
C VAL T 79 -43.58 -11.98 18.78
N VAL T 80 -42.55 -12.67 19.30
CA VAL T 80 -41.34 -12.02 19.80
C VAL T 80 -40.16 -12.39 18.91
N ASN T 81 -39.42 -11.39 18.46
CA ASN T 81 -38.19 -11.61 17.70
C ASN T 81 -36.96 -11.31 18.54
N THR T 82 -35.78 -11.44 17.92
CA THR T 82 -34.51 -11.31 18.62
C THR T 82 -34.12 -9.87 18.92
N MET T 83 -34.86 -8.90 18.37
CA MET T 83 -34.63 -7.48 18.60
C MET T 83 -35.48 -6.96 19.75
N CYS T 84 -36.08 -7.87 20.52
CA CYS T 84 -37.08 -7.47 21.51
C CYS T 84 -36.46 -6.60 22.60
N GLY T 85 -35.25 -6.91 23.04
CA GLY T 85 -34.58 -6.13 24.05
C GLY T 85 -33.71 -4.98 23.56
N TYR T 86 -33.81 -4.57 22.28
CA TYR T 86 -33.05 -3.42 21.79
C TYR T 86 -33.52 -2.14 22.46
N LYS T 87 -32.57 -1.25 22.74
CA LYS T 87 -32.80 0.13 23.23
C LYS T 87 -33.64 0.15 24.50
N THR T 88 -33.21 -0.64 25.50
CA THR T 88 -33.96 -0.67 26.74
C THR T 88 -33.16 -0.30 27.99
N ILE T 89 -31.82 -0.21 27.95
CA ILE T 89 -31.08 0.06 29.20
C ILE T 89 -31.43 1.43 29.79
N ASP T 90 -31.70 2.43 28.95
CA ASP T 90 -31.85 3.80 29.42
C ASP T 90 -33.27 4.33 29.31
N LYS T 91 -34.27 3.48 29.47
CA LYS T 91 -35.64 3.92 29.28
C LYS T 91 -36.50 3.80 30.55
N GLU T 92 -35.90 3.42 31.69
CA GLU T 92 -36.55 3.31 32.99
C GLU T 92 -37.42 2.08 33.13
N ARG T 93 -37.45 1.55 34.35
CA ARG T 93 -37.95 0.23 34.65
C ARG T 93 -39.41 0.05 34.31
N PHE T 94 -40.19 1.14 34.17
CA PHE T 94 -41.63 1.11 33.91
C PHE T 94 -41.93 1.13 32.40
N SER T 95 -41.06 1.76 31.59
CA SER T 95 -41.25 1.80 30.15
C SER T 95 -40.88 0.49 29.49
N VAL T 96 -40.04 -0.31 30.13
CA VAL T 96 -39.50 -1.51 29.52
C VAL T 96 -39.98 -2.79 30.20
N GLN T 97 -40.58 -2.73 31.38
CA GLN T 97 -40.94 -3.98 32.05
C GLN T 97 -42.08 -4.71 31.38
N ASP T 98 -42.83 -4.04 30.51
CA ASP T 98 -43.84 -4.75 29.75
C ASP T 98 -43.22 -5.55 28.61
N VAL T 99 -41.89 -5.47 28.46
CA VAL T 99 -41.13 -6.02 27.33
C VAL T 99 -39.98 -6.93 27.78
N ILE T 100 -39.25 -6.56 28.84
CA ILE T 100 -38.17 -7.43 29.31
C ILE T 100 -38.34 -7.66 30.80
N TYR T 101 -37.82 -8.78 31.28
CA TYR T 101 -37.62 -8.93 32.73
C TYR T 101 -36.58 -7.92 33.19
N VAL T 102 -36.79 -7.38 34.39
CA VAL T 102 -36.02 -6.24 34.86
C VAL T 102 -35.22 -6.62 36.10
N ARG T 103 -35.74 -7.56 36.89
CA ARG T 103 -35.12 -7.90 38.15
C ARG T 103 -33.80 -8.62 37.92
N GLY T 104 -32.91 -8.52 38.91
CA GLY T 104 -31.61 -9.15 38.77
C GLY T 104 -31.67 -10.65 38.94
N CYS T 105 -30.76 -11.35 38.26
CA CYS T 105 -30.70 -12.79 38.42
C CYS T 105 -30.08 -13.19 39.75
N THR T 106 -29.20 -12.35 40.31
CA THR T 106 -28.49 -12.76 41.52
C THR T 106 -29.47 -13.07 42.64
N ASN T 107 -30.41 -12.15 42.93
CA ASN T 107 -31.49 -12.49 43.84
C ASN T 107 -32.22 -13.73 43.39
N ALA T 108 -32.83 -13.64 42.20
CA ALA T 108 -33.82 -14.63 41.78
C ALA T 108 -33.32 -16.04 42.04
N VAL T 109 -32.01 -16.24 41.88
CA VAL T 109 -31.44 -17.57 42.12
C VAL T 109 -31.43 -17.87 43.62
N ILE T 110 -31.16 -16.86 44.45
CA ILE T 110 -31.05 -17.08 45.89
C ILE T 110 -32.41 -17.43 46.48
N ILE T 111 -33.43 -16.63 46.15
CA ILE T 111 -34.75 -16.92 46.68
C ILE T 111 -35.24 -18.28 46.19
N TRP T 112 -34.70 -18.71 45.08
CA TRP T 112 -35.03 -20.04 44.62
C TRP T 112 -34.33 -21.12 45.46
N PHE T 113 -33.04 -20.97 45.72
CA PHE T 113 -32.36 -22.00 46.47
C PHE T 113 -32.90 -22.15 47.88
N MET T 114 -33.13 -21.02 48.53
CA MET T 114 -33.62 -21.04 49.88
C MET T 114 -34.98 -21.67 49.98
N ASP T 115 -35.84 -21.39 49.02
CA ASP T 115 -37.18 -21.93 49.00
C ASP T 115 -37.19 -23.44 48.88
N ASN T 116 -36.26 -24.00 48.12
CA ASN T 116 -36.19 -25.43 47.87
C ASN T 116 -35.13 -26.18 48.64
N LEU T 117 -34.70 -25.68 49.79
CA LEU T 117 -33.63 -26.35 50.50
C LEU T 117 -33.84 -27.79 50.95
N GLU T 118 -35.00 -28.09 51.52
CA GLU T 118 -35.31 -29.45 51.96
C GLU T 118 -35.38 -30.45 50.83
N VAL T 119 -35.87 -29.99 49.69
CA VAL T 119 -36.05 -30.81 48.49
C VAL T 119 -34.80 -31.43 47.92
N LEU T 120 -33.70 -30.69 47.96
CA LEU T 120 -32.48 -31.18 47.39
C LEU T 120 -31.88 -32.41 48.01
N PHE T 121 -31.88 -32.50 49.33
CA PHE T 121 -31.20 -33.63 49.94
C PHE T 121 -32.07 -34.63 50.66
N PHE U 2 31.08 -20.92 42.77
CA PHE U 2 31.53 -20.17 43.92
C PHE U 2 30.80 -20.60 45.20
N ARG U 3 30.72 -19.70 46.17
CA ARG U 3 29.89 -19.96 47.35
C ARG U 3 28.44 -20.18 46.94
N GLN U 4 27.96 -19.40 45.98
CA GLN U 4 26.55 -19.43 45.63
C GLN U 4 26.12 -20.75 45.02
N GLN U 5 27.02 -21.41 44.27
CA GLN U 5 26.72 -22.74 43.70
C GLN U 5 26.44 -23.76 44.79
N THR U 6 27.31 -23.82 45.80
CA THR U 6 27.11 -24.70 46.95
C THR U 6 26.10 -24.15 47.97
N ILE U 7 26.17 -22.87 48.37
CA ILE U 7 25.20 -22.37 49.35
C ILE U 7 23.76 -22.64 48.91
N ASP U 8 23.38 -22.33 47.66
CA ASP U 8 21.95 -22.44 47.33
C ASP U 8 21.43 -23.86 47.42
N PHE U 9 22.29 -24.86 47.18
CA PHE U 9 21.82 -26.24 47.23
C PHE U 9 21.25 -26.57 48.60
N LEU U 10 21.92 -26.12 49.67
CA LEU U 10 21.41 -26.33 51.01
C LEU U 10 20.09 -25.60 51.23
N ASN U 11 20.01 -24.35 50.79
CA ASN U 11 18.77 -23.59 50.91
C ASN U 11 17.70 -24.17 50.02
N ASP U 12 18.09 -24.62 48.82
CA ASP U 12 17.24 -25.51 48.03
C ASP U 12 16.68 -26.64 48.88
N ASN U 13 17.55 -27.53 49.37
CA ASN U 13 17.09 -28.59 50.27
C ASN U 13 16.28 -28.07 51.47
N ILE U 14 16.83 -27.14 52.27
CA ILE U 14 16.05 -26.71 53.43
C ILE U 14 14.68 -26.18 53.02
N ARG U 15 14.59 -25.48 51.87
CA ARG U 15 13.27 -25.03 51.42
C ARG U 15 12.32 -26.22 51.24
N ARG U 16 12.82 -27.30 50.65
CA ARG U 16 12.03 -28.54 50.54
C ARG U 16 11.59 -29.05 51.92
N GLY U 17 12.53 -29.16 52.85
CA GLY U 17 12.21 -29.64 54.19
C GLY U 17 11.20 -28.81 54.96
N ILE U 18 11.08 -27.53 54.63
CA ILE U 18 10.19 -26.70 55.43
C ILE U 18 8.75 -26.75 54.90
N GLU U 19 8.56 -26.95 53.58
CA GLU U 19 7.23 -27.25 53.05
C GLU U 19 6.74 -28.61 53.56
N ASN U 20 7.63 -29.59 53.64
CA ASN U 20 7.25 -30.93 54.07
C ASN U 20 7.47 -31.14 55.56
N TYR U 21 7.64 -30.05 56.32
CA TYR U 21 7.97 -30.17 57.74
C TYR U 21 7.01 -31.11 58.45
N TYR U 22 5.70 -30.90 58.27
CA TYR U 22 4.73 -31.76 58.92
C TYR U 22 4.38 -33.00 58.11
N ASP U 23 4.90 -33.12 56.89
CA ASP U 23 4.53 -34.21 56.00
C ASP U 23 5.46 -35.40 56.10
N ASP U 24 6.64 -35.23 56.71
CA ASP U 24 7.69 -36.25 56.69
C ASP U 24 8.54 -36.07 57.94
N LEU U 25 8.47 -37.03 58.87
CA LEU U 25 9.19 -36.88 60.14
C LEU U 25 10.68 -36.77 59.97
N ASP U 26 11.19 -37.24 58.84
CA ASP U 26 12.62 -37.17 58.58
C ASP U 26 13.06 -35.74 58.33
N PHE U 27 12.38 -35.05 57.43
CA PHE U 27 12.63 -33.62 57.29
C PHE U 27 12.44 -32.92 58.63
N LYS U 28 11.42 -33.32 59.41
CA LYS U 28 11.15 -32.64 60.67
C LYS U 28 12.15 -33.02 61.75
N ASN U 29 12.81 -34.15 61.60
CA ASN U 29 13.81 -34.49 62.60
C ASN U 29 15.13 -33.82 62.30
N ILE U 30 15.51 -33.79 61.02
CA ILE U 30 16.74 -33.12 60.62
C ILE U 30 16.64 -31.64 61.03
N MET U 31 15.49 -31.03 60.71
CA MET U 31 15.27 -29.62 60.95
C MET U 31 15.33 -29.29 62.45
N ASP U 32 14.53 -29.99 63.26
CA ASP U 32 14.54 -29.69 64.70
C ASP U 32 15.93 -29.92 65.30
N PHE U 33 16.69 -30.88 64.77
CA PHE U 33 18.03 -31.08 65.31
C PHE U 33 18.98 -29.96 64.88
N VAL U 34 18.87 -29.54 63.62
CA VAL U 34 19.77 -28.51 63.12
C VAL U 34 19.51 -27.18 63.82
N GLN U 35 18.23 -26.82 63.97
CA GLN U 35 17.87 -25.53 64.53
C GLN U 35 18.31 -25.44 66.00
N LYS U 36 18.17 -26.55 66.73
CA LYS U 36 18.49 -26.52 68.15
C LYS U 36 20.00 -26.52 68.38
N LYS U 37 20.74 -27.29 67.59
CA LYS U 37 22.16 -27.47 67.86
C LYS U 37 22.98 -26.29 67.37
N PHE U 38 22.85 -25.94 66.08
CA PHE U 38 23.60 -24.84 65.49
C PHE U 38 22.95 -23.49 65.78
N LYS U 39 21.96 -23.47 66.66
CA LYS U 39 21.33 -22.25 67.15
C LYS U 39 20.94 -21.31 66.01
N CYS U 40 20.11 -21.85 65.10
CA CYS U 40 19.67 -21.10 63.92
C CYS U 40 18.20 -21.38 63.68
N CYS U 41 17.66 -20.84 62.58
CA CYS U 41 16.25 -20.97 62.25
C CYS U 41 16.04 -20.72 60.75
N GLY U 42 15.41 -21.68 60.06
CA GLY U 42 15.20 -21.54 58.63
C GLY U 42 16.48 -21.76 57.83
N GLY U 43 16.39 -21.42 56.54
CA GLY U 43 17.52 -21.56 55.64
C GLY U 43 18.36 -20.30 55.56
N GLU U 44 17.85 -19.26 54.88
CA GLU U 44 18.55 -17.98 54.83
C GLU U 44 18.42 -17.23 56.15
N ASP U 45 17.20 -17.14 56.68
CA ASP U 45 16.96 -16.67 58.03
C ASP U 45 15.64 -17.24 58.52
N TYR U 46 15.16 -16.76 59.67
CA TYR U 46 13.98 -17.35 60.29
C TYR U 46 12.70 -17.10 59.51
N ARG U 47 12.70 -16.13 58.61
CA ARG U 47 11.50 -15.81 57.83
C ARG U 47 11.11 -16.92 56.86
N ASP U 48 12.03 -17.84 56.54
CA ASP U 48 11.70 -18.89 55.58
C ASP U 48 10.52 -19.74 56.04
N TRP U 49 10.20 -19.72 57.34
CA TRP U 49 9.11 -20.55 57.82
C TRP U 49 7.76 -20.11 57.26
N SER U 50 7.68 -18.89 56.75
CA SER U 50 6.46 -18.40 56.15
C SER U 50 6.07 -19.27 54.97
N LYS U 51 7.00 -20.06 54.46
CA LYS U 51 6.71 -20.90 53.32
C LYS U 51 5.84 -22.09 53.68
N ASN U 52 5.82 -22.45 54.94
CA ASN U 52 4.99 -23.54 55.37
C ASN U 52 3.58 -23.05 55.29
N GLN U 53 2.66 -23.90 54.87
CA GLN U 53 1.28 -23.50 54.73
C GLN U 53 0.72 -23.04 56.05
N TYR U 54 1.01 -23.78 57.10
CA TYR U 54 0.57 -23.43 58.44
C TYR U 54 1.30 -22.25 59.05
N HIS U 55 2.48 -21.95 58.53
CA HIS U 55 3.25 -20.86 59.05
C HIS U 55 3.13 -19.59 58.24
N ASP U 56 2.38 -19.61 57.15
CA ASP U 56 2.19 -18.41 56.35
C ASP U 56 1.49 -17.35 57.21
N CYS U 57 1.87 -16.09 57.11
CA CYS U 57 1.30 -15.08 58.00
C CYS U 57 -0.20 -14.91 57.81
N SER U 58 -0.76 -15.38 56.69
CA SER U 58 -2.19 -15.29 56.43
C SER U 58 -2.93 -16.61 56.65
N ALA U 59 -2.24 -17.62 57.16
CA ALA U 59 -2.87 -18.89 57.49
C ALA U 59 -3.76 -18.70 58.71
N PRO U 60 -4.77 -19.57 58.90
CA PRO U 60 -5.74 -19.32 59.98
C PRO U 60 -5.24 -19.75 61.35
N GLY U 61 -4.40 -20.80 61.42
CA GLY U 61 -4.08 -21.43 62.67
C GLY U 61 -3.25 -20.53 63.59
N PRO U 62 -2.84 -21.09 64.73
CA PRO U 62 -2.01 -20.31 65.66
C PRO U 62 -0.53 -20.28 65.30
N LEU U 63 -0.07 -21.19 64.44
CA LEU U 63 1.29 -21.13 63.93
C LEU U 63 1.46 -20.09 62.84
N ALA U 64 0.38 -19.47 62.36
CA ALA U 64 0.50 -18.42 61.37
C ALA U 64 1.47 -17.37 61.84
N CYS U 65 2.42 -17.04 60.96
CA CYS U 65 3.33 -15.92 61.15
C CYS U 65 4.24 -16.15 62.37
N GLY U 66 4.49 -17.43 62.69
CA GLY U 66 5.30 -17.79 63.83
C GLY U 66 6.30 -18.86 63.43
N VAL U 67 7.09 -19.31 64.41
CA VAL U 67 8.21 -20.16 64.05
C VAL U 67 8.25 -21.35 65.01
N PRO U 68 8.63 -22.56 64.57
CA PRO U 68 8.61 -23.72 65.46
C PRO U 68 9.44 -23.52 66.72
N TYR U 69 9.08 -24.27 67.77
CA TYR U 69 9.65 -24.01 69.08
C TYR U 69 11.12 -24.36 69.17
N THR U 70 11.67 -25.12 68.21
CA THR U 70 13.09 -25.46 68.20
C THR U 70 13.96 -24.27 67.82
N CYS U 71 13.38 -23.20 67.27
CA CYS U 71 14.09 -21.96 67.01
C CYS U 71 14.19 -21.06 68.24
N CYS U 72 13.73 -21.53 69.41
CA CYS U 72 13.61 -20.67 70.58
C CYS U 72 14.86 -20.70 71.45
N ILE U 73 15.28 -19.50 71.89
CA ILE U 73 16.40 -19.36 72.81
C ILE U 73 16.09 -20.13 74.08
N ARG U 74 16.86 -21.19 74.35
CA ARG U 74 16.69 -22.02 75.52
C ARG U 74 17.52 -21.54 76.69
N ASP U 75 18.48 -20.68 76.43
CA ASP U 75 19.45 -20.22 77.42
C ASP U 75 18.87 -19.02 78.17
N THR U 76 17.85 -19.29 79.00
CA THR U 76 17.27 -18.25 79.83
C THR U 76 16.88 -18.85 81.16
N THR U 77 16.78 -18.00 82.19
CA THR U 77 16.19 -18.47 83.45
C THR U 77 14.71 -18.82 83.27
N GLU U 78 13.99 -18.13 82.39
CA GLU U 78 12.56 -18.35 82.25
C GLU U 78 12.27 -19.74 81.66
N VAL U 79 11.06 -20.23 81.95
CA VAL U 79 10.51 -21.41 81.27
C VAL U 79 9.94 -21.01 79.92
N VAL U 80 10.33 -21.76 78.91
CA VAL U 80 9.89 -21.56 77.54
C VAL U 80 8.86 -22.66 77.26
N ASN U 81 7.86 -22.36 76.43
CA ASN U 81 6.86 -23.35 76.06
C ASN U 81 6.80 -23.43 74.53
N THR U 82 5.99 -24.35 74.02
CA THR U 82 5.83 -24.51 72.58
C THR U 82 5.33 -23.24 71.89
N MET U 83 4.91 -22.24 72.66
CA MET U 83 4.43 -20.99 72.08
C MET U 83 5.51 -19.92 72.05
N CYS U 84 6.77 -20.31 72.28
CA CYS U 84 7.82 -19.31 72.40
C CYS U 84 8.00 -18.55 71.11
N GLY U 85 7.89 -19.24 69.98
CA GLY U 85 8.13 -18.61 68.70
C GLY U 85 6.95 -17.98 68.01
N TYR U 86 5.82 -17.78 68.69
CA TYR U 86 4.63 -17.28 68.01
C TYR U 86 4.81 -15.83 67.57
N LYS U 87 4.19 -15.48 66.45
CA LYS U 87 4.07 -14.10 65.99
C LYS U 87 5.41 -13.38 65.95
N THR U 88 6.35 -13.93 65.17
CA THR U 88 7.67 -13.36 65.01
C THR U 88 8.11 -13.16 63.56
N ILE U 89 7.44 -13.75 62.58
CA ILE U 89 7.98 -13.68 61.21
C ILE U 89 7.95 -12.26 60.71
N ASP U 90 6.89 -11.53 61.05
CA ASP U 90 6.65 -10.26 60.37
C ASP U 90 7.39 -9.13 61.00
N LYS U 91 7.72 -9.27 62.27
CA LYS U 91 8.49 -8.32 63.04
C LYS U 91 9.93 -8.26 62.53
N GLU U 92 10.57 -7.15 62.87
CA GLU U 92 11.98 -6.95 62.53
C GLU U 92 12.84 -7.77 63.47
N ARG U 93 14.02 -8.11 62.96
CA ARG U 93 14.91 -9.02 63.63
C ARG U 93 15.24 -8.57 65.05
N PHE U 94 15.55 -7.29 65.22
CA PHE U 94 15.90 -6.73 66.52
C PHE U 94 14.79 -6.96 67.54
N SER U 95 13.55 -7.02 67.08
CA SER U 95 12.42 -7.19 67.99
C SER U 95 12.43 -8.56 68.64
N VAL U 96 12.69 -9.61 67.86
CA VAL U 96 12.51 -10.98 68.35
C VAL U 96 13.80 -11.63 68.84
N GLN U 97 14.95 -11.01 68.61
CA GLN U 97 16.24 -11.66 68.83
C GLN U 97 16.49 -12.07 70.28
N ASP U 98 15.69 -11.58 71.24
CA ASP U 98 15.72 -12.08 72.61
C ASP U 98 14.79 -13.27 72.82
N VAL U 99 14.12 -13.74 71.78
CA VAL U 99 13.12 -14.78 71.97
C VAL U 99 13.42 -15.98 71.09
N ILE U 100 13.92 -15.73 69.87
CA ILE U 100 14.26 -16.80 68.94
C ILE U 100 15.64 -16.55 68.34
N TYR U 101 16.20 -17.59 67.73
CA TYR U 101 17.36 -17.41 66.88
C TYR U 101 16.88 -16.84 65.56
N VAL U 102 17.64 -15.90 65.00
CA VAL U 102 17.23 -15.28 63.74
C VAL U 102 18.16 -15.65 62.58
N ARG U 103 19.37 -16.09 62.83
CA ARG U 103 20.23 -16.41 61.71
C ARG U 103 19.85 -17.74 61.07
N GLY U 104 20.19 -17.89 59.80
CA GLY U 104 19.80 -19.09 59.06
C GLY U 104 20.78 -20.25 59.26
N CYS U 105 20.23 -21.48 59.19
CA CYS U 105 21.03 -22.66 59.48
C CYS U 105 22.07 -22.94 58.42
N THR U 106 21.85 -22.49 57.19
CA THR U 106 22.78 -22.72 56.10
C THR U 106 24.16 -22.17 56.46
N ASN U 107 24.24 -20.87 56.76
CA ASN U 107 25.49 -20.26 57.19
C ASN U 107 25.95 -20.79 58.55
N ALA U 108 25.01 -21.11 59.45
CA ALA U 108 25.38 -21.69 60.74
C ALA U 108 26.12 -23.01 60.53
N VAL U 109 25.56 -23.92 59.74
CA VAL U 109 26.23 -25.18 59.40
C VAL U 109 27.60 -24.92 58.77
N ILE U 110 27.67 -24.02 57.79
CA ILE U 110 28.93 -23.83 57.08
C ILE U 110 30.02 -23.41 58.04
N ILE U 111 29.76 -22.41 58.89
CA ILE U 111 30.89 -21.88 59.66
C ILE U 111 31.23 -22.84 60.78
N TRP U 112 30.28 -23.72 61.13
CA TRP U 112 30.60 -24.82 62.05
C TRP U 112 31.55 -25.79 61.39
N PHE U 113 31.27 -26.14 60.14
CA PHE U 113 32.15 -27.01 59.38
C PHE U 113 33.56 -26.42 59.28
N MET U 114 33.67 -25.13 58.92
CA MET U 114 34.98 -24.51 58.73
C MET U 114 35.77 -24.42 60.03
N ASP U 115 35.09 -24.33 61.16
CA ASP U 115 35.83 -24.25 62.41
C ASP U 115 36.25 -25.62 62.92
N ASN U 116 35.62 -26.69 62.44
CA ASN U 116 35.95 -28.05 62.84
C ASN U 116 36.56 -28.85 61.71
N LEU U 117 37.12 -28.17 60.72
CA LEU U 117 37.61 -28.84 59.52
C LEU U 117 38.64 -29.92 59.85
N GLU U 118 39.64 -29.59 60.68
CA GLU U 118 40.74 -30.51 60.92
C GLU U 118 40.33 -31.72 61.75
N VAL U 119 39.26 -31.60 62.54
CA VAL U 119 38.89 -32.69 63.44
C VAL U 119 37.98 -33.70 62.73
N LEU U 120 37.38 -33.32 61.61
CA LEU U 120 36.45 -34.22 60.95
C LEU U 120 37.13 -35.33 60.14
N PHE U 121 38.42 -35.21 59.84
CA PHE U 121 39.12 -36.27 59.11
C PHE U 121 40.27 -36.87 59.90
N GLN U 122 40.51 -36.39 61.11
CA GLN U 122 41.40 -37.02 62.06
C GLN U 122 40.85 -36.73 63.45
N ARG V 3 1.39 25.68 -44.89
CA ARG V 3 -0.02 25.95 -44.60
C ARG V 3 -0.68 24.63 -44.31
N GLN V 4 -0.84 24.31 -43.04
CA GLN V 4 -1.38 23.01 -42.71
C GLN V 4 -2.77 22.74 -43.24
N GLN V 5 -3.64 23.73 -43.25
CA GLN V 5 -4.98 23.46 -43.74
C GLN V 5 -4.99 23.03 -45.19
N THR V 6 -4.20 23.64 -46.05
CA THR V 6 -4.19 23.25 -47.45
C THR V 6 -3.62 21.83 -47.65
N ILE V 7 -2.38 21.63 -47.21
CA ILE V 7 -1.67 20.36 -47.34
C ILE V 7 -2.47 19.14 -46.96
N ASP V 8 -3.15 19.20 -45.82
CA ASP V 8 -3.93 18.07 -45.31
C ASP V 8 -5.13 17.68 -46.15
N PHE V 9 -5.65 18.62 -46.94
CA PHE V 9 -6.74 18.36 -47.86
C PHE V 9 -6.21 17.36 -48.87
N LEU V 10 -5.01 17.61 -49.39
CA LEU V 10 -4.39 16.72 -50.34
C LEU V 10 -4.22 15.37 -49.69
N ASN V 11 -3.70 15.35 -48.47
CA ASN V 11 -3.52 14.11 -47.75
C ASN V 11 -4.83 13.37 -47.64
N ASP V 12 -5.86 14.08 -47.22
CA ASP V 12 -7.22 13.56 -47.08
C ASP V 12 -7.75 13.11 -48.43
N ASN V 13 -7.44 13.86 -49.46
CA ASN V 13 -7.82 13.47 -50.78
C ASN V 13 -7.07 12.19 -51.11
N ILE V 14 -5.78 12.18 -50.84
CA ILE V 14 -4.95 11.03 -51.11
C ILE V 14 -5.38 9.81 -50.32
N ARG V 15 -5.76 10.01 -49.07
CA ARG V 15 -6.19 8.93 -48.18
C ARG V 15 -7.41 8.23 -48.73
N ARG V 16 -8.34 9.00 -49.28
CA ARG V 16 -9.53 8.45 -49.88
C ARG V 16 -9.15 7.62 -51.09
N GLY V 17 -8.18 8.10 -51.86
CA GLY V 17 -7.74 7.40 -53.04
C GLY V 17 -7.17 6.03 -52.73
N ILE V 18 -6.43 5.91 -51.64
CA ILE V 18 -5.85 4.63 -51.26
C ILE V 18 -6.88 3.54 -51.04
N GLU V 19 -8.00 3.88 -50.44
CA GLU V 19 -9.04 2.91 -50.20
C GLU V 19 -9.49 2.23 -51.50
N ASN V 20 -9.54 2.98 -52.61
CA ASN V 20 -10.01 2.47 -53.89
C ASN V 20 -8.87 2.05 -54.83
N TYR V 21 -7.68 1.78 -54.28
CA TYR V 21 -6.52 1.32 -55.05
C TYR V 21 -6.82 0.15 -56.00
N TYR V 22 -7.43 -0.93 -55.50
CA TYR V 22 -7.69 -2.11 -56.33
C TYR V 22 -9.06 -2.10 -56.98
N ASP V 23 -9.85 -1.06 -56.76
CA ASP V 23 -11.20 -0.95 -57.30
C ASP V 23 -11.26 -0.15 -58.59
N ASP V 24 -10.30 0.75 -58.79
CA ASP V 24 -10.17 1.62 -59.98
C ASP V 24 -8.73 1.66 -60.46
N LEU V 25 -8.49 1.24 -61.71
CA LEU V 25 -7.15 1.25 -62.25
C LEU V 25 -6.66 2.65 -62.62
N ASP V 26 -7.57 3.62 -62.80
CA ASP V 26 -7.12 5.00 -63.04
C ASP V 26 -6.32 5.50 -61.84
N PHE V 27 -6.89 5.37 -60.63
CA PHE V 27 -6.20 5.87 -59.44
C PHE V 27 -5.00 5.00 -59.09
N LYS V 28 -5.17 3.67 -59.13
CA LYS V 28 -4.03 2.78 -58.94
C LYS V 28 -2.85 3.17 -59.83
N ASN V 29 -3.12 3.57 -61.07
CA ASN V 29 -2.03 3.97 -61.96
C ASN V 29 -1.43 5.29 -61.52
N ILE V 30 -2.26 6.15 -60.91
CA ILE V 30 -1.80 7.44 -60.42
C ILE V 30 -0.85 7.25 -59.24
N MET V 31 -1.25 6.47 -58.24
CA MET V 31 -0.37 6.33 -57.08
C MET V 31 0.91 5.60 -57.42
N ASP V 32 0.81 4.54 -58.24
CA ASP V 32 2.00 3.78 -58.60
C ASP V 32 3.01 4.67 -59.32
N PHE V 33 2.51 5.64 -60.07
CA PHE V 33 3.37 6.57 -60.79
C PHE V 33 4.04 7.56 -59.83
N VAL V 34 3.23 8.22 -58.99
CA VAL V 34 3.77 9.24 -58.10
C VAL V 34 4.77 8.63 -57.12
N GLN V 35 4.34 7.60 -56.38
CA GLN V 35 5.21 6.94 -55.41
C GLN V 35 6.58 6.63 -56.02
N LYS V 36 6.58 6.04 -57.21
CA LYS V 36 7.83 5.64 -57.83
C LYS V 36 8.63 6.86 -58.23
N LYS V 37 7.98 7.84 -58.88
CA LYS V 37 8.75 8.92 -59.51
C LYS V 37 9.35 9.85 -58.47
N PHE V 38 8.52 10.34 -57.55
CA PHE V 38 8.96 11.27 -56.52
C PHE V 38 9.56 10.57 -55.31
N LYS V 39 9.81 9.27 -55.37
CA LYS V 39 10.50 8.56 -54.29
C LYS V 39 9.83 8.79 -52.94
N CYS V 40 8.59 8.33 -52.86
CA CYS V 40 7.75 8.60 -51.71
C CYS V 40 6.77 7.45 -51.53
N CYS V 41 6.01 7.51 -50.44
CA CYS V 41 5.04 6.48 -50.13
C CYS V 41 3.90 7.11 -49.34
N GLY V 42 2.68 6.88 -49.80
CA GLY V 42 1.54 7.42 -49.08
C GLY V 42 1.39 8.91 -49.32
N GLY V 43 0.92 9.61 -48.29
CA GLY V 43 0.59 11.02 -48.37
C GLY V 43 1.30 11.89 -47.35
N GLU V 44 0.88 11.77 -46.08
CA GLU V 44 1.68 12.31 -44.99
C GLU V 44 2.95 11.49 -44.81
N ASP V 45 2.84 10.17 -44.91
CA ASP V 45 3.99 9.27 -44.95
C ASP V 45 3.53 7.89 -45.42
N TYR V 46 4.48 6.95 -45.44
CA TYR V 46 4.29 5.62 -46.01
C TYR V 46 3.13 4.84 -45.36
N ARG V 47 2.80 5.13 -44.11
CA ARG V 47 1.82 4.36 -43.37
C ARG V 47 0.40 4.92 -43.50
N ASP V 48 0.15 5.79 -44.48
CA ASP V 48 -1.23 6.06 -44.89
C ASP V 48 -1.88 4.85 -45.53
N TRP V 49 -1.16 3.74 -45.66
CA TRP V 49 -1.64 2.52 -46.30
C TRP V 49 -2.45 1.63 -45.37
N SER V 50 -2.52 1.97 -44.07
CA SER V 50 -3.49 1.32 -43.21
C SER V 50 -4.93 1.54 -43.70
N LYS V 51 -5.15 2.53 -44.56
CA LYS V 51 -6.50 2.87 -44.99
C LYS V 51 -7.08 1.85 -45.98
N ASN V 52 -6.24 1.21 -46.79
CA ASN V 52 -6.70 0.17 -47.71
C ASN V 52 -7.10 -1.06 -46.91
N GLN V 53 -8.27 -1.64 -47.26
CA GLN V 53 -8.74 -2.89 -46.65
C GLN V 53 -7.62 -3.90 -46.45
N TYR V 54 -6.92 -4.22 -47.53
CA TYR V 54 -5.97 -5.33 -47.59
C TYR V 54 -4.63 -5.00 -46.92
N HIS V 55 -4.38 -3.73 -46.59
CA HIS V 55 -3.12 -3.33 -45.96
C HIS V 55 -3.26 -2.99 -44.49
N ASP V 56 -4.49 -2.84 -43.98
CA ASP V 56 -4.69 -2.74 -42.55
C ASP V 56 -3.90 -3.84 -41.85
N CYS V 57 -3.33 -3.51 -40.68
CA CYS V 57 -2.52 -4.48 -39.94
C CYS V 57 -3.38 -5.57 -39.29
N SER V 58 -4.69 -5.41 -39.26
CA SER V 58 -5.61 -6.43 -38.77
C SER V 58 -6.21 -7.28 -39.88
N ALA V 59 -5.79 -7.06 -41.13
CA ALA V 59 -6.35 -7.77 -42.28
C ALA V 59 -5.73 -9.15 -42.44
N PRO V 60 -6.41 -10.07 -43.14
CA PRO V 60 -5.89 -11.46 -43.21
C PRO V 60 -4.82 -11.69 -44.27
N GLY V 61 -4.81 -10.90 -45.36
CA GLY V 61 -3.97 -11.21 -46.49
C GLY V 61 -2.48 -11.00 -46.19
N PRO V 62 -1.64 -11.34 -47.18
CA PRO V 62 -0.20 -11.08 -47.02
C PRO V 62 0.18 -9.64 -47.18
N LEU V 63 -0.69 -8.84 -47.82
CA LEU V 63 -0.45 -7.42 -47.95
C LEU V 63 -0.75 -6.68 -46.66
N ALA V 64 -1.23 -7.40 -45.64
CA ALA V 64 -1.54 -6.81 -44.34
C ALA V 64 -0.33 -6.15 -43.71
N CYS V 65 -0.55 -4.92 -43.24
CA CYS V 65 0.41 -4.16 -42.45
C CYS V 65 1.70 -3.97 -43.24
N GLY V 66 1.54 -3.68 -44.54
CA GLY V 66 2.63 -3.46 -45.47
C GLY V 66 2.18 -2.52 -46.55
N VAL V 67 3.14 -2.11 -47.39
CA VAL V 67 2.94 -1.10 -48.44
C VAL V 67 3.18 -1.65 -49.85
N PRO V 68 2.56 -1.06 -50.87
CA PRO V 68 2.74 -1.56 -52.25
C PRO V 68 4.18 -1.47 -52.73
N TYR V 69 4.52 -2.35 -53.68
CA TYR V 69 5.91 -2.40 -54.14
C TYR V 69 6.36 -1.08 -54.76
N THR V 70 5.44 -0.24 -55.22
CA THR V 70 5.87 1.06 -55.74
C THR V 70 6.50 1.94 -54.66
N CYS V 71 6.32 1.60 -53.38
CA CYS V 71 7.00 2.32 -52.31
C CYS V 71 8.42 1.85 -52.06
N CYS V 72 8.90 0.84 -52.77
CA CYS V 72 10.15 0.23 -52.43
C CYS V 72 11.31 0.96 -53.11
N ILE V 73 12.42 1.09 -52.38
CA ILE V 73 13.64 1.61 -52.97
C ILE V 73 14.08 0.70 -54.11
N ARG V 74 14.47 1.30 -55.23
CA ARG V 74 14.82 0.54 -56.43
C ARG V 74 16.27 0.70 -56.83
N ASP V 75 16.95 1.71 -56.29
CA ASP V 75 18.34 2.03 -56.60
C ASP V 75 19.24 1.18 -55.71
N THR V 76 19.51 -0.03 -56.18
CA THR V 76 20.24 -1.07 -55.44
C THR V 76 20.64 -2.20 -56.39
N THR V 77 21.78 -2.83 -56.07
CA THR V 77 22.25 -3.99 -56.83
C THR V 77 21.39 -5.23 -56.59
N GLU V 78 20.76 -5.33 -55.43
CA GLU V 78 19.93 -6.49 -55.11
C GLU V 78 18.66 -6.47 -55.95
N VAL V 79 18.19 -7.65 -56.34
CA VAL V 79 16.92 -7.75 -57.03
C VAL V 79 15.81 -7.42 -56.03
N VAL V 80 14.68 -6.90 -56.52
CA VAL V 80 13.61 -6.46 -55.66
C VAL V 80 12.34 -7.13 -56.14
N ASN V 81 11.69 -7.91 -55.27
CA ASN V 81 10.51 -8.66 -55.67
C ASN V 81 9.25 -7.92 -55.25
N THR V 82 8.09 -8.47 -55.60
CA THR V 82 6.84 -7.77 -55.34
C THR V 82 6.48 -7.74 -53.85
N MET V 83 7.35 -8.25 -52.97
CA MET V 83 7.00 -8.45 -51.57
C MET V 83 7.78 -7.54 -50.66
N CYS V 84 8.51 -6.59 -51.22
CA CYS V 84 9.45 -5.79 -50.46
C CYS V 84 8.73 -4.91 -49.44
N GLY V 85 7.49 -4.54 -49.75
CA GLY V 85 6.78 -3.64 -48.87
C GLY V 85 6.12 -4.31 -47.70
N TYR V 86 6.18 -5.64 -47.58
CA TYR V 86 5.48 -6.35 -46.51
C TYR V 86 6.06 -6.01 -45.15
N LYS V 87 5.18 -6.04 -44.15
CA LYS V 87 5.58 -5.96 -42.75
C LYS V 87 6.50 -4.76 -42.53
N THR V 88 6.00 -3.58 -42.94
CA THR V 88 6.72 -2.32 -42.80
C THR V 88 5.99 -1.24 -42.00
N ILE V 89 4.67 -1.28 -41.90
CA ILE V 89 3.96 -0.21 -41.21
C ILE V 89 4.27 -0.03 -39.73
N ASP V 90 4.31 -1.11 -38.97
CA ASP V 90 4.57 -1.01 -37.55
C ASP V 90 6.04 -1.05 -37.25
N LYS V 91 6.85 -1.29 -38.25
CA LYS V 91 8.28 -1.43 -38.05
C LYS V 91 9.03 -0.20 -37.54
N GLU V 92 8.53 0.99 -37.92
CA GLU V 92 9.03 2.37 -37.62
C GLU V 92 10.09 2.80 -38.62
N ARG V 93 10.41 4.09 -38.65
CA ARG V 93 11.31 4.64 -39.68
C ARG V 93 12.73 4.16 -39.79
N PHE V 94 13.43 3.94 -38.70
CA PHE V 94 14.80 3.47 -38.81
C PHE V 94 14.89 2.08 -39.45
N SER V 95 13.99 1.22 -39.02
CA SER V 95 13.96 -0.16 -39.45
C SER V 95 13.55 -0.44 -40.88
N VAL V 96 13.12 0.58 -41.62
CA VAL V 96 12.66 0.35 -42.98
C VAL V 96 13.22 1.31 -44.02
N GLN V 97 13.83 2.38 -43.55
CA GLN V 97 14.34 3.38 -44.46
C GLN V 97 15.29 2.88 -45.50
N ASP V 98 15.87 1.71 -45.29
CA ASP V 98 16.72 1.15 -46.32
C ASP V 98 15.99 0.18 -47.22
N VAL V 99 14.70 -0.05 -46.98
CA VAL V 99 13.86 -0.89 -47.83
C VAL V 99 12.83 -0.06 -48.60
N ILE V 100 12.15 0.87 -47.94
CA ILE V 100 11.12 1.65 -48.61
C ILE V 100 11.36 3.15 -48.47
N TYR V 101 10.83 3.90 -49.44
CA TYR V 101 10.68 5.35 -49.28
C TYR V 101 9.70 5.62 -48.14
N VAL V 102 10.13 6.36 -47.13
CA VAL V 102 9.28 6.56 -45.98
C VAL V 102 8.48 7.85 -46.10
N ARG V 103 9.04 8.88 -46.74
CA ARG V 103 8.45 10.20 -46.72
C ARG V 103 7.16 10.23 -47.52
N GLY V 104 6.29 11.17 -47.18
CA GLY V 104 5.01 11.27 -47.84
C GLY V 104 5.09 11.94 -49.19
N CYS V 105 4.18 11.52 -50.08
CA CYS V 105 4.25 11.99 -51.45
C CYS V 105 3.84 13.45 -51.56
N THR V 106 2.92 13.92 -50.71
CA THR V 106 2.43 15.28 -50.83
C THR V 106 3.57 16.29 -50.67
N ASN V 107 4.28 16.24 -49.54
CA ASN V 107 5.50 17.04 -49.42
C ASN V 107 6.47 16.80 -50.57
N ALA V 108 6.69 15.55 -50.96
CA ALA V 108 7.70 15.31 -52.00
C ALA V 108 7.32 15.96 -53.33
N VAL V 109 6.02 16.14 -53.61
CA VAL V 109 5.64 16.82 -54.84
C VAL V 109 5.76 18.35 -54.69
N ILE V 110 5.51 18.87 -53.50
CA ILE V 110 5.55 20.31 -53.29
C ILE V 110 6.97 20.81 -53.53
N ILE V 111 7.93 20.20 -52.85
CA ILE V 111 9.31 20.66 -52.95
C ILE V 111 9.86 20.48 -54.36
N TRP V 112 9.35 19.51 -55.13
CA TRP V 112 9.71 19.48 -56.55
C TRP V 112 9.02 20.61 -57.31
N PHE V 113 7.78 20.91 -56.96
CA PHE V 113 7.08 22.00 -57.62
C PHE V 113 7.79 23.32 -57.42
N MET V 114 8.40 23.52 -56.23
CA MET V 114 9.11 24.75 -55.98
C MET V 114 10.40 24.84 -56.78
N ASP V 115 11.18 23.75 -56.80
CA ASP V 115 12.44 23.76 -57.50
C ASP V 115 12.25 23.99 -59.00
N ASN V 116 11.13 23.55 -59.55
CA ASN V 116 10.90 23.58 -60.98
C ASN V 116 10.02 24.74 -61.39
N LEU V 117 9.85 25.72 -60.51
CA LEU V 117 8.83 26.76 -60.70
C LEU V 117 9.05 27.56 -61.98
N GLU V 118 10.28 28.06 -62.18
CA GLU V 118 10.59 28.82 -63.38
C GLU V 118 10.28 28.02 -64.64
N VAL V 119 10.60 26.72 -64.61
CA VAL V 119 10.35 25.86 -65.77
C VAL V 119 8.85 25.66 -65.99
N LEU V 120 8.05 25.51 -64.93
CA LEU V 120 6.70 24.99 -65.15
C LEU V 120 5.81 25.98 -65.91
N PHE V 121 5.79 27.24 -65.53
CA PHE V 121 4.94 28.20 -66.21
C PHE V 121 5.73 29.17 -67.08
N THR W 1 -34.88 -67.23 -15.48
CA THR W 1 -34.31 -66.66 -16.70
C THR W 1 -33.31 -67.63 -17.34
N PHE W 2 -32.79 -68.54 -16.51
CA PHE W 2 -31.88 -69.61 -16.93
C PHE W 2 -30.50 -69.07 -17.26
N ARG W 3 -30.39 -68.28 -18.33
CA ARG W 3 -29.15 -67.56 -18.60
C ARG W 3 -28.75 -66.77 -17.37
N GLN W 4 -29.59 -65.81 -16.98
CA GLN W 4 -29.35 -65.10 -15.72
C GLN W 4 -29.20 -66.04 -14.52
N GLN W 5 -30.02 -67.08 -14.39
CA GLN W 5 -29.88 -68.01 -13.26
C GLN W 5 -28.42 -68.40 -13.07
N THR W 6 -27.78 -68.89 -14.13
CA THR W 6 -26.37 -69.29 -14.01
C THR W 6 -25.43 -68.09 -13.89
N ILE W 7 -25.65 -67.02 -14.67
CA ILE W 7 -24.75 -65.87 -14.61
C ILE W 7 -24.65 -65.35 -13.18
N ASP W 8 -25.78 -65.36 -12.45
CA ASP W 8 -25.68 -65.24 -11.01
C ASP W 8 -24.74 -66.31 -10.47
N PHE W 9 -25.07 -67.60 -10.68
CA PHE W 9 -24.28 -68.73 -10.18
C PHE W 9 -22.78 -68.50 -10.33
N LEU W 10 -22.32 -68.17 -11.55
CA LEU W 10 -20.90 -67.87 -11.75
C LEU W 10 -20.49 -66.64 -10.97
N ASN W 11 -21.35 -65.61 -10.97
CA ASN W 11 -21.07 -64.46 -10.13
C ASN W 11 -20.95 -64.83 -8.66
N ASP W 12 -21.58 -65.91 -8.19
CA ASP W 12 -21.51 -65.98 -6.73
C ASP W 12 -20.17 -66.57 -6.34
N ASN W 13 -19.80 -67.64 -7.05
CA ASN W 13 -18.61 -68.40 -6.73
C ASN W 13 -17.39 -67.52 -6.84
N ILE W 14 -17.31 -66.63 -7.84
CA ILE W 14 -16.06 -65.88 -7.93
C ILE W 14 -16.08 -64.71 -6.98
N ARG W 15 -17.27 -64.32 -6.50
CA ARG W 15 -17.35 -63.45 -5.34
C ARG W 15 -16.85 -64.15 -4.08
N ARG W 16 -17.06 -65.47 -3.99
CA ARG W 16 -16.43 -66.25 -2.93
C ARG W 16 -14.92 -66.26 -3.10
N GLY W 17 -14.45 -66.65 -4.30
CA GLY W 17 -13.03 -66.65 -4.58
C GLY W 17 -12.34 -65.32 -4.32
N ILE W 18 -13.01 -64.19 -4.63
CA ILE W 18 -12.43 -62.88 -4.34
C ILE W 18 -12.08 -62.73 -2.86
N GLU W 19 -13.07 -62.92 -1.98
CA GLU W 19 -12.77 -63.05 -0.55
C GLU W 19 -11.69 -64.07 -0.18
N ASN W 20 -11.57 -65.24 -0.83
CA ASN W 20 -10.48 -66.07 -0.33
C ASN W 20 -9.25 -66.03 -1.24
N TYR W 21 -9.09 -64.93 -1.97
CA TYR W 21 -8.01 -64.77 -2.93
C TYR W 21 -6.65 -65.00 -2.28
N TYR W 22 -6.43 -64.39 -1.12
CA TYR W 22 -5.17 -64.56 -0.41
C TYR W 22 -5.15 -65.77 0.50
N ASP W 23 -6.26 -66.49 0.65
CA ASP W 23 -6.30 -67.51 1.67
C ASP W 23 -6.10 -68.91 1.10
N ASP W 24 -6.39 -69.08 -0.19
CA ASP W 24 -6.24 -70.40 -0.84
C ASP W 24 -5.65 -70.31 -2.24
N LEU W 25 -4.55 -71.00 -2.44
CA LEU W 25 -3.86 -70.95 -3.71
C LEU W 25 -4.67 -71.44 -4.87
N ASP W 26 -5.50 -72.45 -4.69
CA ASP W 26 -6.25 -72.94 -5.84
C ASP W 26 -7.16 -71.87 -6.38
N PHE W 27 -7.85 -71.17 -5.50
CA PHE W 27 -8.71 -70.13 -5.97
C PHE W 27 -7.88 -69.05 -6.60
N LYS W 28 -6.80 -68.68 -5.93
CA LYS W 28 -5.96 -67.61 -6.44
C LYS W 28 -5.40 -67.95 -7.80
N ASN W 29 -4.93 -69.17 -7.95
CA ASN W 29 -4.39 -69.53 -9.23
C ASN W 29 -5.43 -69.48 -10.28
N ILE W 30 -6.60 -70.01 -9.99
CA ILE W 30 -7.65 -69.97 -10.97
C ILE W 30 -8.14 -68.58 -11.25
N MET W 31 -8.30 -67.78 -10.22
CA MET W 31 -8.77 -66.43 -10.44
C MET W 31 -7.79 -65.62 -11.26
N ASP W 32 -6.52 -65.76 -10.95
CA ASP W 32 -5.52 -65.03 -11.68
C ASP W 32 -5.43 -65.41 -13.11
N PHE W 33 -5.58 -66.68 -13.38
CA PHE W 33 -5.49 -67.13 -14.73
C PHE W 33 -6.58 -66.54 -15.58
N VAL W 34 -7.79 -66.53 -15.06
CA VAL W 34 -8.93 -66.04 -15.77
C VAL W 34 -8.83 -64.59 -16.11
N GLN W 35 -8.41 -63.79 -15.16
CA GLN W 35 -8.33 -62.38 -15.42
C GLN W 35 -7.35 -62.07 -16.50
N LYS W 36 -6.19 -62.71 -16.48
CA LYS W 36 -5.20 -62.46 -17.53
C LYS W 36 -5.54 -62.97 -18.90
N LYS W 37 -6.03 -64.19 -18.94
CA LYS W 37 -6.37 -64.82 -20.19
C LYS W 37 -7.54 -64.21 -20.87
N PHE W 38 -8.54 -63.84 -20.09
CA PHE W 38 -9.75 -63.28 -20.63
C PHE W 38 -9.87 -61.77 -20.68
N LYS W 39 -8.84 -61.07 -20.25
CA LYS W 39 -8.81 -59.61 -20.23
C LYS W 39 -10.04 -59.04 -19.57
N CYS W 40 -10.26 -59.49 -18.36
CA CYS W 40 -11.40 -59.11 -17.56
C CYS W 40 -10.93 -58.95 -16.14
N CYS W 41 -11.81 -58.44 -15.28
CA CYS W 41 -11.43 -58.20 -13.90
C CYS W 41 -12.68 -58.25 -13.06
N GLY W 42 -12.64 -59.03 -11.98
CA GLY W 42 -13.81 -59.25 -11.14
C GLY W 42 -14.90 -60.06 -11.84
N GLY W 43 -16.11 -59.97 -11.28
CA GLY W 43 -17.26 -60.71 -11.78
C GLY W 43 -18.25 -59.91 -12.57
N GLU W 44 -18.96 -59.02 -11.90
CA GLU W 44 -19.79 -58.06 -12.61
C GLU W 44 -18.92 -57.07 -13.38
N ASP W 45 -17.99 -56.43 -12.69
CA ASP W 45 -16.95 -55.63 -13.31
C ASP W 45 -15.79 -55.51 -12.33
N TYR W 46 -14.87 -54.61 -12.61
CA TYR W 46 -13.63 -54.56 -11.86
C TYR W 46 -13.83 -54.11 -10.41
N ARG W 47 -14.96 -53.49 -10.10
CA ARG W 47 -15.17 -53.02 -8.73
C ARG W 47 -15.73 -54.10 -7.80
N ASP W 48 -15.85 -55.34 -8.28
CA ASP W 48 -16.09 -56.46 -7.40
C ASP W 48 -15.00 -56.65 -6.37
N TRP W 49 -13.82 -56.06 -6.59
CA TRP W 49 -12.67 -56.25 -5.72
C TRP W 49 -12.76 -55.46 -4.41
N SER W 50 -13.87 -54.79 -4.15
CA SER W 50 -14.08 -54.26 -2.81
C SER W 50 -14.45 -55.37 -1.83
N LYS W 51 -14.94 -56.51 -2.34
CA LYS W 51 -15.33 -57.60 -1.47
C LYS W 51 -14.16 -58.11 -0.64
N ASN W 52 -12.96 -58.19 -1.22
CA ASN W 52 -11.80 -58.59 -0.45
C ASN W 52 -11.45 -57.51 0.57
N GLN W 53 -11.16 -57.94 1.80
CA GLN W 53 -11.10 -56.99 2.89
C GLN W 53 -9.85 -56.09 2.77
N TYR W 54 -8.83 -56.58 2.06
CA TYR W 54 -7.57 -55.88 1.83
C TYR W 54 -7.69 -54.78 0.79
N HIS W 55 -8.60 -54.93 -0.16
CA HIS W 55 -8.78 -53.98 -1.25
C HIS W 55 -9.89 -52.97 -0.99
N ASP W 56 -10.67 -53.14 0.08
CA ASP W 56 -11.78 -52.24 0.38
C ASP W 56 -11.34 -50.79 0.30
N CYS W 57 -12.16 -49.95 -0.36
CA CYS W 57 -11.75 -48.58 -0.64
C CYS W 57 -11.65 -47.78 0.66
N SER W 58 -11.89 -48.42 1.81
CA SER W 58 -11.73 -47.79 3.12
C SER W 58 -10.59 -48.38 3.96
N ALA W 59 -9.91 -49.42 3.47
CA ALA W 59 -9.00 -50.22 4.29
C ALA W 59 -7.65 -49.50 4.48
N PRO W 60 -6.89 -49.85 5.53
CA PRO W 60 -5.61 -49.14 5.73
C PRO W 60 -4.56 -49.45 4.67
N GLY W 61 -4.62 -50.62 4.04
CA GLY W 61 -3.52 -51.12 3.28
C GLY W 61 -3.27 -50.37 1.98
N PRO W 62 -2.09 -50.56 1.40
CA PRO W 62 -1.83 -49.98 0.07
C PRO W 62 -2.78 -50.51 -0.98
N LEU W 63 -3.28 -51.74 -0.79
CA LEU W 63 -4.17 -52.35 -1.76
C LEU W 63 -5.49 -51.62 -1.85
N ALA W 64 -5.80 -50.79 -0.85
CA ALA W 64 -7.13 -50.24 -0.71
C ALA W 64 -7.55 -49.48 -1.96
N CYS W 65 -8.75 -49.82 -2.43
CA CYS W 65 -9.43 -49.12 -3.51
C CYS W 65 -8.64 -49.30 -4.81
N GLY W 66 -7.83 -50.36 -4.82
CA GLY W 66 -7.05 -50.85 -5.95
C GLY W 66 -7.48 -52.23 -6.44
N VAL W 67 -6.72 -52.86 -7.32
CA VAL W 67 -7.18 -54.11 -7.91
C VAL W 67 -5.97 -55.00 -8.19
N PRO W 68 -6.05 -56.34 -8.03
CA PRO W 68 -4.85 -57.18 -8.20
C PRO W 68 -4.26 -57.05 -9.59
N TYR W 69 -2.94 -57.18 -9.68
CA TYR W 69 -2.24 -56.81 -10.90
C TYR W 69 -2.60 -57.72 -12.09
N THR W 70 -3.21 -58.88 -11.85
CA THR W 70 -3.71 -59.65 -13.00
C THR W 70 -4.85 -58.95 -13.73
N CYS W 71 -5.37 -57.83 -13.21
CA CYS W 71 -6.34 -57.00 -13.89
C CYS W 71 -5.73 -55.99 -14.86
N CYS W 72 -4.40 -55.92 -14.95
CA CYS W 72 -3.78 -54.81 -15.63
C CYS W 72 -3.57 -55.08 -17.11
N ILE W 73 -3.83 -54.06 -17.92
CA ILE W 73 -3.62 -54.13 -19.36
C ILE W 73 -2.12 -54.24 -19.65
N ARG W 74 -1.74 -55.28 -20.36
CA ARG W 74 -0.35 -55.65 -20.56
C ARG W 74 0.14 -55.33 -21.96
N ASP W 75 -0.71 -54.74 -22.79
CA ASP W 75 -0.40 -54.52 -24.18
C ASP W 75 -0.11 -53.03 -24.39
N THR W 76 1.00 -52.59 -23.80
CA THR W 76 1.50 -51.22 -23.94
C THR W 76 3.01 -51.26 -24.13
N THR W 77 3.55 -50.14 -24.62
CA THR W 77 5.00 -49.99 -24.68
C THR W 77 5.58 -50.06 -23.28
N GLU W 78 4.82 -49.53 -22.32
CA GLU W 78 5.31 -49.23 -20.99
C GLU W 78 5.39 -50.48 -20.13
N VAL W 79 6.53 -50.62 -19.45
CA VAL W 79 6.64 -51.53 -18.32
C VAL W 79 5.46 -51.34 -17.36
N VAL W 80 4.89 -52.47 -16.95
CA VAL W 80 3.82 -52.51 -15.95
C VAL W 80 4.39 -53.15 -14.68
N ASN W 81 4.00 -52.62 -13.53
CA ASN W 81 4.44 -53.16 -12.24
C ASN W 81 3.25 -53.61 -11.40
N THR W 82 3.56 -54.18 -10.23
CA THR W 82 2.52 -54.83 -9.43
C THR W 82 1.53 -53.85 -8.86
N MET W 83 1.71 -52.53 -9.09
CA MET W 83 0.93 -51.48 -8.47
C MET W 83 0.02 -50.78 -9.47
N CYS W 84 -0.10 -51.34 -10.68
CA CYS W 84 -0.92 -50.78 -11.74
C CYS W 84 -2.40 -50.80 -11.42
N GLY W 85 -2.87 -51.76 -10.63
CA GLY W 85 -4.25 -51.71 -10.26
C GLY W 85 -4.56 -50.92 -9.01
N TYR W 86 -3.59 -50.20 -8.44
CA TYR W 86 -3.86 -49.40 -7.24
C TYR W 86 -4.74 -48.22 -7.58
N LYS W 87 -5.65 -47.91 -6.65
CA LYS W 87 -6.46 -46.68 -6.65
C LYS W 87 -7.22 -46.49 -7.95
N THR W 88 -7.96 -47.53 -8.36
CA THR W 88 -8.78 -47.49 -9.58
C THR W 88 -10.27 -47.75 -9.37
N ILE W 89 -10.71 -48.13 -8.17
CA ILE W 89 -12.14 -48.48 -7.96
C ILE W 89 -13.04 -47.24 -8.11
N ASP W 90 -12.59 -46.08 -7.64
CA ASP W 90 -13.43 -44.90 -7.63
C ASP W 90 -13.18 -43.94 -8.79
N LYS W 91 -12.43 -44.35 -9.81
CA LYS W 91 -12.05 -43.43 -10.87
C LYS W 91 -12.93 -43.53 -12.12
N GLU W 92 -13.81 -44.53 -12.21
CA GLU W 92 -14.82 -44.57 -13.26
C GLU W 92 -14.22 -45.00 -14.59
N ARG W 93 -15.08 -45.59 -15.43
CA ARG W 93 -14.61 -46.45 -16.51
C ARG W 93 -13.73 -45.69 -17.51
N PHE W 94 -14.10 -44.46 -17.85
CA PHE W 94 -13.43 -43.76 -18.93
C PHE W 94 -11.94 -43.59 -18.66
N SER W 95 -11.57 -43.26 -17.42
CA SER W 95 -10.16 -43.01 -17.11
C SER W 95 -9.36 -44.30 -17.01
N VAL W 96 -9.95 -45.35 -16.44
CA VAL W 96 -9.19 -46.56 -16.08
C VAL W 96 -9.02 -47.55 -17.23
N GLN W 97 -9.78 -47.40 -18.31
CA GLN W 97 -9.75 -48.39 -19.38
C GLN W 97 -8.38 -48.44 -20.07
N ASP W 98 -7.58 -47.37 -19.94
CA ASP W 98 -6.22 -47.42 -20.45
C ASP W 98 -5.31 -48.19 -19.51
N VAL W 99 -5.66 -48.26 -18.23
CA VAL W 99 -4.82 -48.96 -17.24
C VAL W 99 -5.25 -50.41 -17.01
N ILE W 100 -6.53 -50.66 -16.68
CA ILE W 100 -6.97 -52.01 -16.38
C ILE W 100 -8.10 -52.42 -17.31
N TYR W 101 -8.28 -53.74 -17.42
CA TYR W 101 -9.52 -54.28 -17.95
C TYR W 101 -10.67 -53.97 -17.00
N VAL W 102 -11.75 -53.40 -17.52
CA VAL W 102 -12.82 -52.97 -16.64
C VAL W 102 -13.93 -54.01 -16.62
N ARG W 103 -14.10 -54.75 -17.71
CA ARG W 103 -15.27 -55.59 -17.84
C ARG W 103 -15.18 -56.80 -16.91
N GLY W 104 -16.33 -57.19 -16.37
CA GLY W 104 -16.35 -58.36 -15.51
C GLY W 104 -15.97 -59.62 -16.26
N CYS W 105 -15.53 -60.62 -15.48
CA CYS W 105 -15.05 -61.87 -16.07
C CYS W 105 -16.19 -62.81 -16.42
N THR W 106 -17.26 -62.83 -15.61
CA THR W 106 -18.35 -63.76 -15.86
C THR W 106 -18.83 -63.71 -17.31
N ASN W 107 -19.18 -62.51 -17.79
CA ASN W 107 -19.63 -62.40 -19.17
C ASN W 107 -18.55 -62.79 -20.18
N ALA W 108 -17.29 -62.40 -19.93
CA ALA W 108 -16.24 -62.66 -20.91
C ALA W 108 -16.00 -64.16 -21.11
N VAL W 109 -16.08 -64.93 -20.01
CA VAL W 109 -16.03 -66.39 -20.10
C VAL W 109 -17.11 -66.92 -21.04
N ILE W 110 -18.33 -66.36 -20.92
CA ILE W 110 -19.49 -66.98 -21.54
C ILE W 110 -19.36 -66.94 -23.06
N ILE W 111 -19.04 -65.76 -23.60
CA ILE W 111 -19.02 -65.56 -25.03
C ILE W 111 -17.80 -66.21 -25.65
N TRP W 112 -16.69 -66.30 -24.92
CA TRP W 112 -15.56 -67.08 -25.42
C TRP W 112 -15.99 -68.53 -25.59
N PHE W 113 -16.56 -69.11 -24.54
CA PHE W 113 -17.10 -70.46 -24.60
C PHE W 113 -18.29 -70.61 -25.56
N MET W 114 -19.11 -69.59 -25.79
CA MET W 114 -20.11 -69.84 -26.83
C MET W 114 -19.48 -69.95 -28.20
N ASP W 115 -18.38 -69.25 -28.44
CA ASP W 115 -17.91 -68.99 -29.78
C ASP W 115 -16.88 -70.01 -30.24
N ASN W 116 -16.26 -70.75 -29.32
CA ASN W 116 -15.44 -71.88 -29.69
C ASN W 116 -16.24 -73.17 -29.74
N LEU W 117 -17.57 -73.07 -29.80
CA LEU W 117 -18.45 -74.21 -29.54
C LEU W 117 -18.09 -75.42 -30.40
N GLU W 118 -17.94 -75.22 -31.71
CA GLU W 118 -17.79 -76.35 -32.63
C GLU W 118 -16.54 -77.16 -32.34
N VAL W 119 -15.45 -76.46 -32.03
CA VAL W 119 -14.19 -77.12 -31.74
C VAL W 119 -14.13 -77.58 -30.28
N LEU W 120 -15.04 -77.08 -29.43
CA LEU W 120 -15.08 -77.52 -28.03
C LEU W 120 -15.29 -79.01 -27.94
N PHE W 121 -16.26 -79.54 -28.69
CA PHE W 121 -16.63 -80.95 -28.53
C PHE W 121 -16.31 -81.78 -29.78
N THR X 1 23.18 49.79 52.82
CA THR X 1 22.88 48.59 52.04
C THR X 1 23.82 48.48 50.84
N PHE X 2 24.97 49.15 50.95
CA PHE X 2 26.11 49.03 50.04
C PHE X 2 25.72 49.48 48.64
N ARG X 3 25.95 48.68 47.60
CA ARG X 3 25.34 48.93 46.30
C ARG X 3 23.94 49.52 46.34
N GLN X 4 22.91 48.81 46.82
CA GLN X 4 21.58 49.40 46.76
C GLN X 4 21.59 50.80 47.36
N GLN X 5 22.31 50.97 48.47
CA GLN X 5 22.35 52.26 49.17
C GLN X 5 22.81 53.37 48.25
N THR X 6 23.93 53.17 47.55
CA THR X 6 24.47 54.27 46.75
C THR X 6 23.56 54.57 45.57
N ILE X 7 22.87 53.55 45.06
CA ILE X 7 22.17 53.66 43.80
C ILE X 7 20.97 54.58 43.95
N ASP X 8 20.28 54.50 45.09
CA ASP X 8 19.36 55.55 45.50
C ASP X 8 20.03 56.92 45.42
N PHE X 9 21.24 57.04 45.99
CA PHE X 9 21.92 58.34 46.00
C PHE X 9 22.28 58.80 44.59
N LEU X 10 22.65 57.87 43.71
CA LEU X 10 23.03 58.27 42.36
C LEU X 10 21.81 58.44 41.46
N ASN X 11 20.66 57.88 41.85
CA ASN X 11 19.39 58.25 41.26
C ASN X 11 18.85 59.53 41.88
N ASP X 12 19.11 59.76 43.17
CA ASP X 12 18.83 61.06 43.79
C ASP X 12 19.41 62.18 42.96
N ASN X 13 20.73 62.12 42.75
CA ASN X 13 21.46 63.20 42.10
C ASN X 13 20.85 63.54 40.74
N ILE X 14 20.75 62.55 39.85
CA ILE X 14 20.37 62.91 38.50
C ILE X 14 18.87 63.14 38.35
N ARG X 15 18.06 62.64 39.29
CA ARG X 15 16.68 63.09 39.36
C ARG X 15 16.62 64.61 39.49
N ARG X 16 17.47 65.17 40.37
CA ARG X 16 17.58 66.62 40.49
C ARG X 16 18.12 67.25 39.21
N GLY X 17 18.79 66.46 38.37
CA GLY X 17 19.35 66.94 37.12
C GLY X 17 18.32 67.07 36.01
N ILE X 18 17.50 66.04 35.77
CA ILE X 18 16.47 66.17 34.74
C ILE X 18 15.57 67.35 35.02
N GLU X 19 15.32 67.63 36.29
CA GLU X 19 14.49 68.80 36.62
C GLU X 19 15.17 70.08 36.18
N ASN X 20 16.46 70.25 36.46
CA ASN X 20 17.04 71.52 36.06
C ASN X 20 17.80 71.40 34.75
N TYR X 21 17.42 70.44 33.92
CA TYR X 21 18.10 70.20 32.66
C TYR X 21 18.30 71.49 31.85
N TYR X 22 17.23 72.30 31.70
CA TYR X 22 17.28 73.49 30.85
C TYR X 22 17.68 74.75 31.60
N ASP X 23 17.64 74.69 32.93
CA ASP X 23 17.81 75.82 33.83
C ASP X 23 19.29 76.17 34.08
N ASP X 24 20.20 75.24 33.75
CA ASP X 24 21.59 75.33 34.20
C ASP X 24 22.39 74.42 33.30
N LEU X 25 23.31 74.98 32.52
CA LEU X 25 23.90 74.14 31.48
C LEU X 25 25.00 73.28 32.05
N ASP X 26 25.48 73.60 33.26
CA ASP X 26 26.35 72.67 33.96
C ASP X 26 25.70 71.30 34.04
N PHE X 27 24.47 71.24 34.55
CA PHE X 27 23.78 69.94 34.61
C PHE X 27 23.52 69.43 33.22
N LYS X 28 23.04 70.29 32.32
CA LYS X 28 22.71 69.84 30.96
C LYS X 28 23.91 69.20 30.29
N ASN X 29 25.07 69.88 30.33
CA ASN X 29 26.26 69.35 29.66
C ASN X 29 26.69 68.02 30.25
N ILE X 30 26.51 67.83 31.55
CA ILE X 30 26.87 66.56 32.19
C ILE X 30 25.94 65.45 31.73
N MET X 31 24.64 65.62 31.92
CA MET X 31 23.68 64.66 31.38
C MET X 31 23.98 64.31 29.92
N ASP X 32 24.19 65.32 29.06
CA ASP X 32 24.22 64.96 27.65
C ASP X 32 25.51 64.23 27.30
N PHE X 33 26.62 64.62 27.91
CA PHE X 33 27.82 63.81 27.83
C PHE X 33 27.53 62.37 28.23
N VAL X 34 27.12 62.17 29.49
CA VAL X 34 26.96 60.83 30.07
C VAL X 34 26.03 59.97 29.21
N GLN X 35 24.87 60.53 28.84
CA GLN X 35 23.91 59.76 28.06
C GLN X 35 24.50 59.34 26.72
N LYS X 36 25.23 60.23 26.05
CA LYS X 36 25.80 59.89 24.74
C LYS X 36 26.88 58.83 24.86
N LYS X 37 27.74 58.95 25.88
CA LYS X 37 28.96 58.15 25.99
C LYS X 37 28.69 56.77 26.55
N PHE X 38 27.96 56.68 27.66
CA PHE X 38 27.68 55.39 28.29
C PHE X 38 26.51 54.65 27.65
N LYS X 39 25.93 55.23 26.60
CA LYS X 39 24.86 54.62 25.82
C LYS X 39 23.66 54.27 26.72
N CYS X 40 23.04 55.33 27.26
CA CYS X 40 21.98 55.15 28.25
C CYS X 40 21.01 56.33 28.20
N CYS X 41 19.95 56.24 29.02
CA CYS X 41 18.98 57.32 29.11
C CYS X 41 18.34 57.33 30.50
N GLY X 42 18.40 58.47 31.19
CA GLY X 42 17.82 58.62 32.50
C GLY X 42 18.68 57.97 33.57
N GLY X 43 18.08 57.73 34.73
CA GLY X 43 18.81 57.09 35.81
C GLY X 43 18.49 55.64 35.97
N GLU X 44 17.31 55.41 36.53
CA GLU X 44 16.83 54.05 36.62
C GLU X 44 16.57 53.51 35.21
N ASP X 45 15.83 54.27 34.39
CA ASP X 45 15.58 53.94 33.00
C ASP X 45 15.16 55.22 32.27
N TYR X 46 14.89 55.08 30.97
CA TYR X 46 14.61 56.24 30.13
C TYR X 46 13.33 56.99 30.53
N ARG X 47 12.41 56.34 31.23
CA ARG X 47 11.14 56.96 31.58
C ARG X 47 11.23 57.84 32.83
N ASP X 48 12.43 58.13 33.32
CA ASP X 48 12.60 59.10 34.39
C ASP X 48 12.54 60.54 33.89
N TRP X 49 12.53 60.75 32.57
CA TRP X 49 12.45 62.07 31.94
C TRP X 49 11.06 62.69 32.05
N SER X 50 10.07 61.96 32.55
CA SER X 50 8.76 62.56 32.82
C SER X 50 8.83 63.56 33.97
N LYS X 51 9.89 63.52 34.78
CA LYS X 51 10.03 64.43 35.91
C LYS X 51 10.30 65.88 35.49
N ASN X 52 10.83 66.10 34.29
CA ASN X 52 11.01 67.43 33.74
C ASN X 52 9.68 67.94 33.18
N GLN X 53 9.24 69.13 33.62
CA GLN X 53 7.96 69.69 33.16
C GLN X 53 7.84 69.77 31.63
N TYR X 54 8.92 69.96 30.90
CA TYR X 54 8.75 70.04 29.46
C TYR X 54 8.64 68.66 28.81
N HIS X 55 8.87 67.60 29.58
CA HIS X 55 8.77 66.23 29.07
C HIS X 55 7.67 65.41 29.69
N ASP X 56 6.99 65.91 30.72
CA ASP X 56 5.80 65.26 31.23
C ASP X 56 4.87 64.92 30.07
N CYS X 57 4.30 63.70 30.11
CA CYS X 57 3.48 63.26 28.98
C CYS X 57 2.23 64.11 28.82
N SER X 58 1.88 64.91 29.83
CA SER X 58 0.73 65.80 29.80
C SER X 58 1.08 67.25 29.58
N ALA X 59 2.34 67.55 29.27
CA ALA X 59 2.77 68.91 28.99
C ALA X 59 2.31 69.32 27.60
N PRO X 60 2.34 70.63 27.30
CA PRO X 60 1.88 71.08 25.98
C PRO X 60 2.90 70.88 24.84
N GLY X 61 4.17 71.26 25.03
CA GLY X 61 5.10 71.39 23.94
C GLY X 61 5.38 70.08 23.22
N PRO X 62 6.23 70.15 22.18
CA PRO X 62 6.54 68.96 21.39
C PRO X 62 7.48 67.99 22.07
N LEU X 63 8.08 68.38 23.19
CA LEU X 63 8.95 67.49 23.95
C LEU X 63 8.17 66.68 24.97
N ALA X 64 6.86 66.90 25.06
CA ALA X 64 6.06 66.13 25.98
C ALA X 64 6.20 64.64 25.68
N CYS X 65 6.14 63.85 26.74
CA CYS X 65 6.14 62.40 26.69
C CYS X 65 7.24 61.90 25.76
N GLY X 66 8.37 62.64 25.76
CA GLY X 66 9.51 62.35 24.92
C GLY X 66 10.80 62.49 25.71
N VAL X 67 11.91 62.30 25.01
CA VAL X 67 13.19 62.20 25.69
C VAL X 67 14.25 62.95 24.90
N PRO X 68 15.25 63.51 25.59
CA PRO X 68 16.28 64.31 24.88
C PRO X 68 17.03 63.51 23.82
N TYR X 69 17.48 64.23 22.80
CA TYR X 69 18.13 63.61 21.64
C TYR X 69 19.46 62.94 21.96
N THR X 70 20.05 63.17 23.13
CA THR X 70 21.30 62.48 23.44
C THR X 70 21.06 61.02 23.84
N CYS X 71 19.80 60.59 23.88
CA CYS X 71 19.46 59.21 24.16
C CYS X 71 19.38 58.34 22.91
N CYS X 72 19.25 58.95 21.73
CA CYS X 72 19.02 58.20 20.50
C CYS X 72 20.24 57.37 20.10
N ILE X 73 19.98 56.22 19.44
CA ILE X 73 21.08 55.40 18.92
C ILE X 73 21.77 56.12 17.76
N ARG X 74 23.09 56.16 17.80
CA ARG X 74 23.86 56.79 16.75
C ARG X 74 24.62 55.82 15.87
N ASP X 75 24.58 54.52 16.16
CA ASP X 75 25.31 53.51 15.39
C ASP X 75 24.41 52.89 14.32
N THR X 76 24.02 53.74 13.36
CA THR X 76 23.28 53.31 12.18
C THR X 76 23.72 54.14 10.98
N THR X 77 23.54 53.57 9.78
CA THR X 77 23.86 54.31 8.56
C THR X 77 23.01 55.56 8.43
N GLU X 78 21.82 55.57 9.01
CA GLU X 78 20.81 56.60 8.74
C GLU X 78 21.14 57.90 9.47
N VAL X 79 20.57 58.98 8.96
CA VAL X 79 20.67 60.29 9.60
C VAL X 79 19.65 60.41 10.72
N VAL X 80 20.05 61.00 11.83
CA VAL X 80 19.21 61.15 13.01
C VAL X 80 18.96 62.63 13.23
N ASN X 81 17.73 63.00 13.59
CA ASN X 81 17.41 64.42 13.84
C ASN X 81 17.01 64.62 15.30
N THR X 82 16.87 65.89 15.70
CA THR X 82 16.69 66.20 17.12
C THR X 82 15.37 65.68 17.67
N MET X 83 14.48 65.16 16.82
CA MET X 83 13.18 64.67 17.25
C MET X 83 13.14 63.15 17.41
N CYS X 84 14.30 62.48 17.31
CA CYS X 84 14.32 61.02 17.37
C CYS X 84 13.85 60.49 18.73
N GLY X 85 14.05 61.26 19.78
CA GLY X 85 13.55 60.87 21.07
C GLY X 85 12.13 61.31 21.37
N TYR X 86 11.35 61.77 20.41
CA TYR X 86 10.02 62.26 20.78
C TYR X 86 8.99 61.13 20.87
N LYS X 87 8.01 61.33 21.75
CA LYS X 87 6.84 60.48 21.87
C LYS X 87 7.23 59.01 22.00
N THR X 88 8.20 58.77 22.88
CA THR X 88 8.71 57.44 23.17
C THR X 88 8.56 57.01 24.64
N ILE X 89 8.18 57.92 25.57
CA ILE X 89 8.28 57.58 27.00
C ILE X 89 7.38 56.41 27.38
N ASP X 90 6.15 56.35 26.88
CA ASP X 90 5.26 55.27 27.29
C ASP X 90 5.06 54.30 26.12
N LYS X 91 6.13 53.60 25.77
CA LYS X 91 6.08 52.53 24.78
C LYS X 91 6.80 51.30 25.30
N GLU X 92 6.53 50.96 26.57
CA GLU X 92 7.14 49.83 27.31
C GLU X 92 8.67 49.91 27.12
N ARG X 93 9.35 48.84 26.67
CA ARG X 93 10.76 48.96 26.30
C ARG X 93 11.02 48.50 24.87
N PHE X 94 10.27 47.48 24.41
CA PHE X 94 10.53 46.85 23.11
C PHE X 94 10.06 47.73 21.95
N SER X 95 9.20 48.71 22.23
CA SER X 95 8.73 49.62 21.18
C SER X 95 9.83 50.53 20.68
N VAL X 96 10.63 51.07 21.59
CA VAL X 96 11.50 52.21 21.31
C VAL X 96 12.94 51.80 21.23
N GLN X 97 13.25 50.53 21.43
CA GLN X 97 14.64 50.17 21.65
C GLN X 97 15.47 50.30 20.38
N ASP X 98 14.82 50.27 19.22
CA ASP X 98 15.54 50.51 17.98
C ASP X 98 15.80 52.00 17.70
N VAL X 99 15.25 52.92 18.51
CA VAL X 99 15.45 54.35 18.24
C VAL X 99 16.07 55.07 19.44
N ILE X 100 15.82 54.60 20.67
CA ILE X 100 16.49 55.21 21.82
C ILE X 100 17.22 54.13 22.60
N TYR X 101 18.18 54.59 23.40
CA TYR X 101 18.70 53.81 24.51
C TYR X 101 17.64 53.77 25.63
N VAL X 102 17.33 52.58 26.13
CA VAL X 102 16.27 52.43 27.13
C VAL X 102 16.86 52.24 28.52
N ARG X 103 17.98 51.52 28.61
CA ARG X 103 18.61 51.24 29.89
C ARG X 103 19.07 52.52 30.59
N GLY X 104 19.07 52.46 31.91
CA GLY X 104 19.45 53.59 32.73
C GLY X 104 20.93 53.78 32.83
N CYS X 105 21.34 55.02 32.97
CA CYS X 105 22.73 55.40 33.09
C CYS X 105 23.45 54.92 34.34
N THR X 106 22.76 54.89 35.47
CA THR X 106 23.44 54.55 36.69
C THR X 106 24.08 53.19 36.68
N ASN X 107 23.36 52.20 36.21
CA ASN X 107 23.94 50.88 36.16
C ASN X 107 25.12 50.83 35.22
N ALA X 108 25.00 51.49 34.07
CA ALA X 108 26.07 51.49 33.09
C ALA X 108 27.32 52.14 33.62
N VAL X 109 27.13 53.23 34.36
CA VAL X 109 28.26 53.89 34.94
C VAL X 109 28.92 53.00 35.94
N ILE X 110 28.11 52.35 36.76
CA ILE X 110 28.65 51.49 37.78
C ILE X 110 29.41 50.37 37.16
N ILE X 111 28.84 49.76 36.15
CA ILE X 111 29.49 48.68 35.46
C ILE X 111 30.75 49.18 34.78
N TRP X 112 30.67 50.34 34.18
CA TRP X 112 31.86 50.86 33.53
C TRP X 112 32.95 51.12 34.52
N PHE X 113 32.58 51.71 35.64
CA PHE X 113 33.52 52.05 36.67
C PHE X 113 34.19 50.82 37.26
N MET X 114 33.42 49.78 37.53
CA MET X 114 33.98 48.58 38.10
C MET X 114 34.97 47.96 37.14
N ASP X 115 34.58 47.92 35.88
CA ASP X 115 35.41 47.30 34.87
C ASP X 115 36.75 47.98 34.71
N ASN X 116 36.76 49.30 34.82
CA ASN X 116 37.98 50.07 34.66
C ASN X 116 38.61 50.52 35.94
N LEU X 117 38.23 49.90 37.04
CA LEU X 117 38.77 50.31 38.31
C LEU X 117 40.28 50.20 38.41
N GLU X 118 40.86 49.15 37.85
CA GLU X 118 42.29 48.91 37.90
C GLU X 118 43.11 50.03 37.30
N VAL X 119 42.55 50.69 36.32
CA VAL X 119 43.23 51.78 35.61
C VAL X 119 43.00 53.13 36.29
N LEU X 120 41.80 53.36 36.85
CA LEU X 120 41.44 54.72 37.28
C LEU X 120 42.37 55.24 38.36
N PHE X 121 42.67 54.43 39.37
CA PHE X 121 43.58 54.88 40.41
C PHE X 121 44.99 55.13 39.86
N GLN X 122 45.38 54.38 38.83
CA GLN X 122 46.70 54.54 38.20
C GLN X 122 46.69 55.51 37.01
#